data_2C8N
#
_entry.id   2C8N
#
_cell.length_a   173.451
_cell.length_b   173.451
_cell.length_c   272.203
_cell.angle_alpha   90.00
_cell.angle_beta   90.00
_cell.angle_gamma   90.00
#
_symmetry.space_group_name_H-M   'P 43 21 2'
#
loop_
_entity.id
_entity.type
_entity.pdbx_description
1 polymer ALPHA-L-ARABINOFURANOSIDASE
2 branched alpha-L-arabinofuranose-(1-3)-alpha-D-xylopyranose
3 non-polymer 1,2-ETHANEDIOL
4 water water
#
_entity_poly.entity_id   1
_entity_poly.type   'polypeptide(L)'
_entity_poly.pdbx_seq_one_letter_code
;MGSSHHHHHHMKKARMTVDKDYKIAEIDKRIYGSFVEHLGRAVYDGLYQPGNSKSDEDGFRKDVIELVKELNVPIIRYPG
GNFVSNYFWEDGVGPVEDRPRRLDLAWKSIEPNQVGINEFAKWCKKVNAEIMMAVNLGTRGISDACNLLEYCNHPGGSKY
SDMRIKHGVKEPHNIKVWCLGNAMDGPWQVGHKTMDEYGRIAEETARAMKMIDPSIELVACGSSSKDMPTFPQWEATVLD
YAYDYVDYISLHQYYGNKENDTADFLAKSDDLDDFIRSVIATCDYIKAKKRSKKDIYLSFDEWNVWYHSNNEDANIMQNE
PWRIAPPLLEDIYTFEDALLVGLMLITLMKHADRIKIACLAQLINVIAPIVTERNGGAAWRQTIFYPFMHASKYGRGIVL
QPVINSPLHDTSKHEDVTDIESVAIYNEEKEEVTIFAVNRNIHEDIVLVSDVRGMKDYRLLEHIVLEHQDLKIRNSVNGE
EVYPKNSDKSSFDDGILTSMLRRASWNVIRIGK
;
_entity_poly.pdbx_strand_id   A,B,C,D,E,F
#
loop_
_chem_comp.id
_chem_comp.type
_chem_comp.name
_chem_comp.formula
AHR L-saccharide, alpha linking alpha-L-arabinofuranose 'C5 H10 O5'
EDO non-polymer 1,2-ETHANEDIOL 'C2 H6 O2'
XYS D-saccharide, alpha linking alpha-D-xylopyranose 'C5 H10 O5'
#
# COMPACT_ATOMS: atom_id res chain seq x y z
N LYS A 12 3.40 47.90 31.17
CA LYS A 12 2.73 48.84 32.12
C LYS A 12 1.20 48.86 31.99
N LYS A 13 0.71 48.95 30.75
CA LYS A 13 -0.74 49.01 30.51
C LYS A 13 -1.21 48.09 29.37
N ALA A 14 -2.26 47.31 29.65
CA ALA A 14 -2.88 46.44 28.67
C ALA A 14 -4.34 46.83 28.46
N ARG A 15 -4.78 46.84 27.21
CA ARG A 15 -6.13 47.29 26.88
C ARG A 15 -6.93 46.15 26.27
N MET A 16 -8.15 45.97 26.76
CA MET A 16 -9.04 44.89 26.29
C MET A 16 -10.47 45.42 26.16
N THR A 17 -11.09 45.19 25.01
CA THR A 17 -12.48 45.57 24.81
C THR A 17 -13.40 44.37 24.98
N VAL A 18 -14.43 44.54 25.82
CA VAL A 18 -15.39 43.46 26.10
C VAL A 18 -16.77 43.77 25.51
N ASP A 19 -17.15 42.97 24.52
CA ASP A 19 -18.35 43.20 23.72
C ASP A 19 -19.28 41.98 23.77
N LYS A 20 -20.50 42.19 24.24
CA LYS A 20 -21.50 41.12 24.34
C LYS A 20 -21.87 40.52 22.97
N ASP A 21 -22.00 41.38 21.94
CA ASP A 21 -22.34 40.90 20.59
C ASP A 21 -21.18 40.23 19.81
N TYR A 22 -20.03 40.08 20.46
CA TYR A 22 -18.86 39.46 19.83
C TYR A 22 -18.51 38.10 20.47
N LYS A 23 -19.44 37.15 20.38
CA LYS A 23 -19.31 35.85 21.06
C LYS A 23 -18.38 34.87 20.33
N ILE A 24 -17.79 33.97 21.10
CA ILE A 24 -17.18 32.75 20.57
C ILE A 24 -18.20 31.62 20.69
N ALA A 25 -18.55 31.23 21.91
CA ALA A 25 -19.49 30.13 22.13
C ALA A 25 -20.14 30.16 23.49
N GLU A 26 -21.08 29.24 23.70
CA GLU A 26 -21.64 28.95 25.01
C GLU A 26 -20.72 27.95 25.68
N ILE A 27 -20.44 28.12 26.97
CA ILE A 27 -19.64 27.15 27.71
C ILE A 27 -20.46 25.90 28.03
N ASP A 28 -19.86 24.74 27.77
CA ASP A 28 -20.39 23.48 28.22
C ASP A 28 -19.74 23.19 29.57
N LYS A 29 -20.56 23.01 30.61
CA LYS A 29 -20.03 22.75 31.95
C LYS A 29 -19.08 21.57 31.96
N ARG A 30 -19.19 20.69 30.97
CA ARG A 30 -18.38 19.49 30.95
C ARG A 30 -16.89 19.73 30.69
N ILE A 31 -16.50 20.99 30.43
CA ILE A 31 -15.07 21.33 30.30
C ILE A 31 -14.45 21.43 31.69
N TYR A 32 -15.31 21.48 32.71
CA TYR A 32 -14.86 21.48 34.10
C TYR A 32 -14.93 20.06 34.69
N GLY A 33 -14.72 19.06 33.84
CA GLY A 33 -14.67 17.69 34.30
C GLY A 33 -13.29 17.29 34.80
N SER A 34 -13.21 16.06 35.26
CA SER A 34 -11.96 15.53 35.78
C SER A 34 -11.92 14.02 35.51
N PHE A 35 -11.00 13.32 36.18
CA PHE A 35 -10.59 12.01 35.73
C PHE A 35 -10.06 11.21 36.93
N VAL A 36 -10.64 10.04 37.17
CA VAL A 36 -10.17 9.18 38.25
C VAL A 36 -9.77 7.84 37.71
N GLU A 37 -8.48 7.54 37.81
CA GLU A 37 -7.93 6.28 37.34
C GLU A 37 -7.68 5.34 38.52
N HIS A 38 -7.66 4.05 38.24
CA HIS A 38 -7.20 3.07 39.22
C HIS A 38 -5.67 3.09 39.27
N LEU A 39 -5.14 4.22 39.74
CA LEU A 39 -3.72 4.49 39.77
C LEU A 39 -3.34 4.90 41.19
N GLY A 40 -2.17 4.46 41.63
CA GLY A 40 -1.64 4.86 42.93
C GLY A 40 -2.70 4.89 44.01
N ARG A 41 -2.83 6.05 44.65
CA ARG A 41 -3.79 6.25 45.76
C ARG A 41 -5.02 7.09 45.38
N ALA A 42 -5.40 7.08 44.10
CA ALA A 42 -6.59 7.81 43.67
C ALA A 42 -7.86 7.16 44.24
N VAL A 43 -7.94 5.84 44.15
CA VAL A 43 -9.08 5.10 44.66
C VAL A 43 -8.79 4.63 46.07
N TYR A 44 -7.96 3.61 46.20
CA TYR A 44 -7.59 3.07 47.51
C TYR A 44 -6.67 4.05 48.20
N ASP A 45 -6.93 4.32 49.48
CA ASP A 45 -6.22 5.34 50.26
C ASP A 45 -6.38 6.74 49.62
N GLY A 46 -7.56 6.96 49.07
CA GLY A 46 -7.96 8.25 48.51
C GLY A 46 -9.44 8.42 48.79
N LEU A 47 -10.23 8.42 47.73
CA LEU A 47 -11.69 8.55 47.84
C LEU A 47 -12.32 7.38 48.61
N TYR A 48 -11.75 6.19 48.45
CA TYR A 48 -12.26 4.98 49.07
C TYR A 48 -11.38 4.51 50.22
N GLN A 49 -11.89 4.61 51.44
CA GLN A 49 -11.16 4.18 52.63
C GLN A 49 -12.13 3.55 53.64
N PRO A 50 -12.45 2.25 53.46
CA PRO A 50 -13.39 1.48 54.30
C PRO A 50 -13.31 1.74 55.81
N GLY A 51 -12.15 1.47 56.41
CA GLY A 51 -12.03 1.52 57.87
C GLY A 51 -12.08 2.92 58.48
N ASN A 52 -11.79 3.93 57.67
CA ASN A 52 -11.57 5.29 58.15
C ASN A 52 -12.78 5.91 58.86
N SER A 53 -12.48 6.70 59.89
CA SER A 53 -13.50 7.34 60.73
C SER A 53 -14.14 8.57 60.06
N LYS A 54 -13.64 8.93 58.90
CA LYS A 54 -14.20 10.04 58.13
C LYS A 54 -14.96 9.50 56.94
N SER A 55 -15.27 8.20 56.98
CA SER A 55 -15.94 7.53 55.87
C SER A 55 -17.41 7.22 56.14
N ASP A 56 -18.19 7.14 55.07
CA ASP A 56 -19.60 6.75 55.17
C ASP A 56 -19.77 5.23 55.12
N GLU A 57 -21.01 4.79 54.92
CA GLU A 57 -21.36 3.36 54.92
C GLU A 57 -20.78 2.65 53.69
N ASP A 58 -20.59 3.40 52.61
CA ASP A 58 -19.99 2.85 51.41
C ASP A 58 -18.47 2.89 51.47
N GLY A 59 -17.94 3.51 52.53
CA GLY A 59 -16.51 3.59 52.75
C GLY A 59 -15.85 4.78 52.08
N PHE A 60 -16.65 5.72 51.60
CA PHE A 60 -16.14 6.92 50.94
C PHE A 60 -15.80 8.00 51.96
N ARG A 61 -14.59 8.54 51.85
CA ARG A 61 -14.18 9.65 52.69
C ARG A 61 -15.11 10.86 52.50
N LYS A 62 -15.87 11.16 53.55
CA LYS A 62 -16.86 12.24 53.54
C LYS A 62 -16.26 13.62 53.30
N ASP A 63 -15.08 13.89 53.87
CA ASP A 63 -14.35 15.14 53.63
C ASP A 63 -13.92 15.32 52.17
N VAL A 64 -13.61 14.20 51.51
CA VAL A 64 -13.17 14.21 50.12
C VAL A 64 -14.37 14.50 49.21
N ILE A 65 -15.52 13.89 49.52
CA ILE A 65 -16.75 14.19 48.80
C ILE A 65 -17.00 15.70 48.84
N GLU A 66 -16.77 16.32 50.00
CA GLU A 66 -17.01 17.74 50.17
C GLU A 66 -16.12 18.61 49.29
N LEU A 67 -14.84 18.22 49.18
CA LEU A 67 -13.87 18.97 48.39
C LEU A 67 -14.15 18.82 46.89
N VAL A 68 -14.52 17.62 46.47
CA VAL A 68 -14.94 17.42 45.08
C VAL A 68 -16.15 18.32 44.79
N LYS A 69 -17.15 18.29 45.66
CA LYS A 69 -18.33 19.14 45.54
C LYS A 69 -17.98 20.62 45.48
N GLU A 70 -16.92 20.99 46.20
CA GLU A 70 -16.44 22.36 46.28
C GLU A 70 -15.93 22.89 44.92
N LEU A 71 -15.25 22.03 44.16
CA LEU A 71 -14.84 22.34 42.79
C LEU A 71 -16.03 22.29 41.86
N ASN A 72 -17.04 21.50 42.26
CA ASN A 72 -18.06 20.92 41.37
C ASN A 72 -17.54 20.47 40.00
N VAL A 73 -17.47 19.15 39.84
CA VAL A 73 -17.02 18.52 38.63
C VAL A 73 -18.24 17.79 38.04
N PRO A 74 -18.76 18.29 36.91
CA PRO A 74 -19.97 17.70 36.32
C PRO A 74 -19.78 16.31 35.71
N ILE A 75 -18.54 15.93 35.40
CA ILE A 75 -18.27 14.68 34.72
C ILE A 75 -16.89 14.10 35.09
N ILE A 76 -16.85 12.83 35.47
CA ILE A 76 -15.58 12.18 35.75
C ILE A 76 -15.30 11.03 34.77
N ARG A 77 -14.09 11.04 34.21
CA ARG A 77 -13.59 10.00 33.33
C ARG A 77 -13.08 8.84 34.18
N TYR A 78 -13.44 7.62 33.79
CA TYR A 78 -13.18 6.43 34.62
C TYR A 78 -13.23 5.14 33.78
N PRO A 79 -12.33 4.16 34.07
CA PRO A 79 -11.26 4.08 35.05
C PRO A 79 -9.82 4.29 34.53
N GLY A 80 -9.69 4.88 33.35
CA GLY A 80 -8.36 5.15 32.79
C GLY A 80 -8.44 5.79 31.42
N GLY A 81 -7.30 6.18 30.86
CA GLY A 81 -5.99 6.00 31.49
C GLY A 81 -5.41 4.66 31.09
N ASN A 82 -4.09 4.50 31.25
CA ASN A 82 -3.43 3.26 30.88
C ASN A 82 -4.08 2.01 31.50
N PHE A 83 -4.61 2.17 32.70
CA PHE A 83 -5.27 1.08 33.44
C PHE A 83 -6.29 0.29 32.60
N VAL A 84 -7.14 1.02 31.88
CA VAL A 84 -8.29 0.44 31.19
C VAL A 84 -7.92 -0.59 30.11
N SER A 85 -6.74 -0.42 29.51
CA SER A 85 -6.32 -1.19 28.35
C SER A 85 -6.09 -2.69 28.59
N ASN A 86 -6.04 -3.09 29.86
CA ASN A 86 -6.01 -4.51 30.23
C ASN A 86 -6.94 -4.83 31.41
N TYR A 87 -7.99 -4.02 31.55
CA TYR A 87 -9.01 -4.18 32.57
C TYR A 87 -10.14 -5.12 32.12
N PHE A 88 -10.65 -5.90 33.06
CA PHE A 88 -11.78 -6.79 32.78
C PHE A 88 -12.91 -6.46 33.72
N TRP A 89 -13.82 -5.60 33.24
CA TRP A 89 -14.79 -4.91 34.09
C TRP A 89 -15.63 -5.82 34.98
N GLU A 90 -15.82 -7.05 34.55
CA GLU A 90 -16.54 -8.06 35.31
C GLU A 90 -15.82 -8.35 36.63
N ASP A 91 -14.51 -8.14 36.64
CA ASP A 91 -13.70 -8.31 37.84
C ASP A 91 -14.03 -7.29 38.91
N GLY A 92 -14.79 -6.25 38.54
CA GLY A 92 -15.17 -5.19 39.47
C GLY A 92 -16.64 -5.17 39.87
N VAL A 93 -17.46 -6.06 39.31
CA VAL A 93 -18.87 -6.12 39.68
C VAL A 93 -19.23 -7.44 40.38
N GLY A 94 -20.44 -7.50 40.94
CA GLY A 94 -20.90 -8.71 41.61
C GLY A 94 -20.44 -8.79 43.06
N PRO A 95 -20.71 -9.93 43.72
CA PRO A 95 -20.37 -10.07 45.15
C PRO A 95 -18.88 -9.84 45.38
N VAL A 96 -18.56 -8.92 46.29
CA VAL A 96 -17.18 -8.49 46.54
C VAL A 96 -16.22 -9.66 46.77
N GLU A 97 -16.71 -10.71 47.42
CA GLU A 97 -15.92 -11.88 47.80
C GLU A 97 -15.46 -12.70 46.58
N ASP A 98 -16.14 -12.52 45.45
CA ASP A 98 -15.86 -13.29 44.23
C ASP A 98 -15.04 -12.50 43.21
N ARG A 99 -14.59 -11.31 43.58
CA ARG A 99 -13.80 -10.49 42.68
C ARG A 99 -12.34 -10.89 42.79
N PRO A 100 -11.68 -11.16 41.65
CA PRO A 100 -10.30 -11.60 41.71
C PRO A 100 -9.33 -10.42 41.82
N ARG A 101 -8.20 -10.65 42.47
CA ARG A 101 -7.11 -9.69 42.46
C ARG A 101 -6.35 -9.85 41.14
N ARG A 102 -6.26 -8.76 40.40
CA ARG A 102 -5.65 -8.80 39.07
C ARG A 102 -4.35 -8.01 39.03
N LEU A 103 -3.43 -8.44 38.16
CA LEU A 103 -2.23 -7.68 37.88
C LEU A 103 -2.59 -6.47 37.04
N ASP A 104 -2.17 -5.30 37.52
CA ASP A 104 -2.23 -4.08 36.70
C ASP A 104 -0.85 -3.86 36.10
N LEU A 105 -0.75 -4.06 34.78
CA LEU A 105 0.52 -3.88 34.07
C LEU A 105 0.80 -2.40 33.86
N ALA A 106 -0.25 -1.61 33.72
CA ALA A 106 -0.12 -0.18 33.53
C ALA A 106 0.84 0.37 34.58
N TRP A 107 0.58 0.06 35.85
CA TRP A 107 1.31 0.67 36.94
C TRP A 107 2.02 -0.28 37.88
N LYS A 108 2.14 -1.54 37.47
CA LYS A 108 2.88 -2.55 38.25
C LYS A 108 2.30 -2.70 39.66
N SER A 109 0.97 -2.86 39.73
CA SER A 109 0.23 -2.92 40.99
C SER A 109 -0.74 -4.11 41.03
N ILE A 110 -1.15 -4.51 42.23
CA ILE A 110 -2.22 -5.48 42.38
C ILE A 110 -3.51 -4.72 42.57
N GLU A 111 -4.47 -4.96 41.68
CA GLU A 111 -5.79 -4.34 41.79
C GLU A 111 -6.75 -5.29 42.51
N PRO A 112 -7.17 -4.93 43.74
CA PRO A 112 -8.04 -5.79 44.54
C PRO A 112 -9.48 -5.79 44.03
N ASN A 113 -9.80 -4.83 43.17
CA ASN A 113 -11.11 -4.70 42.53
C ASN A 113 -12.29 -4.53 43.49
N GLN A 114 -12.01 -4.02 44.68
CA GLN A 114 -13.05 -3.70 45.65
C GLN A 114 -13.94 -2.56 45.15
N VAL A 115 -13.36 -1.64 44.38
CA VAL A 115 -14.14 -0.59 43.75
C VAL A 115 -14.26 -0.85 42.25
N GLY A 116 -15.49 -1.13 41.83
CA GLY A 116 -15.78 -1.35 40.42
C GLY A 116 -16.89 -0.40 40.02
N ILE A 117 -17.45 -0.66 38.85
CA ILE A 117 -18.51 0.20 38.28
C ILE A 117 -19.51 0.66 39.34
N ASN A 118 -20.19 -0.28 39.99
CA ASN A 118 -21.27 0.06 40.90
C ASN A 118 -20.83 0.97 42.04
N GLU A 119 -19.69 0.67 42.64
CA GLU A 119 -19.15 1.49 43.72
C GLU A 119 -18.86 2.91 43.25
N PHE A 120 -18.08 3.03 42.18
CA PHE A 120 -17.71 4.35 41.67
C PHE A 120 -18.95 5.14 41.27
N ALA A 121 -19.91 4.45 40.69
CA ALA A 121 -21.14 5.08 40.26
C ALA A 121 -21.89 5.73 41.43
N LYS A 122 -21.93 5.06 42.58
CA LYS A 122 -22.58 5.67 43.73
C LYS A 122 -21.70 6.72 44.41
N TRP A 123 -20.39 6.68 44.14
CA TRP A 123 -19.52 7.76 44.60
C TRP A 123 -19.76 9.03 43.80
N CYS A 124 -20.04 8.86 42.50
CA CYS A 124 -20.29 9.98 41.61
C CYS A 124 -21.57 10.71 41.96
N LYS A 125 -22.62 9.97 42.31
CA LYS A 125 -23.86 10.58 42.75
C LYS A 125 -23.56 11.52 43.91
N LYS A 126 -22.78 11.01 44.86
CA LYS A 126 -22.46 11.72 46.09
C LYS A 126 -21.67 13.01 45.87
N VAL A 127 -21.01 13.13 44.72
CA VAL A 127 -20.30 14.36 44.39
C VAL A 127 -20.93 15.13 43.21
N ASN A 128 -22.21 14.85 42.95
CA ASN A 128 -22.99 15.50 41.88
C ASN A 128 -22.28 15.46 40.52
N ALA A 129 -21.84 14.26 40.17
CA ALA A 129 -21.09 14.03 38.95
C ALA A 129 -21.66 12.86 38.12
N GLU A 130 -21.18 12.77 36.88
CA GLU A 130 -21.55 11.70 35.98
C GLU A 130 -20.30 10.99 35.52
N ILE A 131 -20.40 9.68 35.34
CA ILE A 131 -19.30 8.91 34.78
C ILE A 131 -19.19 9.18 33.28
N MET A 132 -17.95 9.27 32.83
CA MET A 132 -17.61 9.14 31.42
C MET A 132 -16.80 7.84 31.38
N MET A 133 -17.44 6.78 30.92
CA MET A 133 -16.86 5.44 31.05
C MET A 133 -15.91 5.08 29.91
N ALA A 134 -14.79 4.48 30.26
CA ALA A 134 -13.82 3.98 29.28
C ALA A 134 -13.89 2.45 29.17
N VAL A 135 -13.92 1.95 27.94
CA VAL A 135 -13.93 0.50 27.67
C VAL A 135 -12.54 0.01 27.28
N ASN A 136 -12.19 -1.22 27.68
CA ASN A 136 -10.93 -1.80 27.24
C ASN A 136 -10.95 -2.09 25.75
N LEU A 137 -10.12 -1.37 24.99
CA LEU A 137 -9.89 -1.73 23.60
C LEU A 137 -8.42 -2.11 23.38
N GLY A 138 -7.72 -2.39 24.47
CA GLY A 138 -6.33 -2.84 24.40
C GLY A 138 -6.25 -4.33 24.19
N THR A 139 -6.67 -5.10 25.20
CA THR A 139 -6.69 -6.56 25.14
C THR A 139 -8.10 -7.10 24.94
N ARG A 140 -9.06 -6.19 24.81
CA ARG A 140 -10.47 -6.55 24.62
C ARG A 140 -11.06 -5.81 23.42
N GLY A 141 -12.23 -6.26 22.96
CA GLY A 141 -12.80 -5.74 21.73
C GLY A 141 -14.27 -5.38 21.78
N ILE A 142 -14.88 -5.29 20.61
CA ILE A 142 -16.24 -4.76 20.45
C ILE A 142 -17.33 -5.39 21.31
N SER A 143 -17.45 -6.72 21.28
CA SER A 143 -18.52 -7.39 22.02
C SER A 143 -18.47 -7.13 23.52
N ASP A 144 -17.27 -7.06 24.09
CA ASP A 144 -17.13 -6.78 25.53
C ASP A 144 -17.58 -5.37 25.87
N ALA A 145 -17.32 -4.42 24.98
CA ALA A 145 -17.81 -3.06 25.17
C ALA A 145 -19.33 -3.00 24.98
N CYS A 146 -19.88 -3.94 24.21
CA CYS A 146 -21.31 -4.05 24.08
C CYS A 146 -21.91 -4.52 25.41
N ASN A 147 -21.27 -5.52 26.02
CA ASN A 147 -21.74 -6.08 27.28
C ASN A 147 -21.75 -5.03 28.37
N LEU A 148 -20.67 -4.26 28.46
CA LEU A 148 -20.53 -3.19 29.45
C LEU A 148 -21.60 -2.12 29.31
N LEU A 149 -21.83 -1.67 28.07
CA LEU A 149 -22.87 -0.70 27.78
C LEU A 149 -24.23 -1.23 28.21
N GLU A 150 -24.55 -2.46 27.77
CA GLU A 150 -25.78 -3.13 28.16
C GLU A 150 -25.92 -3.17 29.67
N TYR A 151 -24.89 -3.66 30.35
CA TYR A 151 -24.88 -3.71 31.81
C TYR A 151 -25.27 -2.37 32.42
N CYS A 152 -24.73 -1.28 31.86
CA CYS A 152 -24.91 0.04 32.45
C CYS A 152 -26.17 0.77 32.04
N ASN A 153 -26.58 0.61 30.78
CA ASN A 153 -27.58 1.48 30.20
C ASN A 153 -28.90 0.80 29.84
N HIS A 154 -28.88 -0.51 29.65
CA HIS A 154 -30.12 -1.22 29.35
C HIS A 154 -30.92 -1.49 30.62
N PRO A 155 -32.24 -1.19 30.59
CA PRO A 155 -33.09 -1.31 31.79
C PRO A 155 -33.12 -2.69 32.44
N GLY A 156 -33.42 -3.71 31.64
CA GLY A 156 -33.47 -5.09 32.13
C GLY A 156 -34.06 -6.05 31.12
N GLY A 157 -34.24 -7.30 31.56
CA GLY A 157 -34.82 -8.34 30.73
C GLY A 157 -33.86 -8.85 29.66
N SER A 158 -32.56 -8.74 29.93
CA SER A 158 -31.52 -9.32 29.09
C SER A 158 -30.30 -9.67 29.93
N LYS A 159 -29.36 -10.40 29.34
CA LYS A 159 -28.28 -11.05 30.09
C LYS A 159 -27.56 -10.10 31.04
N TYR A 160 -27.09 -8.98 30.51
CA TYR A 160 -26.22 -8.12 31.28
C TYR A 160 -26.99 -7.11 32.10
N SER A 161 -28.12 -6.65 31.57
CA SER A 161 -28.94 -5.70 32.28
C SER A 161 -29.50 -6.29 33.58
N ASP A 162 -30.03 -7.51 33.49
CA ASP A 162 -30.46 -8.28 34.67
C ASP A 162 -29.32 -8.51 35.65
N MET A 163 -28.10 -8.64 35.11
CA MET A 163 -26.91 -8.86 35.93
C MET A 163 -26.62 -7.66 36.85
N ARG A 164 -26.77 -6.44 36.34
CA ARG A 164 -26.68 -5.23 37.17
C ARG A 164 -27.79 -5.17 38.23
N ILE A 165 -29.03 -5.47 37.83
CA ILE A 165 -30.17 -5.52 38.75
C ILE A 165 -29.86 -6.43 39.93
N LYS A 166 -29.46 -7.67 39.60
CA LYS A 166 -29.04 -8.69 40.54
C LYS A 166 -27.87 -8.22 41.41
N HIS A 167 -27.01 -7.37 40.85
CA HIS A 167 -25.86 -6.84 41.59
C HIS A 167 -26.21 -5.66 42.50
N GLY A 168 -27.50 -5.37 42.61
CA GLY A 168 -28.00 -4.39 43.59
C GLY A 168 -28.35 -3.01 43.04
N VAL A 169 -28.18 -2.82 41.74
CA VAL A 169 -28.52 -1.56 41.07
C VAL A 169 -29.70 -1.75 40.11
N LYS A 170 -30.90 -1.48 40.60
CA LYS A 170 -32.16 -1.67 39.85
C LYS A 170 -32.26 -0.73 38.65
N GLU A 171 -31.98 0.56 38.88
CA GLU A 171 -32.01 1.58 37.84
C GLU A 171 -30.71 1.58 37.05
N PRO A 172 -30.81 1.67 35.71
CA PRO A 172 -29.59 1.73 34.91
C PRO A 172 -28.80 3.00 35.21
N HIS A 173 -27.49 2.92 35.13
CA HIS A 173 -26.64 4.09 35.34
C HIS A 173 -26.86 5.19 34.29
N ASN A 174 -27.27 4.77 33.09
CA ASN A 174 -27.41 5.65 31.93
C ASN A 174 -26.23 6.59 31.73
N ILE A 175 -25.06 6.00 31.51
CA ILE A 175 -23.85 6.74 31.23
C ILE A 175 -23.92 7.30 29.81
N LYS A 176 -23.66 8.59 29.68
CA LYS A 176 -23.92 9.33 28.45
C LYS A 176 -22.73 9.37 27.50
N VAL A 177 -21.52 9.53 28.04
CA VAL A 177 -20.32 9.63 27.19
C VAL A 177 -19.35 8.49 27.46
N TRP A 178 -18.89 7.85 26.38
CA TRP A 178 -18.00 6.68 26.47
C TRP A 178 -16.71 6.86 25.67
N CYS A 179 -15.58 6.52 26.29
CA CYS A 179 -14.27 6.59 25.63
C CYS A 179 -13.90 5.23 25.03
N LEU A 180 -13.74 5.21 23.71
CA LEU A 180 -13.38 4.00 22.98
C LEU A 180 -11.92 3.65 23.22
N GLY A 181 -11.62 3.15 24.41
CA GLY A 181 -10.25 2.82 24.81
C GLY A 181 -9.51 3.99 25.44
N ASN A 182 -8.20 3.83 25.56
CA ASN A 182 -7.31 4.92 25.98
C ASN A 182 -6.24 5.10 24.90
N ALA A 183 -5.53 6.23 24.92
CA ALA A 183 -4.51 6.54 23.90
C ALA A 183 -3.60 5.32 23.71
N MET A 184 -3.61 4.76 22.49
CA MET A 184 -2.90 3.51 22.22
C MET A 184 -1.74 3.60 21.25
N ASP A 185 -1.12 4.78 21.18
CA ASP A 185 -0.04 5.03 20.23
C ASP A 185 1.33 4.86 20.86
N GLY A 186 1.36 4.81 22.19
CA GLY A 186 2.60 4.79 22.94
C GLY A 186 3.19 3.40 23.10
N PRO A 187 4.53 3.30 23.03
CA PRO A 187 5.18 2.00 23.20
C PRO A 187 5.10 1.48 24.64
N TRP A 188 4.59 2.32 25.54
CA TRP A 188 4.46 1.99 26.94
C TRP A 188 3.10 1.33 27.29
N GLN A 189 2.19 1.21 26.33
CA GLN A 189 0.87 0.68 26.70
C GLN A 189 0.55 -0.70 26.16
N VAL A 190 0.02 -1.53 27.05
CA VAL A 190 -0.46 -2.85 26.69
C VAL A 190 -1.65 -2.70 25.73
N GLY A 191 -1.55 -3.36 24.58
CA GLY A 191 -2.54 -3.23 23.51
C GLY A 191 -2.27 -2.04 22.62
N HIS A 192 -0.99 -1.75 22.39
CA HIS A 192 -0.58 -0.72 21.44
C HIS A 192 -1.20 -1.01 20.07
N LYS A 193 -1.84 0.00 19.49
CA LYS A 193 -2.44 -0.10 18.16
C LYS A 193 -1.76 0.86 17.19
N THR A 194 -1.87 0.55 15.90
CA THR A 194 -1.50 1.49 14.86
C THR A 194 -2.73 2.35 14.62
N MET A 195 -2.57 3.50 13.95
CA MET A 195 -3.72 4.37 13.65
C MET A 195 -4.81 3.63 12.87
N ASP A 196 -4.40 2.79 11.92
CA ASP A 196 -5.35 2.02 11.12
C ASP A 196 -6.06 0.96 11.93
N GLU A 197 -5.31 0.21 12.73
CA GLU A 197 -5.88 -0.79 13.61
C GLU A 197 -6.88 -0.13 14.56
N TYR A 198 -6.47 0.95 15.21
CA TYR A 198 -7.36 1.60 16.16
C TYR A 198 -8.56 2.26 15.46
N GLY A 199 -8.33 2.84 14.28
CA GLY A 199 -9.41 3.43 13.50
C GLY A 199 -10.56 2.45 13.27
N ARG A 200 -10.21 1.26 12.81
CA ARG A 200 -11.19 0.22 12.52
C ARG A 200 -11.93 -0.28 13.77
N ILE A 201 -11.20 -0.58 14.83
CA ILE A 201 -11.80 -1.09 16.05
C ILE A 201 -12.67 -0.01 16.73
N ALA A 202 -12.23 1.25 16.66
CA ALA A 202 -13.03 2.36 17.19
C ALA A 202 -14.32 2.45 16.40
N GLU A 203 -14.20 2.49 15.08
CA GLU A 203 -15.35 2.62 14.23
C GLU A 203 -16.34 1.50 14.52
N GLU A 204 -15.83 0.26 14.58
CA GLU A 204 -16.72 -0.89 14.73
C GLU A 204 -17.38 -0.93 16.09
N THR A 205 -16.62 -0.66 17.14
CA THR A 205 -17.14 -0.58 18.49
C THR A 205 -18.19 0.53 18.56
N ALA A 206 -17.82 1.69 18.03
CA ALA A 206 -18.74 2.81 17.93
C ALA A 206 -20.05 2.40 17.24
N ARG A 207 -19.94 1.79 16.07
CA ARG A 207 -21.10 1.34 15.29
C ARG A 207 -22.04 0.44 16.11
N ALA A 208 -21.45 -0.43 16.93
CA ALA A 208 -22.22 -1.42 17.69
C ALA A 208 -22.84 -0.81 18.92
N MET A 209 -22.10 0.02 19.62
CA MET A 209 -22.57 0.61 20.86
C MET A 209 -23.81 1.45 20.61
N LYS A 210 -23.75 2.27 19.57
CA LYS A 210 -24.89 3.08 19.19
C LYS A 210 -26.12 2.28 18.76
N MET A 211 -25.93 1.01 18.41
CA MET A 211 -27.06 0.11 18.12
C MET A 211 -27.79 -0.35 19.39
N ILE A 212 -27.07 -0.34 20.52
CA ILE A 212 -27.66 -0.70 21.82
C ILE A 212 -28.32 0.51 22.48
N ASP A 213 -27.63 1.66 22.42
CA ASP A 213 -28.12 2.88 23.04
C ASP A 213 -27.70 4.08 22.20
N PRO A 214 -28.57 4.53 21.30
CA PRO A 214 -28.28 5.62 20.36
C PRO A 214 -28.08 6.97 21.05
N SER A 215 -28.57 7.10 22.29
CA SER A 215 -28.52 8.37 23.01
C SER A 215 -27.12 8.74 23.49
N ILE A 216 -26.22 7.77 23.56
CA ILE A 216 -24.84 8.01 24.02
C ILE A 216 -24.03 8.81 23.02
N GLU A 217 -22.94 9.41 23.50
CA GLU A 217 -21.96 10.10 22.66
C GLU A 217 -20.66 9.39 22.87
N LEU A 218 -19.80 9.36 21.85
CA LEU A 218 -18.58 8.56 21.93
C LEU A 218 -17.32 9.35 21.64
N VAL A 219 -16.25 9.02 22.35
CA VAL A 219 -14.95 9.68 22.20
C VAL A 219 -13.91 8.75 21.60
N ALA A 220 -13.39 9.13 20.45
CA ALA A 220 -12.31 8.42 19.81
C ALA A 220 -11.00 8.94 20.37
N CYS A 221 -10.06 8.04 20.65
CA CYS A 221 -8.76 8.39 21.23
C CYS A 221 -7.90 9.20 20.27
N GLY A 222 -7.44 10.36 20.74
CA GLY A 222 -6.44 11.13 20.03
C GLY A 222 -5.08 10.60 20.40
N SER A 223 -4.03 11.27 19.94
CA SER A 223 -2.65 10.91 20.30
C SER A 223 -2.40 11.10 21.80
N SER A 224 -1.41 10.38 22.33
CA SER A 224 -1.09 10.50 23.75
C SER A 224 -0.41 11.82 24.09
N SER A 225 0.29 12.38 23.12
CA SER A 225 0.81 13.74 23.21
C SER A 225 1.02 14.26 21.80
N LYS A 226 1.22 15.57 21.67
CA LYS A 226 1.51 16.15 20.35
C LYS A 226 2.93 15.84 19.90
N ASP A 227 3.75 15.40 20.85
CA ASP A 227 5.16 15.10 20.61
C ASP A 227 5.36 13.75 19.91
N MET A 228 4.33 12.90 19.95
CA MET A 228 4.29 11.65 19.18
C MET A 228 4.41 11.94 17.68
N PRO A 229 5.37 11.28 17.00
CA PRO A 229 5.60 11.49 15.57
C PRO A 229 4.38 11.23 14.71
N THR A 230 3.43 10.43 15.21
CA THR A 230 2.22 10.10 14.45
C THR A 230 1.06 11.07 14.72
N PHE A 231 1.36 12.15 15.44
CA PHE A 231 0.42 13.27 15.55
C PHE A 231 0.71 14.25 14.42
N PRO A 232 -0.33 14.76 13.74
CA PRO A 232 -1.74 14.48 13.96
C PRO A 232 -2.34 13.50 12.96
N GLN A 233 -1.53 12.74 12.23
CA GLN A 233 -2.09 11.78 11.28
C GLN A 233 -2.95 10.71 11.96
N TRP A 234 -2.56 10.35 13.18
CA TRP A 234 -3.38 9.49 14.00
C TRP A 234 -4.82 10.01 14.01
N GLU A 235 -4.99 11.26 14.46
CA GLU A 235 -6.29 11.90 14.54
C GLU A 235 -7.00 11.88 13.19
N ALA A 236 -6.26 12.26 12.14
CA ALA A 236 -6.78 12.21 10.78
C ALA A 236 -7.32 10.81 10.46
N THR A 237 -6.46 9.81 10.62
CA THR A 237 -6.78 8.44 10.25
C THR A 237 -7.94 7.88 11.07
N VAL A 238 -7.89 8.06 12.39
CA VAL A 238 -8.96 7.58 13.26
C VAL A 238 -10.30 8.14 12.84
N LEU A 239 -10.36 9.46 12.65
CA LEU A 239 -11.61 10.12 12.31
C LEU A 239 -12.06 9.77 10.90
N ASP A 240 -11.10 9.49 10.00
CA ASP A 240 -11.42 9.04 8.66
C ASP A 240 -12.27 7.76 8.70
N TYR A 241 -11.92 6.85 9.60
CA TYR A 241 -12.68 5.62 9.82
C TYR A 241 -13.98 5.86 10.54
N ALA A 242 -13.92 6.56 11.67
CA ALA A 242 -14.99 6.56 12.66
C ALA A 242 -15.93 7.77 12.67
N TYR A 243 -15.73 8.71 11.74
CA TYR A 243 -16.47 9.98 11.74
C TYR A 243 -17.94 9.85 12.10
N ASP A 244 -18.70 9.15 11.25
CA ASP A 244 -20.15 9.05 11.40
C ASP A 244 -20.65 8.40 12.69
N TYR A 245 -19.76 7.77 13.46
CA TYR A 245 -20.21 7.03 14.64
C TYR A 245 -19.69 7.62 15.93
N VAL A 246 -18.79 8.58 15.82
CA VAL A 246 -18.19 9.19 17.00
C VAL A 246 -18.51 10.67 17.09
N ASP A 247 -18.35 11.24 18.29
CA ASP A 247 -18.76 12.61 18.54
C ASP A 247 -17.58 13.52 18.94
N TYR A 248 -16.51 12.91 19.44
CA TYR A 248 -15.35 13.66 19.92
C TYR A 248 -14.01 13.00 19.55
N ILE A 249 -12.98 13.83 19.38
CA ILE A 249 -11.59 13.36 19.45
C ILE A 249 -10.99 13.88 20.76
N SER A 250 -10.03 13.17 21.33
CA SER A 250 -9.45 13.57 22.60
C SER A 250 -8.05 14.15 22.48
N LEU A 251 -7.67 15.02 23.41
CA LEU A 251 -6.34 15.61 23.43
C LEU A 251 -5.78 15.51 24.83
N HIS A 252 -4.48 15.25 24.93
CA HIS A 252 -3.80 15.21 26.22
C HIS A 252 -2.60 16.15 26.22
N GLN A 253 -2.51 16.97 27.26
CA GLN A 253 -1.34 17.81 27.43
C GLN A 253 -0.90 17.82 28.88
N TYR A 254 0.41 17.67 29.10
CA TYR A 254 0.99 17.95 30.41
C TYR A 254 2.16 18.91 30.29
N TYR A 255 2.41 19.69 31.35
CA TYR A 255 3.51 20.64 31.36
C TYR A 255 4.39 20.48 32.59
N GLY A 256 5.66 20.81 32.47
CA GLY A 256 6.62 20.63 33.55
C GLY A 256 7.63 21.74 33.62
N ASN A 257 8.30 21.85 34.75
CA ASN A 257 9.28 22.89 34.96
C ASN A 257 10.58 22.35 35.57
N LYS A 258 11.08 21.24 35.04
CA LYS A 258 12.38 20.69 35.47
C LYS A 258 13.49 21.67 35.14
N GLU A 259 13.29 22.41 34.04
CA GLU A 259 14.24 23.43 33.61
C GLU A 259 14.35 24.57 34.60
N ASN A 260 13.28 24.78 35.38
CA ASN A 260 13.24 25.77 36.45
C ASN A 260 13.30 27.19 35.88
N ASP A 261 12.40 27.46 34.94
CA ASP A 261 12.31 28.73 34.24
C ASP A 261 10.85 29.15 34.29
N THR A 262 10.50 29.99 35.27
CA THR A 262 9.10 30.41 35.49
C THR A 262 8.52 31.19 34.31
N ALA A 263 9.35 32.01 33.66
CA ALA A 263 8.90 32.79 32.52
C ALA A 263 8.45 31.88 31.38
N ASP A 264 9.35 31.01 30.93
CA ASP A 264 9.07 30.11 29.80
C ASP A 264 7.95 29.13 30.16
N PHE A 265 7.94 28.66 31.40
CA PHE A 265 6.92 27.78 31.93
C PHE A 265 5.54 28.38 31.69
N LEU A 266 5.40 29.64 32.06
CA LEU A 266 4.13 30.35 31.95
C LEU A 266 3.71 30.61 30.50
N ALA A 267 4.69 30.60 29.60
CA ALA A 267 4.43 30.81 28.18
C ALA A 267 3.79 29.61 27.52
N LYS A 268 3.77 28.48 28.22
CA LYS A 268 3.42 27.20 27.61
C LYS A 268 1.95 27.04 27.20
N SER A 269 1.06 27.88 27.73
CA SER A 269 -0.34 27.87 27.30
C SER A 269 -0.48 28.31 25.83
N ASP A 270 0.49 29.08 25.35
CA ASP A 270 0.57 29.43 23.94
C ASP A 270 0.74 28.18 23.07
N ASP A 271 1.46 27.18 23.60
CA ASP A 271 1.65 25.90 22.91
C ASP A 271 0.38 25.05 22.97
N LEU A 272 -0.37 25.21 24.06
CA LEU A 272 -1.62 24.52 24.25
C LEU A 272 -2.62 25.04 23.23
N ASP A 273 -2.68 26.36 23.10
CA ASP A 273 -3.55 27.02 22.13
C ASP A 273 -3.25 26.51 20.73
N ASP A 274 -1.99 26.58 20.33
CA ASP A 274 -1.51 26.05 19.05
C ASP A 274 -1.85 24.58 18.89
N PHE A 275 -1.78 23.84 19.99
CA PHE A 275 -2.11 22.42 19.99
C PHE A 275 -3.58 22.22 19.66
N ILE A 276 -4.47 22.90 20.39
CA ILE A 276 -5.91 22.82 20.18
C ILE A 276 -6.27 23.18 18.73
N ARG A 277 -5.74 24.29 18.25
CA ARG A 277 -6.01 24.72 16.87
C ARG A 277 -5.61 23.68 15.80
N SER A 278 -4.59 22.88 16.09
CA SER A 278 -4.09 21.86 15.15
C SER A 278 -5.01 20.66 15.07
N VAL A 279 -5.53 20.28 16.22
CA VAL A 279 -6.52 19.22 16.31
C VAL A 279 -7.81 19.67 15.63
N ILE A 280 -8.23 20.91 15.89
CA ILE A 280 -9.42 21.49 15.27
C ILE A 280 -9.29 21.49 13.73
N ALA A 281 -8.15 21.93 13.22
CA ALA A 281 -7.89 21.96 11.77
C ALA A 281 -7.94 20.57 11.16
N THR A 282 -7.42 19.58 11.89
CA THR A 282 -7.45 18.19 11.46
C THR A 282 -8.90 17.71 11.34
N CYS A 283 -9.72 18.02 12.34
CA CYS A 283 -11.12 17.66 12.34
C CYS A 283 -11.84 18.19 11.11
N ASP A 284 -11.66 19.49 10.88
CA ASP A 284 -12.31 20.17 9.78
C ASP A 284 -11.86 19.64 8.41
N TYR A 285 -10.59 19.24 8.33
CA TYR A 285 -10.06 18.58 7.15
C TYR A 285 -10.84 17.29 6.83
N ILE A 286 -11.03 16.45 7.84
CA ILE A 286 -11.77 15.20 7.66
C ILE A 286 -13.26 15.46 7.38
N LYS A 287 -13.84 16.44 8.06
CA LYS A 287 -15.22 16.85 7.80
C LYS A 287 -15.38 17.14 6.32
N ALA A 288 -14.44 17.91 5.78
CA ALA A 288 -14.41 18.25 4.36
C ALA A 288 -14.29 16.98 3.51
N LYS A 289 -13.43 16.06 3.93
CA LYS A 289 -13.25 14.81 3.21
C LYS A 289 -14.57 14.03 3.15
N LYS A 290 -15.23 13.90 4.31
CA LYS A 290 -16.49 13.16 4.44
C LYS A 290 -17.72 13.91 3.91
N ARG A 291 -17.55 15.21 3.66
CA ARG A 291 -18.64 16.10 3.25
C ARG A 291 -19.76 16.11 4.28
N SER A 292 -19.37 16.09 5.55
CA SER A 292 -20.32 15.97 6.65
C SER A 292 -20.78 17.34 7.11
N LYS A 293 -22.00 17.39 7.65
CA LYS A 293 -22.57 18.59 8.26
C LYS A 293 -22.25 18.63 9.76
N LYS A 294 -21.61 17.57 10.24
CA LYS A 294 -21.31 17.41 11.66
C LYS A 294 -19.89 17.87 11.99
N ASP A 295 -19.77 18.65 13.05
CA ASP A 295 -18.48 18.99 13.61
C ASP A 295 -18.11 17.97 14.69
N ILE A 296 -16.92 17.39 14.56
CA ILE A 296 -16.35 16.60 15.64
C ILE A 296 -15.91 17.60 16.70
N TYR A 297 -16.28 17.34 17.96
CA TYR A 297 -15.92 18.23 19.05
C TYR A 297 -14.72 17.71 19.83
N LEU A 298 -14.05 18.60 20.55
CA LEU A 298 -12.85 18.21 21.27
C LEU A 298 -13.14 17.83 22.71
N SER A 299 -12.67 16.65 23.11
CA SER A 299 -12.64 16.25 24.52
C SER A 299 -11.20 16.34 24.99
N PHE A 300 -10.88 17.35 25.79
CA PHE A 300 -9.53 17.47 26.32
C PHE A 300 -9.45 16.70 27.62
N ASP A 301 -9.48 15.37 27.52
CA ASP A 301 -9.71 14.53 28.69
C ASP A 301 -8.48 14.14 29.50
N GLU A 302 -7.38 14.88 29.29
CA GLU A 302 -6.23 14.85 30.20
C GLU A 302 -5.44 16.12 30.04
N TRP A 303 -5.52 16.99 31.04
CA TRP A 303 -4.65 18.15 31.10
C TRP A 303 -4.27 18.45 32.54
N ASN A 304 -3.05 18.92 32.72
CA ASN A 304 -2.53 19.36 34.01
C ASN A 304 -1.04 19.64 33.92
N VAL A 305 -0.52 20.29 34.94
CA VAL A 305 0.92 20.33 35.18
C VAL A 305 1.27 18.98 35.80
N TRP A 306 2.40 18.41 35.38
CA TRP A 306 2.84 17.13 35.91
C TRP A 306 4.32 16.94 35.65
N TYR A 307 5.12 17.09 36.72
CA TYR A 307 6.56 16.85 36.64
C TYR A 307 7.20 16.48 37.98
N HIS A 308 6.73 17.10 39.07
CA HIS A 308 7.38 16.98 40.39
C HIS A 308 7.77 15.56 40.80
N SER A 309 6.84 14.63 40.67
CA SER A 309 6.98 13.29 41.22
C SER A 309 7.82 12.29 40.38
N ASN A 310 8.30 12.72 39.21
CA ASN A 310 9.02 11.84 38.28
C ASN A 310 10.21 11.08 38.88
N ASN A 311 11.08 11.77 39.60
CA ASN A 311 12.20 11.11 40.25
C ASN A 311 11.77 10.03 41.25
N GLU A 312 10.73 10.31 42.03
CA GLU A 312 10.30 9.40 43.09
C GLU A 312 9.48 8.22 42.55
N ASP A 313 8.74 8.46 41.46
CA ASP A 313 8.04 7.39 40.74
C ASP A 313 9.05 6.38 40.19
N ALA A 314 10.13 6.89 39.59
CA ALA A 314 11.25 6.08 39.11
C ALA A 314 11.84 5.20 40.22
N ASN A 315 12.03 5.79 41.40
CA ASN A 315 12.57 5.10 42.57
C ASN A 315 11.67 4.00 43.13
N ILE A 316 10.38 4.08 42.84
CA ILE A 316 9.41 3.09 43.28
C ILE A 316 9.67 1.79 42.53
N MET A 317 9.39 1.77 41.22
CA MET A 317 9.60 0.57 40.43
C MET A 317 10.50 0.85 39.23
N GLN A 318 11.78 0.46 39.25
CA GLN A 318 12.60 0.11 40.43
C GLN A 318 12.11 -0.94 41.44
N ASN A 319 12.45 -0.75 42.72
CA ASN A 319 12.27 -1.76 43.78
C ASN A 319 11.93 -3.16 43.20
N GLU A 320 10.65 -3.47 42.96
CA GLU A 320 9.54 -3.13 43.85
C GLU A 320 8.71 -4.35 44.31
N PRO A 321 7.73 -4.73 43.50
CA PRO A 321 6.45 -4.03 43.46
C PRO A 321 5.22 -4.94 43.51
N TRP A 322 4.11 -4.43 42.99
CA TRP A 322 2.78 -5.03 43.16
C TRP A 322 2.32 -5.42 44.57
N ARG A 323 2.50 -4.54 45.56
CA ARG A 323 2.20 -3.12 45.44
C ARG A 323 0.72 -2.90 45.27
N ILE A 324 0.03 -2.76 46.40
CA ILE A 324 -1.33 -2.23 46.42
C ILE A 324 -1.25 -0.75 46.81
N ALA A 325 -1.88 0.11 46.02
CA ALA A 325 -1.94 1.55 46.31
C ALA A 325 -0.59 2.20 46.60
N PRO A 326 0.38 2.11 45.66
CA PRO A 326 1.63 2.85 45.87
C PRO A 326 1.47 4.36 45.67
N PRO A 327 2.28 5.17 46.37
CA PRO A 327 2.26 6.62 46.18
C PRO A 327 2.85 7.07 44.83
N LEU A 328 2.12 6.80 43.76
CA LEU A 328 2.55 7.18 42.42
C LEU A 328 1.95 8.51 42.03
N LEU A 329 2.72 9.29 41.26
CA LEU A 329 2.26 10.53 40.62
C LEU A 329 1.76 11.60 41.59
N GLU A 330 2.42 11.73 42.73
CA GLU A 330 1.98 12.63 43.75
C GLU A 330 2.77 13.94 43.68
N ASP A 331 2.59 14.67 42.59
CA ASP A 331 3.14 16.02 42.50
C ASP A 331 2.64 16.83 43.68
N ILE A 332 3.53 17.56 44.32
CA ILE A 332 3.09 18.59 45.26
C ILE A 332 3.22 19.88 44.47
N TYR A 333 2.09 20.56 44.23
CA TYR A 333 2.10 21.75 43.37
C TYR A 333 2.48 23.05 44.07
N THR A 334 3.20 23.88 43.33
CA THR A 334 3.65 25.20 43.77
C THR A 334 2.64 26.28 43.37
N PHE A 335 3.00 27.54 43.57
CA PHE A 335 2.14 28.64 43.16
C PHE A 335 2.22 28.90 41.66
N GLU A 336 3.40 28.76 41.08
CA GLU A 336 3.57 28.92 39.62
C GLU A 336 2.74 27.88 38.84
N ASP A 337 2.64 26.67 39.38
CA ASP A 337 1.82 25.60 38.79
C ASP A 337 0.35 26.00 38.77
N ALA A 338 -0.08 26.73 39.79
CA ALA A 338 -1.44 27.26 39.86
C ALA A 338 -1.67 28.37 38.84
N LEU A 339 -0.64 29.17 38.57
CA LEU A 339 -0.74 30.20 37.53
C LEU A 339 -0.90 29.58 36.14
N LEU A 340 -0.18 28.49 35.88
CA LEU A 340 -0.31 27.80 34.60
C LEU A 340 -1.67 27.14 34.47
N VAL A 341 -2.08 26.35 35.46
CA VAL A 341 -3.43 25.77 35.45
C VAL A 341 -4.45 26.86 35.10
N GLY A 342 -4.27 28.03 35.70
CA GLY A 342 -5.10 29.19 35.41
C GLY A 342 -5.08 29.58 33.94
N LEU A 343 -3.87 29.70 33.38
CA LEU A 343 -3.70 30.01 31.97
C LEU A 343 -4.32 28.94 31.07
N MET A 344 -4.15 27.67 31.43
CA MET A 344 -4.71 26.55 30.68
C MET A 344 -6.24 26.63 30.63
N LEU A 345 -6.86 26.88 31.78
CA LEU A 345 -8.32 27.05 31.88
C LEU A 345 -8.80 28.19 30.99
N ILE A 346 -8.09 29.31 31.03
CA ILE A 346 -8.34 30.45 30.13
C ILE A 346 -8.30 29.99 28.68
N THR A 347 -7.26 29.25 28.31
CA THR A 347 -7.08 28.76 26.95
C THR A 347 -8.20 27.82 26.52
N LEU A 348 -8.62 26.93 27.42
CA LEU A 348 -9.74 26.03 27.13
C LEU A 348 -11.01 26.84 26.94
N MET A 349 -11.24 27.82 27.82
CA MET A 349 -12.40 28.69 27.70
C MET A 349 -12.40 29.42 26.36
N LYS A 350 -11.23 29.92 25.96
CA LYS A 350 -11.07 30.55 24.66
C LYS A 350 -11.60 29.66 23.55
N HIS A 351 -11.46 28.35 23.71
CA HIS A 351 -11.86 27.40 22.67
C HIS A 351 -13.12 26.59 23.01
N ALA A 352 -14.01 27.22 23.78
CA ALA A 352 -15.29 26.62 24.19
C ALA A 352 -16.24 26.34 23.03
N ASP A 353 -15.92 26.86 21.84
CA ASP A 353 -16.73 26.58 20.66
C ASP A 353 -16.56 25.16 20.15
N ARG A 354 -15.38 24.58 20.41
CA ARG A 354 -15.09 23.23 19.97
C ARG A 354 -14.71 22.28 21.11
N ILE A 355 -14.06 22.80 22.15
CA ILE A 355 -13.79 21.97 23.33
C ILE A 355 -15.06 21.95 24.17
N LYS A 356 -15.73 20.80 24.23
CA LYS A 356 -17.01 20.68 24.92
C LYS A 356 -16.91 19.78 26.14
N ILE A 357 -15.77 19.11 26.29
CA ILE A 357 -15.46 18.30 27.47
C ILE A 357 -13.96 18.46 27.74
N ALA A 358 -13.59 18.55 29.02
CA ALA A 358 -12.18 18.50 29.42
C ALA A 358 -12.04 17.93 30.81
N CYS A 359 -10.90 17.29 31.08
CA CYS A 359 -10.68 16.61 32.35
C CYS A 359 -9.35 16.95 32.99
N LEU A 360 -9.42 17.60 34.14
CA LEU A 360 -8.21 17.78 34.93
C LEU A 360 -7.72 16.40 35.37
N ALA A 361 -6.55 16.02 34.88
CA ALA A 361 -5.94 14.75 35.23
C ALA A 361 -4.93 14.95 36.37
N GLN A 362 -5.20 14.41 37.56
CA GLN A 362 -6.44 13.69 37.88
C GLN A 362 -7.10 14.33 39.13
N LEU A 363 -8.17 13.72 39.63
CA LEU A 363 -8.97 14.35 40.68
C LEU A 363 -8.42 14.19 42.10
N ILE A 364 -8.06 12.96 42.48
CA ILE A 364 -7.64 12.63 43.84
C ILE A 364 -6.22 12.04 43.90
N ASN A 365 -5.37 12.59 44.76
CA ASN A 365 -4.02 12.08 45.08
C ASN A 365 -2.99 11.98 43.94
N VAL A 366 -3.40 11.36 42.83
CA VAL A 366 -2.59 11.23 41.62
C VAL A 366 -2.67 12.51 40.81
N ILE A 367 -1.55 13.22 40.69
CA ILE A 367 -1.47 14.57 40.08
C ILE A 367 -2.76 15.41 40.23
N ALA A 368 -3.06 15.76 41.47
CA ALA A 368 -4.41 16.15 41.86
C ALA A 368 -4.50 17.42 42.72
N PRO A 369 -5.64 18.14 42.63
CA PRO A 369 -5.91 19.27 43.51
C PRO A 369 -6.29 18.82 44.93
N ILE A 370 -6.66 17.56 45.07
CA ILE A 370 -7.11 17.03 46.36
C ILE A 370 -6.22 15.89 46.84
N VAL A 371 -5.58 16.08 47.99
CA VAL A 371 -4.66 15.08 48.51
C VAL A 371 -5.13 14.57 49.86
N THR A 372 -5.00 13.27 50.08
CA THR A 372 -5.09 12.66 51.40
C THR A 372 -3.71 12.07 51.73
N GLU A 373 -3.35 12.12 53.01
CA GLU A 373 -1.96 11.88 53.42
C GLU A 373 -1.43 10.46 53.26
N ARG A 374 -1.98 9.50 54.01
CA ARG A 374 -1.53 8.09 53.91
C ARG A 374 -2.40 7.14 54.72
N ASN A 375 -1.86 6.60 55.80
CA ASN A 375 -2.57 5.55 56.50
C ASN A 375 -3.24 5.98 57.83
N GLY A 376 -3.86 7.16 57.92
CA GLY A 376 -4.00 8.16 56.86
C GLY A 376 -5.46 8.30 56.47
N GLY A 377 -5.99 9.52 56.42
CA GLY A 377 -5.26 10.75 56.70
C GLY A 377 -6.20 11.70 57.44
N ALA A 378 -6.28 12.98 57.07
CA ALA A 378 -5.57 13.60 55.94
C ALA A 378 -6.37 14.80 55.41
N ALA A 379 -6.36 14.97 54.09
CA ALA A 379 -7.28 15.83 53.33
C ALA A 379 -7.00 17.35 53.34
N TRP A 380 -6.61 17.87 52.17
CA TRP A 380 -6.30 19.29 51.99
C TRP A 380 -6.29 19.67 50.50
N ARG A 381 -6.18 20.97 50.22
CA ARG A 381 -6.19 21.49 48.86
C ARG A 381 -4.81 21.91 48.40
N GLN A 382 -4.38 21.34 47.27
CA GLN A 382 -3.19 21.79 46.58
C GLN A 382 -3.42 23.20 46.05
N THR A 383 -2.35 23.89 45.64
CA THR A 383 -2.48 25.23 45.07
C THR A 383 -3.42 25.23 43.85
N ILE A 384 -3.29 24.22 42.99
CA ILE A 384 -4.05 24.17 41.73
C ILE A 384 -5.55 24.00 41.91
N PHE A 385 -5.99 23.77 43.14
CA PHE A 385 -7.40 23.63 43.46
C PHE A 385 -8.19 24.88 43.06
N TYR A 386 -7.66 26.04 43.40
CA TYR A 386 -8.44 27.27 43.34
C TYR A 386 -8.70 27.86 41.94
N PRO A 387 -7.69 27.85 41.05
CA PRO A 387 -7.98 28.33 39.70
C PRO A 387 -9.09 27.51 39.05
N PHE A 388 -9.08 26.21 39.29
CA PHE A 388 -10.13 25.34 38.78
C PHE A 388 -11.48 25.65 39.43
N MET A 389 -11.49 25.92 40.73
CA MET A 389 -12.74 26.22 41.44
C MET A 389 -13.37 27.48 40.87
N HIS A 390 -12.57 28.53 40.76
CA HIS A 390 -13.01 29.81 40.20
C HIS A 390 -13.50 29.68 38.76
N ALA A 391 -12.78 28.90 37.96
CA ALA A 391 -13.20 28.65 36.59
C ALA A 391 -14.56 27.95 36.53
N SER A 392 -14.73 26.94 37.38
CA SER A 392 -15.92 26.10 37.35
C SER A 392 -17.13 26.82 37.91
N LYS A 393 -16.88 27.77 38.80
CA LYS A 393 -17.97 28.49 39.46
C LYS A 393 -18.46 29.69 38.67
N TYR A 394 -17.52 30.51 38.21
CA TYR A 394 -17.85 31.79 37.57
C TYR A 394 -17.79 31.74 36.04
N GLY A 395 -17.38 30.58 35.51
CA GLY A 395 -17.29 30.38 34.07
C GLY A 395 -18.44 29.60 33.49
N ARG A 396 -19.66 29.97 33.85
CA ARG A 396 -20.85 29.38 33.23
C ARG A 396 -21.59 30.47 32.44
N GLY A 397 -21.70 30.28 31.13
CA GLY A 397 -22.37 31.25 30.26
C GLY A 397 -21.84 31.29 28.85
N ILE A 398 -21.51 32.49 28.37
CA ILE A 398 -21.06 32.70 26.99
C ILE A 398 -19.66 33.34 26.95
N VAL A 399 -18.77 32.72 26.18
CA VAL A 399 -17.41 33.22 25.99
C VAL A 399 -17.41 34.34 24.96
N LEU A 400 -16.89 35.52 25.34
CA LEU A 400 -16.73 36.64 24.41
C LEU A 400 -15.32 36.70 23.84
N GLN A 401 -15.20 37.02 22.55
CA GLN A 401 -13.89 37.19 21.90
C GLN A 401 -12.99 38.18 22.63
N PRO A 402 -11.78 37.74 23.00
CA PRO A 402 -10.87 38.60 23.73
C PRO A 402 -10.08 39.51 22.80
N VAL A 403 -10.62 40.70 22.52
CA VAL A 403 -9.94 41.71 21.74
C VAL A 403 -8.97 42.42 22.69
N ILE A 404 -7.78 41.84 22.80
CA ILE A 404 -6.82 42.27 23.81
C ILE A 404 -5.55 42.87 23.19
N ASN A 405 -5.14 44.02 23.70
CA ASN A 405 -3.87 44.63 23.34
C ASN A 405 -2.98 44.73 24.58
N SER A 406 -2.08 43.75 24.72
CA SER A 406 -1.22 43.62 25.90
C SER A 406 0.25 43.75 25.51
N PRO A 407 1.10 44.26 26.43
CA PRO A 407 2.54 44.25 26.19
C PRO A 407 3.08 42.83 26.02
N LEU A 408 4.15 42.69 25.25
CA LEU A 408 4.73 41.39 24.96
C LEU A 408 6.09 41.22 25.63
N HIS A 409 6.40 39.99 26.03
CA HIS A 409 7.73 39.66 26.53
C HIS A 409 8.23 38.38 25.88
N ASP A 410 9.55 38.30 25.67
CA ASP A 410 10.16 37.06 25.20
C ASP A 410 10.63 36.22 26.38
N THR A 411 10.76 34.92 26.17
CA THR A 411 11.35 34.03 27.16
C THR A 411 12.52 33.29 26.53
N SER A 412 13.05 32.29 27.22
CA SER A 412 14.20 31.53 26.72
C SER A 412 13.88 30.76 25.44
N LYS A 413 12.69 30.17 25.37
CA LYS A 413 12.31 29.31 24.25
C LYS A 413 11.03 29.75 23.51
N HIS A 414 10.41 30.82 24.02
CA HIS A 414 9.22 31.39 23.39
C HIS A 414 9.44 32.87 23.06
N GLU A 415 8.83 33.30 21.96
CA GLU A 415 8.93 34.68 21.50
C GLU A 415 7.54 35.32 21.38
N ASP A 416 7.46 36.61 21.71
CA ASP A 416 6.21 37.41 21.63
C ASP A 416 5.07 36.79 22.44
N VAL A 417 5.23 36.84 23.75
CA VAL A 417 4.29 36.24 24.68
C VAL A 417 3.55 37.37 25.42
N THR A 418 2.22 37.36 25.34
CA THR A 418 1.41 38.39 25.99
C THR A 418 1.67 38.42 27.49
N ASP A 419 1.80 39.63 28.06
CA ASP A 419 1.87 39.77 29.51
C ASP A 419 0.52 39.45 30.13
N ILE A 420 -0.56 39.85 29.48
CA ILE A 420 -1.89 39.51 29.97
C ILE A 420 -2.54 38.49 29.06
N GLU A 421 -3.01 37.41 29.68
CA GLU A 421 -3.90 36.48 29.03
C GLU A 421 -5.21 36.55 29.78
N SER A 422 -6.30 36.70 29.02
CA SER A 422 -7.62 36.97 29.58
C SER A 422 -8.77 36.51 28.68
N VAL A 423 -9.88 36.15 29.33
CA VAL A 423 -11.17 35.98 28.66
C VAL A 423 -12.27 36.46 29.57
N ALA A 424 -13.33 36.99 28.95
CA ALA A 424 -14.53 37.39 29.65
C ALA A 424 -15.63 36.41 29.29
N ILE A 425 -16.33 35.89 30.29
CA ILE A 425 -17.53 35.09 30.01
C ILE A 425 -18.77 35.69 30.68
N TYR A 426 -19.88 35.68 29.95
CA TYR A 426 -21.07 36.44 30.30
C TYR A 426 -22.23 35.51 30.58
N ASN A 427 -22.85 35.70 31.75
CA ASN A 427 -23.99 34.90 32.19
C ASN A 427 -25.30 35.69 32.10
N GLU A 428 -25.98 35.52 30.97
CA GLU A 428 -27.26 36.17 30.65
C GLU A 428 -28.29 36.02 31.78
N GLU A 429 -28.40 34.81 32.29
CA GLU A 429 -29.29 34.49 33.41
C GLU A 429 -28.95 35.33 34.63
N LYS A 430 -27.69 35.25 35.08
CA LYS A 430 -27.24 35.84 36.33
C LYS A 430 -26.95 37.35 36.29
N GLU A 431 -26.94 37.92 35.09
CA GLU A 431 -26.63 39.34 34.87
C GLU A 431 -25.21 39.72 35.31
N GLU A 432 -24.26 38.84 35.00
CA GLU A 432 -22.85 39.01 35.40
C GLU A 432 -21.87 38.79 34.25
N VAL A 433 -20.81 39.59 34.23
CA VAL A 433 -19.64 39.35 33.37
C VAL A 433 -18.42 39.09 34.24
N THR A 434 -17.79 37.94 34.03
CA THR A 434 -16.60 37.55 34.78
C THR A 434 -15.36 37.61 33.89
N ILE A 435 -14.35 38.31 34.36
CA ILE A 435 -13.08 38.44 33.65
C ILE A 435 -12.00 37.61 34.35
N PHE A 436 -11.56 36.55 33.68
CA PHE A 436 -10.43 35.74 34.14
C PHE A 436 -9.16 36.32 33.51
N ALA A 437 -8.19 36.70 34.33
CA ALA A 437 -6.99 37.39 33.85
C ALA A 437 -5.71 36.91 34.55
N VAL A 438 -4.70 36.60 33.74
CA VAL A 438 -3.38 36.21 34.25
C VAL A 438 -2.23 37.07 33.67
N ASN A 439 -1.10 37.05 34.38
CA ASN A 439 0.10 37.81 34.10
C ASN A 439 1.05 37.18 35.08
N ARG A 440 2.15 36.50 34.73
CA ARG A 440 2.92 36.39 33.45
C ARG A 440 3.25 37.65 32.64
N ASN A 441 4.35 38.34 32.96
CA ASN A 441 5.23 38.02 34.08
C ASN A 441 4.61 38.60 35.37
N ILE A 442 5.38 38.86 36.42
CA ILE A 442 6.80 39.22 36.36
C ILE A 442 7.11 40.25 35.23
N HIS A 443 7.56 41.43 35.65
CA HIS A 443 8.48 41.61 36.78
C HIS A 443 8.29 42.83 37.74
N GLU A 444 7.08 43.34 37.93
CA GLU A 444 6.32 43.97 36.82
C GLU A 444 4.80 43.74 36.86
N ASP A 445 4.13 44.67 37.53
CA ASP A 445 2.67 44.74 37.61
C ASP A 445 2.21 45.55 36.42
N ILE A 446 1.06 45.17 35.85
CA ILE A 446 0.43 46.01 34.83
C ILE A 446 -1.05 46.24 35.12
N VAL A 447 -1.53 47.40 34.66
CA VAL A 447 -2.93 47.78 34.77
C VAL A 447 -3.69 47.42 33.50
N LEU A 448 -4.75 46.64 33.65
CA LEU A 448 -5.59 46.25 32.53
C LEU A 448 -6.84 47.11 32.42
N VAL A 449 -6.90 47.92 31.37
CA VAL A 449 -8.06 48.77 31.11
C VAL A 449 -9.04 48.05 30.18
N SER A 450 -10.19 47.70 30.74
CA SER A 450 -11.18 46.89 30.06
C SER A 450 -12.41 47.71 29.68
N ASP A 451 -12.53 48.01 28.39
CA ASP A 451 -13.68 48.75 27.85
C ASP A 451 -14.87 47.81 27.67
N VAL A 452 -15.76 47.79 28.67
CA VAL A 452 -16.99 47.00 28.56
C VAL A 452 -18.07 47.84 27.87
N ARG A 453 -18.50 47.35 26.71
CA ARG A 453 -19.24 48.17 25.76
C ARG A 453 -20.73 48.28 26.11
N GLY A 454 -21.41 47.14 26.17
CA GLY A 454 -22.88 47.13 26.31
C GLY A 454 -23.39 47.28 27.73
N MET A 455 -22.84 46.48 28.63
CA MET A 455 -23.27 46.40 30.04
C MET A 455 -23.64 47.74 30.67
N LYS A 456 -24.93 48.07 30.62
CA LYS A 456 -25.46 49.29 31.19
C LYS A 456 -26.09 49.05 32.55
N ASP A 457 -25.93 50.02 33.44
CA ASP A 457 -26.43 49.97 34.83
C ASP A 457 -25.62 49.02 35.71
N TYR A 458 -24.60 48.38 35.13
CA TYR A 458 -23.75 47.40 35.81
C TYR A 458 -22.81 48.03 36.83
N ARG A 459 -22.34 47.22 37.77
CA ARG A 459 -21.40 47.67 38.82
C ARG A 459 -20.43 46.57 39.23
N LEU A 460 -19.31 46.99 39.85
CA LEU A 460 -18.27 46.07 40.30
C LEU A 460 -18.68 45.21 41.51
N LEU A 461 -18.71 43.90 41.31
CA LEU A 461 -19.07 42.96 42.37
C LEU A 461 -17.91 42.70 43.34
N GLU A 462 -16.86 42.02 42.84
CA GLU A 462 -15.65 41.75 43.63
C GLU A 462 -14.46 41.38 42.74
N HIS A 463 -13.28 41.44 43.32
CA HIS A 463 -12.03 41.14 42.64
C HIS A 463 -11.28 40.07 43.43
N ILE A 464 -11.44 38.81 43.04
CA ILE A 464 -10.77 37.69 43.70
C ILE A 464 -9.38 37.48 43.10
N VAL A 465 -8.41 37.29 43.97
CA VAL A 465 -7.02 37.25 43.56
C VAL A 465 -6.29 35.99 44.04
N LEU A 466 -5.21 35.64 43.35
CA LEU A 466 -4.35 34.55 43.78
C LEU A 466 -2.91 34.99 43.59
N GLU A 467 -2.28 35.39 44.70
CA GLU A 467 -0.92 35.93 44.69
C GLU A 467 -0.07 35.30 45.77
N HIS A 468 1.23 35.31 45.55
CA HIS A 468 2.19 34.95 46.59
C HIS A 468 3.57 35.49 46.24
N GLN A 469 4.31 35.85 47.28
CA GLN A 469 5.69 36.30 47.18
C GLN A 469 6.60 35.26 46.51
N ASP A 470 6.29 33.98 46.71
CA ASP A 470 7.25 32.90 46.46
C ASP A 470 7.29 32.30 45.06
N LEU A 471 6.16 31.85 44.54
CA LEU A 471 6.10 31.11 43.26
C LEU A 471 6.33 29.64 43.51
N LYS A 472 7.38 29.32 44.26
CA LYS A 472 7.76 27.94 44.54
C LYS A 472 7.06 27.41 45.79
N ILE A 473 6.29 28.28 46.45
CA ILE A 473 5.59 27.94 47.69
C ILE A 473 4.49 26.90 47.40
N ARG A 474 4.18 26.09 48.41
CA ARG A 474 3.25 24.98 48.26
C ARG A 474 2.24 24.96 49.40
N ASN A 475 1.22 24.14 49.24
CA ASN A 475 0.27 23.87 50.32
C ASN A 475 0.62 22.54 50.98
N SER A 476 -0.02 22.25 52.10
CA SER A 476 0.16 20.97 52.78
C SER A 476 -1.04 20.66 53.66
N VAL A 477 -1.00 19.48 54.28
CA VAL A 477 -1.97 19.08 55.28
C VAL A 477 -2.05 20.08 56.46
N ASN A 478 -1.02 20.91 56.60
CA ASN A 478 -0.95 21.91 57.68
C ASN A 478 -1.25 23.32 57.19
N GLY A 479 -2.05 23.44 56.12
CA GLY A 479 -2.23 24.71 55.41
C GLY A 479 -1.20 24.80 54.28
N GLU A 480 -1.54 25.33 53.10
CA GLU A 480 -2.67 26.22 52.76
C GLU A 480 -2.19 27.68 52.75
N GLU A 481 -1.16 27.90 51.92
CA GLU A 481 -0.51 29.18 51.73
C GLU A 481 -1.10 29.92 50.52
N VAL A 482 -1.50 29.14 49.51
CA VAL A 482 -2.19 29.69 48.35
C VAL A 482 -3.69 29.48 48.53
N TYR A 483 -4.41 30.58 48.72
CA TYR A 483 -5.86 30.58 48.90
C TYR A 483 -6.42 31.88 48.34
N PRO A 484 -7.71 31.89 47.95
CA PRO A 484 -8.23 33.12 47.37
C PRO A 484 -8.40 34.21 48.41
N LYS A 485 -7.72 35.33 48.20
CA LYS A 485 -7.92 36.50 49.03
C LYS A 485 -8.82 37.43 48.26
N ASN A 486 -9.75 38.05 48.99
CA ASN A 486 -10.72 38.95 48.36
C ASN A 486 -10.20 40.37 48.38
N SER A 487 -9.28 40.65 47.47
CA SER A 487 -8.77 42.01 47.29
C SER A 487 -9.81 42.88 46.53
N ASP A 488 -9.47 44.04 45.95
CA ASP A 488 -8.17 44.39 45.41
C ASP A 488 -8.20 45.87 45.00
N LYS A 489 -7.68 46.11 43.80
CA LYS A 489 -7.74 47.35 43.08
C LYS A 489 -8.95 47.27 42.16
N SER A 490 -9.09 48.21 41.22
CA SER A 490 -10.31 48.40 40.38
C SER A 490 -11.58 48.71 41.20
N SER A 491 -12.34 49.76 40.88
CA SER A 491 -12.20 50.71 39.75
C SER A 491 -13.08 50.35 38.56
N PHE A 492 -14.25 50.99 38.51
CA PHE A 492 -15.22 50.85 37.43
C PHE A 492 -16.11 52.10 37.39
N ASP A 493 -15.72 53.05 36.54
CA ASP A 493 -16.41 54.35 36.46
C ASP A 493 -17.60 54.33 35.49
N ASP A 494 -17.38 54.60 34.21
CA ASP A 494 -18.42 54.51 33.20
C ASP A 494 -18.62 53.04 32.82
N GLY A 495 -18.25 52.69 31.59
CA GLY A 495 -18.16 51.31 31.16
C GLY A 495 -16.69 50.93 30.96
N ILE A 496 -15.83 51.59 31.72
CA ILE A 496 -14.38 51.43 31.61
C ILE A 496 -13.82 50.88 32.92
N LEU A 497 -13.44 49.61 32.90
CA LEU A 497 -12.90 48.93 34.07
C LEU A 497 -11.39 48.89 34.01
N THR A 498 -10.76 49.60 34.94
CA THR A 498 -9.31 49.67 35.02
C THR A 498 -8.81 48.88 36.25
N SER A 499 -8.01 47.86 35.98
CA SER A 499 -7.61 46.88 37.01
C SER A 499 -6.10 46.78 37.14
N MET A 500 -5.61 46.89 38.37
CA MET A 500 -4.20 46.67 38.64
C MET A 500 -3.97 45.20 38.95
N LEU A 501 -3.19 44.53 38.11
CA LEU A 501 -2.95 43.10 38.26
C LEU A 501 -1.54 42.86 38.77
N ARG A 502 -1.40 42.07 39.82
CA ARG A 502 -0.11 41.87 40.48
C ARG A 502 0.92 41.12 39.63
N ARG A 503 2.20 41.29 39.99
CA ARG A 503 3.35 40.59 39.40
C ARG A 503 2.98 39.30 38.70
N ALA A 504 3.03 38.18 39.40
CA ALA A 504 2.61 36.91 38.83
C ALA A 504 1.31 36.48 39.50
N SER A 505 0.19 36.79 38.85
CA SER A 505 -1.13 36.71 39.49
C SER A 505 -2.25 36.17 38.60
N TRP A 506 -3.18 35.48 39.25
CA TRP A 506 -4.43 35.04 38.67
C TRP A 506 -5.50 35.96 39.24
N ASN A 507 -6.48 36.31 38.40
CA ASN A 507 -7.44 37.33 38.77
C ASN A 507 -8.85 37.01 38.29
N VAL A 508 -9.81 37.05 39.21
CA VAL A 508 -11.22 36.87 38.87
C VAL A 508 -11.99 38.15 39.21
N ILE A 509 -12.35 38.91 38.18
CA ILE A 509 -12.97 40.22 38.34
C ILE A 509 -14.42 40.19 37.89
N ARG A 510 -15.33 40.52 38.81
CA ARG A 510 -16.77 40.31 38.60
C ARG A 510 -17.60 41.59 38.54
N ILE A 511 -18.53 41.62 37.59
CA ILE A 511 -19.42 42.76 37.34
C ILE A 511 -20.89 42.33 37.34
N GLY A 512 -21.77 43.21 37.84
CA GLY A 512 -23.22 42.97 37.86
C GLY A 512 -24.04 44.23 37.70
N LYS B 13 -46.32 -12.88 -31.47
CA LYS B 13 -45.82 -14.23 -31.91
C LYS B 13 -44.35 -14.47 -31.52
N ALA B 14 -44.13 -15.36 -30.55
CA ALA B 14 -42.79 -15.66 -30.06
C ALA B 14 -42.32 -17.06 -30.47
N ARG B 15 -41.03 -17.19 -30.76
CA ARG B 15 -40.45 -18.45 -31.23
C ARG B 15 -39.42 -19.02 -30.27
N MET B 16 -39.43 -20.35 -30.13
CA MET B 16 -38.44 -21.07 -29.32
C MET B 16 -38.19 -22.47 -29.89
N THR B 17 -36.92 -22.85 -29.94
CA THR B 17 -36.54 -24.20 -30.31
C THR B 17 -35.87 -24.92 -29.12
N VAL B 18 -36.38 -26.11 -28.82
CA VAL B 18 -35.99 -26.90 -27.65
C VAL B 18 -35.21 -28.15 -28.06
N ASP B 19 -33.95 -28.23 -27.65
CA ASP B 19 -33.05 -29.30 -28.07
C ASP B 19 -32.45 -30.06 -26.88
N LYS B 20 -32.83 -31.33 -26.76
CA LYS B 20 -32.26 -32.23 -25.74
C LYS B 20 -30.73 -32.28 -25.83
N ASP B 21 -30.23 -32.29 -27.07
CA ASP B 21 -28.79 -32.28 -27.38
C ASP B 21 -28.10 -30.98 -26.97
N TYR B 22 -28.87 -29.96 -26.60
CA TYR B 22 -28.28 -28.70 -26.17
C TYR B 22 -28.50 -28.34 -24.69
N LYS B 23 -27.65 -28.92 -23.84
CA LYS B 23 -27.69 -28.72 -22.39
C LYS B 23 -27.10 -27.39 -21.97
N ILE B 24 -27.46 -26.97 -20.76
CA ILE B 24 -26.68 -25.99 -20.02
C ILE B 24 -26.16 -26.68 -18.77
N ALA B 25 -27.08 -27.31 -18.03
CA ALA B 25 -26.77 -27.80 -16.70
C ALA B 25 -27.66 -28.95 -16.24
N GLU B 26 -27.12 -29.73 -15.32
CA GLU B 26 -27.89 -30.58 -14.45
C GLU B 26 -28.26 -29.69 -13.26
N ILE B 27 -29.56 -29.51 -13.03
CA ILE B 27 -30.04 -28.69 -11.92
C ILE B 27 -29.70 -29.31 -10.58
N ASP B 28 -29.19 -28.50 -9.67
CA ASP B 28 -29.00 -28.92 -8.28
C ASP B 28 -30.22 -28.51 -7.45
N LYS B 29 -30.89 -29.50 -6.87
CA LYS B 29 -32.13 -29.30 -6.09
C LYS B 29 -32.03 -28.19 -5.03
N ARG B 30 -30.81 -27.80 -4.69
CA ARG B 30 -30.60 -26.81 -3.65
C ARG B 30 -30.86 -25.37 -4.06
N ILE B 31 -31.22 -25.13 -5.33
CA ILE B 31 -31.64 -23.78 -5.75
C ILE B 31 -33.09 -23.47 -5.36
N TYR B 32 -33.80 -24.50 -4.93
CA TYR B 32 -35.15 -24.36 -4.40
C TYR B 32 -35.13 -24.35 -2.85
N GLY B 33 -34.01 -23.88 -2.30
CA GLY B 33 -33.89 -23.73 -0.87
C GLY B 33 -34.53 -22.43 -0.42
N SER B 34 -34.59 -22.24 0.90
CA SER B 34 -35.08 -21.00 1.48
C SER B 34 -34.20 -20.57 2.67
N PHE B 35 -34.75 -19.70 3.53
CA PHE B 35 -33.95 -18.98 4.52
C PHE B 35 -34.84 -18.61 5.70
N VAL B 36 -34.40 -18.96 6.90
CA VAL B 36 -35.09 -18.56 8.12
C VAL B 36 -34.11 -17.84 9.03
N GLU B 37 -34.43 -16.60 9.38
CA GLU B 37 -33.62 -15.80 10.27
C GLU B 37 -34.42 -15.54 11.52
N HIS B 38 -33.74 -15.28 12.64
CA HIS B 38 -34.41 -14.84 13.86
C HIS B 38 -34.75 -13.36 13.69
N LEU B 39 -35.74 -13.11 12.84
CA LEU B 39 -36.17 -11.78 12.47
C LEU B 39 -37.66 -11.71 12.69
N GLY B 40 -38.15 -10.56 13.13
CA GLY B 40 -39.58 -10.35 13.30
C GLY B 40 -40.28 -11.58 13.84
N ARG B 41 -41.26 -12.07 13.08
CA ARG B 41 -42.10 -13.19 13.51
C ARG B 41 -41.79 -14.51 12.81
N ALA B 42 -40.60 -14.61 12.21
CA ALA B 42 -40.26 -15.82 11.44
C ALA B 42 -40.35 -17.08 12.29
N VAL B 43 -39.68 -17.07 13.45
CA VAL B 43 -39.65 -18.21 14.35
C VAL B 43 -40.73 -18.04 15.42
N TYR B 44 -40.54 -17.07 16.32
CA TYR B 44 -41.51 -16.84 17.38
C TYR B 44 -42.77 -16.23 16.77
N ASP B 45 -43.91 -16.84 17.08
CA ASP B 45 -45.19 -16.48 16.47
C ASP B 45 -45.13 -16.70 14.95
N GLY B 46 -44.47 -17.79 14.55
CA GLY B 46 -44.33 -18.16 13.16
C GLY B 46 -44.29 -19.66 13.05
N LEU B 47 -43.09 -20.20 12.82
CA LEU B 47 -42.91 -21.65 12.79
C LEU B 47 -43.02 -22.28 14.17
N TYR B 48 -42.57 -21.54 15.19
CA TYR B 48 -42.58 -22.00 16.58
C TYR B 48 -43.67 -21.32 17.41
N GLN B 49 -44.70 -22.07 17.76
CA GLN B 49 -45.81 -21.54 18.56
C GLN B 49 -46.29 -22.58 19.59
N PRO B 50 -45.53 -22.74 20.70
CA PRO B 50 -45.88 -23.71 21.75
C PRO B 50 -47.25 -23.43 22.33
N GLY B 51 -48.00 -24.49 22.62
CA GLY B 51 -49.31 -24.36 23.25
C GLY B 51 -50.47 -24.08 22.31
N ASN B 52 -50.16 -23.81 21.05
CA ASN B 52 -51.19 -23.56 20.04
C ASN B 52 -51.84 -24.87 19.58
N SER B 53 -53.14 -24.80 19.26
CA SER B 53 -53.91 -25.97 18.79
C SER B 53 -53.28 -26.60 17.55
N LYS B 54 -52.62 -25.77 16.74
CA LYS B 54 -52.09 -26.18 15.44
C LYS B 54 -50.69 -26.81 15.49
N SER B 55 -50.06 -26.77 16.67
CA SER B 55 -48.85 -27.55 16.99
C SER B 55 -49.39 -28.87 17.54
N ASP B 56 -48.74 -30.04 17.45
CA ASP B 56 -47.30 -30.36 17.48
C ASP B 56 -46.72 -30.18 18.88
N GLU B 57 -46.28 -31.28 19.47
CA GLU B 57 -45.93 -31.33 20.90
C GLU B 57 -44.54 -30.80 21.19
N ASP B 58 -43.80 -30.44 20.14
CA ASP B 58 -42.57 -29.67 20.27
C ASP B 58 -42.88 -28.17 20.14
N GLY B 59 -44.11 -27.86 19.74
CA GLY B 59 -44.54 -26.48 19.59
C GLY B 59 -44.51 -25.97 18.17
N PHE B 60 -44.13 -26.81 17.22
CA PHE B 60 -44.03 -26.38 15.82
C PHE B 60 -45.41 -26.39 15.17
N ARG B 61 -45.71 -25.36 14.40
CA ARG B 61 -47.01 -25.26 13.73
C ARG B 61 -47.17 -26.26 12.58
N LYS B 62 -48.04 -27.24 12.78
CA LYS B 62 -48.20 -28.35 11.83
C LYS B 62 -48.63 -27.93 10.44
N ASP B 63 -49.54 -26.96 10.36
CA ASP B 63 -49.98 -26.44 9.06
C ASP B 63 -48.85 -25.74 8.35
N VAL B 64 -48.09 -24.93 9.08
CA VAL B 64 -46.86 -24.34 8.55
C VAL B 64 -45.99 -25.46 7.98
N ILE B 65 -45.71 -26.47 8.80
CA ILE B 65 -44.91 -27.62 8.39
C ILE B 65 -45.37 -28.17 7.03
N GLU B 66 -46.67 -28.41 6.90
CA GLU B 66 -47.25 -28.93 5.65
C GLU B 66 -47.03 -28.03 4.44
N LEU B 67 -47.05 -26.72 4.67
CA LEU B 67 -46.91 -25.73 3.61
C LEU B 67 -45.47 -25.65 3.12
N VAL B 68 -44.51 -25.82 4.01
CA VAL B 68 -43.11 -25.87 3.62
C VAL B 68 -42.90 -27.15 2.82
N LYS B 69 -43.44 -28.26 3.32
CA LYS B 69 -43.37 -29.53 2.61
C LYS B 69 -44.04 -29.45 1.23
N GLU B 70 -45.06 -28.60 1.14
CA GLU B 70 -45.81 -28.39 -0.10
C GLU B 70 -44.95 -27.67 -1.15
N LEU B 71 -44.14 -26.72 -0.71
CA LEU B 71 -43.11 -26.13 -1.57
C LEU B 71 -42.00 -27.13 -1.84
N ASN B 72 -41.74 -27.97 -0.83
CA ASN B 72 -40.54 -28.80 -0.73
C ASN B 72 -39.24 -28.04 -0.98
N VAL B 73 -38.62 -27.67 0.13
CA VAL B 73 -37.39 -26.93 0.15
C VAL B 73 -36.34 -27.88 0.69
N PRO B 74 -35.32 -28.19 -0.11
CA PRO B 74 -34.30 -29.16 0.30
C PRO B 74 -33.29 -28.64 1.31
N ILE B 75 -33.13 -27.32 1.41
CA ILE B 75 -32.07 -26.73 2.24
C ILE B 75 -32.48 -25.35 2.76
N ILE B 76 -32.25 -25.10 4.06
CA ILE B 76 -32.62 -23.83 4.66
C ILE B 76 -31.45 -23.13 5.37
N ARG B 77 -31.16 -21.92 4.91
CA ARG B 77 -30.15 -21.07 5.50
C ARG B 77 -30.64 -20.63 6.88
N TYR B 78 -29.75 -20.66 7.86
CA TYR B 78 -30.12 -20.39 9.25
C TYR B 78 -28.87 -20.09 10.07
N PRO B 79 -28.95 -19.19 11.08
CA PRO B 79 -30.04 -18.33 11.55
C PRO B 79 -29.98 -16.88 11.10
N GLY B 80 -29.14 -16.59 10.11
CA GLY B 80 -29.00 -15.23 9.58
C GLY B 80 -28.03 -15.18 8.42
N GLY B 81 -27.96 -14.06 7.72
CA GLY B 81 -28.74 -12.85 8.06
C GLY B 81 -27.96 -11.94 8.98
N ASN B 82 -28.46 -10.72 9.19
CA ASN B 82 -27.78 -9.77 10.06
C ASN B 82 -27.74 -10.23 11.52
N PHE B 83 -28.76 -10.99 11.93
CA PHE B 83 -28.86 -11.53 13.28
C PHE B 83 -27.60 -12.29 13.73
N VAL B 84 -27.01 -13.06 12.82
CA VAL B 84 -25.93 -13.98 13.16
C VAL B 84 -24.63 -13.27 13.55
N SER B 85 -24.46 -12.03 13.09
CA SER B 85 -23.20 -11.32 13.26
C SER B 85 -22.89 -10.92 14.70
N ASN B 86 -23.87 -11.09 15.58
CA ASN B 86 -23.68 -10.85 17.01
C ASN B 86 -24.41 -11.91 17.83
N TYR B 87 -24.58 -13.08 17.22
CA TYR B 87 -25.25 -14.19 17.86
C TYR B 87 -24.21 -15.07 18.53
N PHE B 88 -24.53 -15.54 19.72
CA PHE B 88 -23.63 -16.44 20.44
C PHE B 88 -24.33 -17.78 20.57
N TRP B 89 -23.96 -18.70 19.68
CA TRP B 89 -24.70 -19.95 19.50
C TRP B 89 -24.95 -20.73 20.80
N GLU B 90 -24.07 -20.56 21.80
CA GLU B 90 -24.22 -21.22 23.10
C GLU B 90 -25.52 -20.84 23.80
N ASP B 91 -26.01 -19.62 23.52
CA ASP B 91 -27.25 -19.13 24.12
C ASP B 91 -28.48 -19.89 23.67
N GLY B 92 -28.38 -20.61 22.55
CA GLY B 92 -29.49 -21.40 21.99
C GLY B 92 -29.55 -22.88 22.35
N VAL B 93 -28.56 -23.36 23.10
CA VAL B 93 -28.48 -24.79 23.45
C VAL B 93 -28.53 -25.05 24.95
N GLY B 94 -28.77 -26.31 25.32
CA GLY B 94 -28.79 -26.72 26.73
C GLY B 94 -30.13 -26.50 27.41
N PRO B 95 -30.21 -26.79 28.72
CA PRO B 95 -31.41 -26.52 29.50
C PRO B 95 -32.00 -25.15 29.16
N VAL B 96 -33.22 -25.16 28.63
CA VAL B 96 -33.90 -23.94 28.21
C VAL B 96 -34.01 -22.89 29.33
N GLU B 97 -34.12 -23.35 30.58
CA GLU B 97 -34.24 -22.47 31.75
C GLU B 97 -32.98 -21.65 31.97
N ASP B 98 -31.89 -22.07 31.33
CA ASP B 98 -30.58 -21.46 31.51
C ASP B 98 -30.21 -20.59 30.33
N ARG B 99 -31.04 -20.60 29.30
CA ARG B 99 -30.77 -19.81 28.11
C ARG B 99 -31.08 -18.34 28.38
N PRO B 100 -30.09 -17.46 28.11
CA PRO B 100 -30.28 -16.06 28.41
C PRO B 100 -31.05 -15.32 27.32
N ARG B 101 -31.78 -14.28 27.72
CA ARG B 101 -32.35 -13.35 26.78
C ARG B 101 -31.22 -12.46 26.27
N ARG B 102 -31.19 -12.21 24.97
CA ARG B 102 -30.15 -11.40 24.38
C ARG B 102 -30.72 -10.25 23.58
N LEU B 103 -29.96 -9.16 23.52
CA LEU B 103 -30.29 -8.06 22.64
C LEU B 103 -29.87 -8.44 21.23
N ASP B 104 -30.83 -8.45 20.31
CA ASP B 104 -30.47 -8.59 18.91
C ASP B 104 -30.35 -7.19 18.31
N LEU B 105 -29.12 -6.77 18.06
CA LEU B 105 -28.88 -5.39 17.66
C LEU B 105 -29.37 -5.14 16.24
N ALA B 106 -29.28 -6.16 15.40
CA ALA B 106 -29.66 -6.05 14.00
C ALA B 106 -31.10 -5.60 13.83
N TRP B 107 -32.01 -6.14 14.63
CA TRP B 107 -33.43 -5.85 14.49
C TRP B 107 -34.05 -5.27 15.75
N LYS B 108 -33.21 -4.71 16.62
CA LYS B 108 -33.67 -4.01 17.85
C LYS B 108 -34.74 -4.79 18.61
N SER B 109 -34.48 -6.09 18.78
CA SER B 109 -35.42 -7.02 19.39
C SER B 109 -34.76 -7.78 20.51
N ILE B 110 -35.55 -8.26 21.46
CA ILE B 110 -35.06 -9.19 22.46
C ILE B 110 -35.19 -10.60 21.91
N GLU B 111 -34.07 -11.32 21.88
CA GLU B 111 -34.06 -12.71 21.49
C GLU B 111 -34.10 -13.59 22.72
N PRO B 112 -35.23 -14.30 22.94
CA PRO B 112 -35.37 -15.20 24.09
C PRO B 112 -34.59 -16.52 23.97
N ASN B 113 -34.16 -16.87 22.76
CA ASN B 113 -33.33 -18.03 22.53
C ASN B 113 -33.97 -19.38 22.88
N GLN B 114 -35.29 -19.44 22.93
CA GLN B 114 -36.01 -20.71 23.16
C GLN B 114 -35.93 -21.62 21.92
N VAL B 115 -35.35 -21.10 20.84
CA VAL B 115 -35.10 -21.87 19.63
C VAL B 115 -33.67 -21.64 19.16
N GLY B 116 -32.93 -22.74 18.97
CA GLY B 116 -31.56 -22.65 18.46
C GLY B 116 -30.95 -24.00 18.17
N ILE B 117 -30.24 -24.10 17.05
CA ILE B 117 -29.53 -25.32 16.64
C ILE B 117 -30.43 -26.54 16.75
N ASN B 118 -30.50 -27.11 17.96
CA ASN B 118 -31.27 -28.31 18.22
C ASN B 118 -32.75 -28.21 17.88
N GLU B 119 -33.41 -27.15 18.36
CA GLU B 119 -34.85 -26.97 18.09
C GLU B 119 -35.11 -26.81 16.59
N PHE B 120 -34.28 -26.01 15.92
CA PHE B 120 -34.43 -25.79 14.50
C PHE B 120 -34.03 -27.00 13.66
N ALA B 121 -33.08 -27.78 14.18
CA ALA B 121 -32.61 -28.98 13.49
C ALA B 121 -33.73 -30.00 13.33
N LYS B 122 -34.55 -30.17 14.38
CA LYS B 122 -35.68 -31.10 14.31
C LYS B 122 -36.83 -30.58 13.48
N TRP B 123 -36.98 -29.26 13.41
CA TRP B 123 -37.98 -28.64 12.53
C TRP B 123 -37.71 -29.01 11.07
N CYS B 124 -36.43 -28.95 10.70
CA CYS B 124 -35.99 -29.28 9.35
C CYS B 124 -36.25 -30.75 8.99
N LYS B 125 -36.05 -31.64 9.96
CA LYS B 125 -36.41 -33.05 9.79
C LYS B 125 -37.83 -33.11 9.29
N LYS B 126 -38.71 -32.41 10.02
CA LYS B 126 -40.14 -32.46 9.78
C LYS B 126 -40.57 -31.74 8.50
N VAL B 127 -39.70 -30.93 7.93
CA VAL B 127 -40.02 -30.25 6.67
C VAL B 127 -39.17 -30.73 5.48
N ASN B 128 -38.65 -31.95 5.59
CA ASN B 128 -37.81 -32.58 4.55
C ASN B 128 -36.69 -31.67 4.02
N ALA B 129 -36.04 -30.94 4.93
CA ALA B 129 -34.95 -30.03 4.58
C ALA B 129 -33.75 -30.20 5.50
N GLU B 130 -32.61 -29.69 5.07
CA GLU B 130 -31.39 -29.68 5.88
C GLU B 130 -30.99 -28.25 6.22
N ILE B 131 -30.04 -28.10 7.13
CA ILE B 131 -29.62 -26.76 7.53
C ILE B 131 -28.39 -26.32 6.76
N MET B 132 -28.44 -25.08 6.28
CA MET B 132 -27.24 -24.37 5.85
C MET B 132 -26.91 -23.43 7.00
N MET B 133 -25.89 -23.79 7.77
CA MET B 133 -25.59 -23.10 9.02
C MET B 133 -24.65 -21.91 8.82
N ALA B 134 -25.04 -20.77 9.37
CA ALA B 134 -24.21 -19.55 9.34
C ALA B 134 -23.49 -19.35 10.68
N VAL B 135 -22.24 -18.90 10.60
CA VAL B 135 -21.39 -18.72 11.79
C VAL B 135 -21.12 -17.24 12.02
N ASN B 136 -21.06 -16.84 13.28
CA ASN B 136 -20.79 -15.45 13.64
C ASN B 136 -19.35 -15.08 13.33
N LEU B 137 -19.17 -14.26 12.31
CA LEU B 137 -17.86 -13.71 12.02
C LEU B 137 -17.89 -12.19 12.13
N GLY B 138 -18.91 -11.69 12.82
CA GLY B 138 -19.03 -10.28 13.14
C GLY B 138 -18.28 -9.98 14.42
N THR B 139 -18.79 -10.49 15.53
CA THR B 139 -18.15 -10.29 16.82
C THR B 139 -17.41 -11.54 17.31
N ARG B 140 -17.37 -12.58 16.49
CA ARG B 140 -16.69 -13.84 16.86
C ARG B 140 -15.77 -14.31 15.75
N GLY B 141 -15.03 -15.41 15.98
CA GLY B 141 -13.97 -15.81 15.08
C GLY B 141 -13.78 -17.29 14.80
N ILE B 142 -12.53 -17.67 14.51
CA ILE B 142 -12.16 -19.05 14.10
C ILE B 142 -12.57 -20.11 15.12
N SER B 143 -12.10 -19.94 16.36
CA SER B 143 -12.38 -20.92 17.42
C SER B 143 -13.88 -21.18 17.66
N ASP B 144 -14.68 -20.13 17.60
CA ASP B 144 -16.11 -20.27 17.86
C ASP B 144 -16.78 -20.96 16.68
N ALA B 145 -16.26 -20.74 15.48
CA ALA B 145 -16.76 -21.45 14.32
C ALA B 145 -16.41 -22.93 14.45
N CYS B 146 -15.21 -23.19 14.97
CA CYS B 146 -14.79 -24.55 15.22
C CYS B 146 -15.67 -25.25 16.23
N ASN B 147 -15.95 -24.56 17.36
CA ASN B 147 -16.78 -25.15 18.42
C ASN B 147 -18.15 -25.55 17.92
N LEU B 148 -18.80 -24.62 17.22
CA LEU B 148 -20.12 -24.87 16.66
C LEU B 148 -20.06 -26.07 15.70
N LEU B 149 -19.00 -26.12 14.89
CA LEU B 149 -18.84 -27.21 13.94
C LEU B 149 -18.66 -28.56 14.66
N GLU B 150 -17.79 -28.58 15.66
CA GLU B 150 -17.58 -29.74 16.49
C GLU B 150 -18.89 -30.16 17.12
N TYR B 151 -19.64 -29.19 17.63
CA TYR B 151 -20.93 -29.43 18.26
C TYR B 151 -21.94 -30.09 17.29
N CYS B 152 -22.00 -29.58 16.06
CA CYS B 152 -22.97 -30.04 15.09
C CYS B 152 -22.57 -31.32 14.37
N ASN B 153 -21.27 -31.49 14.11
CA ASN B 153 -20.83 -32.53 13.18
C ASN B 153 -19.99 -33.68 13.71
N HIS B 154 -19.14 -33.41 14.70
CA HIS B 154 -18.28 -34.47 15.25
C HIS B 154 -19.09 -35.43 16.13
N PRO B 155 -18.93 -36.76 15.92
CA PRO B 155 -19.81 -37.74 16.55
C PRO B 155 -19.88 -37.64 18.07
N GLY B 156 -18.73 -37.67 18.74
CA GLY B 156 -18.69 -37.65 20.20
C GLY B 156 -17.28 -37.84 20.75
N GLY B 157 -17.16 -37.70 22.08
CA GLY B 157 -15.89 -37.91 22.76
C GLY B 157 -14.94 -36.73 22.73
N SER B 158 -15.49 -35.54 22.55
CA SER B 158 -14.75 -34.29 22.66
C SER B 158 -15.65 -33.23 23.29
N LYS B 159 -15.07 -32.13 23.74
CA LYS B 159 -15.79 -31.14 24.54
C LYS B 159 -17.19 -30.77 24.02
N TYR B 160 -17.27 -30.33 22.77
CA TYR B 160 -18.52 -29.82 22.25
C TYR B 160 -19.39 -30.89 21.62
N SER B 161 -18.75 -31.95 21.12
CA SER B 161 -19.49 -33.09 20.58
C SER B 161 -20.26 -33.77 21.70
N ASP B 162 -19.61 -33.97 22.85
CA ASP B 162 -20.26 -34.56 24.01
C ASP B 162 -21.40 -33.69 24.53
N MET B 163 -21.28 -32.37 24.36
CA MET B 163 -22.32 -31.42 24.76
C MET B 163 -23.63 -31.63 24.00
N ARG B 164 -23.54 -31.71 22.69
CA ARG B 164 -24.71 -32.01 21.87
C ARG B 164 -25.39 -33.29 22.34
N ILE B 165 -24.60 -34.31 22.69
CA ILE B 165 -25.12 -35.56 23.24
C ILE B 165 -25.82 -35.29 24.59
N LYS B 166 -25.14 -34.56 25.47
CA LYS B 166 -25.71 -34.18 26.77
C LYS B 166 -26.98 -33.34 26.59
N HIS B 167 -27.06 -32.61 25.50
CA HIS B 167 -28.21 -31.75 25.22
C HIS B 167 -29.38 -32.52 24.61
N GLY B 168 -29.20 -33.83 24.42
CA GLY B 168 -30.27 -34.70 23.94
C GLY B 168 -30.29 -34.96 22.45
N VAL B 169 -29.17 -34.76 21.78
CA VAL B 169 -29.06 -35.08 20.36
C VAL B 169 -27.87 -36.02 20.17
N LYS B 170 -28.13 -37.31 20.29
CA LYS B 170 -27.07 -38.33 20.26
C LYS B 170 -26.33 -38.33 18.92
N GLU B 171 -27.09 -38.37 17.83
CA GLU B 171 -26.54 -38.33 16.47
C GLU B 171 -26.11 -36.93 16.09
N PRO B 172 -24.93 -36.79 15.45
CA PRO B 172 -24.58 -35.47 14.94
C PRO B 172 -25.54 -35.04 13.83
N HIS B 173 -25.73 -33.73 13.72
CA HIS B 173 -26.60 -33.15 12.71
C HIS B 173 -26.03 -33.34 11.31
N ASN B 174 -24.70 -33.42 11.23
CA ASN B 174 -23.97 -33.49 9.96
C ASN B 174 -24.44 -32.49 8.92
N ILE B 175 -24.28 -31.22 9.27
CA ILE B 175 -24.55 -30.10 8.39
C ILE B 175 -23.49 -30.03 7.31
N LYS B 176 -23.95 -30.09 6.05
CA LYS B 176 -23.05 -30.16 4.91
C LYS B 176 -22.57 -28.79 4.45
N VAL B 177 -23.48 -27.81 4.37
CA VAL B 177 -23.11 -26.47 3.89
C VAL B 177 -23.08 -25.45 5.04
N TRP B 178 -22.05 -24.62 5.06
CA TRP B 178 -21.90 -23.57 6.07
C TRP B 178 -21.57 -22.24 5.42
N CYS B 179 -22.17 -21.15 5.93
CA CYS B 179 -21.85 -19.81 5.47
C CYS B 179 -20.83 -19.19 6.42
N LEU B 180 -19.77 -18.62 5.88
CA LEU B 180 -18.77 -17.95 6.69
C LEU B 180 -19.22 -16.53 7.02
N GLY B 181 -20.08 -16.40 8.02
CA GLY B 181 -20.62 -15.11 8.42
C GLY B 181 -21.76 -14.69 7.51
N ASN B 182 -22.11 -13.42 7.59
CA ASN B 182 -23.15 -12.84 6.74
C ASN B 182 -22.69 -11.48 6.23
N ALA B 183 -22.92 -11.20 4.94
CA ALA B 183 -22.55 -9.92 4.32
C ALA B 183 -22.15 -8.83 5.30
N MET B 184 -20.84 -8.63 5.47
CA MET B 184 -20.29 -7.65 6.40
C MET B 184 -19.72 -6.41 5.75
N ASP B 185 -20.10 -6.17 4.49
CA ASP B 185 -19.70 -4.94 3.81
C ASP B 185 -20.71 -3.83 4.06
N GLY B 186 -21.79 -4.16 4.78
CA GLY B 186 -22.82 -3.17 5.07
C GLY B 186 -22.53 -2.32 6.29
N PRO B 187 -22.71 -1.00 6.18
CA PRO B 187 -22.57 -0.13 7.34
C PRO B 187 -23.65 -0.35 8.40
N TRP B 188 -24.75 -1.01 8.01
CA TRP B 188 -25.88 -1.23 8.91
C TRP B 188 -25.67 -2.42 9.84
N GLN B 189 -24.53 -3.10 9.69
CA GLN B 189 -24.33 -4.35 10.40
C GLN B 189 -23.14 -4.38 11.37
N VAL B 190 -23.40 -4.97 12.54
CA VAL B 190 -22.41 -5.13 13.60
C VAL B 190 -21.28 -6.04 13.11
N GLY B 191 -20.04 -5.68 13.46
CA GLY B 191 -18.87 -6.44 13.05
C GLY B 191 -18.54 -6.29 11.57
N HIS B 192 -18.91 -5.14 11.00
CA HIS B 192 -18.59 -4.80 9.63
C HIS B 192 -17.09 -4.94 9.35
N LYS B 193 -16.75 -5.67 8.30
CA LYS B 193 -15.34 -5.91 7.91
C LYS B 193 -15.01 -5.24 6.57
N THR B 194 -13.73 -4.92 6.33
CA THR B 194 -13.29 -4.55 4.98
C THR B 194 -13.10 -5.83 4.14
N MET B 195 -13.00 -5.69 2.83
CA MET B 195 -12.77 -6.85 1.96
C MET B 195 -11.54 -7.66 2.37
N ASP B 196 -10.43 -6.97 2.64
CA ASP B 196 -9.21 -7.63 3.11
C ASP B 196 -9.40 -8.32 4.45
N GLU B 197 -10.01 -7.62 5.42
CA GLU B 197 -10.28 -8.22 6.73
C GLU B 197 -11.09 -9.50 6.59
N TYR B 198 -12.24 -9.40 5.91
CA TYR B 198 -13.10 -10.57 5.71
C TYR B 198 -12.42 -11.68 4.91
N GLY B 199 -11.71 -11.30 3.85
CA GLY B 199 -10.95 -12.26 3.06
C GLY B 199 -10.12 -13.14 3.96
N ARG B 200 -9.29 -12.52 4.79
CA ARG B 200 -8.42 -13.24 5.71
C ARG B 200 -9.20 -14.09 6.71
N ILE B 201 -10.21 -13.51 7.34
CA ILE B 201 -10.98 -14.23 8.37
C ILE B 201 -11.69 -15.43 7.75
N ALA B 202 -12.27 -15.26 6.56
CA ALA B 202 -12.97 -16.36 5.90
C ALA B 202 -11.98 -17.47 5.54
N GLU B 203 -10.80 -17.08 5.06
CA GLU B 203 -9.77 -18.02 4.68
C GLU B 203 -9.33 -18.85 5.86
N GLU B 204 -9.12 -18.19 7.00
CA GLU B 204 -8.61 -18.88 8.18
C GLU B 204 -9.66 -19.79 8.81
N THR B 205 -10.89 -19.31 8.86
CA THR B 205 -12.00 -20.08 9.42
C THR B 205 -12.27 -21.34 8.58
N ALA B 206 -12.26 -21.16 7.25
CA ALA B 206 -12.45 -22.26 6.32
C ALA B 206 -11.37 -23.30 6.51
N ARG B 207 -10.11 -22.84 6.54
CA ARG B 207 -8.97 -23.73 6.74
C ARG B 207 -9.19 -24.58 7.97
N ALA B 208 -9.63 -23.94 9.05
CA ALA B 208 -9.82 -24.60 10.33
C ALA B 208 -10.97 -25.60 10.28
N MET B 209 -12.11 -25.13 9.77
CA MET B 209 -13.32 -25.92 9.75
C MET B 209 -13.14 -27.21 8.95
N LYS B 210 -12.48 -27.11 7.79
CA LYS B 210 -12.23 -28.30 6.98
C LYS B 210 -11.23 -29.28 7.62
N MET B 211 -10.52 -28.83 8.67
CA MET B 211 -9.66 -29.72 9.44
C MET B 211 -10.47 -30.53 10.43
N ILE B 212 -11.59 -29.98 10.90
CA ILE B 212 -12.48 -30.73 11.76
C ILE B 212 -13.27 -31.70 10.90
N ASP B 213 -13.91 -31.16 9.87
CA ASP B 213 -14.71 -31.98 8.97
C ASP B 213 -14.42 -31.61 7.52
N PRO B 214 -13.67 -32.47 6.81
CA PRO B 214 -13.33 -32.29 5.39
C PRO B 214 -14.56 -32.34 4.48
N SER B 215 -15.58 -33.09 4.89
CA SER B 215 -16.73 -33.35 4.02
C SER B 215 -17.62 -32.12 3.77
N ILE B 216 -17.39 -31.04 4.52
CA ILE B 216 -18.30 -29.87 4.46
C ILE B 216 -18.06 -28.96 3.25
N GLU B 217 -19.01 -28.06 3.02
CA GLU B 217 -18.90 -27.08 1.96
C GLU B 217 -19.09 -25.71 2.56
N LEU B 218 -18.25 -24.77 2.15
CA LEU B 218 -18.24 -23.45 2.76
C LEU B 218 -18.56 -22.38 1.75
N VAL B 219 -19.33 -21.39 2.20
CA VAL B 219 -19.75 -20.26 1.38
C VAL B 219 -19.08 -18.98 1.91
N ALA B 220 -18.29 -18.34 1.06
CA ALA B 220 -17.76 -17.03 1.37
C ALA B 220 -18.79 -15.95 1.01
N CYS B 221 -18.90 -14.94 1.85
CA CYS B 221 -19.83 -13.85 1.60
C CYS B 221 -19.39 -12.95 0.48
N GLY B 222 -20.30 -12.73 -0.46
CA GLY B 222 -20.09 -11.72 -1.48
C GLY B 222 -20.71 -10.44 -0.98
N SER B 223 -20.76 -9.43 -1.83
CA SER B 223 -21.35 -8.14 -1.49
C SER B 223 -22.81 -8.27 -1.07
N SER B 224 -23.28 -7.28 -0.31
CA SER B 224 -24.67 -7.19 0.13
C SER B 224 -25.63 -6.98 -1.03
N SER B 225 -25.20 -6.18 -2.01
CA SER B 225 -25.95 -5.89 -3.23
C SER B 225 -24.97 -5.38 -4.30
N LYS B 226 -25.44 -4.91 -5.45
CA LYS B 226 -24.55 -4.80 -6.61
C LYS B 226 -24.48 -3.45 -7.36
N ASP B 227 -23.95 -2.41 -6.72
CA ASP B 227 -24.80 -1.64 -5.78
C ASP B 227 -24.02 -1.08 -4.61
N MET B 228 -23.48 -1.99 -3.80
CA MET B 228 -22.39 -1.63 -2.91
C MET B 228 -21.22 -1.25 -3.81
N PRO B 229 -20.64 -0.05 -3.63
CA PRO B 229 -19.56 0.38 -4.50
C PRO B 229 -18.41 -0.63 -4.54
N THR B 230 -18.28 -1.43 -3.49
CA THR B 230 -17.21 -2.39 -3.35
C THR B 230 -17.45 -3.70 -4.12
N PHE B 231 -18.59 -3.77 -4.83
CA PHE B 231 -18.86 -4.85 -5.76
C PHE B 231 -18.23 -4.50 -7.11
N PRO B 232 -17.56 -5.48 -7.77
CA PRO B 232 -17.28 -6.85 -7.40
C PRO B 232 -15.90 -7.08 -6.79
N GLN B 233 -15.12 -6.01 -6.59
CA GLN B 233 -13.81 -6.16 -6.00
C GLN B 233 -13.83 -6.93 -4.66
N TRP B 234 -14.92 -6.83 -3.91
CA TRP B 234 -15.14 -7.65 -2.72
C TRP B 234 -15.01 -9.14 -3.06
N GLU B 235 -15.81 -9.59 -4.03
CA GLU B 235 -15.79 -10.99 -4.47
C GLU B 235 -14.38 -11.39 -4.93
N ALA B 236 -13.80 -10.57 -5.80
CA ALA B 236 -12.45 -10.77 -6.30
C ALA B 236 -11.44 -10.89 -5.17
N THR B 237 -11.48 -9.98 -4.20
CA THR B 237 -10.52 -10.00 -3.08
C THR B 237 -10.74 -11.19 -2.16
N VAL B 238 -11.96 -11.35 -1.67
CA VAL B 238 -12.30 -12.45 -0.77
C VAL B 238 -11.85 -13.80 -1.35
N LEU B 239 -12.03 -13.98 -2.65
CA LEU B 239 -11.71 -15.25 -3.29
C LEU B 239 -10.22 -15.40 -3.51
N ASP B 240 -9.52 -14.29 -3.73
CA ASP B 240 -8.06 -14.30 -3.84
C ASP B 240 -7.46 -14.85 -2.55
N TYR B 241 -8.08 -14.54 -1.41
CA TYR B 241 -7.64 -15.09 -0.14
C TYR B 241 -8.07 -16.54 0.07
N ALA B 242 -9.37 -16.80 -0.11
CA ALA B 242 -9.96 -18.05 0.38
C ALA B 242 -10.15 -19.17 -0.66
N TYR B 243 -9.76 -18.92 -1.91
CA TYR B 243 -10.09 -19.81 -3.03
C TYR B 243 -9.91 -21.31 -2.78
N ASP B 244 -8.80 -21.70 -2.15
CA ASP B 244 -8.55 -23.12 -1.93
C ASP B 244 -9.42 -23.72 -0.84
N TYR B 245 -9.98 -22.88 0.01
CA TYR B 245 -10.70 -23.39 1.18
C TYR B 245 -12.22 -23.21 1.13
N VAL B 246 -12.71 -22.45 0.15
CA VAL B 246 -14.15 -22.23 -0.02
C VAL B 246 -14.69 -22.92 -1.27
N ASP B 247 -16.01 -23.11 -1.30
CA ASP B 247 -16.69 -23.77 -2.43
C ASP B 247 -17.65 -22.84 -3.19
N TYR B 248 -18.24 -21.87 -2.47
CA TYR B 248 -19.21 -20.95 -3.06
C TYR B 248 -18.92 -19.51 -2.69
N ILE B 249 -19.27 -18.61 -3.60
CA ILE B 249 -19.39 -17.19 -3.27
C ILE B 249 -20.88 -16.89 -3.27
N SER B 250 -21.33 -15.98 -2.42
CA SER B 250 -22.75 -15.70 -2.27
C SER B 250 -23.21 -14.44 -3.00
N LEU B 251 -24.48 -14.41 -3.39
CA LEU B 251 -25.07 -13.23 -4.05
C LEU B 251 -26.39 -12.89 -3.38
N HIS B 252 -26.71 -11.61 -3.34
CA HIS B 252 -27.97 -11.17 -2.74
C HIS B 252 -28.71 -10.23 -3.70
N GLN B 253 -30.02 -10.41 -3.83
CA GLN B 253 -30.83 -9.45 -4.58
C GLN B 253 -32.26 -9.34 -4.12
N TYR B 254 -32.70 -8.10 -3.99
CA TYR B 254 -34.09 -7.76 -3.75
C TYR B 254 -34.58 -6.76 -4.78
N TYR B 255 -35.83 -6.88 -5.21
CA TYR B 255 -36.41 -5.92 -6.16
C TYR B 255 -37.66 -5.28 -5.59
N GLY B 256 -38.03 -4.11 -6.11
CA GLY B 256 -39.16 -3.34 -5.57
C GLY B 256 -39.84 -2.40 -6.56
N ASN B 257 -41.09 -2.06 -6.27
CA ASN B 257 -41.90 -1.28 -7.19
C ASN B 257 -42.56 -0.06 -6.53
N LYS B 258 -41.75 0.76 -5.87
CA LYS B 258 -42.23 2.04 -5.35
C LYS B 258 -42.67 2.94 -6.51
N GLU B 259 -41.96 2.83 -7.63
CA GLU B 259 -42.25 3.62 -8.83
C GLU B 259 -43.63 3.34 -9.44
N ASN B 260 -44.12 2.11 -9.26
CA ASN B 260 -45.37 1.65 -9.87
C ASN B 260 -45.29 1.46 -11.38
N ASP B 261 -44.08 1.19 -11.86
CA ASP B 261 -43.88 0.89 -13.27
C ASP B 261 -43.78 -0.62 -13.47
N THR B 262 -44.95 -1.26 -13.53
CA THR B 262 -45.07 -2.72 -13.63
C THR B 262 -44.26 -3.33 -14.79
N ALA B 263 -44.28 -2.64 -15.94
CA ALA B 263 -43.52 -3.06 -17.11
C ALA B 263 -42.03 -3.03 -16.82
N ASP B 264 -41.58 -1.93 -16.20
CA ASP B 264 -40.19 -1.78 -15.79
C ASP B 264 -39.84 -2.73 -14.66
N PHE B 265 -40.80 -2.98 -13.77
CA PHE B 265 -40.65 -3.90 -12.65
C PHE B 265 -40.29 -5.29 -13.17
N LEU B 266 -40.97 -5.74 -14.21
CA LEU B 266 -40.77 -7.08 -14.75
C LEU B 266 -39.46 -7.24 -15.54
N ALA B 267 -38.91 -6.12 -16.01
CA ALA B 267 -37.62 -6.13 -16.70
C ALA B 267 -36.44 -6.27 -15.72
N LYS B 268 -36.72 -6.10 -14.43
CA LYS B 268 -35.69 -6.15 -13.40
C LYS B 268 -35.01 -7.51 -13.27
N SER B 269 -35.51 -8.52 -13.99
CA SER B 269 -34.85 -9.82 -14.01
C SER B 269 -33.70 -9.86 -15.03
N ASP B 270 -33.70 -8.91 -15.96
CA ASP B 270 -32.56 -8.68 -16.84
C ASP B 270 -31.35 -8.15 -16.06
N ASP B 271 -31.60 -7.40 -14.99
CA ASP B 271 -30.54 -6.92 -14.11
C ASP B 271 -29.92 -8.06 -13.33
N LEU B 272 -30.74 -9.06 -13.01
CA LEU B 272 -30.31 -10.23 -12.25
C LEU B 272 -29.36 -11.08 -13.09
N ASP B 273 -29.75 -11.29 -14.35
CA ASP B 273 -28.94 -12.01 -15.33
C ASP B 273 -27.54 -11.40 -15.44
N ASP B 274 -27.49 -10.07 -15.52
CA ASP B 274 -26.23 -9.32 -15.54
C ASP B 274 -25.47 -9.48 -14.22
N PHE B 275 -26.20 -9.47 -13.12
CA PHE B 275 -25.61 -9.62 -11.79
C PHE B 275 -24.92 -10.97 -11.67
N ILE B 276 -25.64 -12.04 -12.04
CA ILE B 276 -25.12 -13.39 -11.99
C ILE B 276 -23.86 -13.51 -12.84
N ARG B 277 -23.96 -13.08 -14.09
CA ARG B 277 -22.85 -13.12 -15.05
C ARG B 277 -21.59 -12.42 -14.53
N SER B 278 -21.77 -11.24 -13.94
CA SER B 278 -20.68 -10.50 -13.31
C SER B 278 -19.96 -11.34 -12.26
N VAL B 279 -20.72 -11.97 -11.38
CA VAL B 279 -20.12 -12.79 -10.34
C VAL B 279 -19.43 -14.03 -10.96
N ILE B 280 -19.96 -14.54 -12.07
CA ILE B 280 -19.31 -15.65 -12.76
C ILE B 280 -17.99 -15.19 -13.39
N ALA B 281 -18.04 -14.05 -14.07
CA ALA B 281 -16.84 -13.43 -14.63
C ALA B 281 -15.76 -13.24 -13.57
N THR B 282 -16.16 -12.82 -12.37
CA THR B 282 -15.23 -12.58 -11.27
C THR B 282 -14.55 -13.87 -10.83
N CYS B 283 -15.35 -14.89 -10.52
CA CYS B 283 -14.84 -16.21 -10.16
C CYS B 283 -13.91 -16.77 -11.24
N ASP B 284 -14.31 -16.65 -12.51
CA ASP B 284 -13.50 -17.12 -13.61
C ASP B 284 -12.18 -16.34 -13.72
N TYR B 285 -12.19 -15.09 -13.26
CA TYR B 285 -11.00 -14.25 -13.25
C TYR B 285 -10.02 -14.70 -12.18
N ILE B 286 -10.50 -14.85 -10.95
CA ILE B 286 -9.64 -15.30 -9.86
C ILE B 286 -9.10 -16.70 -10.14
N LYS B 287 -9.94 -17.58 -10.70
CA LYS B 287 -9.52 -18.92 -11.09
C LYS B 287 -8.27 -18.87 -11.95
N ALA B 288 -8.31 -18.04 -12.98
CA ALA B 288 -7.16 -17.84 -13.86
C ALA B 288 -5.93 -17.34 -13.11
N LYS B 289 -6.15 -16.43 -12.16
CA LYS B 289 -5.10 -15.91 -11.30
C LYS B 289 -4.49 -17.03 -10.48
N LYS B 290 -5.33 -17.80 -9.81
CA LYS B 290 -4.90 -18.90 -8.94
C LYS B 290 -4.40 -20.13 -9.69
N ARG B 291 -4.64 -20.18 -11.00
CA ARG B 291 -4.36 -21.38 -11.85
C ARG B 291 -5.00 -22.66 -11.32
N SER B 292 -6.24 -22.52 -10.82
CA SER B 292 -6.96 -23.60 -10.21
C SER B 292 -7.76 -24.37 -11.25
N LYS B 293 -7.95 -25.68 -11.01
CA LYS B 293 -8.79 -26.50 -11.87
C LYS B 293 -10.26 -26.44 -11.41
N LYS B 294 -10.48 -25.88 -10.23
CA LYS B 294 -11.82 -25.78 -9.64
C LYS B 294 -12.57 -24.49 -10.00
N ASP B 295 -13.87 -24.64 -10.26
CA ASP B 295 -14.79 -23.52 -10.34
C ASP B 295 -15.46 -23.33 -8.98
N ILE B 296 -15.39 -22.11 -8.48
CA ILE B 296 -16.23 -21.67 -7.38
C ILE B 296 -17.64 -21.64 -7.97
N TYR B 297 -18.63 -22.06 -7.19
CA TYR B 297 -20.01 -22.04 -7.62
C TYR B 297 -20.76 -20.97 -6.85
N LEU B 298 -21.96 -20.65 -7.30
CA LEU B 298 -22.72 -19.53 -6.75
C LEU B 298 -23.83 -19.98 -5.81
N SER B 299 -23.84 -19.41 -4.61
CA SER B 299 -24.89 -19.64 -3.64
C SER B 299 -25.71 -18.36 -3.53
N PHE B 300 -26.85 -18.33 -4.21
CA PHE B 300 -27.66 -17.12 -4.21
C PHE B 300 -28.52 -17.06 -2.95
N ASP B 301 -27.86 -16.99 -1.80
CA ASP B 301 -28.53 -17.26 -0.52
C ASP B 301 -29.49 -16.19 -0.02
N GLU B 302 -29.88 -15.28 -0.92
CA GLU B 302 -30.86 -14.24 -0.61
C GLU B 302 -31.39 -13.59 -1.88
N TRP B 303 -32.62 -13.94 -2.24
CA TRP B 303 -33.32 -13.33 -3.36
C TRP B 303 -34.80 -13.29 -3.09
N ASN B 304 -35.44 -12.18 -3.45
CA ASN B 304 -36.89 -12.02 -3.35
C ASN B 304 -37.35 -10.65 -3.81
N VAL B 305 -38.66 -10.47 -3.87
CA VAL B 305 -39.26 -9.14 -3.95
C VAL B 305 -39.40 -8.70 -2.50
N TRP B 306 -39.05 -7.44 -2.23
CA TRP B 306 -39.18 -6.86 -0.91
C TRP B 306 -39.21 -5.34 -0.99
N TYR B 307 -40.38 -4.75 -0.70
CA TYR B 307 -40.54 -3.29 -0.65
C TYR B 307 -41.78 -2.78 0.11
N HIS B 308 -42.83 -3.60 0.15
CA HIS B 308 -44.14 -3.18 0.68
C HIS B 308 -44.13 -2.68 2.12
N SER B 309 -43.50 -3.45 3.01
CA SER B 309 -43.54 -3.16 4.44
C SER B 309 -42.51 -2.14 4.92
N ASN B 310 -41.77 -1.55 3.97
CA ASN B 310 -40.71 -0.58 4.29
C ASN B 310 -41.17 0.56 5.20
N ASN B 311 -42.25 1.23 4.82
CA ASN B 311 -42.77 2.33 5.63
C ASN B 311 -43.42 1.89 6.94
N GLU B 312 -43.95 0.68 6.99
CA GLU B 312 -44.55 0.16 8.23
C GLU B 312 -43.47 -0.26 9.22
N ASP B 313 -42.34 -0.74 8.70
CA ASP B 313 -41.16 -1.05 9.52
C ASP B 313 -40.57 0.22 10.11
N ALA B 314 -40.95 1.36 9.52
CA ALA B 314 -40.24 2.64 9.70
C ALA B 314 -39.86 3.11 11.11
N ASN B 315 -40.72 3.80 11.86
CA ASN B 315 -42.09 3.42 12.17
C ASN B 315 -42.36 2.54 13.38
N ILE B 316 -41.81 1.35 13.37
CA ILE B 316 -41.52 0.60 14.60
C ILE B 316 -40.08 1.04 14.96
N MET B 317 -39.84 2.35 14.81
CA MET B 317 -38.49 2.97 14.79
C MET B 317 -37.83 2.99 16.17
N GLN B 318 -37.55 4.20 16.64
CA GLN B 318 -37.46 4.52 18.05
C GLN B 318 -38.90 4.76 18.48
N ASN B 319 -39.78 3.92 17.96
CA ASN B 319 -41.18 3.91 18.36
C ASN B 319 -41.37 2.96 19.55
N GLU B 320 -40.62 1.86 19.57
CA GLU B 320 -40.60 0.97 20.74
C GLU B 320 -39.30 1.11 21.58
N PRO B 321 -38.24 0.32 21.30
CA PRO B 321 -38.12 -0.94 20.59
C PRO B 321 -37.95 -2.09 21.60
N TRP B 322 -36.93 -2.93 21.41
CA TRP B 322 -36.64 -4.09 22.26
C TRP B 322 -37.85 -4.97 22.56
N ARG B 323 -38.50 -5.40 21.50
CA ARG B 323 -39.69 -6.23 21.60
C ARG B 323 -39.30 -7.69 21.40
N ILE B 324 -40.15 -8.59 21.83
CA ILE B 324 -40.03 -9.98 21.40
C ILE B 324 -40.91 -10.12 20.16
N ALA B 325 -40.31 -10.64 19.09
CA ALA B 325 -41.02 -10.95 17.84
C ALA B 325 -41.95 -9.85 17.30
N PRO B 326 -41.41 -8.68 16.96
CA PRO B 326 -42.25 -7.65 16.37
C PRO B 326 -42.61 -7.97 14.92
N PRO B 327 -43.75 -7.46 14.42
CA PRO B 327 -44.13 -7.64 13.01
C PRO B 327 -43.24 -6.89 12.00
N LEU B 328 -42.03 -7.39 11.78
CA LEU B 328 -41.10 -6.78 10.83
C LEU B 328 -41.13 -7.46 9.44
N LEU B 329 -40.74 -6.70 8.42
CA LEU B 329 -40.55 -7.19 7.04
C LEU B 329 -41.72 -7.99 6.47
N GLU B 330 -42.93 -7.58 6.83
CA GLU B 330 -44.13 -8.34 6.47
C GLU B 330 -44.80 -7.80 5.20
N ASP B 331 -44.10 -7.91 4.09
CA ASP B 331 -44.68 -7.61 2.78
C ASP B 331 -45.87 -8.53 2.54
N ILE B 332 -46.95 -7.96 2.01
CA ILE B 332 -48.08 -8.75 1.54
C ILE B 332 -48.05 -8.65 0.02
N TYR B 333 -47.73 -9.76 -0.63
CA TYR B 333 -47.35 -9.75 -2.04
C TYR B 333 -48.51 -9.70 -3.00
N THR B 334 -48.27 -9.05 -4.14
CA THR B 334 -49.26 -8.86 -5.19
C THR B 334 -49.07 -9.90 -6.30
N PHE B 335 -49.94 -9.88 -7.30
CA PHE B 335 -49.79 -10.76 -8.45
C PHE B 335 -48.56 -10.39 -9.27
N GLU B 336 -48.36 -9.10 -9.50
CA GLU B 336 -47.20 -8.62 -10.25
C GLU B 336 -45.88 -9.05 -9.60
N ASP B 337 -45.87 -9.17 -8.28
CA ASP B 337 -44.68 -9.65 -7.57
C ASP B 337 -44.45 -11.12 -7.93
N ALA B 338 -45.54 -11.87 -8.08
CA ALA B 338 -45.47 -13.30 -8.33
C ALA B 338 -44.82 -13.56 -9.69
N LEU B 339 -45.13 -12.71 -10.66
CA LEU B 339 -44.56 -12.80 -12.00
C LEU B 339 -43.05 -12.59 -11.97
N LEU B 340 -42.59 -11.63 -11.18
CA LEU B 340 -41.16 -11.37 -11.08
C LEU B 340 -40.44 -12.52 -10.39
N VAL B 341 -40.99 -12.97 -9.25
CA VAL B 341 -40.48 -14.16 -8.56
C VAL B 341 -40.36 -15.30 -9.57
N GLY B 342 -41.37 -15.45 -10.41
CA GLY B 342 -41.31 -16.41 -11.50
C GLY B 342 -40.13 -16.13 -12.41
N LEU B 343 -40.08 -14.90 -12.92
CA LEU B 343 -39.00 -14.48 -13.82
C LEU B 343 -37.62 -14.71 -13.19
N MET B 344 -37.52 -14.43 -11.89
CA MET B 344 -36.28 -14.63 -11.14
C MET B 344 -35.88 -16.10 -11.12
N LEU B 345 -36.86 -16.97 -10.89
CA LEU B 345 -36.62 -18.41 -10.87
C LEU B 345 -36.14 -18.90 -12.23
N ILE B 346 -36.78 -18.41 -13.29
CA ILE B 346 -36.37 -18.71 -14.67
C ILE B 346 -34.92 -18.29 -14.91
N THR B 347 -34.54 -17.12 -14.37
CA THR B 347 -33.18 -16.62 -14.49
C THR B 347 -32.20 -17.52 -13.75
N LEU B 348 -32.54 -17.89 -12.52
CA LEU B 348 -31.71 -18.80 -11.74
C LEU B 348 -31.44 -20.07 -12.53
N MET B 349 -32.51 -20.66 -13.08
CA MET B 349 -32.43 -21.90 -13.84
C MET B 349 -31.53 -21.79 -15.07
N LYS B 350 -31.54 -20.61 -15.72
CA LYS B 350 -30.68 -20.36 -16.88
C LYS B 350 -29.20 -20.51 -16.55
N HIS B 351 -28.84 -20.26 -15.29
CA HIS B 351 -27.46 -20.33 -14.82
C HIS B 351 -27.29 -21.43 -13.78
N ALA B 352 -27.93 -22.57 -14.02
CA ALA B 352 -27.90 -23.66 -13.04
C ALA B 352 -26.59 -24.44 -13.05
N ASP B 353 -25.73 -24.16 -14.02
CA ASP B 353 -24.41 -24.79 -14.11
C ASP B 353 -23.39 -24.12 -13.18
N ARG B 354 -23.71 -22.90 -12.74
CA ARG B 354 -22.86 -22.20 -11.77
C ARG B 354 -23.58 -21.91 -10.44
N ILE B 355 -24.87 -21.61 -10.49
CA ILE B 355 -25.68 -21.47 -9.28
C ILE B 355 -26.16 -22.83 -8.79
N LYS B 356 -25.67 -23.27 -7.63
CA LYS B 356 -25.98 -24.60 -7.11
C LYS B 356 -26.78 -24.55 -5.79
N ILE B 357 -26.83 -23.38 -5.16
CA ILE B 357 -27.66 -23.15 -3.97
C ILE B 357 -28.34 -21.77 -4.01
N ALA B 358 -29.63 -21.75 -3.70
CA ALA B 358 -30.25 -20.83 -2.75
C ALA B 358 -31.58 -21.40 -2.23
N CYS B 359 -32.57 -20.53 -1.99
CA CYS B 359 -32.39 -19.41 -1.05
C CYS B 359 -33.27 -18.18 -1.17
N LEU B 360 -34.57 -18.47 -1.33
CA LEU B 360 -35.60 -17.45 -1.28
C LEU B 360 -35.65 -16.85 0.12
N ALA B 361 -35.47 -15.54 0.20
CA ALA B 361 -35.50 -14.84 1.48
C ALA B 361 -36.83 -14.11 1.67
N GLN B 362 -37.62 -14.50 2.67
CA GLN B 362 -37.34 -15.63 3.55
C GLN B 362 -38.53 -16.61 3.54
N LEU B 363 -38.48 -17.63 4.40
CA LEU B 363 -39.45 -18.73 4.35
C LEU B 363 -40.78 -18.47 5.06
N ILE B 364 -40.74 -17.96 6.30
CA ILE B 364 -41.94 -17.83 7.12
C ILE B 364 -42.13 -16.41 7.65
N ASN B 365 -43.29 -15.83 7.34
CA ASN B 365 -43.68 -14.47 7.77
C ASN B 365 -42.81 -13.31 7.25
N VAL B 366 -41.51 -13.36 7.52
CA VAL B 366 -40.55 -12.35 7.06
C VAL B 366 -40.33 -12.48 5.54
N ILE B 367 -40.77 -11.46 4.80
CA ILE B 367 -40.81 -11.46 3.33
C ILE B 367 -40.96 -12.86 2.72
N ALA B 368 -42.12 -13.48 2.95
CA ALA B 368 -42.26 -14.94 2.81
C ALA B 368 -43.45 -15.42 1.97
N PRO B 369 -43.35 -16.62 1.37
CA PRO B 369 -44.49 -17.23 0.68
C PRO B 369 -45.53 -17.81 1.64
N ILE B 370 -45.13 -18.00 2.90
CA ILE B 370 -45.98 -18.54 3.94
C ILE B 370 -46.14 -17.52 5.05
N VAL B 371 -47.37 -17.29 5.47
CA VAL B 371 -47.69 -16.31 6.51
C VAL B 371 -48.65 -16.91 7.54
N THR B 372 -48.30 -16.79 8.82
CA THR B 372 -49.28 -16.99 9.90
C THR B 372 -49.75 -15.61 10.34
N GLU B 373 -51.01 -15.53 10.78
CA GLU B 373 -51.66 -14.23 10.90
C GLU B 373 -51.06 -13.30 11.95
N ARG B 374 -51.26 -13.58 13.23
CA ARG B 374 -50.75 -12.73 14.31
C ARG B 374 -51.22 -13.21 15.66
N ASN B 375 -50.33 -13.89 16.38
CA ASN B 375 -50.60 -14.47 17.71
C ASN B 375 -52.02 -15.04 17.93
N GLY B 376 -52.51 -15.93 17.06
CA GLY B 376 -51.81 -16.51 15.92
C GLY B 376 -52.46 -17.86 15.61
N GLY B 377 -53.27 -17.95 14.56
CA GLY B 377 -53.59 -16.84 13.66
C GLY B 377 -54.78 -17.17 12.72
N ALA B 378 -54.52 -17.81 11.57
CA ALA B 378 -53.18 -18.10 11.07
C ALA B 378 -53.19 -18.85 9.74
N ALA B 379 -52.07 -18.76 9.02
CA ALA B 379 -51.64 -19.71 7.97
C ALA B 379 -52.33 -19.61 6.61
N TRP B 380 -51.60 -19.07 5.63
CA TRP B 380 -52.06 -19.01 4.24
C TRP B 380 -50.90 -18.81 3.27
N ARG B 381 -51.20 -18.94 1.98
CA ARG B 381 -50.20 -18.85 0.92
C ARG B 381 -50.20 -17.48 0.25
N GLN B 382 -49.05 -16.83 0.25
CA GLN B 382 -48.86 -15.57 -0.46
C GLN B 382 -48.85 -15.87 -1.95
N THR B 383 -49.07 -14.86 -2.78
CA THR B 383 -49.06 -15.05 -4.24
C THR B 383 -47.76 -15.70 -4.72
N ILE B 384 -46.64 -15.30 -4.15
CA ILE B 384 -45.31 -15.76 -4.58
C ILE B 384 -45.03 -17.23 -4.26
N PHE B 385 -45.87 -17.82 -3.42
CA PHE B 385 -45.77 -19.23 -3.06
C PHE B 385 -45.75 -20.12 -4.30
N TYR B 386 -46.71 -19.89 -5.20
CA TYR B 386 -46.95 -20.80 -6.31
C TYR B 386 -45.85 -20.88 -7.38
N PRO B 387 -45.34 -19.73 -7.86
CA PRO B 387 -44.29 -19.84 -8.87
C PRO B 387 -43.14 -20.67 -8.34
N PHE B 388 -42.87 -20.54 -7.04
CA PHE B 388 -41.82 -21.32 -6.40
C PHE B 388 -42.12 -22.83 -6.41
N MET B 389 -43.34 -23.22 -6.01
CA MET B 389 -43.66 -24.64 -5.89
C MET B 389 -43.61 -25.34 -7.24
N HIS B 390 -43.96 -24.59 -8.28
CA HIS B 390 -43.96 -25.08 -9.66
C HIS B 390 -42.54 -25.37 -10.12
N ALA B 391 -41.65 -24.41 -9.86
CA ALA B 391 -40.24 -24.58 -10.19
C ALA B 391 -39.63 -25.73 -9.40
N SER B 392 -39.96 -25.80 -8.10
CA SER B 392 -39.41 -26.80 -7.20
C SER B 392 -39.90 -28.24 -7.47
N LYS B 393 -41.07 -28.37 -8.09
CA LYS B 393 -41.63 -29.69 -8.39
C LYS B 393 -41.34 -30.16 -9.80
N TYR B 394 -41.62 -29.30 -10.78
CA TYR B 394 -41.49 -29.66 -12.19
C TYR B 394 -40.13 -29.32 -12.80
N GLY B 395 -39.28 -28.63 -12.04
CA GLY B 395 -37.96 -28.23 -12.51
C GLY B 395 -36.82 -29.02 -11.90
N ARG B 396 -36.82 -30.33 -12.14
CA ARG B 396 -35.75 -31.21 -11.67
C ARG B 396 -35.15 -31.94 -12.86
N GLY B 397 -33.82 -31.97 -12.93
CA GLY B 397 -33.12 -32.71 -13.98
C GLY B 397 -32.14 -31.85 -14.78
N ILE B 398 -32.45 -31.65 -16.05
CA ILE B 398 -31.51 -31.03 -16.99
C ILE B 398 -32.07 -29.74 -17.63
N VAL B 399 -31.27 -28.67 -17.59
CA VAL B 399 -31.64 -27.39 -18.20
C VAL B 399 -31.18 -27.32 -19.65
N LEU B 400 -32.11 -26.98 -20.55
CA LEU B 400 -31.83 -26.87 -21.97
C LEU B 400 -31.62 -25.41 -22.38
N GLN B 401 -30.72 -25.19 -23.32
CA GLN B 401 -30.36 -23.83 -23.74
C GLN B 401 -31.55 -23.19 -24.46
N PRO B 402 -32.03 -22.05 -23.93
CA PRO B 402 -33.23 -21.43 -24.47
C PRO B 402 -32.91 -20.62 -25.72
N VAL B 403 -33.15 -21.21 -26.89
CA VAL B 403 -32.95 -20.52 -28.15
C VAL B 403 -34.25 -19.79 -28.48
N ILE B 404 -34.35 -18.53 -28.03
CA ILE B 404 -35.58 -17.76 -28.11
C ILE B 404 -35.56 -16.66 -29.18
N ASN B 405 -36.60 -16.63 -30.00
CA ASN B 405 -36.86 -15.49 -30.87
C ASN B 405 -38.15 -14.80 -30.40
N SER B 406 -38.01 -13.97 -29.37
CA SER B 406 -39.14 -13.26 -28.77
C SER B 406 -39.20 -11.80 -29.21
N PRO B 407 -40.42 -11.28 -29.46
CA PRO B 407 -40.58 -9.83 -29.70
C PRO B 407 -39.94 -9.01 -28.58
N LEU B 408 -39.51 -7.80 -28.91
CA LEU B 408 -38.85 -6.93 -27.96
C LEU B 408 -39.72 -5.73 -27.61
N HIS B 409 -39.56 -5.24 -26.39
CA HIS B 409 -40.21 -4.01 -25.94
C HIS B 409 -39.28 -3.24 -25.01
N ASP B 410 -39.46 -1.92 -24.94
CA ASP B 410 -38.68 -1.09 -24.02
C ASP B 410 -39.56 -0.61 -22.86
N THR B 411 -38.94 -0.39 -21.70
CA THR B 411 -39.62 0.20 -20.55
C THR B 411 -38.97 1.55 -20.22
N SER B 412 -39.30 2.12 -19.07
CA SER B 412 -38.79 3.43 -18.69
C SER B 412 -37.30 3.45 -18.35
N LYS B 413 -36.77 2.32 -17.88
CA LYS B 413 -35.37 2.24 -17.47
C LYS B 413 -34.64 1.02 -18.04
N HIS B 414 -35.33 0.27 -18.90
CA HIS B 414 -34.75 -0.89 -19.57
C HIS B 414 -35.19 -0.89 -21.01
N GLU B 415 -34.23 -1.06 -21.92
CA GLU B 415 -34.55 -1.20 -23.34
C GLU B 415 -34.32 -2.64 -23.81
N ASP B 416 -34.92 -2.97 -24.96
CA ASP B 416 -34.84 -4.31 -25.57
C ASP B 416 -35.11 -5.42 -24.56
N VAL B 417 -36.21 -5.28 -23.83
CA VAL B 417 -36.63 -6.30 -22.89
C VAL B 417 -37.38 -7.37 -23.67
N THR B 418 -36.91 -8.61 -23.55
CA THR B 418 -37.59 -9.73 -24.19
C THR B 418 -39.00 -9.82 -23.63
N ASP B 419 -39.98 -9.93 -24.53
CA ASP B 419 -41.38 -10.08 -24.12
C ASP B 419 -41.53 -11.42 -23.41
N ILE B 420 -41.18 -12.51 -24.07
CA ILE B 420 -41.27 -13.83 -23.43
C ILE B 420 -39.93 -14.23 -22.83
N GLU B 421 -39.99 -14.88 -21.67
CA GLU B 421 -38.83 -15.38 -20.97
C GLU B 421 -39.10 -16.82 -20.59
N SER B 422 -38.20 -17.73 -20.98
CA SER B 422 -38.51 -19.14 -20.97
C SER B 422 -37.28 -20.02 -20.77
N VAL B 423 -37.47 -21.18 -20.12
CA VAL B 423 -36.47 -22.26 -20.11
C VAL B 423 -37.16 -23.62 -20.07
N ALA B 424 -36.45 -24.64 -20.56
CA ALA B 424 -36.96 -26.01 -20.56
C ALA B 424 -36.15 -26.94 -19.64
N ILE B 425 -36.85 -27.80 -18.90
CA ILE B 425 -36.20 -28.80 -18.05
C ILE B 425 -36.55 -30.22 -18.45
N TYR B 426 -35.53 -30.98 -18.85
CA TYR B 426 -35.69 -32.38 -19.24
C TYR B 426 -35.31 -33.34 -18.11
N ASN B 427 -36.31 -34.02 -17.58
CA ASN B 427 -36.13 -35.03 -16.56
C ASN B 427 -36.14 -36.41 -17.23
N GLU B 428 -34.95 -36.98 -17.43
CA GLU B 428 -34.82 -38.26 -18.16
C GLU B 428 -35.42 -39.44 -17.40
N GLU B 429 -35.31 -39.40 -16.07
CA GLU B 429 -35.96 -40.36 -15.19
C GLU B 429 -37.47 -40.42 -15.47
N LYS B 430 -38.11 -39.26 -15.49
CA LYS B 430 -39.57 -39.16 -15.61
C LYS B 430 -40.09 -39.22 -17.06
N GLU B 431 -39.22 -38.92 -18.02
CA GLU B 431 -39.58 -38.84 -19.44
C GLU B 431 -40.49 -37.65 -19.70
N GLU B 432 -40.09 -36.49 -19.17
CA GLU B 432 -40.89 -35.28 -19.27
C GLU B 432 -40.05 -34.07 -19.64
N VAL B 433 -40.70 -33.07 -20.22
CA VAL B 433 -40.10 -31.76 -20.44
C VAL B 433 -41.06 -30.68 -19.93
N THR B 434 -40.54 -29.80 -19.09
CA THR B 434 -41.30 -28.68 -18.54
C THR B 434 -40.83 -27.35 -19.15
N ILE B 435 -41.78 -26.55 -19.64
CA ILE B 435 -41.47 -25.22 -20.17
C ILE B 435 -42.06 -24.15 -19.25
N PHE B 436 -41.19 -23.31 -18.70
CA PHE B 436 -41.59 -22.21 -17.86
C PHE B 436 -41.60 -20.95 -18.71
N ALA B 437 -42.73 -20.24 -18.70
CA ALA B 437 -42.88 -19.09 -19.57
C ALA B 437 -43.59 -17.91 -18.89
N VAL B 438 -43.13 -16.70 -19.19
CA VAL B 438 -43.68 -15.47 -18.63
C VAL B 438 -43.95 -14.38 -19.70
N ASN B 439 -45.12 -13.77 -19.59
CA ASN B 439 -45.45 -12.49 -20.22
C ASN B 439 -45.70 -11.47 -19.10
N ARG B 440 -45.26 -10.21 -19.19
CA ARG B 440 -44.28 -9.65 -20.13
C ARG B 440 -44.67 -9.68 -21.63
N ASN B 441 -45.47 -8.75 -22.15
CA ASN B 441 -46.27 -7.79 -21.40
C ASN B 441 -47.60 -8.51 -21.14
N ILE B 442 -48.40 -8.00 -20.21
CA ILE B 442 -48.29 -6.62 -19.77
C ILE B 442 -48.90 -5.67 -20.79
N HIS B 443 -49.89 -6.17 -21.52
CA HIS B 443 -50.63 -5.39 -22.52
C HIS B 443 -51.12 -6.31 -23.65
N GLU B 444 -50.26 -7.23 -24.06
CA GLU B 444 -50.52 -8.10 -25.21
C GLU B 444 -50.36 -9.58 -24.86
N ASP B 445 -51.25 -10.40 -25.43
CA ASP B 445 -51.16 -11.85 -25.32
C ASP B 445 -50.36 -12.38 -26.50
N ILE B 446 -49.22 -13.01 -26.23
CA ILE B 446 -48.38 -13.52 -27.33
C ILE B 446 -48.39 -15.05 -27.42
N VAL B 447 -48.18 -15.56 -28.63
CA VAL B 447 -48.23 -16.99 -28.90
C VAL B 447 -46.84 -17.58 -29.15
N LEU B 448 -46.37 -18.38 -28.19
CA LEU B 448 -45.08 -19.06 -28.27
C LEU B 448 -45.21 -20.40 -29.00
N VAL B 449 -44.55 -20.49 -30.16
CA VAL B 449 -44.45 -21.76 -30.89
C VAL B 449 -43.13 -22.47 -30.54
N SER B 450 -43.26 -23.58 -29.81
CA SER B 450 -42.11 -24.33 -29.31
C SER B 450 -41.74 -25.43 -30.29
N ASP B 451 -40.51 -25.39 -30.80
CA ASP B 451 -40.00 -26.43 -31.67
C ASP B 451 -39.19 -27.42 -30.84
N VAL B 452 -39.88 -28.37 -30.21
CA VAL B 452 -39.21 -29.44 -29.45
C VAL B 452 -38.80 -30.54 -30.42
N ARG B 453 -37.51 -30.90 -30.37
CA ARG B 453 -36.86 -31.68 -31.44
C ARG B 453 -37.42 -33.08 -31.65
N GLY B 454 -37.54 -33.85 -30.56
CA GLY B 454 -38.04 -35.22 -30.64
C GLY B 454 -37.04 -36.18 -30.02
N MET B 455 -37.27 -36.66 -28.80
CA MET B 455 -38.56 -36.58 -28.09
C MET B 455 -39.69 -37.37 -28.79
N LYS B 456 -39.33 -38.54 -29.32
CA LYS B 456 -40.30 -39.56 -29.71
C LYS B 456 -40.77 -40.23 -28.41
N ASP B 457 -42.07 -40.50 -28.27
CA ASP B 457 -43.11 -40.07 -29.18
C ASP B 457 -44.06 -39.21 -28.34
N TYR B 458 -43.49 -38.14 -27.79
CA TYR B 458 -44.09 -37.36 -26.69
C TYR B 458 -45.51 -36.81 -26.93
N ARG B 459 -46.17 -36.41 -25.83
CA ARG B 459 -47.56 -35.94 -25.84
C ARG B 459 -47.74 -34.89 -24.74
N LEU B 460 -48.67 -33.95 -24.94
CA LEU B 460 -48.90 -32.86 -23.98
C LEU B 460 -49.62 -33.31 -22.71
N LEU B 461 -48.97 -33.13 -21.56
CA LEU B 461 -49.53 -33.53 -20.28
C LEU B 461 -50.54 -32.52 -19.72
N GLU B 462 -50.09 -31.28 -19.51
CA GLU B 462 -50.96 -30.21 -19.05
C GLU B 462 -50.33 -28.83 -19.18
N HIS B 463 -51.17 -27.81 -19.08
CA HIS B 463 -50.74 -26.41 -19.11
C HIS B 463 -51.25 -25.76 -17.83
N ILE B 464 -50.33 -25.53 -16.88
CA ILE B 464 -50.69 -24.86 -15.63
C ILE B 464 -50.43 -23.36 -15.79
N VAL B 465 -51.39 -22.55 -15.35
CA VAL B 465 -51.27 -21.11 -15.55
C VAL B 465 -51.46 -20.35 -14.24
N LEU B 466 -50.88 -19.15 -14.17
CA LEU B 466 -51.09 -18.25 -13.05
C LEU B 466 -51.39 -16.84 -13.57
N GLU B 467 -52.68 -16.54 -13.69
CA GLU B 467 -53.13 -15.29 -14.29
C GLU B 467 -54.02 -14.53 -13.37
N HIS B 468 -53.95 -13.20 -13.42
CA HIS B 468 -54.94 -12.35 -12.79
C HIS B 468 -55.23 -11.06 -13.55
N GLN B 469 -56.50 -10.67 -13.48
CA GLN B 469 -57.01 -9.44 -14.07
C GLN B 469 -56.39 -8.18 -13.45
N ASP B 470 -56.01 -8.28 -12.17
CA ASP B 470 -55.52 -7.15 -11.40
C ASP B 470 -54.11 -7.39 -10.86
N LEU B 471 -53.15 -6.64 -11.39
CA LEU B 471 -51.74 -6.80 -11.04
C LEU B 471 -51.40 -6.46 -9.59
N LYS B 472 -52.28 -5.72 -8.93
CA LYS B 472 -52.06 -5.31 -7.54
C LYS B 472 -52.84 -6.16 -6.54
N ILE B 473 -53.50 -7.21 -7.04
CA ILE B 473 -54.34 -8.07 -6.20
C ILE B 473 -53.46 -8.92 -5.27
N ARG B 474 -53.91 -9.05 -4.03
CA ARG B 474 -53.13 -9.74 -3.00
C ARG B 474 -53.90 -10.91 -2.45
N ASN B 475 -53.19 -11.86 -1.84
CA ASN B 475 -53.83 -12.91 -1.08
C ASN B 475 -54.00 -12.48 0.36
N SER B 476 -54.86 -13.19 1.08
CA SER B 476 -55.10 -12.93 2.50
C SER B 476 -55.51 -14.22 3.20
N VAL B 477 -55.64 -14.15 4.52
CA VAL B 477 -56.08 -15.30 5.31
C VAL B 477 -57.45 -15.81 4.86
N ASN B 478 -58.24 -14.92 4.24
CA ASN B 478 -59.59 -15.25 3.76
C ASN B 478 -59.65 -15.73 2.31
N GLY B 479 -58.51 -16.18 1.78
CA GLY B 479 -58.33 -16.39 0.33
C GLY B 479 -57.44 -15.26 -0.15
N GLU B 480 -56.46 -15.50 -1.03
CA GLU B 480 -56.30 -16.65 -1.94
C GLU B 480 -57.01 -16.31 -3.25
N GLU B 481 -56.40 -15.36 -3.96
CA GLU B 481 -56.93 -14.77 -5.18
C GLU B 481 -56.03 -15.14 -6.35
N VAL B 482 -54.80 -15.49 -6.03
CA VAL B 482 -53.83 -15.95 -7.03
C VAL B 482 -53.53 -17.40 -6.72
N TYR B 483 -54.06 -18.28 -7.56
CA TYR B 483 -53.85 -19.71 -7.42
C TYR B 483 -53.68 -20.35 -8.81
N PRO B 484 -52.93 -21.46 -8.90
CA PRO B 484 -52.74 -22.08 -10.20
C PRO B 484 -54.02 -22.67 -10.76
N LYS B 485 -54.32 -22.34 -12.02
CA LYS B 485 -55.43 -22.92 -12.76
C LYS B 485 -54.88 -23.81 -13.87
N ASN B 486 -55.73 -24.68 -14.41
CA ASN B 486 -55.31 -25.67 -15.41
C ASN B 486 -55.91 -25.33 -16.77
N SER B 487 -55.39 -24.28 -17.40
CA SER B 487 -56.03 -23.67 -18.58
C SER B 487 -55.26 -23.84 -19.89
N ASP B 488 -55.99 -23.80 -21.02
CA ASP B 488 -55.40 -24.11 -22.33
C ASP B 488 -56.27 -23.72 -23.55
N LYS B 489 -55.70 -23.20 -24.64
CA LYS B 489 -54.30 -22.72 -24.77
C LYS B 489 -53.18 -23.79 -24.84
N SER B 490 -52.85 -24.24 -26.06
CA SER B 490 -51.85 -25.31 -26.27
C SER B 490 -52.49 -26.69 -26.09
N SER B 491 -52.49 -27.59 -27.10
CA SER B 491 -52.00 -27.41 -28.49
C SER B 491 -50.54 -27.86 -28.75
N PHE B 492 -50.37 -29.17 -28.89
CA PHE B 492 -49.09 -29.79 -29.23
C PHE B 492 -49.30 -30.94 -30.21
N ASP B 493 -48.71 -30.83 -31.40
CA ASP B 493 -48.78 -31.90 -32.41
C ASP B 493 -47.59 -31.93 -33.37
N ASP B 494 -47.27 -33.13 -33.85
CA ASP B 494 -46.18 -33.36 -34.80
C ASP B 494 -44.81 -32.99 -34.22
N GLY B 495 -44.80 -32.56 -32.97
CA GLY B 495 -43.58 -32.06 -32.32
C GLY B 495 -43.56 -30.55 -32.24
N ILE B 496 -44.67 -29.93 -32.65
CA ILE B 496 -44.81 -28.47 -32.65
C ILE B 496 -45.82 -28.04 -31.59
N LEU B 497 -45.35 -27.32 -30.57
CA LEU B 497 -46.22 -26.84 -29.49
C LEU B 497 -46.59 -25.37 -29.66
N THR B 498 -47.81 -25.13 -30.14
C THR B 498 -49.27 -22.86 -28.19
N SER B 499 -50.01 -22.36 -27.20
CA SER B 499 -49.48 -21.38 -26.24
C SER B 499 -49.14 -20.09 -26.97
N MET B 500 -50.00 -19.06 -27.00
CA MET B 500 -51.24 -18.87 -26.22
C MET B 500 -50.98 -18.64 -24.74
N LEU B 501 -50.79 -17.38 -24.38
CA LEU B 501 -50.26 -17.00 -23.08
C LEU B 501 -51.30 -16.92 -21.98
N ARG B 502 -51.49 -15.74 -21.42
CA ARG B 502 -51.72 -14.53 -22.19
C ARG B 502 -50.77 -13.41 -21.77
N ARG B 503 -51.28 -12.19 -21.66
CA ARG B 503 -50.55 -11.06 -21.08
C ARG B 503 -50.36 -11.26 -19.58
N ALA B 504 -49.24 -10.79 -19.04
CA ALA B 504 -48.94 -10.84 -17.61
C ALA B 504 -49.27 -12.20 -16.98
N SER B 505 -48.53 -13.22 -17.40
CA SER B 505 -48.86 -14.59 -17.05
C SER B 505 -47.67 -15.51 -16.79
N TRP B 506 -47.79 -16.30 -15.73
CA TRP B 506 -46.85 -17.37 -15.43
C TRP B 506 -47.39 -18.66 -16.03
N ASN B 507 -46.53 -19.38 -16.74
CA ASN B 507 -46.94 -20.57 -17.47
C ASN B 507 -46.04 -21.75 -17.22
N VAL B 508 -46.65 -22.89 -16.88
CA VAL B 508 -45.94 -24.16 -16.78
C VAL B 508 -46.58 -25.14 -17.76
N ILE B 509 -45.85 -25.44 -18.82
CA ILE B 509 -46.34 -26.34 -19.87
C ILE B 509 -45.53 -27.62 -19.80
N ARG B 510 -46.23 -28.74 -19.68
CA ARG B 510 -45.60 -30.02 -19.41
C ARG B 510 -45.87 -31.03 -20.52
N ILE B 511 -44.84 -31.79 -20.88
CA ILE B 511 -44.90 -32.74 -21.97
C ILE B 511 -44.32 -34.10 -21.57
N GLY B 512 -45.01 -35.18 -21.93
CA GLY B 512 -44.55 -36.53 -21.64
C GLY B 512 -44.74 -37.49 -22.81
N ALA C 14 -18.88 -39.05 -34.99
CA ALA C 14 -18.96 -37.61 -34.60
C ALA C 14 -20.22 -36.94 -35.14
N ARG C 15 -20.92 -36.21 -34.25
CA ARG C 15 -22.23 -35.64 -34.57
C ARG C 15 -22.26 -34.12 -34.36
N MET C 16 -22.51 -33.38 -35.43
CA MET C 16 -22.66 -31.93 -35.33
C MET C 16 -24.02 -31.50 -35.87
N THR C 17 -24.64 -30.53 -35.21
CA THR C 17 -25.91 -29.95 -35.67
C THR C 17 -25.78 -28.43 -35.89
N VAL C 18 -25.98 -28.01 -37.14
CA VAL C 18 -25.74 -26.64 -37.58
C VAL C 18 -27.05 -25.89 -37.81
N ASP C 19 -27.34 -24.95 -36.91
CA ASP C 19 -28.60 -24.23 -36.91
C ASP C 19 -28.33 -22.75 -37.21
N LYS C 20 -28.94 -22.25 -38.28
CA LYS C 20 -28.85 -20.84 -38.66
C LYS C 20 -29.36 -19.93 -37.55
N ASP C 21 -30.47 -20.33 -36.94
CA ASP C 21 -31.11 -19.56 -35.85
C ASP C 21 -30.30 -19.58 -34.54
N TYR C 22 -29.09 -20.13 -34.59
CA TYR C 22 -28.23 -20.18 -33.40
C TYR C 22 -26.85 -19.54 -33.63
N LYS C 23 -26.78 -18.24 -33.37
CA LYS C 23 -25.56 -17.47 -33.65
C LYS C 23 -24.65 -17.36 -32.44
N ILE C 24 -23.39 -17.05 -32.72
CA ILE C 24 -22.47 -16.55 -31.72
C ILE C 24 -22.22 -15.07 -32.01
N ALA C 25 -21.69 -14.76 -33.20
CA ALA C 25 -21.46 -13.37 -33.65
C ALA C 25 -21.18 -13.20 -35.14
N GLU C 26 -21.04 -11.95 -35.54
CA GLU C 26 -20.61 -11.56 -36.87
C GLU C 26 -19.07 -11.51 -36.88
N ILE C 27 -18.45 -12.16 -37.86
CA ILE C 27 -17.00 -12.12 -37.99
C ILE C 27 -16.55 -10.74 -38.46
N ASP C 28 -15.62 -10.16 -37.70
CA ASP C 28 -14.98 -8.92 -38.10
C ASP C 28 -13.79 -9.32 -38.97
N LYS C 29 -13.74 -8.82 -40.19
CA LYS C 29 -12.69 -9.21 -41.13
C LYS C 29 -11.28 -8.99 -40.57
N ARG C 30 -11.16 -8.15 -39.55
CA ARG C 30 -9.88 -7.84 -38.93
C ARG C 30 -9.30 -8.96 -38.06
N ILE C 31 -10.03 -10.08 -37.91
CA ILE C 31 -9.46 -11.27 -37.28
C ILE C 31 -8.50 -12.00 -38.23
N TYR C 32 -8.53 -11.64 -39.51
CA TYR C 32 -7.64 -12.23 -40.50
C TYR C 32 -6.44 -11.34 -40.81
N GLY C 33 -6.06 -10.55 -39.81
CA GLY C 33 -4.94 -9.64 -39.95
C GLY C 33 -3.61 -10.33 -39.72
N SER C 34 -2.53 -9.57 -39.84
CA SER C 34 -1.19 -10.08 -39.58
C SER C 34 -0.30 -8.96 -39.01
N PHE C 35 1.02 -9.09 -39.17
CA PHE C 35 1.97 -8.35 -38.35
C PHE C 35 3.36 -8.33 -38.99
N VAL C 36 3.87 -7.13 -39.26
CA VAL C 36 5.24 -6.95 -39.74
C VAL C 36 6.08 -6.12 -38.76
N GLU C 37 7.07 -6.76 -38.16
CA GLU C 37 7.99 -6.10 -37.25
C GLU C 37 9.32 -5.89 -37.97
N HIS C 38 9.98 -4.78 -37.66
CA HIS C 38 11.36 -4.58 -38.06
C HIS C 38 12.23 -5.61 -37.33
N LEU C 39 12.17 -6.84 -37.82
CA LEU C 39 12.85 -7.98 -37.24
C LEU C 39 13.48 -8.77 -38.38
N GLY C 40 14.73 -9.19 -38.19
CA GLY C 40 15.41 -10.07 -39.13
C GLY C 40 15.20 -9.66 -40.58
N ARG C 41 14.65 -10.58 -41.36
CA ARG C 41 14.42 -10.32 -42.79
C ARG C 41 12.96 -10.06 -43.15
N ALA C 42 12.17 -9.57 -42.19
CA ALA C 42 10.78 -9.23 -42.45
C ALA C 42 10.66 -8.11 -43.49
N VAL C 43 11.37 -7.02 -43.25
CA VAL C 43 11.33 -5.88 -44.16
C VAL C 43 12.48 -5.96 -45.16
N TYR C 44 13.71 -5.86 -44.67
CA TYR C 44 14.91 -5.91 -45.51
C TYR C 44 15.20 -7.34 -45.90
N ASP C 45 15.42 -7.55 -47.20
CA ASP C 45 15.56 -8.89 -47.79
C ASP C 45 14.30 -9.71 -47.55
N GLY C 46 13.18 -9.01 -47.41
CA GLY C 46 11.86 -9.60 -47.28
C GLY C 46 10.96 -8.93 -48.30
N LEU C 47 10.15 -7.99 -47.83
CA LEU C 47 9.22 -7.26 -48.69
C LEU C 47 9.91 -6.11 -49.41
N TYR C 48 11.00 -5.60 -48.83
CA TYR C 48 11.72 -4.46 -49.38
C TYR C 48 13.10 -4.87 -49.89
N GLN C 49 13.25 -4.87 -51.22
CA GLN C 49 14.48 -5.33 -51.87
C GLN C 49 14.80 -4.47 -53.11
N PRO C 50 15.37 -3.27 -52.89
CA PRO C 50 15.59 -2.22 -53.89
C PRO C 50 16.13 -2.66 -55.26
N GLY C 51 17.32 -3.27 -55.31
CA GLY C 51 17.93 -3.56 -56.60
C GLY C 51 17.47 -4.85 -57.28
N ASN C 52 16.32 -5.38 -56.85
CA ASN C 52 15.86 -6.69 -57.29
C ASN C 52 15.01 -6.68 -58.56
N SER C 53 15.12 -7.75 -59.34
CA SER C 53 14.45 -7.88 -60.62
C SER C 53 12.92 -7.86 -60.47
N LYS C 54 12.44 -8.42 -59.37
CA LYS C 54 11.02 -8.58 -59.14
C LYS C 54 10.41 -7.41 -58.38
N SER C 55 11.21 -6.35 -58.19
CA SER C 55 10.75 -5.23 -57.37
C SER C 55 10.11 -4.11 -58.20
N ASP C 56 9.33 -3.26 -57.54
CA ASP C 56 8.76 -2.07 -58.20
C ASP C 56 9.58 -0.80 -57.91
N GLU C 57 9.06 0.34 -58.35
CA GLU C 57 9.78 1.62 -58.29
C GLU C 57 9.98 2.07 -56.84
N ASP C 58 9.21 1.48 -55.94
CA ASP C 58 9.40 1.72 -54.52
C ASP C 58 10.36 0.70 -53.91
N GLY C 59 10.73 -0.32 -54.69
CA GLY C 59 11.65 -1.35 -54.23
C GLY C 59 10.97 -2.49 -53.51
N PHE C 60 9.64 -2.55 -53.62
CA PHE C 60 8.87 -3.62 -53.02
C PHE C 60 8.86 -4.81 -53.97
N ARG C 61 9.04 -6.01 -53.43
CA ARG C 61 8.97 -7.23 -54.23
C ARG C 61 7.53 -7.49 -54.69
N LYS C 62 7.35 -7.55 -56.01
CA LYS C 62 6.03 -7.71 -56.64
C LYS C 62 5.37 -9.05 -56.32
N ASP C 63 6.14 -10.12 -56.36
CA ASP C 63 5.62 -11.47 -56.07
C ASP C 63 5.12 -11.58 -54.63
N VAL C 64 5.83 -10.94 -53.71
CA VAL C 64 5.39 -10.89 -52.31
C VAL C 64 4.01 -10.24 -52.22
N ILE C 65 3.87 -9.07 -52.82
CA ILE C 65 2.60 -8.33 -52.84
C ILE C 65 1.45 -9.21 -53.28
N GLU C 66 1.66 -9.96 -54.36
CA GLU C 66 0.67 -10.94 -54.85
C GLU C 66 0.28 -11.96 -53.80
N LEU C 67 1.26 -12.46 -53.06
CA LEU C 67 1.03 -13.52 -52.08
C LEU C 67 0.29 -13.01 -50.84
N VAL C 68 0.58 -11.77 -50.44
CA VAL C 68 -0.14 -11.15 -49.31
C VAL C 68 -1.58 -10.91 -49.76
N LYS C 69 -1.75 -10.38 -50.97
CA LYS C 69 -3.07 -10.21 -51.57
C LYS C 69 -3.81 -11.53 -51.66
N GLU C 70 -3.07 -12.60 -51.92
CA GLU C 70 -3.61 -13.96 -52.00
C GLU C 70 -4.18 -14.44 -50.66
N LEU C 71 -3.43 -14.17 -49.58
CA LEU C 71 -3.90 -14.44 -48.21
C LEU C 71 -5.13 -13.62 -47.90
N ASN C 72 -5.10 -12.36 -48.34
CA ASN C 72 -6.11 -11.37 -48.00
C ASN C 72 -6.04 -11.04 -46.52
N VAL C 73 -5.18 -10.09 -46.20
CA VAL C 73 -4.97 -9.61 -44.84
C VAL C 73 -5.47 -8.15 -44.76
N PRO C 74 -6.60 -7.91 -44.05
CA PRO C 74 -7.21 -6.57 -44.03
C PRO C 74 -6.49 -5.56 -43.14
N ILE C 75 -5.71 -6.04 -42.16
CA ILE C 75 -4.99 -5.15 -41.23
C ILE C 75 -3.60 -5.69 -40.86
N ILE C 76 -2.61 -4.82 -40.83
CA ILE C 76 -1.25 -5.24 -40.47
C ILE C 76 -0.68 -4.42 -39.32
N ARG C 77 -0.27 -5.11 -38.26
CA ARG C 77 0.37 -4.50 -37.10
C ARG C 77 1.81 -4.11 -37.47
N TYR C 78 2.19 -2.90 -37.09
CA TYR C 78 3.48 -2.34 -37.46
C TYR C 78 3.87 -1.27 -36.45
N PRO C 79 5.17 -1.12 -36.14
CA PRO C 79 6.34 -1.91 -36.51
C PRO C 79 6.77 -2.91 -35.45
N GLY C 80 5.99 -3.05 -34.38
CA GLY C 80 6.37 -3.97 -33.31
C GLY C 80 5.32 -4.22 -32.25
N GLY C 81 5.58 -5.20 -31.39
CA GLY C 81 6.80 -6.00 -31.46
C GLY C 81 7.88 -5.41 -30.58
N ASN C 82 8.78 -6.26 -30.09
CA ASN C 82 9.85 -5.82 -29.20
C ASN C 82 10.62 -4.64 -29.77
N PHE C 83 10.64 -4.55 -31.10
CA PHE C 83 11.33 -3.49 -31.82
C PHE C 83 10.88 -2.09 -31.42
N VAL C 84 9.57 -1.92 -31.23
CA VAL C 84 8.97 -0.59 -31.14
C VAL C 84 9.30 0.13 -29.84
N SER C 85 9.62 -0.63 -28.81
CA SER C 85 9.75 -0.07 -27.47
C SER C 85 10.96 0.82 -27.31
N ASN C 86 11.86 0.78 -28.29
CA ASN C 86 12.97 1.71 -28.31
C ASN C 86 13.20 2.28 -29.72
N TYR C 87 12.09 2.46 -30.43
CA TYR C 87 12.07 3.05 -31.75
C TYR C 87 11.74 4.53 -31.69
N PHE C 88 12.42 5.33 -32.52
CA PHE C 88 12.15 6.76 -32.62
C PHE C 88 11.63 7.09 -34.02
N TRP C 89 10.30 7.15 -34.15
CA TRP C 89 9.62 7.21 -35.44
C TRP C 89 10.20 8.24 -36.41
N GLU C 90 10.67 9.37 -35.88
CA GLU C 90 11.33 10.41 -36.68
C GLU C 90 12.43 9.82 -37.55
N ASP C 91 13.23 8.94 -36.97
CA ASP C 91 14.34 8.28 -37.68
C ASP C 91 13.90 7.54 -38.96
N GLY C 92 12.59 7.35 -39.13
CA GLY C 92 12.04 6.64 -40.28
C GLY C 92 11.33 7.49 -41.31
N VAL C 93 11.32 8.80 -41.11
CA VAL C 93 10.68 9.70 -42.07
C VAL C 93 11.66 10.76 -42.56
N GLY C 94 11.25 11.48 -43.59
CA GLY C 94 12.04 12.59 -44.13
C GLY C 94 12.93 12.13 -45.26
N PRO C 95 13.74 13.06 -45.81
CA PRO C 95 14.75 12.69 -46.80
C PRO C 95 15.49 11.44 -46.33
N VAL C 96 15.60 10.47 -47.23
CA VAL C 96 16.16 9.17 -46.89
C VAL C 96 17.62 9.28 -46.43
N GLU C 97 18.30 10.35 -46.82
CA GLU C 97 19.74 10.50 -46.57
C GLU C 97 20.04 11.10 -45.21
N ASP C 98 19.03 11.71 -44.58
CA ASP C 98 19.17 12.30 -43.25
C ASP C 98 18.78 11.32 -42.14
N ARG C 99 18.14 10.23 -42.54
CA ARG C 99 17.68 9.22 -41.61
C ARG C 99 18.88 8.50 -41.01
N PRO C 100 18.97 8.47 -39.65
CA PRO C 100 20.13 7.87 -39.00
C PRO C 100 20.04 6.34 -38.91
N ARG C 101 21.18 5.71 -38.69
CA ARG C 101 21.23 4.28 -38.41
C ARG C 101 21.28 4.12 -36.90
N ARG C 102 20.41 3.25 -36.38
CA ARG C 102 20.20 3.09 -34.95
C ARG C 102 20.42 1.66 -34.50
N LEU C 103 20.83 1.50 -33.24
CA LEU C 103 20.92 0.19 -32.64
C LEU C 103 19.52 -0.30 -32.31
N ASP C 104 19.24 -1.55 -32.63
CA ASP C 104 17.99 -2.19 -32.24
C ASP C 104 18.28 -3.22 -31.16
N LEU C 105 17.97 -2.87 -29.92
CA LEU C 105 18.34 -3.67 -28.76
C LEU C 105 17.51 -4.96 -28.69
N ALA C 106 16.33 -4.92 -29.29
CA ALA C 106 15.41 -6.04 -29.29
C ALA C 106 16.01 -7.27 -29.96
N TRP C 107 16.69 -7.06 -31.08
CA TRP C 107 17.20 -8.15 -31.90
C TRP C 107 18.69 -8.00 -32.26
N LYS C 108 19.36 -7.10 -31.54
CA LYS C 108 20.81 -6.90 -31.66
C LYS C 108 21.21 -6.65 -33.11
N SER C 109 20.47 -5.74 -33.76
CA SER C 109 20.69 -5.41 -35.16
C SER C 109 20.84 -3.91 -35.37
N ILE C 110 21.34 -3.53 -36.54
CA ILE C 110 21.42 -2.13 -36.94
C ILE C 110 20.27 -1.82 -37.89
N GLU C 111 19.37 -0.94 -37.46
CA GLU C 111 18.23 -0.55 -38.27
C GLU C 111 18.55 0.66 -39.15
N PRO C 112 18.67 0.44 -40.47
CA PRO C 112 19.09 1.50 -41.40
C PRO C 112 18.04 2.56 -41.65
N ASN C 113 16.78 2.23 -41.37
CA ASN C 113 15.65 3.18 -41.43
C ASN C 113 15.26 3.64 -42.84
N GLN C 114 15.63 2.87 -43.86
CA GLN C 114 15.22 3.19 -45.23
C GLN C 114 13.72 2.98 -45.44
N VAL C 115 13.12 2.13 -44.60
CA VAL C 115 11.67 1.93 -44.57
C VAL C 115 11.11 2.46 -43.26
N GLY C 116 10.37 3.55 -43.38
CA GLY C 116 9.69 4.15 -42.24
C GLY C 116 8.20 4.18 -42.53
N ILE C 117 7.44 4.78 -41.64
CA ILE C 117 5.98 4.75 -41.72
C ILE C 117 5.44 5.10 -43.11
N ASN C 118 6.05 6.09 -43.76
CA ASN C 118 5.60 6.52 -45.07
C ASN C 118 5.73 5.44 -46.12
N GLU C 119 6.83 4.69 -46.05
CA GLU C 119 7.12 3.60 -46.98
C GLU C 119 6.18 2.42 -46.74
N PHE C 120 6.10 1.98 -45.48
CA PHE C 120 5.22 0.88 -45.11
C PHE C 120 3.75 1.13 -45.45
N ALA C 121 3.33 2.39 -45.35
CA ALA C 121 1.94 2.75 -45.61
C ALA C 121 1.59 2.59 -47.10
N LYS C 122 2.53 2.94 -47.97
CA LYS C 122 2.29 2.84 -49.39
C LYS C 122 2.51 1.39 -49.86
N TRP C 123 3.08 0.57 -48.98
CA TRP C 123 3.19 -0.88 -49.22
C TRP C 123 1.86 -1.55 -48.90
N CYS C 124 1.24 -1.10 -47.81
CA CYS C 124 -0.04 -1.61 -47.37
C CYS C 124 -1.13 -1.27 -48.37
N LYS C 125 -1.04 -0.09 -49.01
CA LYS C 125 -1.95 0.25 -50.09
C LYS C 125 -1.91 -0.86 -51.11
N LYS C 126 -0.70 -1.33 -51.41
CA LYS C 126 -0.46 -2.27 -52.48
C LYS C 126 -0.92 -3.68 -52.12
N VAL C 127 -0.86 -4.03 -50.85
CA VAL C 127 -1.33 -5.35 -50.40
C VAL C 127 -2.79 -5.29 -49.91
N ASN C 128 -3.44 -4.16 -50.19
CA ASN C 128 -4.83 -3.90 -49.80
C ASN C 128 -5.08 -4.01 -48.29
N ALA C 129 -4.18 -3.42 -47.51
CA ALA C 129 -4.25 -3.49 -46.06
C ALA C 129 -4.16 -2.12 -45.41
N GLU C 130 -4.74 -2.01 -44.21
N GLU C 130 -4.73 -2.02 -44.20
CA GLU C 130 -4.62 -0.81 -43.41
CA GLU C 130 -4.64 -0.82 -43.38
C GLU C 130 -3.64 -1.05 -42.27
C GLU C 130 -3.61 -1.06 -42.29
N ILE C 131 -2.89 -0.02 -41.90
CA ILE C 131 -1.93 -0.12 -40.79
C ILE C 131 -2.64 -0.15 -39.42
N MET C 132 -2.05 -0.91 -38.51
CA MET C 132 -2.35 -0.84 -37.09
C MET C 132 -1.03 -0.43 -36.46
N MET C 133 -0.90 0.85 -36.16
CA MET C 133 0.37 1.42 -35.75
C MET C 133 0.61 1.30 -34.24
N ALA C 134 1.76 0.74 -33.86
CA ALA C 134 2.17 0.74 -32.45
C ALA C 134 2.99 1.99 -32.15
N VAL C 135 2.78 2.60 -30.98
CA VAL C 135 3.63 3.70 -30.52
C VAL C 135 4.60 3.21 -29.44
N ASN C 136 5.77 3.86 -29.37
CA ASN C 136 6.79 3.54 -28.39
C ASN C 136 6.43 4.04 -27.01
N LEU C 137 6.09 3.11 -26.12
CA LEU C 137 5.86 3.47 -24.72
C LEU C 137 6.90 2.82 -23.80
N GLY C 138 7.98 2.31 -24.40
CA GLY C 138 9.10 1.77 -23.66
C GLY C 138 9.98 2.87 -23.12
N THR C 139 10.64 3.60 -24.02
CA THR C 139 11.57 4.67 -23.65
C THR C 139 11.01 6.04 -23.91
N ARG C 140 9.93 6.12 -24.70
CA ARG C 140 9.23 7.36 -25.03
C ARG C 140 7.83 7.42 -24.40
N GLY C 141 7.17 8.57 -24.53
CA GLY C 141 5.95 8.82 -23.75
C GLY C 141 4.77 9.42 -24.50
N ILE C 142 3.98 10.20 -23.77
CA ILE C 142 2.71 10.76 -24.24
C ILE C 142 2.83 11.72 -25.40
N SER C 143 3.68 12.73 -25.27
CA SER C 143 3.78 13.76 -26.29
C SER C 143 4.24 13.18 -27.62
N ASP C 144 5.14 12.19 -27.56
CA ASP C 144 5.64 11.55 -28.78
C ASP C 144 4.56 10.70 -29.46
N ALA C 145 3.61 10.18 -28.67
CA ALA C 145 2.45 9.51 -29.24
C ALA C 145 1.52 10.52 -29.90
N CYS C 146 1.35 11.67 -29.26
CA CYS C 146 0.57 12.75 -29.86
C CYS C 146 1.19 13.20 -31.20
N ASN C 147 2.52 13.30 -31.23
CA ASN C 147 3.25 13.73 -32.42
C ASN C 147 3.02 12.83 -33.62
N LEU C 148 3.20 11.51 -33.43
CA LEU C 148 3.00 10.53 -34.50
C LEU C 148 1.55 10.46 -35.00
N LEU C 149 0.61 10.52 -34.07
CA LEU C 149 -0.80 10.57 -34.43
C LEU C 149 -1.10 11.80 -35.27
N GLU C 150 -0.61 12.96 -34.84
CA GLU C 150 -0.76 14.20 -35.61
C GLU C 150 -0.16 14.03 -36.99
N TYR C 151 1.07 13.51 -37.01
CA TYR C 151 1.80 13.31 -38.26
C TYR C 151 0.99 12.47 -39.25
N CYS C 152 0.37 11.40 -38.76
CA CYS C 152 -0.31 10.45 -39.63
C CYS C 152 -1.76 10.83 -39.90
N ASN C 153 -2.42 11.39 -38.91
CA ASN C 153 -3.87 11.55 -39.02
C ASN C 153 -4.39 12.97 -39.29
N HIS C 154 -3.73 13.98 -38.74
CA HIS C 154 -4.15 15.36 -38.92
C HIS C 154 -3.98 15.83 -40.35
N PRO C 155 -5.05 16.39 -40.95
CA PRO C 155 -5.04 16.83 -42.36
C PRO C 155 -3.92 17.80 -42.78
N GLY C 156 -3.59 18.74 -41.91
CA GLY C 156 -2.59 19.77 -42.24
C GLY C 156 -2.74 21.03 -41.41
N GLY C 157 -1.87 22.00 -41.69
CA GLY C 157 -1.88 23.29 -40.98
C GLY C 157 -1.37 23.26 -39.54
N SER C 158 -0.56 22.28 -39.21
CA SER C 158 0.10 22.21 -37.89
C SER C 158 1.49 21.56 -38.03
N LYS C 159 2.27 21.60 -36.95
CA LYS C 159 3.68 21.22 -36.99
C LYS C 159 3.94 19.89 -37.70
N TYR C 160 3.32 18.83 -37.20
CA TYR C 160 3.64 17.48 -37.66
C TYR C 160 2.87 17.07 -38.93
N SER C 161 1.61 17.47 -39.03
CA SER C 161 0.86 17.26 -40.26
C SER C 161 1.60 17.88 -41.45
N ASP C 162 2.04 19.14 -41.32
CA ASP C 162 2.79 19.83 -42.38
C ASP C 162 4.13 19.15 -42.69
N MET C 163 4.68 18.44 -41.71
CA MET C 163 5.85 17.60 -41.94
C MET C 163 5.58 16.46 -42.92
N ARG C 164 4.47 15.75 -42.74
CA ARG C 164 4.09 14.65 -43.62
C ARG C 164 3.87 15.11 -45.06
N ILE C 165 3.16 16.23 -45.23
CA ILE C 165 2.95 16.84 -46.55
C ILE C 165 4.29 17.07 -47.26
N LYS C 166 5.21 17.74 -46.56
CA LYS C 166 6.57 17.96 -47.02
C LYS C 166 7.30 16.66 -47.37
N HIS C 167 7.09 15.62 -46.57
CA HIS C 167 7.71 14.32 -46.81
C HIS C 167 7.10 13.60 -48.01
N GLY C 168 6.14 14.26 -48.66
CA GLY C 168 5.55 13.77 -49.89
C GLY C 168 4.26 12.99 -49.73
N VAL C 169 3.59 13.12 -48.59
CA VAL C 169 2.29 12.47 -48.41
C VAL C 169 1.23 13.49 -48.03
N LYS C 170 0.49 13.94 -49.04
CA LYS C 170 -0.49 15.03 -48.88
C LYS C 170 -1.70 14.61 -48.07
N GLU C 171 -2.30 13.48 -48.41
CA GLU C 171 -3.41 12.94 -47.66
C GLU C 171 -2.93 12.29 -46.36
N PRO C 172 -3.69 12.48 -45.25
CA PRO C 172 -3.32 11.81 -44.01
C PRO C 172 -3.52 10.32 -44.16
N HIS C 173 -2.72 9.53 -43.44
CA HIS C 173 -2.80 8.08 -43.52
C HIS C 173 -4.09 7.53 -42.95
N ASN C 174 -4.69 8.27 -42.02
CA ASN C 174 -5.86 7.84 -41.25
C ASN C 174 -5.77 6.42 -40.70
N ILE C 175 -4.88 6.26 -39.72
CA ILE C 175 -4.72 4.98 -39.05
C ILE C 175 -5.77 4.92 -37.96
N LYS C 176 -6.65 3.93 -38.07
CA LYS C 176 -7.81 3.80 -37.22
C LYS C 176 -7.49 3.13 -35.89
N VAL C 177 -6.64 2.12 -35.90
CA VAL C 177 -6.32 1.37 -34.69
C VAL C 177 -4.86 1.53 -34.34
N TRP C 178 -4.59 1.84 -33.07
CA TRP C 178 -3.24 2.09 -32.58
C TRP C 178 -2.94 1.21 -31.39
N CYS C 179 -1.72 0.69 -31.30
CA CYS C 179 -1.25 -0.08 -30.14
C CYS C 179 -0.49 0.79 -29.16
N LEU C 180 -0.94 0.83 -27.91
CA LEU C 180 -0.27 1.63 -26.88
C LEU C 180 0.93 0.89 -26.29
N GLY C 181 2.03 0.92 -27.03
CA GLY C 181 3.24 0.17 -26.66
C GLY C 181 3.15 -1.27 -27.12
N ASN C 182 4.20 -2.04 -26.82
CA ASN C 182 4.21 -3.48 -27.05
C ASN C 182 4.31 -4.13 -25.67
N ALA C 183 3.81 -5.35 -25.53
CA ALA C 183 3.77 -6.01 -24.23
C ALA C 183 5.01 -5.65 -23.43
N MET C 184 4.81 -4.94 -22.32
CA MET C 184 5.94 -4.48 -21.51
C MET C 184 6.12 -5.18 -20.17
N ASP C 185 5.56 -6.40 -20.04
CA ASP C 185 5.63 -7.12 -18.79
C ASP C 185 6.82 -8.07 -18.71
N GLY C 186 7.65 -8.08 -19.75
CA GLY C 186 8.70 -9.10 -19.88
C GLY C 186 10.11 -8.64 -19.54
N PRO C 187 10.92 -9.54 -18.93
CA PRO C 187 12.30 -9.22 -18.58
C PRO C 187 13.18 -8.86 -19.77
N TRP C 188 12.73 -9.22 -20.97
CA TRP C 188 13.52 -9.07 -22.19
C TRP C 188 13.25 -7.72 -22.88
N GLN C 189 12.18 -7.04 -22.48
CA GLN C 189 11.76 -5.81 -23.15
C GLN C 189 12.47 -4.59 -22.60
N VAL C 190 13.16 -3.85 -23.46
CA VAL C 190 13.69 -2.54 -23.10
C VAL C 190 12.52 -1.64 -22.68
N GLY C 191 12.61 -1.07 -21.48
CA GLY C 191 11.53 -0.24 -20.96
C GLY C 191 10.41 -1.08 -20.39
N HIS C 192 10.78 -2.12 -19.65
CA HIS C 192 9.83 -2.97 -18.95
C HIS C 192 9.08 -2.15 -17.90
N LYS C 193 7.76 -2.27 -17.87
CA LYS C 193 6.93 -1.56 -16.89
C LYS C 193 6.28 -2.53 -15.90
N THR C 194 5.77 -2.01 -14.79
CA THR C 194 4.89 -2.78 -13.94
C THR C 194 3.46 -2.50 -14.37
N MET C 195 2.52 -3.35 -13.96
CA MET C 195 1.12 -3.19 -14.38
C MET C 195 0.51 -1.83 -14.02
N ASP C 196 0.95 -1.25 -12.91
CA ASP C 196 0.47 0.05 -12.50
C ASP C 196 1.19 1.14 -13.29
N GLU C 197 2.49 0.99 -13.49
CA GLU C 197 3.24 1.94 -14.34
C GLU C 197 2.65 1.99 -15.73
N TYR C 198 2.49 0.81 -16.35
CA TYR C 198 1.94 0.74 -17.71
C TYR C 198 0.47 1.22 -17.75
N GLY C 199 -0.35 0.69 -16.84
CA GLY C 199 -1.74 1.06 -16.74
C GLY C 199 -1.91 2.56 -16.82
N ARG C 200 -1.09 3.28 -16.07
CA ARG C 200 -1.17 4.73 -16.00
C ARG C 200 -0.71 5.39 -17.30
N ILE C 201 0.39 4.90 -17.86
CA ILE C 201 0.88 5.47 -19.10
C ILE C 201 -0.10 5.20 -20.25
N ALA C 202 -0.64 4.00 -20.32
CA ALA C 202 -1.63 3.63 -21.32
C ALA C 202 -2.87 4.51 -21.17
N GLU C 203 -3.31 4.72 -19.93
CA GLU C 203 -4.46 5.56 -19.66
C GLU C 203 -4.25 6.96 -20.25
N GLU C 204 -3.12 7.56 -19.90
CA GLU C 204 -2.85 8.94 -20.23
C GLU C 204 -2.53 9.15 -21.70
N THR C 205 -1.78 8.23 -22.30
CA THR C 205 -1.49 8.31 -23.74
C THR C 205 -2.79 8.29 -24.55
N ALA C 206 -3.68 7.35 -24.23
CA ALA C 206 -4.97 7.22 -24.88
C ALA C 206 -5.83 8.45 -24.66
N ARG C 207 -5.90 8.94 -23.42
CA ARG C 207 -6.65 10.15 -23.12
C ARG C 207 -6.22 11.26 -24.08
N ALA C 208 -4.91 11.41 -24.24
CA ALA C 208 -4.36 12.49 -25.03
C ALA C 208 -4.57 12.23 -26.51
N MET C 209 -4.39 10.98 -26.92
CA MET C 209 -4.51 10.63 -28.32
C MET C 209 -5.90 10.90 -28.90
N LYS C 210 -6.93 10.41 -28.21
CA LYS C 210 -8.33 10.62 -28.61
C LYS C 210 -8.78 12.09 -28.57
N MET C 211 -7.97 12.97 -27.99
CA MET C 211 -8.23 14.41 -28.08
C MET C 211 -7.84 14.93 -29.46
N ILE C 212 -6.78 14.35 -30.04
CA ILE C 212 -6.30 14.72 -31.37
C ILE C 212 -7.20 14.15 -32.47
N ASP C 213 -7.55 12.87 -32.33
CA ASP C 213 -8.42 12.18 -33.28
C ASP C 213 -9.34 11.25 -32.50
N PRO C 214 -10.60 11.67 -32.30
CA PRO C 214 -11.56 10.87 -31.54
C PRO C 214 -12.05 9.65 -32.30
N SER C 215 -11.69 9.53 -33.57
CA SER C 215 -12.21 8.42 -34.40
C SER C 215 -11.42 7.12 -34.24
N ILE C 216 -10.26 7.21 -33.60
CA ILE C 216 -9.36 6.07 -33.52
C ILE C 216 -9.80 5.08 -32.45
N GLU C 217 -9.22 3.89 -32.52
CA GLU C 217 -9.41 2.85 -31.52
C GLU C 217 -8.04 2.46 -31.01
N LEU C 218 -7.99 2.12 -29.72
CA LEU C 218 -6.73 1.93 -29.03
C LEU C 218 -6.66 0.57 -28.37
N VAL C 219 -5.54 -0.11 -28.55
CA VAL C 219 -5.31 -1.40 -27.95
C VAL C 219 -4.34 -1.23 -26.78
N ALA C 220 -4.75 -1.73 -25.62
CA ALA C 220 -3.89 -1.78 -24.44
C ALA C 220 -3.20 -3.15 -24.38
N CYS C 221 -1.92 -3.15 -24.00
CA CYS C 221 -1.15 -4.39 -23.91
C CYS C 221 -1.58 -5.30 -22.77
N GLY C 222 -1.95 -6.53 -23.10
CA GLY C 222 -2.15 -7.57 -22.10
C GLY C 222 -0.81 -8.25 -21.90
N SER C 223 -0.77 -9.24 -21.02
CA SER C 223 0.45 -10.01 -20.73
C SER C 223 1.10 -10.50 -22.00
N SER C 224 2.43 -10.55 -22.01
CA SER C 224 3.17 -11.06 -23.16
C SER C 224 2.76 -12.50 -23.53
N SER C 225 2.45 -13.30 -22.50
CA SER C 225 1.93 -14.66 -22.65
C SER C 225 1.07 -15.02 -21.45
N LYS C 226 0.30 -16.09 -21.56
CA LYS C 226 -0.53 -16.57 -20.45
C LYS C 226 0.29 -17.14 -19.28
N ASP C 227 1.59 -17.33 -19.49
CA ASP C 227 2.45 -17.99 -18.52
C ASP C 227 3.05 -17.06 -17.47
N MET C 228 2.96 -15.76 -17.71
CA MET C 228 3.57 -14.80 -16.79
C MET C 228 2.82 -14.86 -15.49
N PRO C 229 3.55 -14.88 -14.36
CA PRO C 229 2.90 -14.88 -13.05
C PRO C 229 1.93 -13.72 -12.90
N THR C 230 2.18 -12.62 -13.60
CA THR C 230 1.33 -11.45 -13.51
C THR C 230 0.11 -11.52 -14.44
N PHE C 231 -0.17 -12.70 -14.98
CA PHE C 231 -1.38 -12.87 -15.76
C PHE C 231 -2.44 -13.54 -14.89
N PRO C 232 -3.69 -13.02 -14.89
CA PRO C 232 -4.24 -11.92 -15.65
C PRO C 232 -4.47 -10.61 -14.88
N GLN C 233 -3.82 -10.45 -13.72
CA GLN C 233 -3.95 -9.21 -12.95
C GLN C 233 -3.41 -8.03 -13.75
N TRP C 234 -2.41 -8.27 -14.58
CA TRP C 234 -1.93 -7.25 -15.49
C TRP C 234 -3.10 -6.62 -16.21
N GLU C 235 -3.89 -7.47 -16.86
CA GLU C 235 -5.03 -7.08 -17.65
C GLU C 235 -6.10 -6.39 -16.81
N ALA C 236 -6.39 -6.95 -15.65
CA ALA C 236 -7.34 -6.33 -14.76
C ALA C 236 -6.85 -4.93 -14.44
N THR C 237 -5.59 -4.83 -14.02
CA THR C 237 -5.03 -3.56 -13.56
C THR C 237 -4.99 -2.50 -14.66
N VAL C 238 -4.52 -2.90 -15.84
CA VAL C 238 -4.38 -1.97 -16.96
C VAL C 238 -5.74 -1.41 -17.36
N LEU C 239 -6.72 -2.29 -17.51
CA LEU C 239 -8.08 -1.87 -17.86
C LEU C 239 -8.72 -1.06 -16.74
N ASP C 240 -8.42 -1.42 -15.48
CA ASP C 240 -8.93 -0.64 -14.35
C ASP C 240 -8.55 0.83 -14.49
N TYR C 241 -7.38 1.11 -15.07
CA TYR C 241 -6.99 2.50 -15.33
C TYR C 241 -7.58 3.02 -16.62
N ALA C 242 -7.34 2.30 -17.71
CA ALA C 242 -7.57 2.81 -19.06
C ALA C 242 -8.94 2.53 -19.70
N TYR C 243 -9.83 1.86 -18.96
CA TYR C 243 -11.10 1.34 -19.49
C TYR C 243 -11.91 2.31 -20.37
N ASP C 244 -12.12 3.53 -19.88
CA ASP C 244 -12.89 4.50 -20.63
C ASP C 244 -12.22 5.05 -21.88
N TYR C 245 -10.92 4.78 -22.06
CA TYR C 245 -10.20 5.39 -23.18
C TYR C 245 -9.66 4.39 -24.22
N VAL C 246 -9.71 3.11 -23.89
CA VAL C 246 -9.26 2.07 -24.80
C VAL C 246 -10.42 1.22 -25.27
N ASP C 247 -10.20 0.46 -26.34
CA ASP C 247 -11.26 -0.31 -26.97
C ASP C 247 -10.96 -1.79 -26.98
N TYR C 248 -9.67 -2.13 -26.78
CA TYR C 248 -9.18 -3.51 -26.88
C TYR C 248 -8.11 -3.83 -25.82
N ILE C 249 -8.12 -5.06 -25.33
CA ILE C 249 -6.97 -5.62 -24.64
C ILE C 249 -6.31 -6.60 -25.62
N SER C 250 -5.00 -6.81 -25.52
CA SER C 250 -4.35 -7.72 -26.45
C SER C 250 -3.96 -9.05 -25.81
N LEU C 251 -3.87 -10.10 -26.63
CA LEU C 251 -3.34 -11.41 -26.20
C LEU C 251 -2.30 -11.89 -27.18
N HIS C 252 -1.29 -12.58 -26.66
CA HIS C 252 -0.26 -13.18 -27.49
C HIS C 252 -0.16 -14.65 -27.11
N GLN C 253 0.03 -15.53 -28.09
CA GLN C 253 0.18 -16.95 -27.83
C GLN C 253 1.01 -17.62 -28.91
N TYR C 254 2.00 -18.42 -28.50
CA TYR C 254 2.75 -19.24 -29.43
C TYR C 254 2.78 -20.70 -28.99
N TYR C 255 2.83 -21.62 -29.95
CA TYR C 255 2.92 -23.05 -29.62
C TYR C 255 4.11 -23.71 -30.29
N GLY C 256 4.59 -24.82 -29.70
CA GLY C 256 5.76 -25.51 -30.21
C GLY C 256 5.73 -27.00 -29.93
N ASN C 257 6.50 -27.76 -30.72
CA ASN C 257 6.50 -29.21 -30.64
C ASN C 257 7.88 -29.82 -30.40
N LYS C 258 8.65 -29.22 -29.49
CA LYS C 258 10.00 -29.74 -29.16
C LYS C 258 9.95 -31.12 -28.48
N GLU C 259 8.83 -31.44 -27.83
CA GLU C 259 8.63 -32.75 -27.21
C GLU C 259 8.40 -33.83 -28.27
N ASN C 260 7.90 -33.40 -29.44
CA ASN C 260 7.64 -34.27 -30.59
C ASN C 260 6.35 -35.11 -30.46
N ASP C 261 5.46 -34.67 -29.56
CA ASP C 261 4.19 -35.34 -29.32
C ASP C 261 3.09 -34.69 -30.15
N THR C 262 2.90 -35.17 -31.38
CA THR C 262 1.93 -34.60 -32.31
C THR C 262 0.52 -34.48 -31.72
N ALA C 263 0.06 -35.55 -31.07
CA ALA C 263 -1.26 -35.58 -30.46
C ALA C 263 -1.44 -34.46 -29.43
N ASP C 264 -0.47 -34.31 -28.54
CA ASP C 264 -0.51 -33.32 -27.48
C ASP C 264 -0.35 -31.93 -28.06
N PHE C 265 0.43 -31.85 -29.13
CA PHE C 265 0.68 -30.60 -29.84
C PHE C 265 -0.62 -30.08 -30.47
N LEU C 266 -1.39 -30.98 -31.09
CA LEU C 266 -2.66 -30.64 -31.70
C LEU C 266 -3.76 -30.44 -30.67
N ALA C 267 -3.45 -30.76 -29.42
CA ALA C 267 -4.39 -30.58 -28.32
C ALA C 267 -4.30 -29.19 -27.71
N LYS C 268 -3.37 -28.38 -28.19
CA LYS C 268 -3.08 -27.10 -27.55
C LYS C 268 -4.05 -25.98 -27.91
N SER C 269 -4.95 -26.25 -28.86
CA SER C 269 -5.99 -25.27 -29.19
C SER C 269 -7.03 -25.18 -28.07
N ASP C 270 -7.13 -26.23 -27.26
CA ASP C 270 -7.94 -26.21 -26.04
C ASP C 270 -7.38 -25.24 -25.00
N ASP C 271 -6.05 -25.15 -24.90
CA ASP C 271 -5.39 -24.20 -24.02
C ASP C 271 -5.67 -22.79 -24.50
N LEU C 272 -5.64 -22.62 -25.83
CA LEU C 272 -5.91 -21.34 -26.46
C LEU C 272 -7.31 -20.88 -26.11
N ASP C 273 -8.25 -21.81 -26.20
CA ASP C 273 -9.67 -21.56 -25.92
C ASP C 273 -9.85 -21.05 -24.50
N ASP C 274 -9.24 -21.76 -23.54
CA ASP C 274 -9.29 -21.39 -22.12
C ASP C 274 -8.67 -20.03 -21.88
N PHE C 275 -7.48 -19.82 -22.46
CA PHE C 275 -6.77 -18.55 -22.40
C PHE C 275 -7.68 -17.41 -22.83
N ILE C 276 -8.29 -17.54 -24.00
CA ILE C 276 -9.26 -16.56 -24.51
C ILE C 276 -10.37 -16.30 -23.50
N ARG C 277 -10.90 -17.37 -22.90
CA ARG C 277 -12.00 -17.25 -21.95
C ARG C 277 -11.63 -16.46 -20.70
N SER C 278 -10.43 -16.69 -20.20
CA SER C 278 -9.96 -16.05 -18.96
C SER C 278 -9.89 -14.54 -19.15
N VAL C 279 -9.32 -14.13 -20.28
CA VAL C 279 -9.17 -12.73 -20.65
C VAL C 279 -10.53 -12.07 -20.77
N ILE C 280 -11.52 -12.82 -21.27
CA ILE C 280 -12.89 -12.31 -21.36
C ILE C 280 -13.46 -12.05 -19.96
N ALA C 281 -13.32 -13.01 -19.05
CA ALA C 281 -13.79 -12.88 -17.66
C ALA C 281 -13.18 -11.66 -16.97
N THR C 282 -11.85 -11.55 -17.07
CA THR C 282 -11.10 -10.39 -16.59
C THR C 282 -11.73 -9.08 -17.07
N CYS C 283 -11.98 -8.98 -18.37
CA CYS C 283 -12.67 -7.82 -18.97
C CYS C 283 -14.03 -7.58 -18.30
N ASP C 284 -14.89 -8.60 -18.35
CA ASP C 284 -16.22 -8.55 -17.78
C ASP C 284 -16.22 -8.25 -16.29
N TYR C 285 -15.16 -8.66 -15.62
CA TYR C 285 -14.96 -8.29 -14.21
C TYR C 285 -14.74 -6.79 -14.06
N ILE C 286 -13.90 -6.23 -14.91
CA ILE C 286 -13.59 -4.80 -14.83
C ILE C 286 -14.78 -3.94 -15.29
N LYS C 287 -15.51 -4.43 -16.28
CA LYS C 287 -16.74 -3.78 -16.74
C LYS C 287 -17.71 -3.57 -15.58
N ALA C 288 -17.96 -4.64 -14.82
CA ALA C 288 -18.83 -4.58 -13.65
C ALA C 288 -18.31 -3.59 -12.61
N LYS C 289 -17.01 -3.67 -12.33
CA LYS C 289 -16.35 -2.77 -11.40
C LYS C 289 -16.55 -1.32 -11.81
N LYS C 290 -16.40 -1.04 -13.11
CA LYS C 290 -16.56 0.30 -13.67
C LYS C 290 -18.02 0.69 -13.89
N ARG C 291 -18.92 -0.29 -13.82
CA ARG C 291 -20.35 -0.11 -14.12
C ARG C 291 -20.58 0.45 -15.52
N SER C 292 -19.76 -0.03 -16.46
CA SER C 292 -19.74 0.49 -17.82
C SER C 292 -20.71 -0.26 -18.70
N LYS C 293 -21.18 0.40 -19.75
CA LYS C 293 -22.08 -0.19 -20.72
C LYS C 293 -21.29 -0.74 -21.90
N LYS C 294 -19.98 -0.48 -21.89
CA LYS C 294 -19.12 -0.85 -23.00
C LYS C 294 -18.41 -2.16 -22.71
N ASP C 295 -18.24 -2.96 -23.76
CA ASP C 295 -17.42 -4.16 -23.69
C ASP C 295 -16.03 -3.86 -24.23
N ILE C 296 -15.01 -4.35 -23.54
CA ILE C 296 -13.66 -4.33 -24.11
C ILE C 296 -13.63 -5.48 -25.10
N TYR C 297 -13.07 -5.23 -26.28
CA TYR C 297 -12.91 -6.26 -27.29
C TYR C 297 -11.48 -6.80 -27.30
N LEU C 298 -11.33 -8.00 -27.83
CA LEU C 298 -10.03 -8.66 -27.83
C LEU C 298 -9.29 -8.49 -29.15
N SER C 299 -8.02 -8.13 -29.03
CA SER C 299 -7.12 -8.03 -30.15
C SER C 299 -6.04 -9.06 -29.93
N PHE C 300 -6.17 -10.20 -30.59
CA PHE C 300 -5.20 -11.28 -30.45
C PHE C 300 -4.05 -11.00 -31.39
N ASP C 301 -3.26 -9.97 -31.09
CA ASP C 301 -2.31 -9.44 -32.05
C ASP C 301 -0.98 -10.16 -32.18
N GLU C 302 -0.88 -11.36 -31.60
CA GLU C 302 0.22 -12.27 -31.86
C GLU C 302 -0.20 -13.71 -31.61
N TRP C 303 -0.26 -14.49 -32.68
CA TRP C 303 -0.50 -15.92 -32.61
C TRP C 303 0.18 -16.62 -33.76
N ASN C 304 0.75 -17.79 -33.47
CA ASN C 304 1.37 -18.64 -34.47
C ASN C 304 2.04 -19.82 -33.79
N VAL C 305 2.50 -20.76 -34.61
CA VAL C 305 3.45 -21.76 -34.18
C VAL C 305 4.82 -21.11 -34.28
N TRP C 306 5.67 -21.37 -33.29
CA TRP C 306 7.01 -20.83 -33.25
C TRP C 306 7.90 -21.68 -32.33
N TYR C 307 8.83 -22.42 -32.93
CA TYR C 307 9.79 -23.24 -32.18
C TYR C 307 10.95 -23.76 -32.99
N HIS C 308 10.72 -23.97 -34.29
CA HIS C 308 11.72 -24.56 -35.17
C HIS C 308 13.07 -23.86 -35.13
N SER C 309 13.06 -22.53 -35.25
CA SER C 309 14.29 -21.76 -35.43
C SER C 309 15.02 -21.43 -34.14
N ASN C 310 14.47 -21.86 -32.99
CA ASN C 310 15.03 -21.57 -31.68
C ASN C 310 16.55 -21.80 -31.52
N ASN C 311 17.03 -22.98 -31.91
CA ASN C 311 18.45 -23.31 -31.78
C ASN C 311 19.38 -22.51 -32.70
N GLU C 312 18.94 -22.24 -33.92
CA GLU C 312 19.73 -21.46 -34.87
C GLU C 312 19.79 -19.99 -34.48
N ASP C 313 18.70 -19.49 -33.88
CA ASP C 313 18.64 -18.09 -33.42
C ASP C 313 19.66 -17.79 -32.31
N ALA C 314 19.90 -18.76 -31.42
CA ALA C 314 20.93 -18.66 -30.38
C ALA C 314 22.33 -18.66 -31.00
N ASN C 315 22.54 -19.56 -31.96
CA ASN C 315 23.77 -19.62 -32.75
C ASN C 315 24.19 -18.22 -33.21
N ILE C 316 23.21 -17.46 -33.68
CA ILE C 316 23.39 -16.06 -34.09
C ILE C 316 23.67 -15.17 -32.87
N MET C 317 22.71 -15.12 -31.93
CA MET C 317 22.73 -14.24 -30.73
C MET C 317 24.02 -14.42 -29.90
N GLN C 318 24.96 -13.48 -30.05
CA GLN C 318 26.36 -13.66 -29.63
C GLN C 318 27.00 -14.72 -30.54
N ASN C 319 28.05 -14.30 -31.27
CA ASN C 319 28.51 -14.90 -32.54
C ASN C 319 27.98 -13.95 -33.62
N GLU C 320 28.56 -12.76 -33.64
CA GLU C 320 28.01 -11.57 -34.29
C GLU C 320 28.39 -10.41 -33.35
N PRO C 321 27.42 -9.56 -32.97
CA PRO C 321 26.09 -9.31 -33.51
C PRO C 321 26.09 -8.02 -34.33
N TRP C 322 25.01 -7.23 -34.21
CA TRP C 322 24.87 -5.94 -34.92
C TRP C 322 24.95 -6.07 -36.44
N ARG C 323 24.34 -7.13 -36.95
CA ARG C 323 24.24 -7.33 -38.39
C ARG C 323 23.02 -6.55 -38.88
N ILE C 324 22.98 -6.29 -40.19
CA ILE C 324 21.75 -5.79 -40.82
C ILE C 324 20.98 -6.98 -41.37
N ALA C 325 19.69 -7.06 -41.05
CA ALA C 325 18.80 -8.10 -41.54
C ALA C 325 19.32 -9.53 -41.35
N PRO C 326 19.57 -9.93 -40.08
CA PRO C 326 19.96 -11.32 -39.82
C PRO C 326 18.79 -12.28 -40.02
N PRO C 327 19.06 -13.51 -40.48
CA PRO C 327 18.05 -14.57 -40.63
C PRO C 327 17.51 -15.06 -39.29
N LEU C 328 16.64 -14.24 -38.70
CA LEU C 328 16.09 -14.49 -37.38
C LEU C 328 14.67 -15.03 -37.47
N LEU C 329 14.35 -15.95 -36.55
CA LEU C 329 13.00 -16.48 -36.36
C LEU C 329 12.47 -17.23 -37.59
N GLU C 330 13.38 -17.73 -38.40
CA GLU C 330 13.00 -18.31 -39.69
C GLU C 330 12.56 -19.77 -39.61
N ASP C 331 11.42 -19.99 -38.95
CA ASP C 331 10.82 -21.31 -38.84
C ASP C 331 10.45 -21.85 -40.22
N ILE C 332 10.67 -23.15 -40.41
CA ILE C 332 10.28 -23.81 -41.63
C ILE C 332 9.17 -24.79 -41.28
N TYR C 333 7.93 -24.37 -41.53
CA TYR C 333 6.76 -25.05 -41.01
C TYR C 333 6.43 -26.37 -41.69
N THR C 334 6.04 -27.33 -40.86
CA THR C 334 5.69 -28.69 -41.30
C THR C 334 4.19 -28.82 -41.49
N PHE C 335 3.71 -30.02 -41.81
CA PHE C 335 2.27 -30.23 -41.97
C PHE C 335 1.50 -30.16 -40.65
N GLU C 336 2.00 -30.82 -39.62
CA GLU C 336 1.37 -30.78 -38.30
C GLU C 336 1.18 -29.35 -37.79
N ASP C 337 2.09 -28.44 -38.16
CA ASP C 337 1.97 -27.03 -37.81
C ASP C 337 0.76 -26.41 -38.51
N ALA C 338 0.58 -26.78 -39.77
CA ALA C 338 -0.53 -26.29 -40.59
C ALA C 338 -1.88 -26.72 -40.05
N LEU C 339 -1.89 -27.85 -39.35
CA LEU C 339 -3.11 -28.30 -38.68
C LEU C 339 -3.40 -27.46 -37.44
N LEU C 340 -2.36 -27.06 -36.71
CA LEU C 340 -2.57 -26.29 -35.49
C LEU C 340 -3.00 -24.87 -35.83
N VAL C 341 -2.35 -24.28 -36.83
CA VAL C 341 -2.70 -22.93 -37.27
C VAL C 341 -4.17 -22.93 -37.68
N GLY C 342 -4.63 -24.04 -38.24
CA GLY C 342 -6.04 -24.20 -38.55
C GLY C 342 -6.93 -24.31 -37.32
N LEU C 343 -6.49 -25.11 -36.36
CA LEU C 343 -7.20 -25.29 -35.08
C LEU C 343 -7.29 -23.99 -34.32
N MET C 344 -6.24 -23.18 -34.42
CA MET C 344 -6.21 -21.87 -33.80
C MET C 344 -7.21 -20.90 -34.48
N LEU C 345 -7.18 -20.87 -35.81
CA LEU C 345 -8.14 -20.07 -36.58
C LEU C 345 -9.56 -20.41 -36.20
N ILE C 346 -9.84 -21.72 -36.12
CA ILE C 346 -11.14 -22.21 -35.71
C ILE C 346 -11.49 -21.66 -34.32
N THR C 347 -10.57 -21.84 -33.38
CA THR C 347 -10.77 -21.36 -32.02
C THR C 347 -10.99 -19.84 -31.96
N LEU C 348 -10.29 -19.10 -32.81
CA LEU C 348 -10.51 -17.66 -32.92
C LEU C 348 -11.91 -17.39 -33.43
N MET C 349 -12.31 -18.11 -34.47
CA MET C 349 -13.64 -17.96 -35.05
C MET C 349 -14.74 -18.23 -34.02
N LYS C 350 -14.54 -19.24 -33.17
CA LYS C 350 -15.53 -19.60 -32.14
C LYS C 350 -15.74 -18.48 -31.13
N HIS C 351 -14.78 -17.56 -31.07
CA HIS C 351 -14.85 -16.42 -30.15
C HIS C 351 -14.89 -15.08 -30.88
N ALA C 352 -15.51 -15.08 -32.07
CA ALA C 352 -15.57 -13.89 -32.89
C ALA C 352 -16.44 -12.78 -32.32
N ASP C 353 -17.25 -13.10 -31.29
CA ASP C 353 -18.08 -12.08 -30.66
C ASP C 353 -17.29 -11.09 -29.80
N ARG C 354 -16.17 -11.55 -29.27
CA ARG C 354 -15.31 -10.69 -28.46
C ARG C 354 -13.93 -10.44 -29.08
N ILE C 355 -13.48 -11.35 -29.94
CA ILE C 355 -12.26 -11.14 -30.70
C ILE C 355 -12.59 -10.48 -32.03
N LYS C 356 -12.09 -9.25 -32.21
CA LYS C 356 -12.39 -8.48 -33.41
C LYS C 356 -11.14 -8.19 -34.23
N ILE C 357 -9.97 -8.40 -33.64
CA ILE C 357 -8.69 -8.16 -34.31
C ILE C 357 -7.67 -9.24 -33.98
N ALA C 358 -6.96 -9.70 -35.02
CA ALA C 358 -5.81 -10.63 -34.96
C ALA C 358 -5.41 -10.74 -36.43
N CYS C 359 -4.17 -11.04 -36.83
CA CYS C 359 -2.85 -10.82 -36.22
C CYS C 359 -1.94 -12.04 -36.07
N LEU C 360 -1.68 -12.68 -37.20
CA LEU C 360 -0.76 -13.82 -37.26
C LEU C 360 0.67 -13.30 -37.21
N ALA C 361 1.44 -13.81 -36.26
CA ALA C 361 2.83 -13.39 -36.10
C ALA C 361 3.80 -14.40 -36.71
N GLN C 362 4.51 -14.03 -37.78
CA GLN C 362 4.37 -12.74 -38.47
C GLN C 362 4.12 -12.99 -39.95
N LEU C 363 4.14 -11.94 -40.76
CA LEU C 363 3.69 -12.03 -42.16
C LEU C 363 4.76 -12.48 -43.15
N ILE C 364 5.94 -11.86 -43.09
CA ILE C 364 7.04 -12.16 -44.00
C ILE C 364 8.23 -12.73 -43.24
N ASN C 365 8.83 -13.80 -43.80
CA ASN C 365 10.09 -14.40 -43.31
C ASN C 365 10.14 -14.84 -41.83
N VAL C 366 9.94 -13.87 -40.95
CA VAL C 366 9.92 -14.08 -39.51
C VAL C 366 8.67 -14.86 -39.16
N ILE C 367 8.85 -16.09 -38.66
CA ILE C 367 7.76 -17.02 -38.35
C ILE C 367 6.51 -16.76 -39.19
N ALA C 368 6.66 -16.95 -40.50
CA ALA C 368 5.73 -16.44 -41.49
C ALA C 368 5.25 -17.50 -42.47
N PRO C 369 4.06 -17.28 -43.09
CA PRO C 369 3.59 -18.14 -44.17
C PRO C 369 4.26 -17.84 -45.51
N ILE C 370 4.81 -16.65 -45.65
CA ILE C 370 5.48 -16.26 -46.88
C ILE C 370 6.98 -16.14 -46.59
N VAL C 371 7.80 -16.78 -47.42
CA VAL C 371 9.24 -16.73 -47.29
C VAL C 371 9.90 -16.36 -48.61
N THR C 372 10.89 -15.47 -48.56
CA THR C 372 11.80 -15.25 -49.67
C THR C 372 13.18 -15.80 -49.29
N GLU C 373 13.92 -16.30 -50.27
CA GLU C 373 15.08 -17.13 -50.00
C GLU C 373 16.28 -16.41 -49.37
N ARG C 374 16.58 -15.20 -49.82
CA ARG C 374 17.81 -14.49 -49.41
C ARG C 374 18.98 -15.05 -50.19
N ASN C 375 19.61 -14.22 -51.00
CA ASN C 375 19.30 -12.82 -51.10
C ASN C 375 19.40 -12.43 -52.59
N GLY C 376 18.43 -12.85 -53.40
CA GLY C 376 17.26 -13.60 -52.99
C GLY C 376 16.07 -12.86 -53.55
N GLY C 377 14.95 -13.54 -53.75
CA GLY C 377 14.83 -14.98 -53.67
C GLY C 377 14.62 -15.42 -55.11
N ALA C 378 13.66 -16.31 -55.42
CA ALA C 378 12.83 -17.10 -54.49
C ALA C 378 11.72 -16.36 -53.75
N ALA C 379 10.57 -17.03 -53.66
CA ALA C 379 9.40 -16.60 -52.89
C ALA C 379 8.39 -17.74 -52.95
N TRP C 380 7.94 -18.20 -51.79
CA TRP C 380 7.11 -19.41 -51.72
C TRP C 380 6.23 -19.43 -50.46
N ARG C 381 5.31 -20.41 -50.43
CA ARG C 381 4.32 -20.53 -49.38
C ARG C 381 4.67 -21.66 -48.43
N GLN C 382 4.84 -21.33 -47.15
CA GLN C 382 4.97 -22.33 -46.09
C GLN C 382 3.66 -23.10 -45.95
N THR C 383 3.71 -24.24 -45.28
CA THR C 383 2.50 -25.05 -45.05
C THR C 383 1.36 -24.21 -44.46
N ILE C 384 1.68 -23.39 -43.45
CA ILE C 384 0.68 -22.60 -42.73
C ILE C 384 -0.02 -21.51 -43.54
N PHE C 385 0.42 -21.31 -44.79
CA PHE C 385 -0.22 -20.35 -45.68
C PHE C 385 -1.68 -20.69 -45.91
N TYR C 386 -1.97 -21.95 -46.18
CA TYR C 386 -3.27 -22.34 -46.73
C TYR C 386 -4.47 -22.31 -45.78
N PRO C 387 -4.32 -22.84 -44.55
CA PRO C 387 -5.47 -22.75 -43.65
C PRO C 387 -5.85 -21.30 -43.39
N PHE C 388 -4.85 -20.41 -43.38
CA PHE C 388 -5.12 -18.98 -43.23
C PHE C 388 -5.83 -18.41 -44.46
N MET C 389 -5.32 -18.74 -45.65
CA MET C 389 -5.94 -18.29 -46.89
C MET C 389 -7.41 -18.69 -46.91
N HIS C 390 -7.67 -19.97 -46.62
CA HIS C 390 -9.01 -20.52 -46.59
C HIS C 390 -9.90 -19.78 -45.59
N ALA C 391 -9.39 -19.60 -44.37
CA ALA C 391 -10.16 -18.96 -43.31
C ALA C 391 -10.52 -17.53 -43.70
N SER C 392 -9.52 -16.80 -44.20
CA SER C 392 -9.69 -15.41 -44.60
C SER C 392 -10.64 -15.20 -45.76
N LYS C 393 -10.76 -16.21 -46.61
CA LYS C 393 -11.61 -16.11 -47.81
C LYS C 393 -13.03 -16.63 -47.58
N TYR C 394 -13.15 -17.83 -47.01
CA TYR C 394 -14.45 -18.47 -46.86
C TYR C 394 -15.13 -18.16 -45.53
N GLY C 395 -14.34 -17.78 -44.53
CA GLY C 395 -14.84 -17.51 -43.20
C GLY C 395 -15.19 -16.04 -42.96
N ARG C 396 -16.11 -15.51 -43.76
CA ARG C 396 -16.63 -14.16 -43.55
C ARG C 396 -18.14 -14.15 -43.59
N GLY C 397 -18.76 -13.69 -42.49
CA GLY C 397 -20.21 -13.77 -42.29
C GLY C 397 -20.55 -13.98 -40.81
N ILE C 398 -21.42 -14.93 -40.52
CA ILE C 398 -21.95 -15.14 -39.17
C ILE C 398 -21.50 -16.48 -38.58
N VAL C 399 -20.96 -16.45 -37.36
CA VAL C 399 -20.52 -17.67 -36.67
C VAL C 399 -21.66 -18.35 -35.94
N LEU C 400 -21.86 -19.62 -36.24
CA LEU C 400 -22.92 -20.44 -35.64
C LEU C 400 -22.37 -21.32 -34.53
N GLN C 401 -23.15 -21.50 -33.47
CA GLN C 401 -22.76 -22.35 -32.35
C GLN C 401 -22.44 -23.79 -32.77
N PRO C 402 -21.19 -24.20 -32.52
CA PRO C 402 -20.76 -25.56 -32.85
C PRO C 402 -21.34 -26.56 -31.85
N VAL C 403 -22.50 -27.13 -32.19
CA VAL C 403 -23.10 -28.16 -31.35
C VAL C 403 -22.52 -29.50 -31.75
N ILE C 404 -21.33 -29.80 -31.22
CA ILE C 404 -20.58 -31.00 -31.61
C ILE C 404 -20.65 -32.11 -30.57
N ASN C 405 -20.92 -33.32 -31.06
CA ASN C 405 -20.83 -34.52 -30.27
C ASN C 405 -19.72 -35.38 -30.88
N SER C 406 -18.49 -35.10 -30.47
CA SER C 406 -17.31 -35.77 -31.04
C SER C 406 -16.71 -36.77 -30.06
N PRO C 407 -16.16 -37.89 -30.58
CA PRO C 407 -15.39 -38.76 -29.70
C PRO C 407 -14.22 -38.01 -29.05
N LEU C 408 -13.75 -38.53 -27.92
CA LEU C 408 -12.66 -37.91 -27.18
C LEU C 408 -11.44 -38.83 -27.17
N HIS C 409 -10.27 -38.23 -26.95
CA HIS C 409 -9.04 -38.97 -26.73
C HIS C 409 -8.23 -38.24 -25.67
N ASP C 410 -7.34 -38.96 -25.00
CA ASP C 410 -6.40 -38.33 -24.08
C ASP C 410 -5.04 -38.18 -24.75
N THR C 411 -4.23 -37.24 -24.25
CA THR C 411 -2.83 -37.13 -24.67
C THR C 411 -1.92 -37.21 -23.44
N SER C 412 -0.63 -36.97 -23.64
CA SER C 412 0.35 -37.05 -22.55
C SER C 412 0.11 -36.01 -21.46
N LYS C 413 -0.39 -34.85 -21.86
CA LYS C 413 -0.52 -33.70 -20.98
C LYS C 413 -1.89 -33.04 -21.01
N HIS C 414 -2.83 -33.64 -21.76
CA HIS C 414 -4.21 -33.14 -21.84
C HIS C 414 -5.20 -34.29 -21.71
N GLU C 415 -6.33 -34.03 -21.04
CA GLU C 415 -7.40 -35.01 -20.92
C GLU C 415 -8.67 -34.56 -21.67
N ASP C 416 -9.49 -35.53 -22.07
CA ASP C 416 -10.77 -35.32 -22.76
C ASP C 416 -10.67 -34.36 -23.95
N VAL C 417 -9.86 -34.73 -24.93
CA VAL C 417 -9.63 -33.87 -26.11
C VAL C 417 -10.49 -34.33 -27.29
N THR C 418 -11.31 -33.40 -27.79
CA THR C 418 -12.19 -33.66 -28.93
C THR C 418 -11.38 -34.06 -30.18
N ASP C 419 -11.78 -35.15 -30.82
CA ASP C 419 -11.16 -35.61 -32.06
C ASP C 419 -11.46 -34.66 -33.23
N ILE C 420 -12.62 -34.01 -33.19
CA ILE C 420 -13.03 -33.05 -34.21
C ILE C 420 -13.27 -31.68 -33.59
N GLU C 421 -12.50 -30.70 -34.06
CA GLU C 421 -12.78 -29.31 -33.75
C GLU C 421 -13.34 -28.67 -35.02
N SER C 422 -14.55 -28.13 -34.90
CA SER C 422 -15.25 -27.58 -36.04
C SER C 422 -16.09 -26.38 -35.67
N VAL C 423 -16.45 -25.61 -36.69
CA VAL C 423 -17.27 -24.41 -36.55
C VAL C 423 -17.78 -24.02 -37.94
N ALA C 424 -19.05 -23.63 -38.01
CA ALA C 424 -19.68 -23.29 -39.29
C ALA C 424 -19.90 -21.79 -39.35
N ILE C 425 -19.56 -21.20 -40.50
CA ILE C 425 -19.90 -19.78 -40.70
C ILE C 425 -20.81 -19.58 -41.91
N TYR C 426 -21.86 -18.77 -41.71
CA TYR C 426 -22.91 -18.58 -42.70
C TYR C 426 -22.90 -17.16 -43.28
N ASN C 427 -22.72 -17.07 -44.59
CA ASN C 427 -22.72 -15.83 -45.34
C ASN C 427 -23.67 -16.00 -46.51
N GLU C 428 -24.60 -15.08 -46.76
CA GLU C 428 -24.67 -13.74 -46.21
C GLU C 428 -25.93 -13.03 -46.76
N GLU C 429 -26.01 -12.71 -48.08
CA GLU C 429 -25.19 -13.24 -49.19
C GLU C 429 -25.25 -14.77 -49.15
N LYS C 430 -24.46 -15.54 -49.91
CA LYS C 430 -23.98 -15.25 -51.26
C LYS C 430 -23.99 -16.53 -52.13
N GLU C 431 -24.67 -17.62 -51.72
CA GLU C 431 -25.53 -17.73 -50.53
C GLU C 431 -25.11 -18.97 -49.73
N GLU C 432 -23.94 -18.89 -49.10
CA GLU C 432 -23.17 -20.08 -48.71
C GLU C 432 -23.04 -20.36 -47.20
N VAL C 433 -22.75 -21.61 -46.86
CA VAL C 433 -22.31 -21.97 -45.50
C VAL C 433 -21.04 -22.80 -45.59
N THR C 434 -20.01 -22.38 -44.87
CA THR C 434 -18.71 -23.05 -44.91
C THR C 434 -18.41 -23.71 -43.56
N ILE C 435 -18.22 -25.03 -43.60
CA ILE C 435 -17.83 -25.77 -42.41
C ILE C 435 -16.31 -25.99 -42.39
N PHE C 436 -15.63 -25.37 -41.43
CA PHE C 436 -14.23 -25.64 -41.16
C PHE C 436 -14.15 -26.74 -40.11
N ALA C 437 -13.32 -27.74 -40.35
CA ALA C 437 -13.19 -28.88 -39.44
C ALA C 437 -11.80 -29.49 -39.48
N VAL C 438 -11.24 -29.74 -38.31
CA VAL C 438 -9.94 -30.37 -38.20
C VAL C 438 -10.06 -31.73 -37.50
N ASN C 439 -9.14 -32.62 -37.81
CA ASN C 439 -9.08 -33.93 -37.19
C ASN C 439 -7.75 -34.17 -36.46
N ARG C 440 -7.70 -33.82 -35.17
CA ARG C 440 -6.68 -34.34 -34.26
C ARG C 440 -7.03 -35.80 -34.08
N ASN C 441 -6.03 -36.66 -33.88
CA ASN C 441 -6.24 -38.11 -33.96
C ASN C 441 -6.62 -38.47 -35.40
N ILE C 442 -5.68 -38.94 -36.23
CA ILE C 442 -4.34 -39.45 -35.86
C ILE C 442 -4.47 -40.28 -34.56
N HIS C 443 -4.75 -41.58 -34.69
CA HIS C 443 -4.53 -42.33 -35.91
C HIS C 443 -5.81 -43.01 -36.40
N GLU C 444 -6.85 -42.20 -36.60
CA GLU C 444 -8.17 -42.71 -37.04
C GLU C 444 -8.89 -41.76 -38.00
N ASP C 445 -9.57 -42.32 -38.99
CA ASP C 445 -10.41 -41.56 -39.91
C ASP C 445 -11.84 -41.59 -39.39
N ILE C 446 -12.39 -40.42 -39.07
CA ILE C 446 -13.76 -40.36 -38.54
C ILE C 446 -14.76 -39.78 -39.53
N VAL C 447 -16.04 -40.06 -39.28
CA VAL C 447 -17.13 -39.57 -40.10
C VAL C 447 -17.97 -38.54 -39.32
N LEU C 448 -18.05 -37.32 -39.86
CA LEU C 448 -18.82 -36.25 -39.24
C LEU C 448 -20.19 -36.07 -39.88
N VAL C 449 -21.22 -36.43 -39.12
CA VAL C 449 -22.60 -36.23 -39.53
C VAL C 449 -23.02 -34.81 -39.15
N SER C 450 -23.41 -34.02 -40.13
CA SER C 450 -23.79 -32.63 -39.90
C SER C 450 -25.27 -32.38 -40.23
N ASP C 451 -26.07 -32.25 -39.17
CA ASP C 451 -27.47 -31.88 -39.29
C ASP C 451 -27.58 -30.38 -39.60
N VAL C 452 -27.76 -30.04 -40.86
CA VAL C 452 -28.01 -28.65 -41.24
C VAL C 452 -29.52 -28.39 -41.11
N ARG C 453 -29.86 -27.48 -40.20
CA ARG C 453 -31.25 -27.27 -39.78
C ARG C 453 -32.14 -26.73 -40.89
N GLY C 454 -31.70 -25.66 -41.55
CA GLY C 454 -32.37 -25.17 -42.74
C GLY C 454 -32.04 -26.05 -43.94
N MET C 455 -31.27 -25.50 -44.87
CA MET C 455 -30.94 -24.09 -44.86
C MET C 455 -31.73 -23.40 -45.97
N LYS C 456 -32.66 -24.15 -46.56
CA LYS C 456 -33.57 -23.69 -47.63
C LYS C 456 -32.83 -23.33 -48.93
N ASP C 457 -32.50 -24.31 -49.78
CA ASP C 457 -32.55 -25.75 -49.53
C ASP C 457 -31.50 -26.30 -50.50
N TYR C 458 -30.26 -25.90 -50.30
CA TYR C 458 -29.27 -25.91 -51.38
C TYR C 458 -28.15 -26.95 -51.35
N ARG C 459 -27.68 -27.25 -52.57
CA ARG C 459 -26.67 -28.26 -52.88
C ARG C 459 -25.29 -28.07 -52.22
N LEU C 460 -24.44 -29.09 -52.36
CA LEU C 460 -23.04 -29.04 -51.93
C LEU C 460 -22.12 -28.59 -53.07
N LEU C 461 -21.26 -27.61 -52.77
CA LEU C 461 -20.41 -26.99 -53.80
C LEU C 461 -19.06 -27.68 -53.97
N GLU C 462 -18.35 -27.85 -52.85
CA GLU C 462 -16.91 -28.14 -52.87
C GLU C 462 -16.41 -28.60 -51.50
N HIS C 463 -15.53 -29.60 -51.50
CA HIS C 463 -14.83 -30.05 -50.29
C HIS C 463 -13.31 -29.87 -50.43
N ILE C 464 -12.78 -28.80 -49.83
CA ILE C 464 -11.32 -28.56 -49.90
C ILE C 464 -10.64 -29.24 -48.71
N VAL C 465 -9.67 -30.09 -49.02
CA VAL C 465 -8.95 -30.86 -48.02
C VAL C 465 -7.49 -30.41 -47.98
N LEU C 466 -6.81 -30.71 -46.87
CA LEU C 466 -5.37 -30.45 -46.75
C LEU C 466 -4.77 -31.61 -45.96
N GLU C 467 -4.07 -32.51 -46.64
CA GLU C 467 -3.57 -33.75 -46.01
C GLU C 467 -2.20 -34.27 -46.47
N HIS C 468 -1.82 -35.43 -45.89
CA HIS C 468 -0.42 -35.91 -45.71
C HIS C 468 -0.13 -36.61 -44.33
N GLN C 469 0.00 -37.95 -44.28
CA GLN C 469 1.03 -38.70 -45.03
C GLN C 469 2.41 -38.29 -44.53
N ASP C 470 2.52 -37.96 -43.24
CA ASP C 470 3.71 -37.31 -42.64
C ASP C 470 3.80 -35.91 -43.24
N LEU C 471 3.45 -34.83 -42.53
CA LEU C 471 3.19 -34.67 -41.07
C LEU C 471 4.37 -33.92 -40.45
N LYS C 472 5.58 -34.37 -40.78
CA LYS C 472 6.80 -33.61 -40.52
C LYS C 472 7.30 -33.03 -41.84
N ILE C 473 6.55 -33.28 -42.91
CA ILE C 473 6.86 -32.78 -44.24
C ILE C 473 6.70 -31.26 -44.30
N ARG C 474 7.53 -30.62 -45.13
CA ARG C 474 7.59 -29.17 -45.19
C ARG C 474 7.69 -28.69 -46.63
N ASN C 475 7.31 -27.44 -46.87
CA ASN C 475 7.47 -26.82 -48.17
C ASN C 475 8.84 -26.18 -48.33
N SER C 476 9.17 -25.80 -49.57
CA SER C 476 10.41 -25.09 -49.88
C SER C 476 10.29 -24.35 -51.20
N VAL C 477 11.39 -23.71 -51.61
CA VAL C 477 11.41 -22.94 -52.84
C VAL C 477 11.26 -23.83 -54.08
N ASN C 478 11.69 -25.08 -53.98
CA ASN C 478 11.39 -26.07 -55.01
C ASN C 478 10.22 -26.95 -54.58
N GLY C 479 9.49 -26.51 -53.56
CA GLY C 479 8.58 -27.40 -52.83
C GLY C 479 7.10 -27.24 -53.06
N GLU C 480 6.39 -26.92 -51.98
CA GLU C 480 4.93 -27.02 -51.91
C GLU C 480 4.47 -28.46 -52.02
N GLU C 481 4.76 -29.17 -50.93
CA GLU C 481 4.37 -30.54 -50.71
C GLU C 481 3.09 -30.55 -49.87
N VAL C 482 2.68 -29.37 -49.42
CA VAL C 482 1.39 -29.17 -48.77
C VAL C 482 0.63 -28.05 -49.48
N TYR C 483 -0.42 -28.44 -50.19
CA TYR C 483 -1.26 -27.51 -50.96
C TYR C 483 -2.71 -28.01 -50.99
N PRO C 484 -3.68 -27.10 -51.24
CA PRO C 484 -5.08 -27.51 -51.24
C PRO C 484 -5.41 -28.47 -52.37
N LYS C 485 -5.89 -29.66 -52.01
CA LYS C 485 -6.42 -30.63 -52.96
C LYS C 485 -7.95 -30.61 -52.87
N ASN C 486 -8.60 -30.44 -54.02
CA ASN C 486 -10.05 -30.25 -54.09
C ASN C 486 -10.81 -31.55 -54.25
N SER C 487 -11.00 -32.29 -53.15
CA SER C 487 -11.54 -33.64 -53.24
C SER C 487 -12.03 -34.18 -51.91
N ASP C 488 -12.67 -35.35 -51.93
CA ASP C 488 -12.71 -36.25 -50.77
C ASP C 488 -13.47 -37.59 -50.95
N LYS C 489 -14.76 -37.66 -50.62
CA LYS C 489 -15.61 -36.50 -50.43
C LYS C 489 -16.77 -36.68 -49.44
N SER C 490 -17.70 -35.74 -49.53
CA SER C 490 -19.03 -35.82 -48.94
C SER C 490 -19.96 -35.71 -50.15
N SER C 491 -21.24 -36.11 -50.09
CA SER C 491 -21.95 -36.61 -48.90
C SER C 491 -23.12 -35.68 -48.53
N PHE C 492 -24.09 -35.53 -49.44
CA PHE C 492 -25.22 -34.61 -49.18
C PHE C 492 -26.60 -35.10 -49.68
N ASP C 493 -27.04 -36.22 -49.11
CA ASP C 493 -28.39 -36.74 -49.32
C ASP C 493 -28.93 -37.19 -47.96
N ASP C 494 -30.04 -36.60 -47.47
CA ASP C 494 -30.75 -35.48 -48.11
C ASP C 494 -30.19 -34.17 -47.61
N GLY C 495 -29.55 -34.22 -46.45
CA GLY C 495 -28.77 -33.10 -45.94
C GLY C 495 -29.26 -32.52 -44.61
N ILE C 496 -28.78 -33.01 -43.46
CA ILE C 496 -27.91 -34.20 -43.27
C ILE C 496 -26.67 -34.38 -44.18
N LEU C 497 -25.53 -33.88 -43.70
CA LEU C 497 -24.25 -33.94 -44.41
C LEU C 497 -23.30 -34.96 -43.76
N THR C 498 -22.92 -36.00 -44.52
CA THR C 498 -21.97 -37.01 -44.04
C THR C 498 -20.58 -36.83 -44.66
N SER C 499 -19.61 -36.41 -43.85
CA SER C 499 -18.26 -36.11 -44.33
C SER C 499 -17.18 -37.05 -43.77
N MET C 500 -16.37 -37.61 -44.67
CA MET C 500 -15.23 -38.46 -44.32
C MET C 500 -13.96 -37.61 -44.18
N LEU C 501 -13.43 -37.52 -42.96
CA LEU C 501 -12.26 -36.68 -42.69
C LEU C 501 -11.05 -37.52 -42.28
N ARG C 502 -9.99 -37.49 -43.09
CA ARG C 502 -8.81 -38.36 -42.86
C ARG C 502 -8.11 -38.13 -41.52
N ARG C 503 -7.41 -39.18 -41.07
CA ARG C 503 -6.55 -39.18 -39.87
C ARG C 503 -6.12 -37.81 -39.34
N ALA C 504 -5.39 -37.04 -40.14
CA ALA C 504 -4.93 -35.71 -39.72
C ALA C 504 -5.21 -34.69 -40.80
N SER C 505 -6.36 -34.05 -40.75
CA SER C 505 -6.81 -33.24 -41.88
C SER C 505 -7.45 -31.91 -41.54
N TRP C 506 -7.12 -30.91 -42.35
CA TRP C 506 -7.81 -29.64 -42.38
C TRP C 506 -8.85 -29.76 -43.48
N ASN C 507 -10.09 -29.38 -43.15
CA ASN C 507 -11.21 -29.54 -44.06
C ASN C 507 -12.03 -28.28 -44.21
N VAL C 508 -12.21 -27.85 -45.46
CA VAL C 508 -13.10 -26.74 -45.78
C VAL C 508 -14.22 -27.26 -46.67
N ILE C 509 -15.40 -27.38 -46.07
CA ILE C 509 -16.60 -27.94 -46.73
C ILE C 509 -17.58 -26.79 -46.99
N ARG C 510 -18.07 -26.69 -48.23
CA ARG C 510 -18.87 -25.53 -48.64
C ARG C 510 -20.24 -25.87 -49.23
N ILE C 511 -21.28 -25.23 -48.70
CA ILE C 511 -22.67 -25.44 -49.14
C ILE C 511 -23.25 -24.15 -49.75
N GLY C 512 -24.04 -24.30 -50.82
CA GLY C 512 -24.69 -23.18 -51.52
C GLY C 512 -25.64 -23.68 -52.60
N ALA D 14 -30.54 45.79 10.23
CA ALA D 14 -29.28 44.98 10.36
C ALA D 14 -28.15 45.78 11.01
N ARG D 15 -27.62 45.24 12.10
CA ARG D 15 -26.51 45.88 12.82
C ARG D 15 -25.15 45.33 12.40
N MET D 16 -24.14 46.18 12.50
CA MET D 16 -22.73 45.82 12.32
C MET D 16 -21.89 46.78 13.15
N THR D 17 -20.77 46.29 13.68
CA THR D 17 -19.82 47.20 14.35
C THR D 17 -18.49 47.19 13.61
N VAL D 18 -17.96 48.39 13.38
CA VAL D 18 -16.68 48.57 12.71
C VAL D 18 -15.64 49.08 13.69
N ASP D 19 -14.65 48.23 13.97
CA ASP D 19 -13.65 48.50 14.99
C ASP D 19 -12.26 48.24 14.43
N LYS D 20 -11.38 49.23 14.58
CA LYS D 20 -9.99 49.12 14.15
C LYS D 20 -9.19 48.09 14.97
N ASP D 21 -9.61 47.90 16.23
CA ASP D 21 -9.00 46.91 17.13
C ASP D 21 -9.29 45.46 16.72
N TYR D 22 -10.33 45.24 15.91
CA TYR D 22 -10.76 43.89 15.52
C TYR D 22 -10.32 43.50 14.11
N LYS D 23 -9.03 43.26 13.92
CA LYS D 23 -8.44 42.98 12.61
C LYS D 23 -8.58 41.53 12.14
N ILE D 24 -8.72 41.36 10.83
CA ILE D 24 -8.53 40.06 10.22
C ILE D 24 -7.12 40.04 9.63
N ALA D 25 -6.85 40.92 8.68
CA ALA D 25 -5.53 40.98 8.05
C ALA D 25 -5.27 42.24 7.26
N GLU D 26 -4.00 42.42 6.92
CA GLU D 26 -3.58 43.37 5.92
C GLU D 26 -3.84 42.74 4.55
N ILE D 27 -4.50 43.48 3.66
CA ILE D 27 -4.77 42.98 2.31
C ILE D 27 -3.50 42.95 1.45
N ASP D 28 -3.32 41.81 0.78
CA ASP D 28 -2.34 41.71 -0.30
C ASP D 28 -3.04 42.06 -1.60
N LYS D 29 -2.47 43.00 -2.34
CA LYS D 29 -3.10 43.50 -3.57
C LYS D 29 -3.23 42.42 -4.63
N ARG D 30 -2.40 41.39 -4.57
CA ARG D 30 -2.45 40.32 -5.56
C ARG D 30 -3.73 39.49 -5.51
N ILE D 31 -4.66 39.85 -4.63
CA ILE D 31 -5.98 39.22 -4.63
C ILE D 31 -6.89 39.81 -5.71
N TYR D 32 -6.54 40.99 -6.21
CA TYR D 32 -7.29 41.60 -7.31
C TYR D 32 -6.65 41.28 -8.65
N GLY D 33 -6.09 40.09 -8.75
CA GLY D 33 -5.43 39.66 -9.96
C GLY D 33 -6.41 39.04 -10.94
N SER D 34 -5.93 38.82 -12.15
CA SER D 34 -6.67 38.14 -13.17
C SER D 34 -5.83 37.04 -13.82
N PHE D 35 -6.30 36.55 -14.97
CA PHE D 35 -5.80 35.33 -15.59
C PHE D 35 -6.12 35.39 -17.09
N VAL D 36 -5.11 35.13 -17.91
CA VAL D 36 -5.29 35.10 -19.36
C VAL D 36 -4.75 33.79 -19.90
N GLU D 37 -5.61 33.09 -20.64
CA GLU D 37 -5.25 31.82 -21.24
C GLU D 37 -5.38 31.96 -22.75
N HIS D 38 -4.56 31.21 -23.48
CA HIS D 38 -4.76 31.06 -24.93
C HIS D 38 -6.03 30.25 -25.17
N LEU D 39 -7.17 30.91 -24.97
CA LEU D 39 -8.47 30.29 -25.04
C LEU D 39 -9.31 31.20 -25.88
N GLY D 40 -9.96 30.64 -26.90
CA GLY D 40 -10.83 31.38 -27.78
C GLY D 40 -10.23 32.71 -28.17
N ARG D 41 -10.90 33.79 -27.78
CA ARG D 41 -10.50 35.12 -28.22
C ARG D 41 -9.91 35.99 -27.12
N ALA D 42 -9.24 35.37 -26.15
CA ALA D 42 -8.59 36.15 -25.10
C ALA D 42 -7.40 36.92 -25.66
N VAL D 43 -6.53 36.19 -26.38
CA VAL D 43 -5.35 36.77 -27.01
C VAL D 43 -5.71 37.20 -28.44
N TYR D 44 -5.92 36.23 -29.32
CA TYR D 44 -6.20 36.52 -30.72
C TYR D 44 -7.64 37.03 -30.88
N ASP D 45 -7.79 38.12 -31.62
CA ASP D 45 -9.05 38.86 -31.72
C ASP D 45 -9.56 39.29 -30.33
N GLY D 46 -8.62 39.50 -29.42
CA GLY D 46 -8.92 40.02 -28.11
C GLY D 46 -7.93 41.11 -27.78
N LEU D 47 -7.04 40.84 -26.84
CA LEU D 47 -6.03 41.80 -26.46
C LEU D 47 -5.02 42.06 -27.59
N TYR D 48 -4.75 41.04 -28.40
CA TYR D 48 -3.78 41.14 -29.50
C TYR D 48 -4.45 41.15 -30.87
N GLN D 49 -4.42 42.31 -31.54
CA GLN D 49 -5.05 42.50 -32.85
C GLN D 49 -4.18 43.32 -33.82
N PRO D 50 -3.16 42.69 -34.43
CA PRO D 50 -2.15 43.33 -35.29
C PRO D 50 -2.67 44.42 -36.22
N GLY D 51 -3.65 44.08 -37.06
CA GLY D 51 -4.09 45.01 -38.08
C GLY D 51 -4.79 46.27 -37.58
N ASN D 52 -5.47 46.14 -36.45
CA ASN D 52 -6.48 47.11 -36.00
C ASN D 52 -6.03 48.57 -35.86
N SER D 53 -6.94 49.48 -36.13
CA SER D 53 -6.68 50.91 -35.99
C SER D 53 -6.54 51.29 -34.52
N LYS D 54 -7.22 50.54 -33.66
CA LYS D 54 -7.25 50.81 -32.22
C LYS D 54 -6.04 50.22 -31.50
N SER D 55 -5.15 49.59 -32.27
CA SER D 55 -3.97 48.93 -31.71
C SER D 55 -2.71 49.79 -31.83
N ASP D 56 -1.73 49.54 -30.97
CA ASP D 56 -0.43 50.18 -31.09
C ASP D 56 0.44 49.42 -32.09
N GLU D 57 1.71 49.81 -32.19
CA GLU D 57 2.59 49.27 -33.21
C GLU D 57 3.22 47.93 -32.80
N ASP D 58 2.71 47.37 -31.72
CA ASP D 58 2.97 45.98 -31.37
C ASP D 58 1.73 45.15 -31.64
N GLY D 59 0.61 45.82 -31.86
CA GLY D 59 -0.65 45.16 -32.18
C GLY D 59 -1.58 44.89 -31.02
N PHE D 60 -1.27 45.45 -29.85
CA PHE D 60 -2.16 45.32 -28.68
C PHE D 60 -3.24 46.39 -28.74
N ARG D 61 -4.47 46.02 -28.39
CA ARG D 61 -5.59 46.96 -28.41
C ARG D 61 -5.44 48.04 -27.33
N LYS D 62 -5.31 49.29 -27.76
CA LYS D 62 -5.11 50.41 -26.83
C LYS D 62 -6.25 50.55 -25.81
N ASP D 63 -7.48 50.45 -26.30
CA ASP D 63 -8.66 50.53 -25.44
C ASP D 63 -8.71 49.38 -24.44
N VAL D 64 -8.41 48.16 -24.90
CA VAL D 64 -8.32 47.02 -24.01
C VAL D 64 -7.37 47.36 -22.87
N ILE D 65 -6.16 47.81 -23.22
CA ILE D 65 -5.15 48.23 -22.24
C ILE D 65 -5.75 49.19 -21.20
N GLU D 66 -6.45 50.22 -21.66
CA GLU D 66 -7.07 51.19 -20.76
C GLU D 66 -7.99 50.53 -19.75
N LEU D 67 -8.88 49.66 -20.24
CA LEU D 67 -9.85 49.00 -19.39
C LEU D 67 -9.17 48.09 -18.36
N VAL D 68 -8.04 47.49 -18.72
CA VAL D 68 -7.32 46.66 -17.78
C VAL D 68 -6.71 47.52 -16.67
N LYS D 69 -6.14 48.66 -17.07
CA LYS D 69 -5.58 49.60 -16.09
C LYS D 69 -6.70 50.13 -15.21
N GLU D 70 -7.85 50.38 -15.84
CA GLU D 70 -9.07 50.81 -15.15
C GLU D 70 -9.44 49.80 -14.04
N LEU D 71 -9.35 48.51 -14.38
CA LEU D 71 -9.57 47.43 -13.43
C LEU D 71 -8.50 47.33 -12.35
N ASN D 72 -7.35 47.97 -12.59
CA ASN D 72 -6.19 47.91 -11.70
C ASN D 72 -5.88 46.48 -11.26
N VAL D 73 -5.34 45.70 -12.19
CA VAL D 73 -4.98 44.29 -11.97
C VAL D 73 -3.45 44.18 -11.80
N PRO D 74 -2.99 43.85 -10.58
CA PRO D 74 -1.55 43.83 -10.29
C PRO D 74 -0.82 42.57 -10.77
N ILE D 75 -1.57 41.51 -11.06
CA ILE D 75 -0.97 40.21 -11.43
C ILE D 75 -1.86 39.41 -12.40
N ILE D 76 -1.26 38.82 -13.43
CA ILE D 76 -2.00 38.04 -14.41
C ILE D 76 -1.40 36.66 -14.57
N ARG D 77 -2.20 35.65 -14.25
CA ARG D 77 -1.86 34.25 -14.47
C ARG D 77 -1.84 33.98 -15.97
N TYR D 78 -0.80 33.28 -16.43
CA TYR D 78 -0.56 33.04 -17.86
C TYR D 78 0.43 31.88 -18.05
N PRO D 79 0.28 31.06 -19.11
CA PRO D 79 -0.71 31.05 -20.20
C PRO D 79 -1.87 30.09 -20.01
N GLY D 80 -2.02 29.51 -18.82
CA GLY D 80 -3.09 28.55 -18.57
C GLY D 80 -3.09 28.00 -17.15
N GLY D 81 -4.16 27.33 -16.75
CA GLY D 81 -5.26 26.98 -17.66
C GLY D 81 -5.00 25.61 -18.25
N ASN D 82 -6.05 25.01 -18.81
CA ASN D 82 -5.92 23.72 -19.47
C ASN D 82 -4.85 23.73 -20.57
N PHE D 83 -4.79 24.82 -21.33
CA PHE D 83 -3.81 25.03 -22.39
C PHE D 83 -2.37 24.61 -22.06
N VAL D 84 -1.91 24.96 -20.87
CA VAL D 84 -0.49 24.86 -20.56
C VAL D 84 -0.01 23.41 -20.43
N SER D 85 -0.93 22.51 -20.11
CA SER D 85 -0.57 21.13 -19.81
C SER D 85 -0.04 20.33 -21.01
N ASN D 86 0.01 20.99 -22.17
CA ASN D 86 0.59 20.42 -23.38
C ASN D 86 1.26 21.48 -24.25
N TYR D 87 1.69 22.56 -23.58
CA TYR D 87 2.28 23.70 -24.26
C TYR D 87 3.79 23.61 -24.24
N PHE D 88 4.41 24.02 -25.33
CA PHE D 88 5.86 24.02 -25.42
C PHE D 88 6.33 25.45 -25.60
N TRP D 89 6.77 26.06 -24.50
CA TRP D 89 7.11 27.48 -24.48
C TRP D 89 8.09 27.91 -25.59
N GLU D 90 8.98 27.00 -26.00
CA GLU D 90 9.89 27.26 -27.12
C GLU D 90 9.15 27.68 -28.39
N ASP D 91 7.97 27.10 -28.61
CA ASP D 91 7.14 27.39 -29.79
C ASP D 91 6.64 28.83 -29.85
N GLY D 92 6.71 29.54 -28.73
CA GLY D 92 6.23 30.91 -28.62
C GLY D 92 7.31 31.97 -28.40
N VAL D 93 8.55 31.63 -28.71
CA VAL D 93 9.67 32.56 -28.64
C VAL D 93 10.54 32.49 -29.89
N GLY D 94 11.32 33.54 -30.14
CA GLY D 94 12.21 33.61 -31.30
C GLY D 94 11.52 34.14 -32.54
N PRO D 95 12.28 34.31 -33.65
CA PRO D 95 11.71 34.73 -34.92
C PRO D 95 10.34 34.12 -35.18
N VAL D 96 9.32 34.98 -35.26
CA VAL D 96 7.93 34.55 -35.41
C VAL D 96 7.67 33.70 -36.68
N GLU D 97 8.57 33.78 -37.66
CA GLU D 97 8.48 32.96 -38.90
C GLU D 97 8.76 31.48 -38.61
N ASP D 98 9.63 31.25 -37.64
CA ASP D 98 10.05 29.89 -37.28
C ASP D 98 9.15 29.29 -36.20
N ARG D 99 8.26 30.11 -35.66
CA ARG D 99 7.30 29.63 -34.66
C ARG D 99 6.27 28.75 -35.33
N PRO D 100 6.11 27.51 -34.82
CA PRO D 100 5.21 26.53 -35.41
C PRO D 100 3.76 26.73 -34.99
N ARG D 101 2.84 26.20 -35.80
CA ARG D 101 1.45 26.09 -35.41
C ARG D 101 1.27 24.75 -34.72
N ARG D 102 0.65 24.78 -33.55
CA ARG D 102 0.44 23.58 -32.76
C ARG D 102 -1.04 23.29 -32.56
N LEU D 103 -1.36 22.00 -32.49
CA LEU D 103 -2.68 21.55 -32.05
C LEU D 103 -2.79 21.86 -30.57
N ASP D 104 -3.82 22.63 -30.19
CA ASP D 104 -4.18 22.80 -28.78
C ASP D 104 -5.22 21.76 -28.45
N LEU D 105 -4.87 20.80 -27.59
CA LEU D 105 -5.78 19.69 -27.32
C LEU D 105 -6.86 20.07 -26.31
N ALA D 106 -6.55 21.06 -25.48
CA ALA D 106 -7.45 21.51 -24.43
C ALA D 106 -8.74 22.09 -24.98
N TRP D 107 -8.63 22.91 -26.02
CA TRP D 107 -9.77 23.62 -26.60
C TRP D 107 -9.91 23.39 -28.10
N LYS D 108 -9.49 22.21 -28.55
CA LYS D 108 -9.58 21.81 -29.96
C LYS D 108 -9.29 22.94 -30.96
N SER D 109 -8.24 23.72 -30.68
CA SER D 109 -7.88 24.87 -31.50
C SER D 109 -6.51 24.73 -32.16
N ILE D 110 -6.23 25.56 -33.16
CA ILE D 110 -4.88 25.65 -33.70
C ILE D 110 -4.21 26.87 -33.09
N GLU D 111 -3.12 26.64 -32.38
CA GLU D 111 -2.39 27.74 -31.76
C GLU D 111 -1.26 28.22 -32.67
N PRO D 112 -1.39 29.45 -33.21
CA PRO D 112 -0.42 29.99 -34.16
C PRO D 112 0.86 30.49 -33.49
N ASN D 113 0.81 30.69 -32.17
CA ASN D 113 1.96 31.06 -31.35
C ASN D 113 2.58 32.43 -31.62
N GLN D 114 1.78 33.33 -32.20
CA GLN D 114 2.25 34.68 -32.50
C GLN D 114 2.45 35.54 -31.25
N VAL D 115 1.77 35.16 -30.17
CA VAL D 115 2.01 35.77 -28.86
C VAL D 115 2.62 34.71 -27.93
N GLY D 116 3.55 35.12 -27.08
CA GLY D 116 4.20 34.18 -26.19
C GLY D 116 5.36 34.72 -25.40
N ILE D 117 5.23 34.66 -24.08
CA ILE D 117 6.23 35.15 -23.12
C ILE D 117 6.68 36.58 -23.38
N ASN D 118 7.50 36.80 -24.40
CA ASN D 118 8.02 38.12 -24.71
C ASN D 118 6.96 39.12 -25.17
N GLU D 119 6.04 38.64 -25.99
CA GLU D 119 4.89 39.46 -26.40
C GLU D 119 4.00 39.71 -25.20
N PHE D 120 3.75 38.67 -24.40
CA PHE D 120 2.86 38.83 -23.26
C PHE D 120 3.46 39.67 -22.13
N ALA D 121 4.78 39.59 -21.96
CA ALA D 121 5.49 40.35 -20.93
C ALA D 121 5.31 41.85 -21.11
N LYS D 122 5.41 42.31 -22.36
CA LYS D 122 5.35 43.73 -22.63
C LYS D 122 3.92 44.25 -22.57
N TRP D 123 2.97 43.35 -22.76
CA TRP D 123 1.57 43.70 -22.59
C TRP D 123 1.28 44.00 -21.13
N CYS D 124 1.73 43.12 -20.25
CA CYS D 124 1.56 43.30 -18.81
C CYS D 124 2.20 44.60 -18.33
N LYS D 125 3.36 44.92 -18.90
CA LYS D 125 4.03 46.20 -18.65
C LYS D 125 3.11 47.36 -18.97
N LYS D 126 2.47 47.26 -20.13
CA LYS D 126 1.58 48.30 -20.62
C LYS D 126 0.34 48.43 -19.75
N VAL D 127 -0.14 47.29 -19.24
CA VAL D 127 -1.32 47.28 -18.37
C VAL D 127 -0.95 47.41 -16.89
N ASN D 128 0.34 47.61 -16.62
CA ASN D 128 0.89 47.80 -15.26
C ASN D 128 0.67 46.61 -14.34
N ALA D 129 0.77 45.42 -14.92
CA ALA D 129 0.58 44.18 -14.20
C ALA D 129 1.84 43.32 -14.29
N GLU D 130 1.88 42.29 -13.45
CA GLU D 130 2.95 41.32 -13.51
C GLU D 130 2.43 39.95 -13.87
N ILE D 131 3.30 39.16 -14.47
CA ILE D 131 2.88 37.85 -14.92
C ILE D 131 3.17 36.74 -13.88
N MET D 132 2.16 35.91 -13.65
CA MET D 132 2.27 34.73 -12.82
C MET D 132 2.36 33.57 -13.80
N MET D 133 3.56 33.02 -13.95
CA MET D 133 3.84 32.12 -15.05
C MET D 133 3.57 30.64 -14.71
N ALA D 134 2.86 29.96 -15.60
CA ALA D 134 2.56 28.53 -15.43
C ALA D 134 3.44 27.66 -16.34
N VAL D 135 3.93 26.55 -15.78
CA VAL D 135 4.79 25.62 -16.50
C VAL D 135 4.08 24.30 -16.82
N ASN D 136 4.31 23.79 -18.02
CA ASN D 136 3.73 22.52 -18.44
C ASN D 136 4.25 21.37 -17.59
N LEU D 137 3.42 20.90 -16.66
CA LEU D 137 3.73 19.67 -15.93
C LEU D 137 2.77 18.53 -16.27
N GLY D 138 2.21 18.57 -17.48
CA GLY D 138 1.34 17.51 -17.97
C GLY D 138 2.04 16.56 -18.93
N THR D 139 2.70 17.13 -19.94
CA THR D 139 3.47 16.32 -20.89
C THR D 139 4.95 16.71 -20.82
N ARG D 140 5.27 17.67 -19.94
CA ARG D 140 6.64 18.10 -19.69
C ARG D 140 6.95 18.05 -18.20
N GLY D 141 8.22 18.25 -17.82
CA GLY D 141 8.64 18.04 -16.44
C GLY D 141 9.71 18.98 -15.95
N ILE D 142 10.54 18.49 -15.01
CA ILE D 142 11.54 19.30 -14.30
C ILE D 142 12.41 20.16 -15.19
N SER D 143 13.23 19.54 -16.03
CA SER D 143 14.20 20.29 -16.82
C SER D 143 13.58 21.37 -17.74
N ASP D 144 12.36 21.16 -18.23
CA ASP D 144 11.70 22.17 -19.07
C ASP D 144 11.22 23.35 -18.26
N ALA D 145 10.89 23.08 -16.99
CA ALA D 145 10.51 24.15 -16.07
C ALA D 145 11.72 25.00 -15.72
N CYS D 146 12.88 24.36 -15.59
CA CYS D 146 14.13 25.06 -15.34
C CYS D 146 14.52 25.92 -16.55
N ASN D 147 14.45 25.35 -17.75
CA ASN D 147 14.77 26.07 -18.98
C ASN D 147 13.97 27.36 -19.05
N LEU D 148 12.66 27.27 -18.79
CA LEU D 148 11.77 28.42 -18.81
C LEU D 148 12.11 29.40 -17.69
N LEU D 149 12.40 28.87 -16.51
CA LEU D 149 12.80 29.71 -15.40
C LEU D 149 14.10 30.45 -15.70
N GLU D 150 15.08 29.74 -16.24
CA GLU D 150 16.35 30.35 -16.65
C GLU D 150 16.14 31.41 -17.74
N TYR D 151 15.37 31.04 -18.77
CA TYR D 151 15.05 31.95 -19.87
C TYR D 151 14.41 33.24 -19.37
N CYS D 152 13.64 33.15 -18.28
CA CYS D 152 12.87 34.28 -17.77
C CYS D 152 13.53 35.14 -16.70
N ASN D 153 14.29 34.49 -15.82
CA ASN D 153 14.77 35.16 -14.61
C ASN D 153 16.28 35.35 -14.52
N HIS D 154 17.04 34.49 -15.18
CA HIS D 154 18.51 34.58 -15.16
C HIS D 154 19.00 35.65 -16.15
N PRO D 155 19.98 36.47 -15.71
CA PRO D 155 20.41 37.64 -16.50
C PRO D 155 21.11 37.32 -17.83
N GLY D 156 21.96 36.30 -17.84
CA GLY D 156 22.74 35.98 -19.03
C GLY D 156 23.94 35.10 -18.71
N GLY D 157 24.66 34.73 -19.76
CA GLY D 157 25.90 33.97 -19.61
C GLY D 157 25.67 32.48 -19.54
N SER D 158 24.39 32.07 -19.65
CA SER D 158 24.03 30.67 -19.75
C SER D 158 23.15 30.43 -20.98
N LYS D 159 22.88 29.15 -21.27
CA LYS D 159 22.24 28.76 -22.52
C LYS D 159 20.94 29.49 -22.81
N TYR D 160 20.03 29.47 -21.86
CA TYR D 160 18.68 29.98 -22.09
C TYR D 160 18.54 31.47 -21.82
N SER D 161 19.32 31.98 -20.87
CA SER D 161 19.32 33.42 -20.61
C SER D 161 19.92 34.20 -21.77
N ASP D 162 20.94 33.63 -22.43
CA ASP D 162 21.49 34.22 -23.66
C ASP D 162 20.43 34.18 -24.77
N MET D 163 19.66 33.10 -24.79
CA MET D 163 18.57 32.90 -25.74
C MET D 163 17.61 34.09 -25.70
N ARG D 164 17.19 34.49 -24.49
CA ARG D 164 16.25 35.59 -24.32
C ARG D 164 16.83 36.88 -24.83
N ILE D 165 18.13 37.10 -24.57
CA ILE D 165 18.86 38.27 -25.06
C ILE D 165 18.80 38.32 -26.58
N LYS D 166 19.19 37.23 -27.22
CA LYS D 166 19.14 37.08 -28.67
C LYS D 166 17.74 37.32 -29.25
N HIS D 167 16.72 37.15 -28.43
CA HIS D 167 15.32 37.31 -28.89
C HIS D 167 14.81 38.74 -28.75
N GLY D 168 15.67 39.63 -28.28
CA GLY D 168 15.32 41.03 -28.13
C GLY D 168 14.84 41.46 -26.76
N VAL D 169 15.12 40.65 -25.73
CA VAL D 169 14.81 41.05 -24.36
C VAL D 169 16.08 41.05 -23.50
N LYS D 170 16.70 42.23 -23.35
CA LYS D 170 17.97 42.35 -22.66
C LYS D 170 17.82 41.93 -21.20
N GLU D 171 16.99 42.65 -20.46
CA GLU D 171 16.79 42.39 -19.05
C GLU D 171 15.92 41.16 -18.83
N PRO D 172 16.17 40.42 -17.74
CA PRO D 172 15.28 39.30 -17.40
C PRO D 172 13.87 39.79 -17.10
N HIS D 173 12.88 38.94 -17.29
CA HIS D 173 11.50 39.28 -16.93
C HIS D 173 11.33 39.29 -15.42
N ASN D 174 12.22 38.58 -14.73
CA ASN D 174 12.16 38.43 -13.28
C ASN D 174 10.75 38.15 -12.77
N ILE D 175 10.23 36.99 -13.17
CA ILE D 175 8.90 36.57 -12.78
C ILE D 175 8.93 36.04 -11.35
N LYS D 176 8.08 36.63 -10.52
CA LYS D 176 8.08 36.41 -9.09
C LYS D 176 7.31 35.16 -8.67
N VAL D 177 6.09 35.01 -9.17
CA VAL D 177 5.25 33.88 -8.78
C VAL D 177 5.07 32.92 -9.96
N TRP D 178 5.16 31.62 -9.70
CA TRP D 178 5.08 30.60 -10.74
C TRP D 178 4.10 29.49 -10.35
N CYS D 179 3.26 29.07 -11.30
CA CYS D 179 2.32 27.98 -11.07
C CYS D 179 2.86 26.65 -11.55
N LEU D 180 2.94 25.68 -10.64
CA LEU D 180 3.45 24.34 -10.95
C LEU D 180 2.40 23.49 -11.68
N GLY D 181 2.24 23.71 -12.98
CA GLY D 181 1.23 22.99 -13.74
C GLY D 181 -0.14 23.63 -13.60
N ASN D 182 -1.15 22.96 -14.15
CA ASN D 182 -2.52 23.37 -13.99
C ASN D 182 -3.31 22.20 -13.40
N ALA D 183 -4.24 22.52 -12.48
CA ALA D 183 -5.12 21.50 -11.89
C ALA D 183 -5.18 20.24 -12.76
N MET D 184 -4.51 19.17 -12.32
CA MET D 184 -4.44 17.95 -13.12
C MET D 184 -5.28 16.78 -12.63
N ASP D 185 -6.28 17.02 -11.80
CA ASP D 185 -7.09 15.90 -11.29
C ASP D 185 -8.24 15.54 -12.23
N GLY D 186 -8.51 16.42 -13.19
CA GLY D 186 -9.68 16.26 -14.05
C GLY D 186 -9.44 15.28 -15.18
N PRO D 187 -10.47 14.50 -15.52
CA PRO D 187 -10.34 13.55 -16.62
C PRO D 187 -10.41 14.21 -17.99
N TRP D 188 -10.36 15.54 -18.02
CA TRP D 188 -10.49 16.32 -19.26
C TRP D 188 -9.15 16.91 -19.69
N GLN D 189 -8.16 16.88 -18.80
CA GLN D 189 -6.91 17.54 -19.11
C GLN D 189 -5.81 16.57 -19.52
N VAL D 190 -5.12 16.93 -20.60
CA VAL D 190 -3.96 16.15 -21.06
C VAL D 190 -2.89 16.12 -19.95
N GLY D 191 -2.35 14.93 -19.70
CA GLY D 191 -1.32 14.73 -18.68
C GLY D 191 -1.88 14.73 -17.27
N HIS D 192 -3.07 14.17 -17.13
CA HIS D 192 -3.72 14.03 -15.84
C HIS D 192 -2.89 13.16 -14.88
N LYS D 193 -2.67 13.67 -13.67
CA LYS D 193 -1.85 12.99 -12.65
C LYS D 193 -2.67 12.53 -11.45
N THR D 194 -2.14 11.55 -10.71
CA THR D 194 -2.73 11.17 -9.42
C THR D 194 -2.12 12.09 -8.37
N MET D 195 -2.71 12.12 -7.17
CA MET D 195 -2.23 13.03 -6.14
C MET D 195 -0.79 12.74 -5.76
N ASP D 196 -0.42 11.47 -5.80
CA ASP D 196 0.95 11.09 -5.49
C ASP D 196 1.87 11.32 -6.67
N GLU D 197 1.34 11.17 -7.88
CA GLU D 197 2.13 11.46 -9.07
C GLU D 197 2.43 12.95 -9.11
N TYR D 198 1.40 13.77 -8.91
CA TYR D 198 1.57 15.21 -8.99
C TYR D 198 2.39 15.79 -7.85
N GLY D 199 2.11 15.33 -6.63
CA GLY D 199 2.84 15.79 -5.45
C GLY D 199 4.35 15.64 -5.64
N ARG D 200 4.75 14.48 -6.14
CA ARG D 200 6.16 14.19 -6.34
C ARG D 200 6.76 15.09 -7.42
N ILE D 201 6.04 15.28 -8.52
CA ILE D 201 6.57 16.11 -9.61
C ILE D 201 6.66 17.59 -9.23
N ALA D 202 5.63 18.09 -8.52
CA ALA D 202 5.64 19.45 -7.99
C ALA D 202 6.76 19.67 -6.98
N GLU D 203 6.92 18.76 -6.04
CA GLU D 203 8.02 18.82 -5.09
C GLU D 203 9.35 18.94 -5.83
N GLU D 204 9.63 18.01 -6.74
CA GLU D 204 10.91 17.96 -7.42
C GLU D 204 11.13 19.17 -8.33
N THR D 205 10.05 19.65 -8.93
CA THR D 205 10.16 20.85 -9.77
C THR D 205 10.39 22.10 -8.93
N ALA D 206 9.65 22.20 -7.83
CA ALA D 206 9.82 23.31 -6.89
C ALA D 206 11.25 23.35 -6.35
N ARG D 207 11.80 22.17 -6.07
CA ARG D 207 13.15 22.06 -5.52
C ARG D 207 14.18 22.56 -6.52
N ALA D 208 14.03 22.14 -7.77
CA ALA D 208 14.99 22.51 -8.81
C ALA D 208 14.90 23.99 -9.08
N MET D 209 13.67 24.48 -9.25
CA MET D 209 13.45 25.88 -9.59
C MET D 209 14.03 26.85 -8.57
N LYS D 210 13.79 26.57 -7.29
CA LYS D 210 14.32 27.40 -6.20
C LYS D 210 15.85 27.39 -6.13
N MET D 211 16.49 26.41 -6.78
CA MET D 211 17.95 26.39 -6.89
C MET D 211 18.49 27.41 -7.91
N ILE D 212 17.69 27.70 -8.92
CA ILE D 212 18.10 28.67 -9.95
C ILE D 212 17.78 30.08 -9.46
N ASP D 213 16.54 30.26 -9.02
CA ASP D 213 16.11 31.54 -8.48
C ASP D 213 15.44 31.33 -7.13
N PRO D 214 16.19 31.50 -6.03
CA PRO D 214 15.66 31.40 -4.66
C PRO D 214 14.59 32.45 -4.29
N SER D 215 14.46 33.51 -5.08
CA SER D 215 13.55 34.59 -4.72
C SER D 215 12.10 34.33 -5.11
N ILE D 216 11.89 33.43 -6.07
CA ILE D 216 10.55 33.14 -6.60
C ILE D 216 9.61 32.52 -5.56
N GLU D 217 8.31 32.66 -5.80
CA GLU D 217 7.31 31.94 -5.03
C GLU D 217 6.59 30.93 -5.91
N LEU D 218 6.28 29.76 -5.36
CA LEU D 218 5.67 28.69 -6.14
C LEU D 218 4.28 28.33 -5.66
N VAL D 219 3.39 28.06 -6.61
CA VAL D 219 2.01 27.68 -6.32
C VAL D 219 1.80 26.22 -6.69
N ALA D 220 1.34 25.43 -5.74
CA ALA D 220 1.01 24.05 -6.02
C ALA D 220 -0.48 23.97 -6.33
N CYS D 221 -0.82 23.19 -7.35
CA CYS D 221 -2.21 22.99 -7.77
C CYS D 221 -3.05 22.31 -6.73
N GLY D 222 -4.19 22.93 -6.43
CA GLY D 222 -5.22 22.27 -5.66
C GLY D 222 -6.12 21.45 -6.56
N SER D 223 -7.22 20.96 -6.01
CA SER D 223 -8.26 20.30 -6.78
C SER D 223 -8.87 21.27 -7.80
N SER D 224 -9.34 20.72 -8.92
CA SER D 224 -10.00 21.51 -9.96
C SER D 224 -11.24 22.19 -9.42
N SER D 225 -11.94 21.50 -8.51
CA SER D 225 -13.12 22.01 -7.84
C SER D 225 -13.28 21.27 -6.53
N LYS D 226 -14.15 21.79 -5.67
CA LYS D 226 -14.44 21.14 -4.40
C LYS D 226 -15.31 19.89 -4.56
N ASP D 227 -15.89 19.73 -5.75
CA ASP D 227 -16.78 18.62 -6.01
C ASP D 227 -16.05 17.37 -6.52
N MET D 228 -14.78 17.52 -6.86
CA MET D 228 -13.92 16.38 -7.18
C MET D 228 -13.86 15.48 -5.95
N PRO D 229 -14.19 14.19 -6.11
CA PRO D 229 -14.15 13.31 -4.92
C PRO D 229 -12.77 13.19 -4.24
N THR D 230 -11.70 13.66 -4.90
CA THR D 230 -10.34 13.63 -4.32
C THR D 230 -9.98 14.90 -3.57
N PHE D 231 -10.97 15.77 -3.39
CA PHE D 231 -10.84 16.92 -2.52
C PHE D 231 -11.18 16.46 -1.09
N PRO D 232 -10.42 16.94 -0.08
CA PRO D 232 -9.23 17.75 -0.12
C PRO D 232 -7.95 16.95 0.11
N GLN D 233 -8.05 15.62 0.03
CA GLN D 233 -6.90 14.75 0.21
C GLN D 233 -5.79 15.08 -0.79
N TRP D 234 -6.18 15.44 -2.02
CA TRP D 234 -5.23 15.96 -3.00
C TRP D 234 -4.36 17.06 -2.39
N GLU D 235 -4.99 18.01 -1.72
CA GLU D 235 -4.26 19.12 -1.10
C GLU D 235 -3.38 18.61 0.03
N ALA D 236 -3.92 17.75 0.87
CA ALA D 236 -3.16 17.15 1.96
C ALA D 236 -1.94 16.41 1.42
N THR D 237 -2.13 15.59 0.39
CA THR D 237 -1.04 14.79 -0.20
C THR D 237 0.04 15.67 -0.83
N VAL D 238 -0.35 16.47 -1.82
CA VAL D 238 0.55 17.36 -2.54
C VAL D 238 1.42 18.17 -1.56
N LEU D 239 0.77 18.80 -0.59
CA LEU D 239 1.46 19.58 0.44
C LEU D 239 2.40 18.71 1.27
N ASP D 240 1.96 17.49 1.57
CA ASP D 240 2.80 16.57 2.34
C ASP D 240 4.13 16.35 1.62
N TYR D 241 4.10 16.37 0.29
CA TYR D 241 5.32 16.24 -0.48
C TYR D 241 6.05 17.57 -0.60
N ALA D 242 5.36 18.57 -1.13
CA ALA D 242 6.01 19.78 -1.61
C ALA D 242 6.16 20.88 -0.57
N TYR D 243 5.64 20.65 0.64
CA TYR D 243 5.50 21.72 1.64
C TYR D 243 6.67 22.69 1.71
N ASP D 244 7.89 22.17 1.85
CA ASP D 244 9.05 23.01 2.12
C ASP D 244 9.63 23.71 0.89
N TYR D 245 8.96 23.55 -0.24
CA TYR D 245 9.44 24.14 -1.50
C TYR D 245 8.36 24.97 -2.21
N VAL D 246 7.14 24.96 -1.70
CA VAL D 246 6.06 25.72 -2.30
C VAL D 246 5.52 26.73 -1.29
N ASP D 247 4.84 27.76 -1.78
CA ASP D 247 4.37 28.84 -0.90
C ASP D 247 2.86 28.97 -0.91
N TYR D 248 2.23 28.44 -1.94
CA TYR D 248 0.78 28.56 -2.13
C TYR D 248 0.16 27.25 -2.58
N ILE D 249 -1.05 26.99 -2.08
CA ILE D 249 -1.94 26.02 -2.70
C ILE D 249 -3.02 26.81 -3.45
N SER D 250 -3.58 26.22 -4.50
CA SER D 250 -4.58 26.92 -5.31
C SER D 250 -6.02 26.39 -5.17
N LEU D 251 -6.98 27.25 -5.46
CA LEU D 251 -8.40 26.91 -5.44
C LEU D 251 -9.05 27.43 -6.71
N HIS D 252 -9.99 26.65 -7.25
CA HIS D 252 -10.79 27.06 -8.39
C HIS D 252 -12.26 26.93 -8.01
N GLN D 253 -13.02 28.02 -8.21
CA GLN D 253 -14.46 28.00 -7.95
C GLN D 253 -15.27 28.78 -8.98
N TYR D 254 -16.24 28.10 -9.60
CA TYR D 254 -17.13 28.74 -10.57
C TYR D 254 -18.56 28.57 -10.12
N TYR D 255 -19.42 29.51 -10.51
CA TYR D 255 -20.85 29.44 -10.17
C TYR D 255 -21.74 29.66 -11.40
N GLY D 256 -22.95 29.11 -11.34
CA GLY D 256 -23.93 29.23 -12.42
C GLY D 256 -25.36 29.31 -11.93
N ASN D 257 -26.27 29.70 -12.81
CA ASN D 257 -27.68 29.88 -12.43
C ASN D 257 -28.66 29.23 -13.40
N LYS D 258 -28.33 28.04 -13.91
CA LYS D 258 -29.24 27.29 -14.79
C LYS D 258 -30.63 27.16 -14.18
N GLU D 259 -30.67 26.96 -12.86
CA GLU D 259 -31.93 26.75 -12.14
C GLU D 259 -32.79 28.01 -11.96
N ASN D 260 -32.29 29.16 -12.41
CA ASN D 260 -33.00 30.46 -12.35
C ASN D 260 -33.28 30.97 -10.94
N ASP D 261 -32.76 30.24 -9.95
CA ASP D 261 -33.03 30.52 -8.55
C ASP D 261 -32.11 31.64 -8.06
N THR D 262 -32.47 32.88 -8.38
CA THR D 262 -31.64 34.04 -8.07
C THR D 262 -31.23 34.10 -6.59
N ALA D 263 -32.20 33.87 -5.70
CA ALA D 263 -31.94 33.86 -4.25
C ALA D 263 -30.92 32.79 -3.86
N ASP D 264 -31.12 31.57 -4.34
CA ASP D 264 -30.23 30.45 -4.07
C ASP D 264 -28.88 30.63 -4.76
N PHE D 265 -28.90 31.30 -5.91
CA PHE D 265 -27.70 31.63 -6.67
C PHE D 265 -26.82 32.59 -5.89
N LEU D 266 -27.44 33.55 -5.21
CA LEU D 266 -26.72 34.52 -4.40
C LEU D 266 -26.24 33.96 -3.06
N ALA D 267 -26.76 32.79 -2.69
CA ALA D 267 -26.35 32.10 -1.46
C ALA D 267 -25.07 31.28 -1.68
N LYS D 268 -24.56 31.28 -2.90
CA LYS D 268 -23.41 30.44 -3.24
C LYS D 268 -22.07 30.98 -2.74
N SER D 269 -22.09 32.21 -2.22
CA SER D 269 -20.91 32.76 -1.55
C SER D 269 -20.67 32.12 -0.17
N ASP D 270 -21.73 31.60 0.44
CA ASP D 270 -21.64 30.78 1.66
C ASP D 270 -20.88 29.48 1.38
N ASP D 271 -21.09 28.91 0.19
CA ASP D 271 -20.35 27.72 -0.26
C ASP D 271 -18.85 28.01 -0.41
N LEU D 272 -18.55 29.17 -0.99
CA LEU D 272 -17.19 29.65 -1.19
C LEU D 272 -16.48 29.81 0.13
N ASP D 273 -17.17 30.40 1.10
CA ASP D 273 -16.60 30.61 2.43
C ASP D 273 -16.19 29.27 3.03
N ASP D 274 -17.11 28.30 3.00
CA ASP D 274 -16.85 26.94 3.49
C ASP D 274 -15.66 26.30 2.78
N PHE D 275 -15.60 26.50 1.47
CA PHE D 275 -14.54 25.98 0.61
C PHE D 275 -13.17 26.56 0.98
N ILE D 276 -13.10 27.87 1.16
CA ILE D 276 -11.88 28.51 1.63
C ILE D 276 -11.44 27.91 2.98
N ARG D 277 -12.36 27.92 3.94
CA ARG D 277 -12.08 27.37 5.26
C ARG D 277 -11.50 25.96 5.22
N SER D 278 -12.07 25.13 4.35
CA SER D 278 -11.66 23.73 4.21
C SER D 278 -10.21 23.61 3.81
N VAL D 279 -9.81 24.42 2.83
CA VAL D 279 -8.46 24.39 2.31
C VAL D 279 -7.45 24.90 3.34
N ILE D 280 -7.81 25.97 4.06
CA ILE D 280 -6.97 26.46 5.16
C ILE D 280 -6.76 25.35 6.18
N ALA D 281 -7.86 24.76 6.65
CA ALA D 281 -7.79 23.62 7.56
C ALA D 281 -6.82 22.55 7.05
N THR D 282 -6.99 22.14 5.80
CA THR D 282 -6.12 21.15 5.18
C THR D 282 -4.66 21.59 5.26
N CYS D 283 -4.41 22.88 5.05
CA CYS D 283 -3.05 23.44 5.11
C CYS D 283 -2.47 23.33 6.52
N ASP D 284 -3.28 23.72 7.50
CA ASP D 284 -2.85 23.77 8.89
C ASP D 284 -2.59 22.39 9.45
N TYR D 285 -3.37 21.42 8.96
CA TYR D 285 -3.22 20.02 9.33
C TYR D 285 -1.85 19.50 8.89
N ILE D 286 -1.51 19.74 7.62
CA ILE D 286 -0.18 19.39 7.10
C ILE D 286 0.95 20.11 7.84
N LYS D 287 0.72 21.39 8.17
CA LYS D 287 1.65 22.19 8.96
C LYS D 287 1.99 21.46 10.26
N ALA D 288 0.95 21.07 10.99
CA ALA D 288 1.10 20.34 12.25
C ALA D 288 1.92 19.06 12.04
N LYS D 289 1.59 18.34 10.97
CA LYS D 289 2.25 17.10 10.57
C LYS D 289 3.73 17.29 10.29
N LYS D 290 4.09 18.44 9.71
CA LYS D 290 5.47 18.75 9.38
C LYS D 290 6.27 19.42 10.51
N ARG D 291 5.56 19.91 11.54
CA ARG D 291 6.13 20.78 12.59
C ARG D 291 6.80 22.01 11.98
N SER D 292 6.07 22.68 11.09
CA SER D 292 6.61 23.77 10.30
C SER D 292 6.18 25.14 10.84
N LYS D 293 7.12 26.09 10.81
CA LYS D 293 6.87 27.47 11.18
C LYS D 293 6.02 28.14 10.11
N LYS D 294 6.27 27.74 8.86
CA LYS D 294 5.71 28.41 7.69
C LYS D 294 4.24 28.06 7.50
N ASP D 295 3.43 29.06 7.19
CA ASP D 295 2.05 28.84 6.76
C ASP D 295 2.02 28.86 5.25
N ILE D 296 1.32 27.88 4.67
CA ILE D 296 1.01 27.90 3.25
C ILE D 296 -0.12 28.91 3.02
N TYR D 297 0.01 29.73 1.99
CA TYR D 297 -1.05 30.68 1.65
C TYR D 297 -1.90 30.23 0.46
N LEU D 298 -3.09 30.80 0.35
CA LEU D 298 -4.04 30.40 -0.67
C LEU D 298 -3.95 31.29 -1.93
N SER D 299 -3.78 30.64 -3.08
CA SER D 299 -3.80 31.32 -4.36
C SER D 299 -5.10 30.99 -5.08
N PHE D 300 -6.11 31.83 -4.91
CA PHE D 300 -7.40 31.57 -5.56
C PHE D 300 -7.32 31.93 -7.02
N ASP D 301 -6.59 31.13 -7.79
CA ASP D 301 -6.19 31.53 -9.14
C ASP D 301 -7.27 31.31 -10.23
N GLU D 302 -8.46 30.94 -9.79
CA GLU D 302 -9.62 30.89 -10.68
C GLU D 302 -10.90 31.07 -9.87
N TRP D 303 -11.67 32.09 -10.23
CA TRP D 303 -12.97 32.31 -9.63
C TRP D 303 -13.78 33.21 -10.55
N ASN D 304 -15.05 32.88 -10.70
CA ASN D 304 -15.97 33.67 -11.51
C ASN D 304 -17.34 33.02 -11.55
N VAL D 305 -18.29 33.74 -12.12
CA VAL D 305 -19.54 33.14 -12.55
C VAL D 305 -19.23 32.60 -13.93
N TRP D 306 -19.78 31.43 -14.26
CA TRP D 306 -19.57 30.82 -15.57
C TRP D 306 -20.63 29.77 -15.89
N TYR D 307 -21.55 30.11 -16.79
CA TYR D 307 -22.60 29.19 -17.22
C TYR D 307 -23.27 29.51 -18.56
N HIS D 308 -23.41 30.81 -18.87
CA HIS D 308 -24.19 31.26 -20.04
C HIS D 308 -23.81 30.63 -21.38
N SER D 309 -22.51 30.55 -21.64
CA SER D 309 -22.01 30.06 -22.92
C SER D 309 -21.95 28.53 -23.03
N ASN D 310 -22.19 27.83 -21.92
CA ASN D 310 -22.18 26.35 -21.91
C ASN D 310 -22.85 25.68 -23.11
N ASN D 311 -24.09 26.07 -23.40
CA ASN D 311 -24.84 25.50 -24.51
C ASN D 311 -24.23 25.79 -25.87
N GLU D 312 -24.07 27.08 -26.20
CA GLU D 312 -23.45 27.49 -27.46
C GLU D 312 -22.06 26.85 -27.68
N ASP D 313 -21.28 26.75 -26.60
CA ASP D 313 -19.94 26.11 -26.63
C ASP D 313 -19.92 24.67 -27.16
N ALA D 314 -21.06 23.98 -27.04
CA ALA D 314 -21.20 22.61 -27.52
C ALA D 314 -21.47 22.55 -29.04
N ASN D 315 -22.23 23.52 -29.55
CA ASN D 315 -22.43 23.70 -30.99
C ASN D 315 -21.11 23.87 -31.76
N ILE D 316 -20.10 24.41 -31.06
CA ILE D 316 -18.77 24.63 -31.62
C ILE D 316 -17.94 23.35 -31.45
N MET D 317 -18.35 22.29 -32.13
C MET D 317 -17.17 20.07 -30.22
N GLN D 318 -16.38 20.08 -31.30
CA GLN D 318 -16.60 19.20 -32.46
C GLN D 318 -17.81 19.57 -33.36
N ASN D 319 -17.51 20.07 -34.57
CA ASN D 319 -18.52 20.54 -35.52
C ASN D 319 -18.09 21.06 -36.93
N GLU D 320 -16.99 21.82 -37.14
CA GLU D 320 -15.81 22.07 -36.27
C GLU D 320 -14.79 20.91 -36.37
N PRO D 321 -13.62 21.01 -35.68
CA PRO D 321 -12.93 22.09 -34.97
C PRO D 321 -11.67 22.61 -35.71
N TRP D 322 -10.75 23.24 -34.97
CA TRP D 322 -9.40 23.57 -35.48
C TRP D 322 -9.11 24.79 -36.40
N ARG D 323 -10.06 25.69 -36.62
CA ARG D 323 -10.60 26.54 -35.56
C ARG D 323 -9.51 27.25 -34.78
N ILE D 324 -9.06 28.39 -35.33
CA ILE D 324 -8.15 29.27 -34.57
C ILE D 324 -8.94 30.48 -34.04
N ALA D 325 -8.76 30.75 -32.75
CA ALA D 325 -9.53 31.77 -32.03
C ALA D 325 -11.05 31.67 -32.20
N PRO D 326 -11.65 30.53 -31.80
CA PRO D 326 -13.11 30.41 -31.85
C PRO D 326 -13.75 31.14 -30.66
N PRO D 327 -15.02 31.53 -30.78
CA PRO D 327 -15.64 32.30 -29.70
C PRO D 327 -16.09 31.42 -28.53
N LEU D 328 -15.12 30.89 -27.80
CA LEU D 328 -15.40 30.00 -26.68
C LEU D 328 -15.57 30.74 -25.36
N LEU D 329 -16.43 30.18 -24.49
CA LEU D 329 -16.62 30.66 -23.12
C LEU D 329 -17.00 32.13 -23.03
N GLU D 330 -17.81 32.60 -23.98
CA GLU D 330 -18.16 34.01 -24.06
C GLU D 330 -19.49 34.28 -23.34
N ASP D 331 -19.47 34.10 -22.02
CA ASP D 331 -20.61 34.42 -21.17
C ASP D 331 -20.91 35.90 -21.26
N ILE D 332 -22.16 36.24 -21.59
CA ILE D 332 -22.63 37.62 -21.45
C ILE D 332 -23.34 37.72 -20.10
N TYR D 333 -22.76 38.50 -19.20
CA TYR D 333 -23.18 38.52 -17.79
C TYR D 333 -24.39 39.40 -17.49
N THR D 334 -25.25 38.87 -16.63
CA THR D 334 -26.41 39.59 -16.14
C THR D 334 -26.04 40.40 -14.89
N PHE D 335 -26.98 41.23 -14.43
CA PHE D 335 -26.77 42.04 -13.24
C PHE D 335 -26.59 41.16 -12.00
N GLU D 336 -27.36 40.08 -11.91
CA GLU D 336 -27.21 39.15 -10.79
C GLU D 336 -25.81 38.54 -10.75
N ASP D 337 -25.21 38.34 -11.93
CA ASP D 337 -23.84 37.82 -12.03
C ASP D 337 -22.85 38.78 -11.39
N ALA D 338 -23.14 40.08 -11.50
CA ALA D 338 -22.32 41.10 -10.86
C ALA D 338 -22.47 41.03 -9.33
N LEU D 339 -23.70 40.76 -8.88
CA LEU D 339 -24.00 40.72 -7.44
C LEU D 339 -23.28 39.60 -6.73
N LEU D 340 -23.24 38.42 -7.36
CA LEU D 340 -22.51 37.31 -6.79
C LEU D 340 -21.01 37.57 -6.85
N VAL D 341 -20.55 38.18 -7.95
CA VAL D 341 -19.14 38.54 -8.09
C VAL D 341 -18.72 39.40 -6.91
N GLY D 342 -19.58 40.36 -6.55
CA GLY D 342 -19.35 41.21 -5.39
C GLY D 342 -19.25 40.40 -4.11
N LEU D 343 -20.23 39.51 -3.93
CA LEU D 343 -20.27 38.61 -2.78
C LEU D 343 -19.01 37.78 -2.72
N MET D 344 -18.55 37.31 -3.88
CA MET D 344 -17.33 36.52 -3.95
C MET D 344 -16.13 37.36 -3.51
N LEU D 345 -16.06 38.58 -4.01
CA LEU D 345 -14.98 39.51 -3.65
C LEU D 345 -14.99 39.79 -2.16
N ILE D 346 -16.20 39.90 -1.61
CA ILE D 346 -16.36 40.09 -0.18
C ILE D 346 -15.82 38.88 0.58
N THR D 347 -16.15 37.67 0.12
CA THR D 347 -15.69 36.45 0.77
C THR D 347 -14.17 36.37 0.75
N LEU D 348 -13.56 36.63 -0.40
CA LEU D 348 -12.11 36.67 -0.51
C LEU D 348 -11.51 37.61 0.53
N MET D 349 -12.01 38.84 0.56
CA MET D 349 -11.55 39.86 1.48
C MET D 349 -11.58 39.41 2.94
N LYS D 350 -12.66 38.71 3.32
CA LYS D 350 -12.81 38.22 4.69
C LYS D 350 -11.69 37.26 5.08
N HIS D 351 -11.10 36.60 4.08
CA HIS D 351 -10.03 35.63 4.32
C HIS D 351 -8.72 36.09 3.73
N ALA D 352 -8.51 37.41 3.72
CA ALA D 352 -7.29 38.00 3.20
C ALA D 352 -6.04 37.69 4.04
N ASP D 353 -6.23 37.11 5.22
CA ASP D 353 -5.11 36.72 6.09
C ASP D 353 -4.44 35.43 5.59
N ARG D 354 -5.13 34.67 4.75
CA ARG D 354 -4.57 33.47 4.18
C ARG D 354 -4.54 33.53 2.65
N ILE D 355 -5.56 34.13 2.06
CA ILE D 355 -5.62 34.30 0.61
C ILE D 355 -4.76 35.49 0.25
N LYS D 356 -3.64 35.23 -0.40
CA LYS D 356 -2.69 36.30 -0.73
C LYS D 356 -2.64 36.62 -2.22
N ILE D 357 -3.12 35.68 -3.04
CA ILE D 357 -3.26 35.89 -4.48
C ILE D 357 -4.62 35.37 -4.90
N ALA D 358 -5.27 36.05 -5.83
CA ALA D 358 -6.50 35.53 -6.44
C ALA D 358 -6.63 36.03 -7.89
N CYS D 359 -7.29 35.22 -8.73
CA CYS D 359 -7.47 35.54 -10.15
C CYS D 359 -8.86 35.22 -10.68
N LEU D 360 -9.57 36.24 -11.14
CA LEU D 360 -10.70 36.04 -12.03
C LEU D 360 -10.07 36.24 -13.40
N ALA D 361 -10.13 35.33 -14.36
CA ALA D 361 -10.90 34.08 -14.47
C ALA D 361 -12.15 34.24 -15.36
N GLN D 362 -12.01 34.84 -16.56
CA GLN D 362 -10.74 35.37 -17.07
C GLN D 362 -10.82 36.86 -17.40
N LEU D 363 -9.72 37.41 -17.91
CA LEU D 363 -9.62 38.88 -18.11
C LEU D 363 -10.23 39.43 -19.39
N ILE D 364 -9.94 38.81 -20.53
CA ILE D 364 -10.37 39.30 -21.85
C ILE D 364 -11.22 38.27 -22.60
N ASN D 365 -12.44 38.65 -22.95
CA ASN D 365 -13.34 37.85 -23.81
C ASN D 365 -13.82 36.52 -23.25
N VAL D 366 -12.92 35.78 -22.63
CA VAL D 366 -13.22 34.46 -22.10
C VAL D 366 -13.72 34.61 -20.66
N ILE D 367 -15.00 34.32 -20.44
CA ILE D 367 -15.69 34.57 -19.16
C ILE D 367 -15.13 35.76 -18.38
N ALA D 368 -15.35 36.95 -18.93
CA ALA D 368 -14.55 38.11 -18.60
C ALA D 368 -15.34 39.39 -18.44
N PRO D 369 -14.81 40.33 -17.63
CA PRO D 369 -15.40 41.65 -17.46
C PRO D 369 -15.20 42.58 -18.67
N ILE D 370 -14.19 42.29 -19.48
CA ILE D 370 -13.83 43.11 -20.66
C ILE D 370 -14.05 42.29 -21.94
N VAL D 371 -14.74 42.88 -22.91
CA VAL D 371 -15.11 42.20 -24.15
C VAL D 371 -14.86 43.05 -25.40
N THR D 372 -14.25 42.45 -26.42
CA THR D 372 -14.18 43.04 -27.76
C THR D 372 -15.06 42.24 -28.70
N GLU D 373 -15.76 42.94 -29.60
CA GLU D 373 -16.88 42.35 -30.36
C GLU D 373 -16.62 41.07 -31.17
N ARG D 374 -15.72 41.15 -32.16
CA ARG D 374 -15.45 40.03 -33.07
C ARG D 374 -15.02 40.60 -34.41
N ASN D 375 -13.86 40.19 -34.90
CA ASN D 375 -13.28 40.70 -36.14
C ASN D 375 -13.15 42.24 -36.14
N GLY D 376 -13.35 42.84 -34.96
CA GLY D 376 -13.43 44.31 -34.84
C GLY D 376 -12.31 44.87 -33.99
N GLY D 377 -12.53 45.91 -33.19
CA GLY D 377 -13.83 46.58 -32.98
C GLY D 377 -14.84 45.68 -32.30
N ALA D 378 -15.33 46.01 -31.10
CA ALA D 378 -14.98 47.17 -30.26
C ALA D 378 -15.14 46.74 -28.79
N ALA D 379 -14.43 47.40 -27.88
CA ALA D 379 -14.35 46.98 -26.48
C ALA D 379 -15.44 47.56 -25.59
N TRP D 380 -15.88 46.79 -24.59
CA TRP D 380 -16.87 47.28 -23.63
C TRP D 380 -16.78 46.59 -22.26
N ARG D 381 -17.59 47.07 -21.31
CA ARG D 381 -17.57 46.59 -19.94
C ARG D 381 -18.79 45.76 -19.60
N GLN D 382 -18.56 44.51 -19.19
CA GLN D 382 -19.59 43.62 -18.69
C GLN D 382 -20.03 44.04 -17.29
N THR D 383 -21.25 43.64 -16.91
CA THR D 383 -21.80 43.94 -15.58
C THR D 383 -20.81 43.67 -14.43
N ILE D 384 -20.04 42.60 -14.55
CA ILE D 384 -19.13 42.15 -13.48
C ILE D 384 -17.86 43.00 -13.37
N PHE D 385 -17.55 43.76 -14.41
CA PHE D 385 -16.41 44.67 -14.42
C PHE D 385 -16.33 45.52 -13.16
N TYR D 386 -17.46 46.14 -12.80
CA TYR D 386 -17.50 47.17 -11.78
C TYR D 386 -17.35 46.71 -10.31
N PRO D 387 -18.03 45.61 -9.90
CA PRO D 387 -17.75 45.12 -8.54
C PRO D 387 -16.26 44.91 -8.29
N PHE D 388 -15.58 44.30 -9.27
CA PHE D 388 -14.13 44.07 -9.23
C PHE D 388 -13.35 45.39 -9.26
N MET D 389 -13.82 46.36 -10.04
CA MET D 389 -13.13 47.66 -10.12
C MET D 389 -13.18 48.41 -8.79
N HIS D 390 -14.31 48.31 -8.10
CA HIS D 390 -14.52 48.95 -6.80
C HIS D 390 -13.66 48.29 -5.75
N ALA D 391 -13.66 46.96 -5.76
CA ALA D 391 -12.89 46.17 -4.80
C ALA D 391 -11.40 46.45 -4.93
N SER D 392 -10.92 46.58 -6.17
CA SER D 392 -9.51 46.81 -6.44
C SER D 392 -9.06 48.22 -6.06
N LYS D 393 -9.95 49.20 -6.23
CA LYS D 393 -9.59 50.60 -6.01
C LYS D 393 -9.61 51.01 -4.54
N TYR D 394 -10.68 50.65 -3.85
CA TYR D 394 -10.89 51.13 -2.48
C TYR D 394 -10.49 50.10 -1.43
N GLY D 395 -10.27 48.86 -1.88
CA GLY D 395 -9.98 47.74 -0.99
C GLY D 395 -8.51 47.47 -0.79
N ARG D 396 -7.75 48.51 -0.44
CA ARG D 396 -6.34 48.36 -0.11
C ARG D 396 -6.11 48.82 1.33
N GLY D 397 -5.53 47.93 2.15
CA GLY D 397 -5.32 48.23 3.57
C GLY D 397 -5.55 47.05 4.50
N ILE D 398 -6.38 47.25 5.52
CA ILE D 398 -6.60 46.23 6.56
C ILE D 398 -8.07 45.77 6.68
N VAL D 399 -8.30 44.48 6.53
CA VAL D 399 -9.63 43.88 6.67
C VAL D 399 -10.01 43.76 8.15
N LEU D 400 -11.10 44.44 8.53
CA LEU D 400 -11.59 44.42 9.91
C LEU D 400 -12.69 43.38 10.09
N GLN D 401 -12.52 42.53 11.10
CA GLN D 401 -13.47 41.47 11.42
C GLN D 401 -14.90 41.98 11.46
N PRO D 402 -15.72 41.54 10.49
CA PRO D 402 -17.11 41.97 10.42
C PRO D 402 -17.97 41.27 11.48
N VAL D 403 -18.26 42.00 12.55
CA VAL D 403 -19.21 41.52 13.56
C VAL D 403 -20.58 42.09 13.19
N ILE D 404 -21.43 41.20 12.71
CA ILE D 404 -22.62 41.58 11.94
C ILE D 404 -23.87 40.81 12.38
N ASN D 405 -24.87 41.56 12.84
CA ASN D 405 -26.18 41.01 13.15
C ASN D 405 -27.17 41.30 12.02
N SER D 406 -27.08 40.48 10.96
CA SER D 406 -27.98 40.58 9.82
C SER D 406 -29.08 39.54 9.90
N PRO D 407 -30.33 39.93 9.57
CA PRO D 407 -31.42 38.96 9.49
C PRO D 407 -31.11 37.86 8.48
N LEU D 408 -31.60 36.65 8.75
CA LEU D 408 -31.36 35.49 7.90
C LEU D 408 -32.58 35.10 7.06
N HIS D 409 -32.31 34.52 5.88
CA HIS D 409 -33.35 33.96 5.03
C HIS D 409 -32.91 32.60 4.47
N ASP D 410 -33.88 31.76 4.13
CA ASP D 410 -33.58 30.47 3.51
C ASP D 410 -33.86 30.51 2.01
N THR D 411 -33.06 29.77 1.26
CA THR D 411 -33.30 29.60 -0.17
C THR D 411 -33.67 28.14 -0.42
N SER D 412 -33.76 27.77 -1.69
CA SER D 412 -34.14 26.42 -2.07
C SER D 412 -33.13 25.36 -1.66
N LYS D 413 -31.84 25.69 -1.75
CA LYS D 413 -30.78 24.73 -1.43
C LYS D 413 -29.84 25.19 -0.30
N HIS D 414 -30.20 26.29 0.35
CA HIS D 414 -29.43 26.82 1.47
C HIS D 414 -30.39 27.32 2.54
N GLU D 415 -30.05 27.09 3.79
CA GLU D 415 -30.77 27.75 4.89
C GLU D 415 -29.84 28.59 5.78
N ASP D 416 -30.44 29.53 6.51
CA ASP D 416 -29.74 30.52 7.35
C ASP D 416 -28.75 31.40 6.58
N VAL D 417 -29.17 31.84 5.40
CA VAL D 417 -28.37 32.74 4.57
C VAL D 417 -28.59 34.19 5.02
N THR D 418 -27.49 34.83 5.41
CA THR D 418 -27.50 36.23 5.82
C THR D 418 -28.08 37.08 4.71
N ASP D 419 -28.87 38.10 5.06
CA ASP D 419 -29.34 39.05 4.08
C ASP D 419 -28.21 40.02 3.71
N ILE D 420 -27.62 40.67 4.72
CA ILE D 420 -26.49 41.56 4.51
C ILE D 420 -25.18 40.80 4.61
N GLU D 421 -24.40 40.87 3.54
CA GLU D 421 -23.02 40.42 3.55
C GLU D 421 -22.18 41.69 3.45
N SER D 422 -21.17 41.79 4.31
CA SER D 422 -20.38 43.02 4.41
C SER D 422 -18.96 42.81 4.93
N VAL D 423 -18.04 43.68 4.47
CA VAL D 423 -16.71 43.78 5.07
C VAL D 423 -16.25 45.24 5.06
N ALA D 424 -15.53 45.62 6.11
CA ALA D 424 -14.94 46.95 6.20
C ALA D 424 -13.43 46.85 6.14
N ILE D 425 -12.83 47.56 5.19
CA ILE D 425 -11.38 47.64 5.15
C ILE D 425 -10.90 49.07 5.38
N TYR D 426 -9.84 49.18 6.18
CA TYR D 426 -9.33 50.48 6.66
C TYR D 426 -7.95 50.79 6.07
N ASN D 427 -7.82 52.01 5.55
CA ASN D 427 -6.59 52.47 4.91
C ASN D 427 -5.99 53.67 5.64
N GLU D 428 -4.99 53.40 6.47
CA GLU D 428 -4.35 54.42 7.33
C GLU D 428 -3.83 55.63 6.56
N GLU D 429 -3.03 55.37 5.52
CA GLU D 429 -2.30 56.41 4.82
C GLU D 429 -3.15 57.19 3.82
N LYS D 430 -4.11 56.52 3.19
C LYS D 430 -6.60 58.06 4.00
N GLU D 431 -6.38 57.71 5.27
CA GLU D 431 -7.37 57.95 6.32
C GLU D 431 -8.80 57.75 5.81
N GLU D 432 -9.06 56.57 5.25
CA GLU D 432 -10.37 56.23 4.67
C GLU D 432 -10.81 54.85 5.15
N VAL D 433 -12.09 54.71 5.47
CA VAL D 433 -12.67 53.40 5.77
C VAL D 433 -13.82 53.12 4.80
N THR D 434 -13.79 51.93 4.20
CA THR D 434 -14.71 51.54 3.14
C THR D 434 -15.50 50.29 3.51
N ILE D 435 -16.83 50.39 3.49
CA ILE D 435 -17.70 49.24 3.71
C ILE D 435 -18.33 48.76 2.40
N PHE D 436 -18.03 47.52 2.04
CA PHE D 436 -18.64 46.86 0.89
C PHE D 436 -19.82 46.03 1.41
N ALA D 437 -21.01 46.24 0.84
CA ALA D 437 -22.21 45.54 1.31
C ALA D 437 -23.14 45.06 0.19
N VAL D 438 -23.84 43.95 0.44
CA VAL D 438 -24.73 43.32 -0.57
C VAL D 438 -26.03 42.70 -0.02
N ASN D 439 -27.17 43.12 -0.58
CA ASN D 439 -28.42 42.37 -0.58
C ASN D 439 -28.38 41.47 -1.83
N ARG D 440 -28.95 40.26 -1.89
CA ARG D 440 -29.98 39.61 -1.04
C ARG D 440 -30.41 40.28 0.26
N ASN D 441 -31.69 40.68 0.31
CA ASN D 441 -32.75 40.28 -0.66
C ASN D 441 -32.63 40.68 -2.16
N ILE D 442 -33.64 41.36 -2.73
CA ILE D 442 -35.03 40.83 -2.87
C ILE D 442 -35.73 40.08 -1.74
N HIS D 443 -36.86 40.61 -1.26
CA HIS D 443 -37.62 41.66 -1.93
C HIS D 443 -38.27 42.63 -0.91
N GLU D 444 -37.48 43.45 -0.21
CA GLU D 444 -36.06 43.60 -0.42
C GLU D 444 -35.41 44.49 0.64
N ASP D 445 -35.63 45.79 0.52
CA ASP D 445 -34.85 46.81 1.24
C ASP D 445 -34.61 46.53 2.73
N ILE D 446 -33.35 46.62 3.14
CA ILE D 446 -33.00 46.71 4.57
C ILE D 446 -31.96 47.78 4.89
N VAL D 447 -31.99 48.25 6.13
CA VAL D 447 -31.16 49.37 6.60
C VAL D 447 -30.01 48.90 7.49
N LEU D 448 -28.80 49.36 7.15
CA LEU D 448 -27.57 48.94 7.85
C LEU D 448 -27.10 49.96 8.89
N VAL D 449 -27.28 49.61 10.16
CA VAL D 449 -26.84 50.44 11.27
C VAL D 449 -25.45 50.00 11.69
N SER D 450 -24.44 50.71 11.21
CA SER D 450 -23.04 50.36 11.46
C SER D 450 -22.33 51.30 12.45
N ASP D 451 -22.09 50.79 13.65
CA ASP D 451 -21.38 51.49 14.71
C ASP D 451 -19.89 51.53 14.41
N VAL D 452 -19.36 52.73 14.14
CA VAL D 452 -17.92 52.90 13.95
C VAL D 452 -17.24 53.17 15.29
N ARG D 453 -16.15 52.45 15.55
CA ARG D 453 -15.48 52.49 16.84
C ARG D 453 -14.56 53.69 17.00
N GLY D 454 -13.36 53.59 16.43
CA GLY D 454 -12.29 54.57 16.66
C GLY D 454 -12.53 55.96 16.10
N MET D 455 -12.85 56.02 14.82
CA MET D 455 -12.97 57.28 14.08
C MET D 455 -14.01 58.23 14.69
N LYS D 456 -13.59 59.35 15.28
CA LYS D 456 -12.18 59.77 15.35
C LYS D 456 -11.84 60.75 14.23
N ASP D 457 -12.73 61.72 14.00
CA ASP D 457 -12.63 62.63 12.85
C ASP D 457 -14.00 63.28 12.70
N TYR D 458 -14.79 62.91 11.70
CA TYR D 458 -14.50 61.98 10.59
C TYR D 458 -15.75 62.04 9.71
N ARG D 459 -15.57 62.33 8.43
CA ARG D 459 -16.69 62.69 7.54
C ARG D 459 -17.00 61.67 6.45
N LEU D 460 -18.29 61.53 6.11
CA LEU D 460 -18.74 60.65 5.02
C LEU D 460 -18.29 61.17 3.66
N LEU D 461 -17.63 60.31 2.89
CA LEU D 461 -17.10 60.71 1.59
C LEU D 461 -18.14 60.55 0.49
N GLU D 462 -18.61 59.33 0.28
CA GLU D 462 -19.64 59.04 -0.74
C GLU D 462 -20.26 57.66 -0.53
N HIS D 463 -21.30 57.37 -1.32
CA HIS D 463 -22.00 56.09 -1.25
C HIS D 463 -22.27 55.62 -2.68
N ILE D 464 -21.32 54.89 -3.24
CA ILE D 464 -21.46 54.36 -4.60
C ILE D 464 -22.30 53.10 -4.60
N VAL D 465 -23.36 53.12 -5.40
CA VAL D 465 -24.31 52.01 -5.48
C VAL D 465 -24.24 51.39 -6.87
N LEU D 466 -24.65 50.13 -6.98
CA LEU D 466 -24.74 49.44 -8.26
C LEU D 466 -26.04 48.65 -8.26
N GLU D 467 -27.08 49.24 -8.83
CA GLU D 467 -28.41 48.61 -8.79
C GLU D 467 -29.19 48.67 -10.09
N HIS D 468 -30.23 47.85 -10.15
CA HIS D 468 -31.11 47.68 -11.30
C HIS D 468 -32.22 46.77 -10.81
N GLN D 469 -33.42 46.89 -11.37
CA GLN D 469 -34.50 45.97 -10.97
C GLN D 469 -34.93 45.00 -12.07
N ASP D 470 -33.98 44.59 -12.92
CA ASP D 470 -34.23 43.50 -13.86
C ASP D 470 -33.39 42.24 -13.65
N LEU D 471 -32.31 42.33 -12.87
CA LEU D 471 -31.49 41.15 -12.50
C LEU D 471 -30.92 40.37 -13.68
N LYS D 472 -31.77 40.09 -14.68
CA LYS D 472 -31.37 39.36 -15.89
C LYS D 472 -30.86 40.30 -16.99
N ILE D 473 -30.77 41.59 -16.66
CA ILE D 473 -30.31 42.63 -17.58
C ILE D 473 -28.80 42.51 -17.83
N ARG D 474 -28.37 42.79 -19.05
CA ARG D 474 -26.96 42.70 -19.41
C ARG D 474 -26.40 44.02 -19.97
N ASN D 475 -25.08 44.07 -20.14
CA ASN D 475 -24.43 45.12 -20.92
C ASN D 475 -24.16 44.65 -22.33
N SER D 476 -23.56 45.53 -23.13
CA SER D 476 -23.47 45.36 -24.57
C SER D 476 -22.54 46.42 -25.15
N VAL D 477 -22.12 46.20 -26.39
CA VAL D 477 -21.38 47.21 -27.14
C VAL D 477 -22.16 48.54 -27.25
N ASN D 478 -23.49 48.50 -27.09
CA ASN D 478 -24.33 49.71 -27.11
C ASN D 478 -24.79 50.14 -25.70
N GLY D 479 -23.88 50.11 -24.74
CA GLY D 479 -24.22 50.30 -23.32
C GLY D 479 -24.67 48.96 -22.75
N GLU D 480 -24.29 48.59 -21.52
CA GLU D 480 -23.64 49.39 -20.45
C GLU D 480 -24.73 50.03 -19.59
N GLU D 481 -25.25 49.27 -18.64
CA GLU D 481 -26.54 49.58 -18.02
C GLU D 481 -26.87 48.59 -16.91
N VAL D 482 -26.72 49.04 -15.67
CA VAL D 482 -25.65 48.54 -14.81
C VAL D 482 -24.36 49.32 -15.02
N TYR D 483 -23.88 49.95 -13.96
CA TYR D 483 -22.84 50.95 -14.07
C TYR D 483 -22.93 51.99 -12.95
N PRO D 484 -21.88 52.07 -12.14
CA PRO D 484 -21.99 52.67 -10.81
C PRO D 484 -22.64 54.04 -10.82
N LYS D 485 -23.68 54.21 -10.00
CA LYS D 485 -24.34 55.50 -9.80
C LYS D 485 -23.95 56.04 -8.43
N ASN D 486 -23.43 57.27 -8.42
CA ASN D 486 -22.97 57.89 -7.18
C ASN D 486 -24.13 58.43 -6.38
N SER D 487 -24.80 57.55 -5.63
CA SER D 487 -26.13 57.86 -5.07
C SER D 487 -26.22 57.96 -3.54
N ASP D 488 -27.42 58.30 -3.05
CA ASP D 488 -27.86 58.06 -1.65
C ASP D 488 -27.98 59.29 -0.72
N LYS D 489 -28.61 59.18 0.46
CA LYS D 489 -29.21 57.97 1.09
C LYS D 489 -28.24 57.21 2.03
N SER D 490 -27.28 57.94 2.58
CA SER D 490 -26.59 57.53 3.81
C SER D 490 -27.35 58.13 5.03
N SER D 491 -26.75 58.85 6.00
CA SER D 491 -25.38 59.36 6.06
C SER D 491 -24.77 59.06 7.43
N PHE D 492 -23.99 60.01 7.96
CA PHE D 492 -23.07 59.74 9.08
C PHE D 492 -23.09 60.83 10.15
N ASP D 493 -23.48 60.43 11.37
CA ASP D 493 -23.38 61.28 12.57
C ASP D 493 -22.24 60.75 13.44
N ASP D 494 -22.36 60.87 14.76
CA ASP D 494 -21.34 60.28 15.64
C ASP D 494 -21.88 59.15 16.51
N GLY D 495 -21.40 57.94 16.28
CA GLY D 495 -20.42 57.69 15.23
C GLY D 495 -20.92 56.71 14.19
N ILE D 496 -21.80 57.19 13.33
CA ILE D 496 -23.12 56.64 13.23
C ILE D 496 -23.57 56.80 11.79
N THR D 498 -25.76 55.10 9.15
CA THR D 498 -27.00 54.48 8.75
C THR D 498 -27.08 54.48 7.25
N SER D 499 -27.48 53.35 6.68
CA SER D 499 -27.51 53.21 5.23
C SER D 499 -28.57 52.22 4.77
N MET D 500 -29.56 52.72 4.04
CA MET D 500 -30.58 51.87 3.45
C MET D 500 -30.02 51.22 2.19
N LEU D 501 -30.18 49.91 2.09
CA LEU D 501 -29.58 49.14 1.00
C LEU D 501 -30.65 48.53 0.10
N ARG D 502 -30.73 49.05 -1.12
CA ARG D 502 -31.85 48.78 -2.04
C ARG D 502 -32.06 47.30 -2.36
N ARG D 503 -33.28 46.98 -2.81
CA ARG D 503 -33.73 45.64 -3.21
C ARG D 503 -32.62 44.60 -3.17
N ALA D 504 -31.99 44.35 -4.32
CA ALA D 504 -30.81 43.49 -4.42
C ALA D 504 -29.70 44.33 -5.03
N SER D 505 -28.71 44.68 -4.21
CA SER D 505 -27.78 45.75 -4.59
C SER D 505 -26.37 45.60 -4.08
N TRP D 506 -25.42 46.15 -4.83
CA TRP D 506 -24.02 46.22 -4.43
C TRP D 506 -23.69 47.65 -4.01
N ASN D 507 -23.16 47.78 -2.80
CA ASN D 507 -22.90 49.09 -2.21
C ASN D 507 -21.45 49.26 -1.78
N VAL D 508 -20.91 50.44 -2.03
CA VAL D 508 -19.58 50.83 -1.56
C VAL D 508 -19.71 52.15 -0.83
N ILE D 509 -19.59 52.10 0.49
CA ILE D 509 -19.81 53.27 1.34
C ILE D 509 -18.50 53.73 1.97
N ARG D 510 -18.13 54.99 1.70
CA ARG D 510 -16.81 55.51 2.06
C ARG D 510 -16.85 56.63 3.10
N ILE D 511 -15.86 56.62 3.99
CA ILE D 511 -15.71 57.64 5.03
C ILE D 511 -14.26 58.13 5.07
N GLY D 512 -14.08 59.42 5.36
CA GLY D 512 -12.76 60.04 5.49
C GLY D 512 -12.82 61.41 6.14
N LYS E 13 52.96 -3.28 24.62
CA LYS E 13 53.22 -3.93 23.30
C LYS E 13 52.02 -4.69 22.73
N ALA E 14 51.98 -4.83 21.40
CA ALA E 14 50.90 -5.53 20.71
C ALA E 14 51.43 -6.70 19.87
N ARG E 15 50.58 -7.69 19.62
CA ARG E 15 50.98 -8.87 18.86
C ARG E 15 50.03 -9.22 17.71
N MET E 16 50.60 -9.76 16.64
CA MET E 16 49.81 -10.38 15.58
C MET E 16 50.52 -11.61 14.99
N THR E 17 49.79 -12.33 14.13
CA THR E 17 50.31 -13.49 13.43
C THR E 17 50.01 -13.29 11.94
N VAL E 18 51.04 -13.46 11.11
CA VAL E 18 50.92 -13.25 9.68
C VAL E 18 51.03 -14.59 8.95
N ASP E 19 49.87 -15.15 8.63
CA ASP E 19 49.80 -16.48 8.01
C ASP E 19 49.55 -16.37 6.50
N LYS E 20 50.48 -16.92 5.72
CA LYS E 20 50.40 -16.93 4.26
C LYS E 20 49.24 -17.78 3.72
N ASP E 21 48.92 -18.86 4.44
CA ASP E 21 47.86 -19.79 4.05
C ASP E 21 46.51 -19.40 4.66
N TYR E 22 46.46 -18.23 5.29
CA TYR E 22 45.21 -17.70 5.84
C TYR E 22 44.88 -16.30 5.28
N LYS E 23 43.95 -16.27 4.33
CA LYS E 23 43.67 -15.06 3.54
C LYS E 23 42.20 -14.59 3.61
N ILE E 24 42.00 -13.30 3.34
CA ILE E 24 40.65 -12.77 3.13
C ILE E 24 40.34 -12.83 1.64
N ALA E 25 41.02 -12.01 0.85
CA ALA E 25 40.85 -12.00 -0.62
C ALA E 25 42.03 -11.37 -1.35
N GLU E 26 41.97 -11.44 -2.67
CA GLU E 26 42.95 -10.78 -3.53
C GLU E 26 42.43 -9.37 -3.77
N ILE E 27 43.31 -8.38 -3.65
CA ILE E 27 42.93 -6.99 -3.84
C ILE E 27 42.58 -6.71 -5.31
N ASP E 28 41.45 -6.05 -5.51
CA ASP E 28 41.11 -5.51 -6.82
C ASP E 28 41.76 -4.14 -6.88
N LYS E 29 42.61 -3.90 -7.87
CA LYS E 29 43.35 -2.63 -7.94
C LYS E 29 42.43 -1.40 -7.95
N ARG E 30 41.17 -1.59 -8.37
CA ARG E 30 40.19 -0.51 -8.44
C ARG E 30 39.75 0.00 -7.07
N ILE E 31 40.35 -0.54 -6.03
CA ILE E 31 40.11 -0.09 -4.66
C ILE E 31 40.98 1.14 -4.36
N TYR E 32 41.92 1.44 -5.24
CA TYR E 32 42.73 2.66 -5.14
C TYR E 32 42.30 3.70 -6.19
N GLY E 33 41.04 3.64 -6.58
CA GLY E 33 40.51 4.60 -7.52
C GLY E 33 40.31 5.97 -6.89
N SER E 34 39.81 6.90 -7.69
CA SER E 34 39.54 8.25 -7.24
C SER E 34 38.36 8.82 -8.03
N PHE E 35 38.15 10.12 -7.93
CA PHE E 35 36.91 10.74 -8.38
C PHE E 35 37.12 12.21 -8.72
N VAL E 36 36.70 12.62 -9.92
CA VAL E 36 36.76 14.02 -10.35
C VAL E 36 35.36 14.51 -10.73
N GLU E 37 34.93 15.57 -10.07
CA GLU E 37 33.63 16.17 -10.35
C GLU E 37 33.81 17.54 -10.97
N HIS E 38 32.84 17.99 -11.75
CA HIS E 38 32.82 19.36 -12.21
C HIS E 38 32.38 20.25 -11.04
N LEU E 39 33.24 20.30 -10.04
CA LEU E 39 33.01 21.01 -8.80
C LEU E 39 34.13 22.01 -8.63
N GLY E 40 33.80 23.24 -8.25
CA GLY E 40 34.79 24.26 -7.95
C GLY E 40 35.95 24.25 -8.92
N ARG E 41 37.16 24.07 -8.37
CA ARG E 41 38.38 24.14 -9.18
C ARG E 41 39.01 22.78 -9.50
N ALA E 42 38.19 21.72 -9.46
CA ALA E 42 38.69 20.38 -9.77
C ALA E 42 39.19 20.32 -11.21
N VAL E 43 38.38 20.82 -12.14
CA VAL E 43 38.72 20.77 -13.56
C VAL E 43 39.29 22.10 -14.03
N TYR E 44 38.46 23.14 -13.95
CA TYR E 44 38.83 24.49 -14.37
C TYR E 44 39.64 25.17 -13.28
N ASP E 45 40.77 25.75 -13.67
CA ASP E 45 41.80 26.22 -12.72
C ASP E 45 42.33 25.06 -11.88
N GLY E 46 42.25 23.86 -12.44
CA GLY E 46 42.72 22.64 -11.79
C GLY E 46 43.52 21.77 -12.74
N LEU E 47 42.93 20.67 -13.19
CA LEU E 47 43.59 19.77 -14.12
C LEU E 47 43.64 20.34 -15.53
N TYR E 48 42.76 21.30 -15.83
CA TYR E 48 42.66 21.91 -17.16
C TYR E 48 42.90 23.44 -17.14
N GLN E 49 44.06 23.86 -17.63
CA GLN E 49 44.46 25.26 -17.61
C GLN E 49 45.09 25.69 -18.94
N PRO E 50 44.24 25.88 -19.98
CA PRO E 50 44.61 26.06 -21.39
C PRO E 50 45.83 26.92 -21.70
N GLY E 51 45.89 28.13 -21.14
CA GLY E 51 46.96 29.07 -21.48
C GLY E 51 48.17 29.09 -20.55
N ASN E 52 48.49 27.93 -19.98
CA ASN E 52 49.52 27.83 -18.96
C ASN E 52 50.84 27.28 -19.47
N SER E 53 51.94 27.76 -18.89
CA SER E 53 53.29 27.33 -19.26
C SER E 53 53.61 25.89 -18.82
N LYS E 54 52.81 25.35 -17.90
CA LYS E 54 52.95 23.96 -17.46
C LYS E 54 52.00 23.03 -18.19
N SER E 55 51.06 23.61 -18.94
CA SER E 55 50.05 22.84 -19.65
C SER E 55 50.52 22.35 -21.03
N ASP E 56 50.01 21.21 -21.47
CA ASP E 56 50.32 20.66 -22.79
C ASP E 56 49.37 21.17 -23.89
N GLU E 57 49.47 20.58 -25.09
CA GLU E 57 48.70 21.01 -26.26
C GLU E 57 47.20 20.74 -26.15
N ASP E 58 46.81 20.11 -25.05
CA ASP E 58 45.42 19.87 -24.75
C ASP E 58 44.99 20.75 -23.57
N GLY E 59 45.94 21.54 -23.07
CA GLY E 59 45.69 22.45 -21.97
C GLY E 59 45.71 21.81 -20.60
N PHE E 60 46.24 20.59 -20.54
CA PHE E 60 46.32 19.88 -19.26
C PHE E 60 47.61 20.23 -18.54
N ARG E 61 47.51 20.48 -17.24
CA ARG E 61 48.68 20.69 -16.42
C ARG E 61 49.53 19.42 -16.36
N LYS E 62 50.73 19.51 -16.90
CA LYS E 62 51.65 18.37 -17.04
C LYS E 62 52.19 17.88 -15.69
N ASP E 63 52.43 18.82 -14.78
CA ASP E 63 52.84 18.50 -13.41
C ASP E 63 51.77 17.74 -12.65
N VAL E 64 50.52 18.16 -12.82
CA VAL E 64 49.39 17.46 -12.23
C VAL E 64 49.41 16.00 -12.68
N ILE E 65 49.58 15.79 -13.98
CA ILE E 65 49.63 14.47 -14.59
C ILE E 65 50.68 13.57 -13.92
N GLU E 66 51.84 14.14 -13.60
CA GLU E 66 52.91 13.39 -12.95
C GLU E 66 52.57 12.99 -11.52
N LEU E 67 51.81 13.84 -10.83
CA LEU E 67 51.39 13.58 -9.45
C LEU E 67 50.27 12.51 -9.37
N VAL E 68 49.35 12.54 -10.33
CA VAL E 68 48.26 11.56 -10.38
C VAL E 68 48.82 10.20 -10.76
N LYS E 69 49.91 10.22 -11.52
CA LYS E 69 50.65 9.00 -11.84
C LYS E 69 51.43 8.48 -10.64
N GLU E 70 51.98 9.40 -9.85
CA GLU E 70 52.70 9.04 -8.61
C GLU E 70 51.80 8.28 -7.64
N LEU E 71 50.54 8.70 -7.53
CA LEU E 71 49.56 7.96 -6.75
C LEU E 71 49.23 6.67 -7.47
N ASN E 72 49.35 6.71 -8.80
CA ASN E 72 48.67 5.77 -9.71
C ASN E 72 47.27 5.37 -9.27
N VAL E 73 46.30 5.90 -9.98
CA VAL E 73 44.91 5.67 -9.68
C VAL E 73 44.36 4.95 -10.91
N PRO E 74 43.97 3.67 -10.76
CA PRO E 74 43.54 2.89 -11.94
C PRO E 74 42.18 3.35 -12.50
N ILE E 75 41.31 3.85 -11.63
CA ILE E 75 39.96 4.21 -12.06
C ILE E 75 39.48 5.54 -11.44
N ILE E 76 38.81 6.37 -12.24
CA ILE E 76 38.35 7.68 -11.80
C ILE E 76 36.87 7.88 -12.11
N ARG E 77 36.07 8.03 -11.06
CA ARG E 77 34.67 8.29 -11.20
C ARG E 77 34.49 9.70 -11.77
N TYR E 78 33.65 9.83 -12.80
CA TYR E 78 33.44 11.12 -13.48
C TYR E 78 32.07 11.10 -14.16
N PRO E 79 31.39 12.27 -14.29
CA PRO E 79 31.70 13.64 -13.87
C PRO E 79 30.99 14.07 -12.59
N GLY E 80 30.38 13.11 -11.90
CA GLY E 80 29.67 13.39 -10.67
C GLY E 80 29.20 12.13 -9.96
N GLY E 81 28.79 12.27 -8.71
CA GLY E 81 28.69 13.58 -8.05
C GLY E 81 27.39 14.31 -8.32
N ASN E 82 26.98 15.16 -7.38
CA ASN E 82 25.77 15.95 -7.54
C ASN E 82 25.64 16.61 -8.92
N PHE E 83 26.78 16.96 -9.51
CA PHE E 83 26.83 17.63 -10.82
C PHE E 83 26.08 16.88 -11.92
N VAL E 84 26.21 15.56 -11.96
CA VAL E 84 25.69 14.78 -13.07
C VAL E 84 24.17 14.67 -13.07
N SER E 85 23.55 14.96 -11.93
CA SER E 85 22.11 14.80 -11.77
C SER E 85 21.30 15.76 -12.63
N ASN E 86 21.91 16.87 -13.05
CA ASN E 86 21.27 17.78 -14.00
C ASN E 86 22.23 18.19 -15.12
N TYR E 87 23.05 17.24 -15.54
CA TYR E 87 24.01 17.44 -16.62
C TYR E 87 23.52 16.79 -17.90
N PHE E 88 23.77 17.48 -19.02
CA PHE E 88 23.39 16.98 -20.34
C PHE E 88 24.66 16.81 -21.17
N TRP E 89 25.09 15.55 -21.28
CA TRP E 89 26.41 15.21 -21.83
C TRP E 89 26.71 15.77 -23.22
N GLU E 90 25.68 15.89 -24.07
CA GLU E 90 25.82 16.45 -25.41
C GLU E 90 26.46 17.82 -25.37
N ASP E 91 26.26 18.53 -24.26
CA ASP E 91 26.82 19.87 -24.07
C ASP E 91 28.34 19.86 -23.95
N GLY E 92 28.91 18.70 -23.63
CA GLY E 92 30.35 18.55 -23.44
C GLY E 92 31.11 18.01 -24.64
N VAL E 93 30.37 17.65 -25.70
CA VAL E 93 30.99 17.09 -26.90
C VAL E 93 30.80 17.96 -28.15
N GLY E 94 31.57 17.66 -29.20
CA GLY E 94 31.44 18.36 -30.47
C GLY E 94 32.23 19.65 -30.48
N PRO E 95 32.26 20.35 -31.63
CA PRO E 95 33.02 21.60 -31.77
C PRO E 95 32.81 22.53 -30.57
N VAL E 96 33.92 22.90 -29.92
CA VAL E 96 33.91 23.62 -28.65
C VAL E 96 33.17 24.97 -28.66
N GLU E 97 33.16 25.64 -29.82
CA GLU E 97 32.46 26.91 -29.98
C GLU E 97 30.95 26.72 -29.92
N ASP E 98 30.51 25.48 -30.09
CA ASP E 98 29.09 25.14 -30.14
C ASP E 98 28.59 24.52 -28.84
N ARG E 99 29.48 24.42 -27.86
CA ARG E 99 29.10 23.90 -26.56
C ARG E 99 28.59 25.04 -25.71
N PRO E 100 27.35 24.91 -25.20
CA PRO E 100 26.74 26.01 -24.49
C PRO E 100 27.21 26.10 -23.04
N ARG E 101 27.15 27.30 -22.45
CA ARG E 101 27.33 27.44 -21.02
C ARG E 101 26.01 27.09 -20.32
N ARG E 102 26.12 26.31 -19.24
CA ARG E 102 24.95 25.85 -18.52
C ARG E 102 25.01 26.21 -17.05
N LEU E 103 23.83 26.32 -16.43
CA LEU E 103 23.73 26.54 -14.99
C LEU E 103 23.96 25.22 -14.28
N ASP E 104 24.99 25.14 -13.44
CA ASP E 104 25.14 23.95 -12.59
C ASP E 104 24.50 24.22 -11.25
N LEU E 105 23.33 23.60 -11.04
CA LEU E 105 22.54 23.87 -9.84
C LEU E 105 23.17 23.24 -8.60
N ALA E 106 23.88 22.13 -8.82
CA ALA E 106 24.55 21.40 -7.74
C ALA E 106 25.49 22.29 -6.92
N TRP E 107 26.24 23.17 -7.59
CA TRP E 107 27.23 24.05 -6.93
C TRP E 107 27.14 25.52 -7.34
N LYS E 108 25.95 25.93 -7.76
CA LYS E 108 25.64 27.32 -8.13
C LYS E 108 26.74 27.97 -8.96
N SER E 109 27.06 27.35 -10.09
CA SER E 109 28.18 27.78 -10.91
C SER E 109 27.83 27.71 -12.39
N ILE E 110 28.51 28.54 -13.19
CA ILE E 110 28.39 28.48 -14.64
C ILE E 110 29.36 27.44 -15.17
N GLU E 111 28.83 26.41 -15.80
CA GLU E 111 29.65 25.36 -16.39
C GLU E 111 29.89 25.71 -17.85
N PRO E 112 31.16 25.99 -18.21
CA PRO E 112 31.52 26.38 -19.57
C PRO E 112 31.62 25.19 -20.53
N ASN E 113 31.57 23.97 -19.99
CA ASN E 113 31.52 22.74 -20.78
C ASN E 113 32.70 22.54 -21.76
N GLN E 114 33.80 23.25 -21.50
CA GLN E 114 34.99 23.13 -22.32
C GLN E 114 35.66 21.77 -22.12
N VAL E 115 35.52 21.20 -20.92
CA VAL E 115 35.96 19.84 -20.67
C VAL E 115 34.74 18.93 -20.62
N GLY E 116 34.70 17.99 -21.54
CA GLY E 116 33.57 17.12 -21.66
C GLY E 116 33.99 15.81 -22.25
N ILE E 117 33.70 14.74 -21.52
CA ILE E 117 33.90 13.36 -21.95
C ILE E 117 35.12 13.05 -22.84
N ASN E 118 35.09 13.44 -24.11
CA ASN E 118 36.25 13.29 -25.02
C ASN E 118 37.54 13.88 -24.45
N GLU E 119 37.45 15.07 -23.85
CA GLU E 119 38.61 15.73 -23.25
C GLU E 119 39.09 14.98 -22.01
N PHE E 120 38.15 14.62 -21.13
CA PHE E 120 38.49 13.92 -19.90
C PHE E 120 39.09 12.53 -20.16
N ALA E 121 38.62 11.88 -21.22
CA ALA E 121 39.17 10.59 -21.64
C ALA E 121 40.64 10.69 -22.06
N LYS E 122 40.97 11.76 -22.79
CA LYS E 122 42.36 12.01 -23.17
C LYS E 122 43.24 12.20 -21.94
N TRP E 123 42.68 12.85 -20.92
CA TRP E 123 43.39 13.11 -19.68
C TRP E 123 43.65 11.82 -18.90
N CYS E 124 42.67 10.93 -18.88
CA CYS E 124 42.82 9.66 -18.19
C CYS E 124 43.85 8.77 -18.86
N LYS E 125 43.94 8.86 -20.19
CA LYS E 125 45.02 8.19 -20.91
C LYS E 125 46.35 8.62 -20.32
N LYS E 126 46.49 9.92 -20.11
CA LYS E 126 47.75 10.53 -19.66
C LYS E 126 48.08 10.26 -18.20
N VAL E 127 47.11 9.82 -17.41
CA VAL E 127 47.35 9.46 -16.01
C VAL E 127 47.24 7.95 -15.74
N ASN E 128 47.23 7.17 -16.82
CA ASN E 128 47.09 5.71 -16.75
C ASN E 128 45.83 5.28 -15.98
N ALA E 129 44.69 5.84 -16.39
CA ALA E 129 43.43 5.58 -15.71
C ALA E 129 42.30 5.34 -16.68
N GLU E 130 41.23 4.75 -16.15
CA GLU E 130 40.03 4.45 -16.91
C GLU E 130 38.86 5.13 -16.24
N ILE E 131 37.96 5.67 -17.04
CA ILE E 131 36.82 6.42 -16.53
C ILE E 131 35.77 5.47 -16.01
N MET E 132 35.34 5.67 -14.77
CA MET E 132 34.05 5.16 -14.32
C MET E 132 33.05 6.29 -14.57
N MET E 133 32.10 6.04 -15.48
CA MET E 133 31.22 7.09 -15.98
C MET E 133 29.85 7.03 -15.34
N ALA E 134 29.39 8.17 -14.84
CA ALA E 134 28.07 8.28 -14.24
C ALA E 134 27.09 8.93 -15.21
N VAL E 135 25.86 8.43 -15.24
CA VAL E 135 24.82 8.95 -16.13
C VAL E 135 23.78 9.79 -15.35
N ASN E 136 23.27 10.84 -15.98
CA ASN E 136 22.23 11.65 -15.36
C ASN E 136 20.94 10.84 -15.22
N LEU E 137 20.56 10.56 -13.97
CA LEU E 137 19.25 9.96 -13.68
C LEU E 137 18.47 10.83 -12.72
N GLY E 138 18.92 12.07 -12.56
CA GLY E 138 18.18 13.08 -11.83
C GLY E 138 17.11 13.64 -12.73
N THR E 139 17.54 14.30 -13.81
CA THR E 139 16.61 14.94 -14.74
C THR E 139 16.46 14.24 -16.11
N ARG E 140 17.25 13.20 -16.35
CA ARG E 140 17.17 12.43 -17.59
C ARG E 140 16.97 10.94 -17.28
N GLY E 141 16.61 10.13 -18.29
CA GLY E 141 16.31 8.71 -18.05
C GLY E 141 17.04 7.71 -18.93
N ILE E 142 16.32 6.64 -19.27
CA ILE E 142 16.87 5.46 -19.96
C ILE E 142 17.57 5.76 -21.29
N SER E 143 16.86 6.36 -22.24
CA SER E 143 17.41 6.55 -23.57
C SER E 143 18.64 7.48 -23.60
N ASP E 144 18.71 8.40 -22.65
CA ASP E 144 19.86 9.28 -22.58
C ASP E 144 21.06 8.55 -22.04
N ALA E 145 20.83 7.56 -21.18
CA ALA E 145 21.93 6.71 -20.73
C ALA E 145 22.35 5.79 -21.88
N CYS E 146 21.36 5.29 -22.61
CA CYS E 146 21.64 4.48 -23.79
C CYS E 146 22.47 5.28 -24.78
N ASN E 147 22.03 6.49 -25.10
CA ASN E 147 22.75 7.39 -26.01
C ASN E 147 24.22 7.54 -25.63
N LEU E 148 24.47 7.86 -24.37
CA LEU E 148 25.84 8.07 -23.89
C LEU E 148 26.67 6.78 -23.95
N LEU E 149 26.03 5.65 -23.65
CA LEU E 149 26.72 4.35 -23.72
C LEU E 149 27.13 4.01 -25.15
N GLU E 150 26.19 4.15 -26.08
CA GLU E 150 26.43 3.96 -27.51
C GLU E 150 27.56 4.86 -28.02
N TYR E 151 27.50 6.14 -27.64
CA TYR E 151 28.52 7.13 -27.99
C TYR E 151 29.89 6.71 -27.49
N CYS E 152 29.96 6.19 -26.27
CA CYS E 152 31.25 5.83 -25.68
C CYS E 152 31.78 4.44 -26.08
N ASN E 153 30.89 3.47 -26.20
CA ASN E 153 31.28 2.06 -26.34
C ASN E 153 31.05 1.41 -27.70
N HIS E 154 30.07 1.88 -28.45
CA HIS E 154 29.78 1.23 -29.74
C HIS E 154 30.79 1.61 -30.83
N PRO E 155 31.39 0.60 -31.49
CA PRO E 155 32.43 0.83 -32.49
C PRO E 155 32.09 1.92 -33.51
N GLY E 156 30.97 1.76 -34.21
CA GLY E 156 30.58 2.69 -35.27
C GLY E 156 29.37 2.20 -36.05
N GLY E 157 28.93 3.01 -37.01
CA GLY E 157 27.82 2.64 -37.90
C GLY E 157 26.44 2.87 -37.31
N SER E 158 26.38 3.65 -36.23
CA SER E 158 25.13 4.03 -35.58
C SER E 158 25.15 5.49 -35.16
N LYS E 159 23.97 6.06 -34.93
CA LYS E 159 23.83 7.49 -34.71
C LYS E 159 24.92 8.09 -33.82
N TYR E 160 25.08 7.52 -32.63
CA TYR E 160 25.92 8.13 -31.60
C TYR E 160 27.36 7.65 -31.60
N SER E 161 27.58 6.45 -32.15
CA SER E 161 28.95 5.94 -32.32
C SER E 161 29.66 6.77 -33.37
N ASP E 162 29.01 6.98 -34.51
CA ASP E 162 29.51 7.85 -35.58
C ASP E 162 29.74 9.29 -35.13
N MET E 163 28.92 9.73 -34.17
CA MET E 163 28.99 11.08 -33.64
C MET E 163 30.31 11.30 -32.93
N ARG E 164 30.74 10.31 -32.15
CA ARG E 164 32.04 10.32 -31.50
C ARG E 164 33.16 10.32 -32.55
N ILE E 165 33.05 9.42 -33.54
CA ILE E 165 34.03 9.35 -34.63
C ILE E 165 34.21 10.75 -35.25
N LYS E 166 33.08 11.37 -35.58
CA LYS E 166 33.04 12.73 -36.12
C LYS E 166 33.69 13.73 -35.17
N HIS E 167 33.51 13.50 -33.87
CA HIS E 167 34.08 14.39 -32.85
C HIS E 167 35.58 14.16 -32.63
N GLY E 168 36.20 13.38 -33.52
CA GLY E 168 37.65 13.17 -33.48
C GLY E 168 38.15 11.96 -32.72
N VAL E 169 37.24 11.16 -32.18
CA VAL E 169 37.62 9.94 -31.47
C VAL E 169 37.14 8.70 -32.24
N LYS E 170 38.06 8.06 -32.95
CA LYS E 170 37.75 6.93 -33.83
C LYS E 170 37.54 5.64 -33.03
N GLU E 171 38.40 5.41 -32.05
CA GLU E 171 38.28 4.24 -31.18
C GLU E 171 37.29 4.54 -30.05
N PRO E 172 36.38 3.58 -29.77
CA PRO E 172 35.45 3.76 -28.64
C PRO E 172 36.21 3.72 -27.32
N HIS E 173 35.72 4.47 -26.34
CA HIS E 173 36.39 4.60 -25.05
C HIS E 173 36.37 3.28 -24.26
N ASN E 174 35.46 2.39 -24.62
CA ASN E 174 35.24 1.14 -23.89
C ASN E 174 35.28 1.35 -22.38
N ILE E 175 34.38 2.21 -21.90
CA ILE E 175 34.16 2.42 -20.47
C ILE E 175 33.48 1.19 -19.88
N LYS E 176 34.16 0.58 -18.91
CA LYS E 176 33.77 -0.72 -18.35
C LYS E 176 32.75 -0.62 -17.22
N VAL E 177 32.89 0.41 -16.38
CA VAL E 177 32.02 0.56 -15.22
C VAL E 177 31.27 1.86 -15.37
N TRP E 178 29.98 1.82 -15.07
CA TRP E 178 29.14 3.01 -15.14
C TRP E 178 28.35 3.16 -13.86
N CYS E 179 28.18 4.39 -13.39
CA CYS E 179 27.36 4.67 -12.20
C CYS E 179 25.97 5.11 -12.59
N LEU E 180 24.96 4.43 -12.06
CA LEU E 180 23.56 4.74 -12.37
C LEU E 180 23.06 5.99 -11.63
N GLY E 181 23.53 7.15 -12.08
CA GLY E 181 23.21 8.40 -11.42
C GLY E 181 24.06 8.54 -10.18
N ASN E 182 23.84 9.63 -9.43
CA ASN E 182 24.54 9.88 -8.18
C ASN E 182 23.52 9.78 -7.05
N ALA E 183 23.97 9.48 -5.83
CA ALA E 183 23.04 9.34 -4.68
C ALA E 183 21.90 10.35 -4.74
N MET E 184 20.68 9.83 -4.83
CA MET E 184 19.50 10.65 -5.01
C MET E 184 18.50 10.59 -3.86
N ASP E 185 18.95 10.20 -2.67
CA ASP E 185 18.07 10.19 -1.50
C ASP E 185 18.14 11.46 -0.68
N GLY E 186 18.90 12.43 -1.18
CA GLY E 186 19.11 13.70 -0.48
C GLY E 186 18.22 14.85 -0.93
N PRO E 187 17.78 15.69 0.01
CA PRO E 187 16.98 16.87 -0.36
C PRO E 187 17.79 18.00 -1.02
N TRP E 188 19.12 17.87 -1.05
CA TRP E 188 20.01 18.85 -1.71
C TRP E 188 20.24 18.51 -3.19
N GLN E 189 19.79 17.34 -3.59
CA GLN E 189 19.94 16.89 -4.99
C GLN E 189 18.82 17.42 -5.87
N VAL E 190 19.15 17.66 -7.14
CA VAL E 190 18.13 17.85 -8.16
C VAL E 190 17.79 16.47 -8.75
N GLY E 191 16.50 16.20 -8.91
CA GLY E 191 16.03 14.89 -9.34
C GLY E 191 16.12 13.90 -8.19
N HIS E 192 15.82 14.38 -6.99
CA HIS E 192 15.71 13.52 -5.83
C HIS E 192 14.66 12.44 -6.11
N LYS E 193 14.97 11.19 -5.77
CA LYS E 193 14.05 10.07 -5.95
C LYS E 193 13.74 9.39 -4.63
N THR E 194 12.58 8.75 -4.54
CA THR E 194 12.28 7.85 -3.43
C THR E 194 13.02 6.54 -3.73
N MET E 195 13.07 5.61 -2.77
CA MET E 195 13.80 4.36 -3.00
C MET E 195 13.19 3.50 -4.11
N ASP E 196 11.86 3.41 -4.14
CA ASP E 196 11.18 2.68 -5.21
C ASP E 196 11.37 3.36 -6.55
N GLU E 197 11.27 4.69 -6.60
CA GLU E 197 11.45 5.42 -7.86
C GLU E 197 12.83 5.17 -8.43
N TYR E 198 13.86 5.26 -7.59
CA TYR E 198 15.22 4.96 -8.03
C TYR E 198 15.42 3.48 -8.34
N GLY E 199 14.93 2.63 -7.44
CA GLY E 199 14.97 1.18 -7.64
C GLY E 199 14.54 0.82 -9.05
N ARG E 200 13.40 1.37 -9.47
CA ARG E 200 12.81 1.04 -10.77
C ARG E 200 13.63 1.57 -11.92
N ILE E 201 14.05 2.82 -11.83
CA ILE E 201 14.79 3.49 -12.90
C ILE E 201 16.20 2.92 -13.06
N ALA E 202 16.81 2.53 -11.93
CA ALA E 202 18.12 1.90 -11.97
C ALA E 202 18.01 0.55 -12.68
N GLU E 203 17.04 -0.26 -12.27
CA GLU E 203 16.76 -1.53 -12.92
C GLU E 203 16.63 -1.38 -14.44
N GLU E 204 15.72 -0.51 -14.88
CA GLU E 204 15.41 -0.36 -16.30
C GLU E 204 16.58 0.18 -17.12
N THR E 205 17.27 1.17 -16.58
CA THR E 205 18.45 1.70 -17.22
C THR E 205 19.51 0.59 -17.34
N ALA E 206 19.70 -0.15 -16.26
CA ALA E 206 20.65 -1.26 -16.25
C ALA E 206 20.30 -2.29 -17.32
N ARG E 207 19.05 -2.72 -17.35
CA ARG E 207 18.55 -3.69 -18.33
C ARG E 207 18.89 -3.22 -19.73
N ALA E 208 18.59 -1.97 -20.02
CA ALA E 208 18.71 -1.46 -21.38
C ALA E 208 20.17 -1.30 -21.76
N MET E 209 20.95 -0.71 -20.85
CA MET E 209 22.38 -0.47 -21.13
C MET E 209 23.09 -1.77 -21.47
N LYS E 210 22.76 -2.83 -20.74
CA LYS E 210 23.41 -4.11 -20.94
C LYS E 210 23.03 -4.79 -22.26
N MET E 211 21.95 -4.33 -22.90
CA MET E 211 21.60 -4.83 -24.25
C MET E 211 22.48 -4.19 -25.31
N ILE E 212 23.13 -3.08 -24.95
CA ILE E 212 24.05 -2.41 -25.86
C ILE E 212 25.46 -2.96 -25.63
N ASP E 213 25.87 -3.01 -24.38
CA ASP E 213 27.17 -3.56 -24.03
C ASP E 213 27.03 -4.50 -22.84
N PRO E 214 27.01 -5.82 -23.09
CA PRO E 214 26.94 -6.80 -22.00
C PRO E 214 28.24 -6.88 -21.20
N SER E 215 29.32 -6.32 -21.76
CA SER E 215 30.63 -6.37 -21.11
C SER E 215 30.81 -5.33 -20.00
N ILE E 216 29.93 -4.33 -19.94
CA ILE E 216 30.00 -3.31 -18.90
C ILE E 216 29.51 -3.85 -17.57
N GLU E 217 29.98 -3.22 -16.49
CA GLU E 217 29.46 -3.47 -15.15
C GLU E 217 28.80 -2.20 -14.67
N LEU E 218 27.76 -2.35 -13.86
CA LEU E 218 26.94 -1.21 -13.45
C LEU E 218 26.84 -1.07 -11.93
N VAL E 219 27.05 0.15 -11.45
CA VAL E 219 26.91 0.48 -10.04
C VAL E 219 25.57 1.16 -9.78
N ALA E 220 24.80 0.60 -8.85
CA ALA E 220 23.58 1.20 -8.34
C ALA E 220 23.91 2.02 -7.10
N CYS E 221 23.27 3.18 -6.97
CA CYS E 221 23.51 4.12 -5.86
C CYS E 221 23.06 3.64 -4.50
N GLY E 222 23.96 3.72 -3.52
CA GLY E 222 23.59 3.51 -2.14
C GLY E 222 23.05 4.80 -1.55
N SER E 223 22.84 4.80 -0.23
CA SER E 223 22.44 6.01 0.46
C SER E 223 23.54 7.06 0.30
N SER E 224 23.19 8.32 0.56
CA SER E 224 24.19 9.40 0.59
C SER E 224 25.17 9.17 1.72
N SER E 225 24.65 8.65 2.84
CA SER E 225 25.43 8.35 4.03
C SER E 225 24.62 7.43 4.94
N LYS E 226 25.30 6.80 5.89
CA LYS E 226 24.64 5.92 6.85
C LYS E 226 23.72 6.65 7.83
N ASP E 227 23.68 7.99 7.76
CA ASP E 227 22.83 8.80 8.65
C ASP E 227 21.42 8.97 8.12
N MET E 228 21.26 8.91 6.79
CA MET E 228 19.95 9.00 6.17
C MET E 228 19.00 8.02 6.86
N PRO E 229 17.81 8.50 7.27
CA PRO E 229 16.85 7.59 7.91
C PRO E 229 16.51 6.41 6.99
N THR E 230 16.75 6.58 5.69
CA THR E 230 16.38 5.59 4.67
C THR E 230 17.45 4.50 4.51
N PHE E 231 18.54 4.60 5.30
CA PHE E 231 19.59 3.59 5.32
C PHE E 231 19.32 2.54 6.41
N PRO E 232 19.42 1.24 6.09
CA PRO E 232 19.84 0.65 4.83
C PRO E 232 18.70 0.11 3.96
N GLN E 233 17.46 0.57 4.19
CA GLN E 233 16.34 0.11 3.37
C GLN E 233 16.45 0.53 1.90
N TRP E 234 16.96 1.74 1.68
CA TRP E 234 17.26 2.20 0.32
C TRP E 234 17.99 1.08 -0.41
N GLU E 235 19.08 0.61 0.21
CA GLU E 235 19.92 -0.45 -0.33
C GLU E 235 19.16 -1.75 -0.58
N ALA E 236 18.32 -2.13 0.38
CA ALA E 236 17.55 -3.35 0.23
C ALA E 236 16.54 -3.24 -0.91
N THR E 237 15.83 -2.12 -0.97
CA THR E 237 14.80 -1.88 -2.00
C THR E 237 15.37 -1.75 -3.40
N VAL E 238 16.43 -0.96 -3.56
CA VAL E 238 17.10 -0.77 -4.84
C VAL E 238 17.63 -2.10 -5.37
N LEU E 239 18.25 -2.90 -4.48
CA LEU E 239 18.84 -4.18 -4.89
C LEU E 239 17.77 -5.21 -5.23
N ASP E 240 16.67 -5.18 -4.48
CA ASP E 240 15.50 -6.00 -4.75
C ASP E 240 15.04 -5.80 -6.20
N TYR E 241 15.09 -4.56 -6.68
CA TYR E 241 14.66 -4.25 -8.04
C TYR E 241 15.66 -4.68 -9.09
N ALA E 242 16.91 -4.24 -8.92
CA ALA E 242 17.93 -4.29 -9.99
C ALA E 242 18.95 -5.43 -9.90
N TYR E 243 18.83 -6.27 -8.87
CA TYR E 243 19.81 -7.32 -8.58
C TYR E 243 20.41 -7.97 -9.83
N ASP E 244 19.55 -8.55 -10.66
CA ASP E 244 20.00 -9.35 -11.80
C ASP E 244 20.74 -8.55 -12.86
N TYR E 245 20.68 -7.22 -12.77
CA TYR E 245 21.20 -6.34 -13.82
C TYR E 245 22.33 -5.43 -13.35
N VAL E 246 22.56 -5.39 -12.04
CA VAL E 246 23.63 -4.56 -11.46
C VAL E 246 24.72 -5.39 -10.79
N ASP E 247 25.94 -4.86 -10.76
CA ASP E 247 27.07 -5.58 -10.19
C ASP E 247 27.55 -5.03 -8.85
N TYR E 248 27.32 -3.74 -8.62
CA TYR E 248 27.76 -3.05 -7.40
C TYR E 248 26.70 -2.20 -6.76
N ILE E 249 26.75 -2.12 -5.43
CA ILE E 249 26.07 -1.08 -4.66
C ILE E 249 27.15 -0.12 -4.11
N SER E 250 26.86 1.19 -4.12
CA SER E 250 27.83 2.19 -3.66
C SER E 250 27.70 2.58 -2.17
N LEU E 251 28.77 3.13 -1.62
CA LEU E 251 28.79 3.65 -0.25
C LEU E 251 29.51 4.98 -0.22
N HIS E 252 29.00 5.88 0.61
CA HIS E 252 29.63 7.18 0.80
C HIS E 252 29.88 7.41 2.29
N GLN E 253 31.09 7.86 2.61
CA GLN E 253 31.41 8.21 3.98
C GLN E 253 32.48 9.29 4.01
N TYR E 254 32.25 10.32 4.83
CA TYR E 254 33.24 11.33 5.11
C TYR E 254 33.35 11.50 6.61
N TYR E 255 34.50 11.97 7.08
CA TYR E 255 34.71 12.27 8.48
C TYR E 255 35.33 13.63 8.66
N GLY E 256 35.13 14.21 9.84
CA GLY E 256 35.63 15.53 10.17
C GLY E 256 35.96 15.62 11.64
N ASN E 257 36.60 16.72 12.03
CA ASN E 257 37.07 16.88 13.40
C ASN E 257 36.70 18.22 14.03
N LYS E 258 35.47 18.67 13.83
CA LYS E 258 34.98 19.92 14.43
C LYS E 258 35.13 19.92 15.95
N GLU E 259 35.14 18.73 16.54
CA GLU E 259 35.20 18.56 17.98
C GLU E 259 36.61 18.75 18.55
N ASN E 260 37.62 18.72 17.68
CA ASN E 260 39.03 18.91 18.05
C ASN E 260 39.53 17.80 19.00
N ASP E 261 39.17 16.57 18.66
CA ASP E 261 39.31 15.41 19.55
C ASP E 261 40.05 14.29 18.81
N THR E 262 41.37 14.42 18.72
CA THR E 262 42.20 13.55 17.87
C THR E 262 42.09 12.05 18.19
N ALA E 263 41.99 11.71 19.47
CA ALA E 263 41.84 10.31 19.87
C ALA E 263 40.54 9.76 19.31
N ASP E 264 39.46 10.53 19.49
CA ASP E 264 38.13 10.13 19.04
C ASP E 264 38.00 10.20 17.52
N PHE E 265 38.75 11.11 16.92
CA PHE E 265 38.74 11.33 15.47
C PHE E 265 39.31 10.12 14.73
N LEU E 266 40.36 9.50 15.30
CA LEU E 266 40.99 8.34 14.68
C LEU E 266 40.28 7.03 14.99
N ALA E 267 39.37 7.06 15.97
CA ALA E 267 38.54 5.91 16.30
C ALA E 267 37.52 5.65 15.20
N LYS E 268 37.22 6.69 14.42
CA LYS E 268 36.11 6.69 13.48
C LYS E 268 36.21 5.70 12.31
N SER E 269 37.34 4.99 12.20
CA SER E 269 37.44 3.92 11.20
C SER E 269 36.76 2.63 11.69
N ASP E 270 36.49 2.57 13.00
CA ASP E 270 35.63 1.53 13.57
C ASP E 270 34.20 1.66 13.09
N ASP E 271 33.71 2.89 13.00
CA ASP E 271 32.38 3.17 12.44
C ASP E 271 32.33 2.78 10.98
N LEU E 272 33.42 3.06 10.26
CA LEU E 272 33.51 2.74 8.83
C LEU E 272 33.40 1.25 8.57
N ASP E 273 34.14 0.47 9.37
CA ASP E 273 34.10 -0.97 9.32
C ASP E 273 32.67 -1.47 9.58
N ASP E 274 32.03 -0.91 10.61
CA ASP E 274 30.66 -1.23 10.92
C ASP E 274 29.73 -0.92 9.75
N PHE E 275 29.84 0.29 9.22
CA PHE E 275 29.11 0.74 8.04
C PHE E 275 29.23 -0.28 6.90
N ILE E 276 30.45 -0.76 6.67
CA ILE E 276 30.75 -1.74 5.63
C ILE E 276 29.96 -3.04 5.85
N ARG E 277 30.03 -3.55 7.08
CA ARG E 277 29.39 -4.83 7.42
C ARG E 277 27.87 -4.79 7.27
N SER E 278 27.28 -3.65 7.56
CA SER E 278 25.85 -3.46 7.43
C SER E 278 25.39 -3.54 5.98
N VAL E 279 26.18 -2.94 5.10
CA VAL E 279 25.89 -2.95 3.67
C VAL E 279 26.02 -4.37 3.08
N ILE E 280 27.05 -5.10 3.52
CA ILE E 280 27.26 -6.51 3.14
C ILE E 280 26.12 -7.42 3.61
N ALA E 281 25.65 -7.21 4.84
CA ALA E 281 24.52 -7.96 5.38
C ALA E 281 23.25 -7.67 4.59
N THR E 282 23.04 -6.39 4.26
CA THR E 282 21.92 -5.98 3.41
C THR E 282 21.96 -6.73 2.07
N CYS E 283 23.13 -6.71 1.42
CA CYS E 283 23.38 -7.45 0.19
C CYS E 283 23.10 -8.95 0.33
N ASP E 284 23.57 -9.51 1.45
CA ASP E 284 23.41 -10.92 1.71
C ASP E 284 21.96 -11.28 2.00
N TYR E 285 21.23 -10.34 2.60
CA TYR E 285 19.82 -10.53 2.89
C TYR E 285 19.02 -10.61 1.60
N ILE E 286 19.24 -9.64 0.71
CA ILE E 286 18.53 -9.62 -0.58
C ILE E 286 18.96 -10.82 -1.45
N LYS E 287 20.24 -11.17 -1.39
CA LYS E 287 20.75 -12.37 -2.07
C LYS E 287 19.94 -13.61 -1.71
N ALA E 288 19.68 -13.80 -0.41
CA ALA E 288 18.87 -14.91 0.06
C ALA E 288 17.42 -14.76 -0.35
N LYS E 289 16.96 -13.51 -0.47
CA LYS E 289 15.60 -13.25 -0.95
C LYS E 289 15.43 -13.71 -2.39
N LYS E 290 16.42 -13.42 -3.23
CA LYS E 290 16.41 -13.77 -4.65
C LYS E 290 16.74 -15.22 -4.93
N ARG E 291 17.33 -15.92 -3.95
CA ARG E 291 17.91 -17.25 -4.14
C ARG E 291 18.99 -17.23 -5.21
N SER E 292 19.66 -16.08 -5.31
CA SER E 292 20.73 -15.88 -6.28
C SER E 292 22.04 -16.58 -5.85
N LYS E 293 22.91 -16.81 -6.83
CA LYS E 293 24.24 -17.35 -6.59
C LYS E 293 25.28 -16.21 -6.67
N LYS E 294 24.83 -15.05 -7.14
CA LYS E 294 25.70 -13.90 -7.35
C LYS E 294 25.79 -13.05 -6.09
N ASP E 295 27.01 -12.62 -5.76
CA ASP E 295 27.20 -11.64 -4.70
C ASP E 295 27.18 -10.26 -5.33
N ILE E 296 26.53 -9.32 -4.65
CA ILE E 296 26.69 -7.92 -4.99
C ILE E 296 28.02 -7.49 -4.37
N TYR E 297 28.83 -6.79 -5.15
CA TYR E 297 30.09 -6.29 -4.65
C TYR E 297 29.96 -4.82 -4.28
N LEU E 298 30.85 -4.35 -3.42
CA LEU E 298 30.74 -2.98 -2.92
C LEU E 298 31.65 -2.04 -3.68
N SER E 299 31.07 -0.91 -4.09
CA SER E 299 31.82 0.20 -4.67
C SER E 299 31.77 1.36 -3.70
N PHE E 300 32.87 1.60 -2.99
CA PHE E 300 32.93 2.70 -2.05
C PHE E 300 33.36 3.97 -2.78
N ASP E 301 32.47 4.46 -3.66
CA ASP E 301 32.85 5.48 -4.62
C ASP E 301 32.99 6.92 -4.08
N GLU E 302 32.82 7.06 -2.77
CA GLU E 302 33.13 8.31 -2.08
C GLU E 302 33.60 8.06 -0.65
N TRP E 303 34.87 8.38 -0.41
CA TRP E 303 35.44 8.35 0.94
C TRP E 303 36.55 9.40 1.08
N ASN E 304 36.56 10.09 2.21
CA ASN E 304 37.65 11.00 2.58
C ASN E 304 37.39 11.67 3.92
N VAL E 305 38.34 12.49 4.34
CA VAL E 305 38.11 13.48 5.36
C VAL E 305 37.55 14.72 4.62
N TRP E 306 36.53 15.36 5.21
CA TRP E 306 35.98 16.60 4.65
C TRP E 306 35.27 17.44 5.72
N TYR E 307 35.89 18.56 6.09
CA TYR E 307 35.30 19.48 7.09
C TYR E 307 35.88 20.89 7.17
N HIS E 308 37.19 21.04 6.88
CA HIS E 308 37.90 22.33 7.05
C HIS E 308 37.25 23.51 6.31
N SER E 309 36.86 23.27 5.05
CA SER E 309 36.39 24.30 4.14
C SER E 309 34.90 24.67 4.31
N ASN E 310 34.23 24.05 5.27
CA ASN E 310 32.80 24.26 5.48
C ASN E 310 32.40 25.72 5.74
N ASN E 311 33.12 26.36 6.67
CA ASN E 311 32.89 27.78 6.97
C ASN E 311 33.17 28.71 5.78
N GLU E 312 34.17 28.38 4.98
CA GLU E 312 34.49 29.20 3.83
C GLU E 312 33.60 28.87 2.61
N ASP E 313 33.02 27.67 2.60
CA ASP E 313 32.05 27.32 1.55
C ASP E 313 30.69 27.99 1.79
N ALA E 314 30.24 27.95 3.05
CA ALA E 314 28.96 28.56 3.46
C ALA E 314 28.95 30.06 3.17
N ASN E 315 30.16 30.62 3.09
CA ASN E 315 30.36 32.05 2.93
C ASN E 315 30.50 32.47 1.45
N ILE E 316 30.99 31.56 0.61
CA ILE E 316 31.02 31.79 -0.86
C ILE E 316 29.61 31.72 -1.43
N MET E 317 28.84 30.72 -0.99
CA MET E 317 27.44 30.55 -1.41
C MET E 317 26.48 31.42 -0.58
N GLN E 318 26.77 32.71 -0.59
CA GLN E 318 26.31 33.70 0.38
C GLN E 318 25.57 34.86 -0.30
N ASN E 319 26.28 35.74 -0.98
CA ASN E 319 27.38 35.37 -1.90
C ASN E 319 27.06 34.25 -2.92
N GLU E 320 27.49 34.34 -4.17
CA GLU E 320 27.99 35.56 -4.81
C GLU E 320 27.17 35.81 -6.12
N PRO E 321 26.71 34.74 -6.82
CA PRO E 321 26.99 33.30 -6.77
C PRO E 321 27.83 32.66 -7.90
N TRP E 322 27.35 32.73 -9.16
CA TRP E 322 27.98 32.03 -10.30
C TRP E 322 28.51 32.94 -11.40
N ARG E 323 29.83 33.13 -11.57
CA ARG E 323 30.97 32.38 -11.01
C ARG E 323 31.33 31.07 -11.70
N ILE E 324 32.42 31.12 -12.46
CA ILE E 324 33.07 29.96 -13.04
C ILE E 324 34.20 29.52 -12.12
N ALA E 325 34.19 28.24 -11.76
CA ALA E 325 35.25 27.63 -10.95
C ALA E 325 35.55 28.32 -9.61
N PRO E 326 34.52 28.41 -8.72
CA PRO E 326 34.76 28.99 -7.40
C PRO E 326 35.54 28.05 -6.48
N PRO E 327 36.44 28.59 -5.65
CA PRO E 327 37.24 27.80 -4.69
C PRO E 327 36.39 27.03 -3.66
N LEU E 328 35.75 25.95 -4.12
CA LEU E 328 34.88 25.16 -3.24
C LEU E 328 35.54 23.89 -2.73
N LEU E 329 35.17 23.50 -1.51
CA LEU E 329 35.59 22.26 -0.85
C LEU E 329 37.11 22.12 -0.71
N GLU E 330 37.78 23.26 -0.56
CA GLU E 330 39.23 23.29 -0.56
C GLU E 330 39.82 23.02 0.83
N ASP E 331 39.46 21.87 1.39
CA ASP E 331 40.06 21.39 2.62
C ASP E 331 41.57 21.35 2.46
N ILE E 332 42.27 21.94 3.42
CA ILE E 332 43.73 21.83 3.50
C ILE E 332 44.03 20.88 4.65
N TYR E 333 44.61 19.74 4.32
CA TYR E 333 44.71 18.64 5.27
C TYR E 333 45.86 18.71 6.27
N THR E 334 45.56 18.27 7.49
CA THR E 334 46.50 18.18 8.59
C THR E 334 47.15 16.80 8.63
N PHE E 335 48.11 16.63 9.53
CA PHE E 335 48.78 15.34 9.70
C PHE E 335 47.83 14.27 10.22
N GLU E 336 47.01 14.63 11.21
CA GLU E 336 46.02 13.72 11.77
C GLU E 336 45.04 13.23 10.72
N ASP E 337 44.71 14.07 9.74
CA ASP E 337 43.83 13.69 8.63
C ASP E 337 44.46 12.53 7.84
N ALA E 338 45.76 12.65 7.58
CA ALA E 338 46.51 11.62 6.88
C ALA E 338 46.48 10.30 7.66
N LEU E 339 46.46 10.40 8.99
CA LEU E 339 46.38 9.22 9.82
C LEU E 339 45.03 8.52 9.69
N LEU E 340 43.96 9.30 9.55
CA LEU E 340 42.62 8.73 9.35
C LEU E 340 42.49 8.14 7.95
N VAL E 341 42.95 8.88 6.94
CA VAL E 341 42.96 8.38 5.57
C VAL E 341 43.72 7.06 5.49
N GLY E 342 44.83 6.99 6.21
CA GLY E 342 45.61 5.77 6.34
C GLY E 342 44.85 4.65 7.02
N LEU E 343 44.07 4.99 8.04
CA LEU E 343 43.23 4.03 8.75
C LEU E 343 42.07 3.54 7.90
N MET E 344 41.57 4.42 7.02
CA MET E 344 40.43 4.11 6.15
C MET E 344 40.79 3.13 5.03
N LEU E 345 42.01 3.24 4.51
CA LEU E 345 42.54 2.32 3.49
C LEU E 345 42.70 0.93 4.09
N ILE E 346 43.34 0.87 5.25
CA ILE E 346 43.47 -0.37 6.01
C ILE E 346 42.10 -1.01 6.18
N THR E 347 41.09 -0.21 6.49
CA THR E 347 39.74 -0.71 6.64
C THR E 347 39.20 -1.21 5.31
N LEU E 348 39.45 -0.47 4.23
CA LEU E 348 39.04 -0.91 2.90
C LEU E 348 39.76 -2.20 2.51
N MET E 349 41.04 -2.28 2.84
CA MET E 349 41.84 -3.47 2.56
C MET E 349 41.34 -4.70 3.30
N LYS E 350 40.86 -4.51 4.51
CA LYS E 350 40.30 -5.60 5.32
C LYS E 350 39.05 -6.22 4.68
N HIS E 351 38.41 -5.47 3.77
CA HIS E 351 37.15 -5.90 3.14
C HIS E 351 37.27 -6.03 1.62
N ALA E 352 38.46 -6.41 1.16
CA ALA E 352 38.75 -6.54 -0.27
C ALA E 352 37.99 -7.69 -0.94
N ASP E 353 37.40 -8.57 -0.12
CA ASP E 353 36.55 -9.64 -0.61
C ASP E 353 35.22 -9.15 -1.18
N ARG E 354 34.70 -8.04 -0.63
CA ARG E 354 33.43 -7.48 -1.10
C ARG E 354 33.60 -6.09 -1.70
N ILE E 355 34.54 -5.32 -1.18
CA ILE E 355 34.84 -4.00 -1.76
C ILE E 355 35.85 -4.14 -2.92
N LYS E 356 35.36 -3.88 -4.13
CA LYS E 356 36.12 -4.13 -5.35
C LYS E 356 36.45 -2.85 -6.12
N ILE E 357 35.78 -1.75 -5.74
CA ILE E 357 36.03 -0.41 -6.33
C ILE E 357 35.90 0.68 -5.26
N ALA E 358 36.79 1.69 -5.35
CA ALA E 358 36.82 2.90 -4.50
C ALA E 358 38.11 3.65 -4.83
N CYS E 359 38.23 4.98 -4.72
CA CYS E 359 37.23 6.05 -4.88
C CYS E 359 37.16 7.20 -3.84
N LEU E 360 38.33 7.77 -3.55
CA LEU E 360 38.48 9.06 -2.86
C LEU E 360 38.60 10.10 -3.98
N ALA E 361 37.79 11.16 -4.09
CA ALA E 361 36.86 11.79 -3.12
C ALA E 361 37.49 13.03 -2.47
N GLN E 362 38.09 13.94 -3.26
CA GLN E 362 38.26 13.82 -4.70
C GLN E 362 39.75 13.94 -5.09
N LEU E 363 40.04 13.94 -6.39
CA LEU E 363 41.41 13.87 -6.89
C LEU E 363 42.16 15.20 -6.92
N ILE E 364 41.50 16.26 -7.39
CA ILE E 364 42.14 17.57 -7.60
C ILE E 364 41.39 18.72 -6.88
N ASN E 365 42.13 19.47 -6.06
CA ASN E 365 41.65 20.64 -5.31
C ASN E 365 40.49 20.38 -4.35
N VAL E 366 39.38 19.90 -4.89
CA VAL E 366 38.16 19.56 -4.15
C VAL E 366 38.45 18.40 -3.22
N ILE E 367 38.53 18.68 -1.91
CA ILE E 367 38.86 17.67 -0.88
C ILE E 367 39.86 16.60 -1.37
N ALA E 368 41.06 17.06 -1.70
CA ALA E 368 41.97 16.30 -2.55
C ALA E 368 43.42 16.16 -2.05
N PRO E 369 44.10 15.07 -2.44
CA PRO E 369 45.53 14.90 -2.13
C PRO E 369 46.45 15.78 -2.97
N ILE E 370 45.94 16.30 -4.08
CA ILE E 370 46.72 17.18 -4.96
C ILE E 370 46.04 18.56 -5.04
N VAL E 371 46.84 19.62 -4.97
CA VAL E 371 46.34 21.00 -5.02
C VAL E 371 47.16 21.85 -6.00
N THR E 372 46.47 22.65 -6.80
CA THR E 372 47.09 23.74 -7.56
C THR E 372 46.63 25.07 -6.93
N GLU E 373 47.58 25.98 -6.75
CA GLU E 373 47.39 27.12 -5.85
C GLU E 373 46.20 28.04 -6.17
N ARG E 374 46.17 28.60 -7.39
CA ARG E 374 45.01 29.37 -7.90
C ARG E 374 45.40 30.33 -9.02
N ASN E 375 45.01 29.97 -10.25
CA ASN E 375 45.22 30.78 -11.47
C ASN E 375 46.54 31.54 -11.66
N GLY E 376 47.70 30.94 -11.38
CA GLY E 376 47.86 29.55 -10.95
C GLY E 376 48.56 28.70 -11.99
N GLY E 377 49.71 28.09 -11.67
CA GLY E 377 50.38 28.16 -10.36
C GLY E 377 49.56 27.59 -9.21
N ALA E 378 49.88 26.41 -8.65
CA ALA E 378 51.03 25.52 -8.91
C ALA E 378 51.76 25.24 -7.59
N ALA E 379 51.68 24.04 -7.00
CA ALA E 379 51.01 22.79 -7.42
C ALA E 379 51.69 21.73 -6.55
N TRP E 380 50.98 21.22 -5.55
CA TRP E 380 51.62 20.48 -4.44
C TRP E 380 50.82 19.27 -3.91
N ARG E 381 51.43 18.54 -2.96
CA ARG E 381 50.85 17.34 -2.38
C ARG E 381 50.33 17.61 -0.97
N GLN E 382 49.08 17.25 -0.73
CA GLN E 382 48.48 17.34 0.60
C GLN E 382 49.00 16.20 1.47
N THR E 383 48.85 16.34 2.79
CA THR E 383 49.29 15.29 3.73
C THR E 383 48.69 13.92 3.41
N ILE E 384 47.44 13.90 2.97
CA ILE E 384 46.73 12.65 2.69
C ILE E 384 47.30 11.90 1.49
N PHE E 385 48.09 12.60 0.67
CA PHE E 385 48.70 12.04 -0.54
C PHE E 385 49.47 10.75 -0.29
N TYR E 386 50.31 10.76 0.73
CA TYR E 386 51.21 9.63 0.95
C TYR E 386 50.59 8.32 1.49
N PRO E 387 49.74 8.38 2.54
CA PRO E 387 49.12 7.13 2.97
C PRO E 387 48.51 6.41 1.77
N PHE E 388 47.93 7.18 0.87
CA PHE E 388 47.30 6.66 -0.33
C PHE E 388 48.33 6.07 -1.30
N MET E 389 49.34 6.86 -1.66
CA MET E 389 50.38 6.44 -2.59
C MET E 389 50.96 5.10 -2.14
N HIS E 390 51.31 5.03 -0.86
CA HIS E 390 51.80 3.80 -0.24
C HIS E 390 50.84 2.64 -0.46
N ALA E 391 49.57 2.86 -0.14
CA ALA E 391 48.54 1.85 -0.28
C ALA E 391 48.47 1.36 -1.73
N SER E 392 48.37 2.30 -2.66
CA SER E 392 48.27 1.99 -4.08
C SER E 392 49.54 1.36 -4.66
N LYS E 393 50.71 1.76 -4.15
CA LYS E 393 51.97 1.24 -4.67
C LYS E 393 52.28 -0.19 -4.20
N TYR E 394 52.25 -0.41 -2.90
CA TYR E 394 52.63 -1.72 -2.35
C TYR E 394 51.44 -2.63 -2.05
N GLY E 395 50.24 -2.06 -1.99
CA GLY E 395 49.03 -2.81 -1.63
C GLY E 395 48.36 -3.57 -2.75
N ARG E 396 49.17 -4.21 -3.60
CA ARG E 396 48.66 -5.07 -4.66
C ARG E 396 49.09 -6.49 -4.33
N GLY E 397 48.13 -7.41 -4.26
CA GLY E 397 48.41 -8.80 -3.90
C GLY E 397 47.24 -9.45 -3.18
N ILE E 398 47.54 -10.15 -2.10
CA ILE E 398 46.53 -10.95 -1.38
C ILE E 398 46.42 -10.57 0.10
N VAL E 399 45.24 -10.09 0.49
CA VAL E 399 44.97 -9.69 1.87
C VAL E 399 44.95 -10.90 2.81
N LEU E 400 46.01 -11.06 3.59
CA LEU E 400 46.04 -12.08 4.63
C LEU E 400 45.09 -11.68 5.76
N GLN E 401 44.70 -12.65 6.58
CA GLN E 401 43.76 -12.35 7.64
C GLN E 401 44.51 -11.84 8.86
N PRO E 402 44.16 -10.62 9.31
CA PRO E 402 44.81 -10.04 10.48
C PRO E 402 44.23 -10.64 11.75
N VAL E 403 45.07 -11.30 12.53
CA VAL E 403 44.61 -11.87 13.81
C VAL E 403 44.62 -10.79 14.90
N ILE E 404 45.79 -10.28 15.27
CA ILE E 404 45.92 -9.06 16.08
C ILE E 404 45.50 -9.14 17.55
N ASN E 405 46.45 -8.88 18.45
CA ASN E 405 46.15 -8.75 19.87
C ASN E 405 46.60 -7.39 20.37
N SER E 406 45.99 -6.34 19.83
CA SER E 406 46.33 -4.97 20.21
C SER E 406 45.72 -4.62 21.55
N PRO E 407 46.46 -3.85 22.38
CA PRO E 407 45.87 -3.28 23.58
C PRO E 407 44.77 -2.28 23.19
N LEU E 408 43.85 -2.02 24.11
CA LEU E 408 42.71 -1.16 23.80
C LEU E 408 42.76 0.16 24.57
N HIS E 409 42.10 1.16 24.01
CA HIS E 409 41.92 2.44 24.68
C HIS E 409 40.49 2.92 24.45
N ASP E 410 40.02 3.75 25.37
CA ASP E 410 38.70 4.36 25.22
C ASP E 410 38.85 5.81 24.77
N THR E 411 37.87 6.30 24.02
CA THR E 411 37.79 7.72 23.69
C THR E 411 36.52 8.32 24.28
N SER E 412 36.28 9.59 23.98
CA SER E 412 35.09 10.29 24.44
C SER E 412 33.79 9.63 23.96
N LYS E 413 33.73 9.29 22.67
CA LYS E 413 32.50 8.79 22.05
C LYS E 413 32.56 7.34 21.54
N HIS E 414 33.76 6.76 21.56
CA HIS E 414 33.95 5.38 21.15
C HIS E 414 34.49 4.55 22.32
N GLU E 415 34.21 3.26 22.28
CA GLU E 415 34.67 2.35 23.33
C GLU E 415 35.50 1.19 22.78
N ASP E 416 36.52 0.80 23.55
CA ASP E 416 37.39 -0.35 23.25
C ASP E 416 38.03 -0.29 21.86
N VAL E 417 38.66 0.85 21.57
CA VAL E 417 39.34 1.05 20.30
C VAL E 417 40.72 0.42 20.36
N THR E 418 41.12 -0.23 19.27
CA THR E 418 42.44 -0.85 19.18
C THR E 418 43.52 0.21 19.01
N ASP E 419 44.54 0.14 19.86
CA ASP E 419 45.72 0.99 19.71
C ASP E 419 46.38 0.77 18.35
N ILE E 420 46.44 -0.49 17.92
CA ILE E 420 47.03 -0.81 16.63
C ILE E 420 45.94 -1.25 15.66
N GLU E 421 46.09 -0.85 14.40
CA GLU E 421 45.23 -1.34 13.34
C GLU E 421 46.14 -1.68 12.16
N SER E 422 46.08 -2.94 11.74
CA SER E 422 47.01 -3.44 10.72
C SER E 422 46.45 -4.54 9.82
N VAL E 423 46.86 -4.50 8.56
CA VAL E 423 46.68 -5.61 7.63
C VAL E 423 47.96 -5.91 6.89
N ALA E 424 48.22 -7.20 6.71
CA ALA E 424 49.32 -7.64 5.87
C ALA E 424 48.74 -8.12 4.55
N ILE E 425 49.36 -7.71 3.45
CA ILE E 425 48.97 -8.19 2.12
C ILE E 425 50.21 -8.69 1.36
N TYR E 426 50.12 -9.91 0.86
CA TYR E 426 51.27 -10.63 0.28
C TYR E 426 51.26 -10.71 -1.24
N ASN E 427 52.40 -10.37 -1.84
CA ASN E 427 52.56 -10.36 -3.29
C ASN E 427 53.48 -11.50 -3.77
N GLU E 428 52.84 -12.59 -4.23
CA GLU E 428 53.54 -13.78 -4.73
C GLU E 428 54.32 -13.51 -6.00
N GLU E 429 53.82 -12.54 -6.79
CA GLU E 429 54.48 -12.11 -8.01
C GLU E 429 55.82 -11.41 -7.74
N LYS E 430 55.92 -10.75 -6.59
CA LYS E 430 57.12 -9.99 -6.22
C LYS E 430 57.97 -10.65 -5.12
N GLU E 431 57.43 -11.70 -4.51
CA GLU E 431 58.02 -12.36 -3.34
C GLU E 431 58.18 -11.41 -2.14
N GLU E 432 57.19 -10.53 -1.97
CA GLU E 432 57.17 -9.52 -0.90
C GLU E 432 55.89 -9.58 -0.07
N VAL E 433 56.03 -9.44 1.25
CA VAL E 433 54.88 -9.24 2.15
C VAL E 433 54.95 -7.82 2.71
N THR E 434 53.82 -7.12 2.75
CA THR E 434 53.81 -5.73 3.20
C THR E 434 52.77 -5.45 4.29
N ILE E 435 53.24 -4.90 5.41
CA ILE E 435 52.40 -4.56 6.53
C ILE E 435 52.14 -3.06 6.57
N PHE E 436 50.86 -2.70 6.54
CA PHE E 436 50.42 -1.33 6.78
C PHE E 436 49.93 -1.26 8.22
N ALA E 437 50.48 -0.33 9.00
CA ALA E 437 50.15 -0.24 10.43
C ALA E 437 50.01 1.19 10.94
N VAL E 438 48.92 1.45 11.67
CA VAL E 438 48.68 2.76 12.26
C VAL E 438 48.59 2.69 13.78
N ASN E 439 49.27 3.62 14.46
CA ASN E 439 49.24 3.69 15.92
C ASN E 439 48.49 4.91 16.46
N ARG E 440 47.17 4.77 16.62
CA ARG E 440 46.37 5.65 17.45
C ARG E 440 46.20 4.89 18.78
N ASN E 441 46.34 5.52 19.94
CA ASN E 441 46.46 6.94 20.17
C ASN E 441 47.89 7.49 20.05
N ILE E 442 48.03 8.81 20.17
CA ILE E 442 49.32 9.42 20.51
C ILE E 442 49.64 8.97 21.94
N HIS E 443 50.64 9.59 22.56
CA HIS E 443 50.95 9.40 24.00
C HIS E 443 52.27 8.66 24.35
N GLU E 444 52.46 7.38 24.06
CA GLU E 444 51.55 6.48 23.35
C GLU E 444 52.29 5.58 22.36
N ASP E 445 53.58 5.30 22.65
CA ASP E 445 54.42 4.50 21.76
C ASP E 445 54.17 3.00 21.92
N ILE E 446 54.06 2.28 20.81
CA ILE E 446 53.81 0.83 20.82
C ILE E 446 54.79 0.04 19.95
N VAL E 447 55.29 -1.06 20.48
CA VAL E 447 56.12 -2.01 19.74
C VAL E 447 55.28 -3.22 19.32
N LEU E 448 55.31 -3.55 18.03
CA LEU E 448 54.48 -4.64 17.48
C LEU E 448 55.30 -5.80 16.88
N VAL E 449 55.22 -6.96 17.53
CA VAL E 449 55.87 -8.19 17.06
C VAL E 449 55.00 -8.96 16.05
N SER E 450 55.52 -9.10 14.84
CA SER E 450 54.82 -9.78 13.75
C SER E 450 55.35 -11.20 13.52
N ASP E 451 54.59 -12.19 14.00
CA ASP E 451 54.95 -13.59 13.84
C ASP E 451 54.56 -14.10 12.45
N VAL E 452 55.57 -14.23 11.59
CA VAL E 452 55.35 -14.61 10.18
C VAL E 452 55.67 -16.09 9.90
N ARG E 453 54.69 -16.79 9.32
CA ARG E 453 54.88 -18.12 8.72
C ARG E 453 54.10 -18.24 7.42
N GLY E 454 54.65 -18.90 6.40
CA GLY E 454 55.96 -19.54 6.43
C GLY E 454 57.12 -18.57 6.37
N MET E 455 57.51 -18.18 5.15
CA MET E 455 58.75 -17.45 4.91
C MET E 455 59.94 -18.18 5.56
N LYS E 456 60.71 -18.98 4.82
CA LYS E 456 60.85 -18.96 3.34
C LYS E 456 61.70 -17.73 3.01
N ASP E 457 63.02 -17.92 3.06
CA ASP E 457 64.02 -16.84 3.16
C ASP E 457 64.01 -16.30 4.62
N TYR E 458 63.46 -15.12 4.91
CA TYR E 458 63.04 -14.09 3.97
C TYR E 458 64.09 -12.98 4.07
N ARG E 459 63.65 -11.72 4.02
CA ARG E 459 64.53 -10.59 4.26
C ARG E 459 63.76 -9.48 4.97
N LEU E 460 64.30 -8.26 4.95
CA LEU E 460 63.60 -7.06 5.42
C LEU E 460 64.00 -5.89 4.54
N LEU E 461 63.08 -5.51 3.63
CA LEU E 461 63.37 -4.51 2.61
C LEU E 461 63.54 -3.10 3.17
N GLU E 462 62.56 -2.66 3.96
CA GLU E 462 62.58 -1.31 4.56
C GLU E 462 61.38 -1.08 5.50
N HIS E 463 61.45 0.03 6.24
CA HIS E 463 60.34 0.48 7.07
C HIS E 463 60.07 1.96 6.77
N ILE E 464 58.93 2.23 6.16
CA ILE E 464 58.56 3.60 5.83
C ILE E 464 57.56 4.16 6.84
N VAL E 465 57.97 5.23 7.51
CA VAL E 465 57.20 5.84 8.59
C VAL E 465 56.52 7.12 8.06
N LEU E 466 55.50 7.62 8.77
CA LEU E 466 54.91 8.91 8.43
C LEU E 466 54.66 9.82 9.64
N GLU E 467 55.77 10.29 10.22
CA GLU E 467 55.86 11.48 11.11
C GLU E 467 54.85 11.59 12.26
N HIS E 468 54.49 12.78 12.78
CA HIS E 468 55.17 14.08 12.68
C HIS E 468 55.09 14.71 14.07
N GLN E 469 53.87 14.78 14.59
CA GLN E 469 53.58 15.18 15.99
C GLN E 469 53.63 16.68 16.36
N ASP E 470 53.04 17.48 15.47
CA ASP E 470 52.38 18.73 15.84
C ASP E 470 50.88 18.44 15.68
N LEU E 471 50.56 17.36 14.97
CA LEU E 471 49.19 16.89 14.70
C LEU E 471 48.35 17.77 13.77
N LYS E 472 48.33 19.07 14.04
CA LYS E 472 47.54 20.03 13.27
C LYS E 472 48.34 20.66 12.13
N ILE E 473 49.59 20.23 11.97
CA ILE E 473 50.47 20.78 10.94
C ILE E 473 49.96 20.39 9.54
N ARG E 474 50.09 21.31 8.60
CA ARG E 474 49.62 21.11 7.24
C ARG E 474 50.74 21.30 6.23
N ASN E 475 50.47 20.90 4.98
CA ASN E 475 51.35 21.20 3.88
C ASN E 475 50.92 22.47 3.16
N SER E 476 51.79 22.96 2.27
CA SER E 476 51.59 24.24 1.61
C SER E 476 52.27 24.23 0.23
N VAL E 477 52.14 25.34 -0.49
CA VAL E 477 52.82 25.50 -1.78
C VAL E 477 54.34 25.64 -1.61
N ASN E 478 54.78 25.90 -0.37
CA ASN E 478 56.21 26.14 -0.10
C ASN E 478 56.70 25.73 1.30
N GLY E 479 56.91 24.44 1.54
CA GLY E 479 56.63 23.34 0.63
C GLY E 479 56.04 22.26 1.50
N GLU E 480 56.76 21.92 2.58
CA GLU E 480 56.20 21.19 3.72
C GLU E 480 55.96 19.71 3.44
N GLU E 481 55.76 18.88 4.47
CA GLU E 481 56.03 19.11 5.90
C GLU E 481 55.85 17.73 6.51
N VAL E 482 54.86 17.02 5.96
CA VAL E 482 54.56 15.63 6.25
C VAL E 482 54.92 14.83 5.01
N TYR E 483 56.08 14.18 5.05
CA TYR E 483 56.50 13.29 3.96
C TYR E 483 57.02 11.95 4.51
N PRO E 484 56.98 10.89 3.68
CA PRO E 484 57.58 9.63 4.10
C PRO E 484 59.09 9.76 4.31
N LYS E 485 59.56 9.18 5.40
CA LYS E 485 60.99 9.10 5.68
C LYS E 485 61.34 7.62 5.86
N ASN E 486 62.49 7.21 5.32
CA ASN E 486 62.95 5.82 5.39
C ASN E 486 63.62 5.55 6.73
N SER E 487 62.81 5.42 7.78
CA SER E 487 63.32 5.43 9.15
C SER E 487 63.25 4.06 9.83
N ASP E 488 63.63 4.04 11.11
CA ASP E 488 63.43 2.90 12.03
C ASP E 488 64.66 1.99 12.25
N LYS E 489 64.69 1.15 13.29
CA LYS E 489 63.64 0.94 14.33
C LYS E 489 62.66 -0.21 14.09
N SER E 490 63.06 -1.15 13.23
CA SER E 490 62.39 -2.45 13.08
C SER E 490 63.31 -3.49 12.45
N SER E 491 63.53 -4.61 13.15
CA SER E 491 64.46 -5.66 12.72
C SER E 491 63.76 -6.98 12.35
N PHE E 492 64.52 -7.88 11.73
CA PHE E 492 63.97 -9.16 11.28
C PHE E 492 65.06 -10.22 11.17
N ILE E 496 60.36 -13.82 13.25
CA ILE E 496 59.68 -12.91 14.15
C ILE E 496 60.14 -11.47 13.94
N LEU E 497 59.27 -10.64 13.38
CA LEU E 497 59.60 -9.25 13.10
C LEU E 497 59.21 -8.32 14.24
N THR E 498 60.19 -7.56 14.72
CA THR E 498 60.01 -6.62 15.82
C THR E 498 59.94 -5.19 15.25
N SER E 499 58.83 -4.51 15.48
CA SER E 499 58.62 -3.17 14.93
C SER E 499 58.07 -2.20 15.97
N MET E 500 58.88 -1.19 16.28
CA MET E 500 58.45 -0.10 17.15
C MET E 500 57.73 0.93 16.29
N LEU E 501 56.61 1.44 16.79
CA LEU E 501 55.78 2.40 16.02
C LEU E 501 55.57 3.70 16.80
N ARG E 502 55.88 4.83 16.16
CA ARG E 502 55.84 6.16 16.79
C ARG E 502 54.50 6.45 17.49
N ARG E 503 54.50 7.44 18.38
CA ARG E 503 53.32 7.81 19.17
C ARG E 503 52.02 7.73 18.35
N ALA E 504 51.92 8.52 17.29
CA ALA E 504 50.75 8.48 16.40
C ALA E 504 51.18 8.48 14.93
N SER E 505 51.40 7.29 14.39
CA SER E 505 52.15 7.13 13.15
C SER E 505 51.55 6.15 12.16
N TRP E 506 51.90 6.37 10.89
CA TRP E 506 51.56 5.45 9.79
C TRP E 506 52.83 4.74 9.40
N ASN E 507 52.72 3.43 9.14
CA ASN E 507 53.88 2.61 8.85
C ASN E 507 53.68 1.65 7.69
N VAL E 508 54.71 1.52 6.88
CA VAL E 508 54.75 0.54 5.80
C VAL E 508 55.99 -0.32 6.01
N ILE E 509 55.77 -1.58 6.38
CA ILE E 509 56.87 -2.48 6.69
C ILE E 509 56.96 -3.55 5.60
N ARG E 510 58.16 -3.72 5.02
CA ARG E 510 58.33 -4.54 3.82
C ARG E 510 59.38 -5.65 4.00
N ILE E 511 58.96 -6.87 3.69
CA ILE E 511 59.84 -8.05 3.79
C ILE E 511 59.76 -8.90 2.53
N GLY E 512 60.92 -9.44 2.11
CA GLY E 512 61.00 -10.27 0.91
C GLY E 512 62.36 -10.92 0.76
N LYS F 13 44.41 -37.65 3.32
CA LYS F 13 45.08 -36.81 4.34
C LYS F 13 44.54 -35.38 4.35
N ALA F 14 44.29 -34.84 5.55
CA ALA F 14 43.76 -33.49 5.73
C ALA F 14 44.41 -32.75 6.90
N ARG F 15 44.39 -31.42 6.84
CA ARG F 15 45.06 -30.58 7.83
C ARG F 15 44.15 -29.57 8.54
N MET F 16 44.21 -29.58 9.88
CA MET F 16 43.46 -28.65 10.72
C MET F 16 44.39 -28.05 11.77
N THR F 17 44.20 -26.76 12.06
CA THR F 17 44.96 -26.07 13.10
C THR F 17 44.06 -25.57 14.23
N VAL F 18 44.40 -25.96 15.46
CA VAL F 18 43.62 -25.64 16.65
C VAL F 18 44.35 -24.59 17.48
N ASP F 19 43.78 -23.38 17.52
CA ASP F 19 44.37 -22.27 18.27
C ASP F 19 43.40 -21.71 19.31
N LYS F 20 43.86 -21.69 20.56
CA LYS F 20 43.09 -21.17 21.69
C LYS F 20 42.95 -19.65 21.59
N ASP F 21 43.99 -19.00 21.07
CA ASP F 21 44.00 -17.54 20.88
C ASP F 21 43.12 -17.14 19.70
N TYR F 22 42.40 -18.11 19.13
CA TYR F 22 41.57 -17.86 17.96
C TYR F 22 40.15 -18.44 18.17
N LYS F 23 39.39 -17.78 19.04
CA LYS F 23 38.03 -18.16 19.45
C LYS F 23 37.00 -17.90 18.37
N ILE F 24 35.83 -18.49 18.56
CA ILE F 24 34.67 -18.16 17.75
C ILE F 24 33.55 -17.74 18.70
N ALA F 25 33.44 -18.43 19.84
CA ALA F 25 32.42 -18.18 20.88
C ALA F 25 32.40 -19.23 21.99
N GLU F 26 31.74 -18.90 23.10
CA GLU F 26 31.42 -19.88 24.14
C GLU F 26 30.06 -20.54 23.86
N ILE F 27 30.02 -21.87 23.96
CA ILE F 27 28.77 -22.63 23.79
C ILE F 27 27.76 -22.28 24.88
N ASP F 28 26.53 -22.01 24.45
CA ASP F 28 25.42 -21.91 25.37
C ASP F 28 24.83 -23.32 25.45
N LYS F 29 24.77 -23.88 26.65
CA LYS F 29 24.32 -25.26 26.82
C LYS F 29 22.97 -25.50 26.17
N ARG F 30 22.18 -24.44 26.07
CA ARG F 30 20.84 -24.52 25.50
C ARG F 30 20.80 -24.88 24.02
N ILE F 31 21.98 -24.96 23.37
CA ILE F 31 22.02 -25.47 21.99
C ILE F 31 21.86 -26.99 21.95
N TYR F 32 21.99 -27.64 23.12
CA TYR F 32 21.72 -29.07 23.24
C TYR F 32 20.37 -29.32 23.88
N GLY F 33 19.39 -28.49 23.51
CA GLY F 33 18.02 -28.69 23.95
C GLY F 33 17.26 -29.59 22.99
N SER F 34 16.04 -29.93 23.37
CA SER F 34 15.14 -30.73 22.54
C SER F 34 13.70 -30.22 22.69
N PHE F 35 12.72 -31.08 22.40
CA PHE F 35 11.39 -30.62 22.08
C PHE F 35 10.37 -31.76 22.15
N VAL F 36 9.27 -31.52 22.88
CA VAL F 36 8.18 -32.51 23.03
C VAL F 36 6.84 -31.87 22.68
N GLU F 37 6.19 -32.42 21.66
CA GLU F 37 4.89 -31.96 21.24
C GLU F 37 3.83 -32.99 21.64
N HIS F 38 2.59 -32.54 21.87
CA HIS F 38 1.46 -33.45 21.93
C HIS F 38 1.13 -33.95 20.51
N LEU F 39 2.00 -34.83 20.01
CA LEU F 39 1.92 -35.39 18.66
C LEU F 39 2.05 -36.90 18.82
N GLY F 40 1.18 -37.65 18.16
CA GLY F 40 1.25 -39.11 18.24
C GLY F 40 1.61 -39.66 19.61
N ARG F 41 2.64 -40.50 19.66
CA ARG F 41 3.02 -41.21 20.89
C ARG F 41 4.11 -40.51 21.73
N ALA F 42 4.33 -39.22 21.49
CA ALA F 42 5.36 -38.50 22.22
C ALA F 42 5.09 -38.46 23.72
N VAL F 43 3.84 -38.15 24.07
CA VAL F 43 3.47 -38.05 25.48
C VAL F 43 2.76 -39.32 25.90
N TYR F 44 1.58 -39.57 25.33
CA TYR F 44 0.78 -40.71 25.72
C TYR F 44 1.34 -41.96 25.11
N ASP F 45 1.61 -42.92 25.97
CA ASP F 45 2.29 -44.15 25.57
C ASP F 45 3.68 -43.81 25.01
N GLY F 46 4.29 -42.79 25.64
CA GLY F 46 5.67 -42.43 25.41
C GLY F 46 6.29 -42.21 26.77
N LEU F 47 6.48 -40.94 27.12
CA LEU F 47 7.06 -40.57 28.42
C LEU F 47 6.07 -40.79 29.58
N TYR F 48 4.78 -40.80 29.27
CA TYR F 48 3.73 -40.87 30.28
C TYR F 48 2.87 -42.13 30.12
N GLN F 49 3.01 -43.07 31.05
CA GLN F 49 2.31 -44.36 30.99
C GLN F 49 1.86 -44.85 32.38
N PRO F 50 0.73 -44.31 32.89
CA PRO F 50 0.20 -44.59 34.23
C PRO F 50 0.19 -46.06 34.64
N GLY F 51 -0.37 -46.92 33.78
CA GLY F 51 -0.52 -48.33 34.13
C GLY F 51 0.80 -49.10 34.19
N ASN F 52 1.78 -48.66 33.41
CA ASN F 52 3.03 -49.37 33.22
C ASN F 52 3.85 -49.59 34.50
N SER F 53 4.50 -50.76 34.57
CA SER F 53 5.33 -51.15 35.71
C SER F 53 6.65 -50.40 35.78
N LYS F 54 7.11 -49.89 34.63
CA LYS F 54 8.34 -49.08 34.58
C LYS F 54 8.06 -47.61 34.91
N SER F 55 6.87 -47.32 35.43
CA SER F 55 6.47 -45.95 35.71
C SER F 55 6.49 -45.61 37.19
N ASP F 56 6.58 -44.31 37.49
CA ASP F 56 6.60 -43.83 38.88
C ASP F 56 5.24 -43.36 39.39
N GLU F 57 5.22 -42.84 40.61
CA GLU F 57 3.99 -42.37 41.28
C GLU F 57 3.24 -41.27 40.52
N ASP F 58 3.87 -40.74 39.48
CA ASP F 58 3.24 -39.76 38.62
C ASP F 58 2.84 -40.36 37.27
N GLY F 59 3.37 -41.55 36.98
CA GLY F 59 3.04 -42.24 35.75
C GLY F 59 4.08 -42.06 34.66
N PHE F 60 5.25 -41.56 35.04
CA PHE F 60 6.35 -41.37 34.10
C PHE F 60 7.20 -42.63 34.02
N ARG F 61 7.57 -43.00 32.79
CA ARG F 61 8.42 -44.16 32.56
C ARG F 61 9.83 -43.90 33.09
N LYS F 62 10.21 -44.62 34.14
CA LYS F 62 11.48 -44.41 34.84
C LYS F 62 12.71 -44.58 33.97
N ASP F 63 12.65 -45.58 33.08
CA ASP F 63 13.74 -45.85 32.13
C ASP F 63 13.90 -44.69 31.14
N VAL F 64 12.78 -44.13 30.70
CA VAL F 64 12.77 -42.99 29.79
C VAL F 64 13.45 -41.77 30.42
N ILE F 65 13.08 -41.47 31.66
CA ILE F 65 13.73 -40.39 32.42
C ILE F 65 15.25 -40.60 32.44
N GLU F 66 15.67 -41.85 32.60
CA GLU F 66 17.10 -42.18 32.60
C GLU F 66 17.79 -41.90 31.26
N LEU F 67 17.10 -42.17 30.17
CA LEU F 67 17.66 -41.97 28.83
C LEU F 67 17.73 -40.49 28.42
N VAL F 68 16.75 -39.69 28.85
CA VAL F 68 16.79 -38.25 28.64
C VAL F 68 17.97 -37.66 29.41
N LYS F 69 18.07 -38.03 30.70
CA LYS F 69 19.20 -37.65 31.54
C LYS F 69 20.52 -37.99 30.84
N GLU F 70 20.57 -39.18 30.23
CA GLU F 70 21.76 -39.68 29.56
C GLU F 70 22.16 -38.81 28.37
N LEU F 71 21.16 -38.34 27.63
CA LEU F 71 21.37 -37.40 26.54
C LEU F 71 21.72 -36.03 27.05
N ASN F 72 21.34 -35.76 28.30
CA ASN F 72 21.62 -34.50 29.00
C ASN F 72 21.12 -33.30 28.18
N VAL F 73 19.84 -32.98 28.37
CA VAL F 73 19.16 -31.95 27.59
C VAL F 73 18.63 -30.87 28.56
N PRO F 74 19.26 -29.69 28.58
CA PRO F 74 18.97 -28.68 29.61
C PRO F 74 17.65 -27.93 29.43
N ILE F 75 17.10 -27.95 28.22
CA ILE F 75 15.90 -27.17 27.93
C ILE F 75 15.02 -27.93 26.92
N ILE F 76 13.71 -27.89 27.12
CA ILE F 76 12.77 -28.57 26.20
C ILE F 76 11.60 -27.67 25.80
N ARG F 77 11.41 -27.52 24.49
CA ARG F 77 10.31 -26.77 23.92
C ARG F 77 9.04 -27.60 24.08
N TYR F 78 7.94 -26.94 24.45
CA TYR F 78 6.67 -27.60 24.77
C TYR F 78 5.56 -26.57 24.79
N PRO F 79 4.34 -26.92 24.35
CA PRO F 79 3.84 -28.20 23.85
C PRO F 79 3.77 -28.30 22.32
N GLY F 80 4.46 -27.42 21.62
CA GLY F 80 4.45 -27.45 20.17
C GLY F 80 5.06 -26.20 19.56
N GLY F 81 5.19 -26.18 18.24
CA GLY F 81 4.66 -27.24 17.39
C GLY F 81 3.25 -26.92 16.93
N ASN F 82 2.86 -27.45 15.78
CA ASN F 82 1.54 -27.26 15.20
C ASN F 82 0.41 -27.52 16.20
N PHE F 83 0.73 -28.23 17.27
CA PHE F 83 -0.25 -28.52 18.31
C PHE F 83 -0.73 -27.28 19.07
N VAL F 84 0.20 -26.37 19.36
CA VAL F 84 -0.08 -25.22 20.21
C VAL F 84 -0.98 -24.15 19.54
N SER F 85 -1.00 -24.11 18.22
CA SER F 85 -1.76 -23.08 17.51
C SER F 85 -3.27 -23.08 17.76
N ASN F 86 -3.80 -24.22 18.24
CA ASN F 86 -5.20 -24.32 18.66
C ASN F 86 -5.38 -25.03 20.01
N TYR F 87 -4.38 -24.86 20.87
CA TYR F 87 -4.40 -25.41 22.22
C TYR F 87 -4.86 -24.37 23.22
N PHE F 88 -5.76 -24.79 24.11
CA PHE F 88 -6.20 -23.94 25.20
C PHE F 88 -5.63 -24.52 26.49
N TRP F 89 -4.74 -23.77 27.14
CA TRP F 89 -3.90 -24.30 28.23
C TRP F 89 -4.68 -24.64 29.49
N GLU F 90 -5.80 -23.96 29.71
CA GLU F 90 -6.64 -24.20 30.88
C GLU F 90 -7.20 -25.61 30.88
N ASP F 91 -7.14 -26.24 29.70
CA ASP F 91 -7.58 -27.62 29.51
C ASP F 91 -6.61 -28.66 30.08
N GLY F 92 -5.36 -28.26 30.33
CA GLY F 92 -4.34 -29.15 30.89
C GLY F 92 -4.07 -28.95 32.38
N VAL F 93 -4.81 -28.06 33.02
CA VAL F 93 -4.61 -27.81 34.45
C VAL F 93 -5.89 -28.06 35.24
N GLY F 94 -5.77 -28.04 36.57
CA GLY F 94 -6.90 -28.27 37.45
C GLY F 94 -7.22 -29.75 37.60
N PRO F 95 -8.13 -30.10 38.54
CA PRO F 95 -8.59 -31.48 38.74
C PRO F 95 -8.68 -32.24 37.41
N VAL F 96 -8.04 -33.41 37.38
CA VAL F 96 -7.91 -34.20 36.14
C VAL F 96 -9.26 -34.71 35.58
N GLU F 97 -10.29 -34.76 36.44
CA GLU F 97 -11.62 -35.23 36.04
C GLU F 97 -12.45 -34.14 35.35
N ASP F 98 -11.99 -32.89 35.42
CA ASP F 98 -12.67 -31.78 34.78
C ASP F 98 -11.98 -31.34 33.51
N ARG F 99 -10.94 -32.05 33.11
CA ARG F 99 -10.19 -31.71 31.91
C ARG F 99 -10.87 -32.27 30.66
N PRO F 100 -11.24 -31.38 29.71
CA PRO F 100 -12.00 -31.81 28.55
C PRO F 100 -11.13 -32.50 27.50
N ARG F 101 -11.71 -33.47 26.80
CA ARG F 101 -11.07 -34.04 25.62
C ARG F 101 -11.28 -33.08 24.47
N ARG F 102 -10.23 -32.82 23.72
CA ARG F 102 -10.26 -31.78 22.69
C ARG F 102 -9.83 -32.30 21.33
N LEU F 103 -10.36 -31.71 20.27
CA LEU F 103 -9.89 -32.03 18.93
C LEU F 103 -8.55 -31.36 18.68
N ASP F 104 -7.53 -32.16 18.37
CA ASP F 104 -6.27 -31.66 17.86
C ASP F 104 -6.34 -31.68 16.34
N LEU F 105 -6.44 -30.52 15.72
CA LEU F 105 -6.64 -30.43 14.28
C LEU F 105 -5.33 -30.63 13.54
N ALA F 106 -4.24 -30.27 14.20
CA ALA F 106 -2.91 -30.38 13.63
C ALA F 106 -2.62 -31.82 13.18
N TRP F 107 -2.96 -32.80 14.02
CA TRP F 107 -2.60 -34.20 13.78
C TRP F 107 -3.81 -35.14 13.79
N LYS F 108 -5.01 -34.56 13.67
CA LYS F 108 -6.26 -35.32 13.64
C LYS F 108 -6.37 -36.40 14.74
N SER F 109 -6.05 -35.99 15.96
CA SER F 109 -6.10 -36.86 17.14
C SER F 109 -7.00 -36.25 18.19
N ILE F 110 -7.43 -37.07 19.16
CA ILE F 110 -8.13 -36.56 20.33
C ILE F 110 -7.12 -36.32 21.43
N GLU F 111 -7.14 -35.12 22.01
CA GLU F 111 -6.25 -34.77 23.10
C GLU F 111 -6.98 -34.92 24.44
N PRO F 112 -6.61 -35.95 25.24
CA PRO F 112 -7.25 -36.16 26.53
C PRO F 112 -6.87 -35.10 27.58
N ASN F 113 -5.77 -34.38 27.34
CA ASN F 113 -5.25 -33.37 28.26
C ASN F 113 -4.91 -33.92 29.67
N GLN F 114 -4.62 -35.21 29.76
CA GLN F 114 -4.22 -35.80 31.03
C GLN F 114 -2.82 -35.32 31.41
N VAL F 115 -2.12 -34.75 30.42
CA VAL F 115 -0.85 -34.10 30.64
C VAL F 115 -0.92 -32.65 30.14
N GLY F 116 -0.84 -31.72 31.09
CA GLY F 116 -0.75 -30.30 30.81
C GLY F 116 0.46 -29.75 31.52
N ILE F 117 0.56 -28.42 31.58
CA ILE F 117 1.80 -27.76 32.01
C ILE F 117 2.34 -28.20 33.37
N ASN F 118 1.44 -28.36 34.35
CA ASN F 118 1.85 -28.80 35.70
C ASN F 118 2.43 -30.20 35.71
N GLU F 119 1.89 -31.06 34.84
CA GLU F 119 2.33 -32.44 34.73
C GLU F 119 3.71 -32.51 34.07
N PHE F 120 3.88 -31.76 32.98
CA PHE F 120 5.12 -31.77 32.20
C PHE F 120 6.26 -31.09 32.95
N ALA F 121 5.92 -30.06 33.73
CA ALA F 121 6.89 -29.32 34.53
C ALA F 121 7.64 -30.21 35.53
N LYS F 122 6.90 -31.13 36.16
CA LYS F 122 7.55 -32.06 37.08
C LYS F 122 8.31 -33.16 36.32
N TRP F 123 7.90 -33.42 35.08
CA TRP F 123 8.64 -34.35 34.23
C TRP F 123 9.99 -33.76 33.88
N CYS F 124 10.02 -32.46 33.63
CA CYS F 124 11.26 -31.75 33.33
C CYS F 124 12.24 -31.71 34.50
N LYS F 125 11.72 -31.56 35.72
CA LYS F 125 12.59 -31.53 36.89
C LYS F 125 13.23 -32.89 37.12
N LYS F 126 12.51 -33.94 36.73
CA LYS F 126 13.01 -35.31 36.86
C LYS F 126 14.07 -35.62 35.82
N VAL F 127 13.96 -34.97 34.65
CA VAL F 127 14.94 -35.14 33.58
C VAL F 127 15.99 -34.04 33.59
N ASN F 128 16.00 -33.25 34.67
CA ASN F 128 16.93 -32.13 34.85
C ASN F 128 16.96 -31.15 33.68
N ALA F 129 15.77 -30.72 33.30
CA ALA F 129 15.59 -29.78 32.21
C ALA F 129 14.62 -28.68 32.62
N GLU F 130 14.50 -27.67 31.77
CA GLU F 130 13.61 -26.54 32.00
C GLU F 130 12.71 -26.36 30.80
N ILE F 131 11.45 -26.01 31.05
CA ILE F 131 10.49 -25.79 29.97
C ILE F 131 10.79 -24.50 29.22
N MET F 132 10.81 -24.61 27.89
CA MET F 132 10.68 -23.47 27.01
C MET F 132 9.24 -23.51 26.50
N MET F 133 8.39 -22.65 27.05
CA MET F 133 6.95 -22.71 26.78
C MET F 133 6.54 -21.92 25.56
N ALA F 134 5.83 -22.57 24.65
CA ALA F 134 5.17 -21.89 23.54
C ALA F 134 3.81 -21.40 24.02
N VAL F 135 3.35 -20.27 23.49
CA VAL F 135 1.98 -19.82 23.71
C VAL F 135 1.14 -19.89 22.43
N ASN F 136 -0.14 -20.16 22.58
CA ASN F 136 -1.06 -20.20 21.43
C ASN F 136 -1.28 -18.82 20.83
N LEU F 137 -0.80 -18.63 19.60
CA LEU F 137 -1.03 -17.39 18.84
C LEU F 137 -1.68 -17.65 17.48
N GLY F 138 -2.30 -18.81 17.35
CA GLY F 138 -3.05 -19.11 16.15
C GLY F 138 -4.48 -18.66 16.31
N THR F 139 -5.14 -19.19 17.34
CA THR F 139 -6.54 -18.90 17.61
C THR F 139 -6.72 -18.10 18.91
N ARG F 140 -5.60 -17.78 19.55
CA ARG F 140 -5.61 -17.01 20.79
C ARG F 140 -4.66 -15.82 20.72
N GLY F 141 -4.74 -14.91 21.70
CA GLY F 141 -4.04 -13.64 21.60
C GLY F 141 -3.25 -13.20 22.80
N ILE F 142 -3.15 -11.88 22.94
CA ILE F 142 -2.33 -11.22 23.96
C ILE F 142 -2.68 -11.66 25.39
N SER F 143 -3.95 -11.57 25.77
CA SER F 143 -4.30 -11.80 27.17
C SER F 143 -4.15 -13.25 27.62
N ASP F 144 -4.38 -14.18 26.69
CA ASP F 144 -4.19 -15.62 26.98
C ASP F 144 -2.72 -15.95 27.10
N ALA F 145 -1.88 -15.18 26.42
CA ALA F 145 -0.44 -15.32 26.61
C ALA F 145 -0.09 -14.79 27.98
N CYS F 146 -0.75 -13.71 28.37
CA CYS F 146 -0.53 -13.10 29.68
C CYS F 146 -0.97 -14.01 30.79
N ASN F 147 -2.17 -14.57 30.67
CA ASN F 147 -2.71 -15.48 31.69
C ASN F 147 -1.77 -16.63 31.95
N LEU F 148 -1.24 -17.20 30.89
CA LEU F 148 -0.34 -18.33 31.01
C LEU F 148 0.97 -17.93 31.69
N LEU F 149 1.52 -16.77 31.33
CA LEU F 149 2.72 -16.27 31.97
C LEU F 149 2.50 -16.03 33.46
N GLU F 150 1.40 -15.34 33.80
CA GLU F 150 1.02 -15.12 35.20
C GLU F 150 0.86 -16.45 35.95
N TYR F 151 0.22 -17.42 35.29
CA TYR F 151 -0.01 -18.72 35.89
C TYR F 151 1.31 -19.36 36.30
N CYS F 152 2.32 -19.21 35.45
CA CYS F 152 3.59 -19.92 35.61
C CYS F 152 4.68 -19.16 36.37
N ASN F 153 4.77 -17.85 36.14
CA ASN F 153 5.87 -17.06 36.68
C ASN F 153 5.55 -16.14 37.86
N HIS F 154 4.28 -15.75 37.98
CA HIS F 154 3.89 -14.88 39.09
C HIS F 154 3.74 -15.65 40.38
N PRO F 155 4.35 -15.15 41.48
CA PRO F 155 4.44 -15.89 42.75
C PRO F 155 3.09 -16.22 43.40
N GLY F 156 2.23 -15.20 43.54
CA GLY F 156 0.91 -15.39 44.18
C GLY F 156 0.13 -14.11 44.35
N GLY F 157 -1.10 -14.22 44.83
CA GLY F 157 -1.92 -13.05 45.15
C GLY F 157 -2.71 -12.44 44.00
N SER F 158 -2.67 -13.09 42.84
CA SER F 158 -3.47 -12.70 41.66
C SER F 158 -4.23 -13.90 41.06
N LYS F 159 -5.30 -13.60 40.32
CA LYS F 159 -6.22 -14.60 39.79
C LYS F 159 -5.57 -15.92 39.32
N TYR F 160 -4.63 -15.80 38.38
CA TYR F 160 -4.00 -16.99 37.77
C TYR F 160 -2.88 -17.58 38.59
N SER F 161 -2.13 -16.75 39.30
CA SER F 161 -1.08 -17.23 40.20
C SER F 161 -1.66 -18.07 41.35
N ASP F 162 -2.77 -17.60 41.92
CA ASP F 162 -3.46 -18.35 42.97
C ASP F 162 -4.02 -19.67 42.44
N MET F 163 -4.38 -19.69 41.15
CA MET F 163 -4.89 -20.90 40.51
C MET F 163 -3.84 -21.98 40.51
N ARG F 164 -2.62 -21.63 40.09
CA ARG F 164 -1.51 -22.57 40.07
C ARG F 164 -1.27 -23.12 41.47
N ILE F 165 -1.37 -22.26 42.48
CA ILE F 165 -1.25 -22.69 43.87
C ILE F 165 -2.34 -23.69 44.22
N LYS F 166 -3.59 -23.33 43.94
CA LYS F 166 -4.75 -24.20 44.19
C LYS F 166 -4.66 -25.52 43.43
N HIS F 167 -3.96 -25.50 42.29
CA HIS F 167 -3.73 -26.72 41.50
C HIS F 167 -2.60 -27.58 42.07
N GLY F 168 -2.00 -27.11 43.17
CA GLY F 168 -0.98 -27.85 43.90
C GLY F 168 0.45 -27.62 43.44
N VAL F 169 0.74 -26.40 42.98
CA VAL F 169 2.12 -26.01 42.65
C VAL F 169 2.41 -24.65 43.28
N LYS F 170 2.92 -24.68 44.51
CA LYS F 170 3.06 -23.48 45.35
C LYS F 170 4.14 -22.49 44.87
N GLU F 171 5.20 -23.02 44.28
CA GLU F 171 6.28 -22.19 43.75
C GLU F 171 6.15 -22.04 42.25
N PRO F 172 6.36 -20.82 41.72
CA PRO F 172 6.24 -20.56 40.29
C PRO F 172 7.23 -21.39 39.48
N HIS F 173 6.81 -21.84 38.29
CA HIS F 173 7.72 -22.57 37.41
C HIS F 173 8.90 -21.74 36.93
N ASN F 174 8.73 -20.41 36.96
CA ASN F 174 9.72 -19.45 36.47
C ASN F 174 10.28 -19.84 35.11
N ILE F 175 9.36 -20.07 34.17
CA ILE F 175 9.72 -20.40 32.81
C ILE F 175 10.48 -19.23 32.16
N LYS F 176 11.73 -19.50 31.82
CA LYS F 176 12.68 -18.46 31.42
C LYS F 176 12.62 -18.04 29.95
N VAL F 177 12.28 -18.95 29.06
CA VAL F 177 12.21 -18.62 27.64
C VAL F 177 10.82 -18.97 27.11
N TRP F 178 10.26 -18.08 26.27
CA TRP F 178 8.95 -18.30 25.70
C TRP F 178 8.95 -18.16 24.18
N CYS F 179 8.16 -19.02 23.51
CA CYS F 179 7.95 -18.97 22.07
C CYS F 179 6.62 -18.32 21.73
N LEU F 180 6.69 -17.26 20.94
CA LEU F 180 5.50 -16.52 20.56
C LEU F 180 4.75 -17.18 19.42
N GLY F 181 4.07 -18.28 19.75
CA GLY F 181 3.35 -19.09 18.77
C GLY F 181 4.27 -20.09 18.09
N ASN F 182 3.76 -20.74 17.06
CA ASN F 182 4.58 -21.66 16.27
C ASN F 182 4.53 -21.28 14.79
N ALA F 183 5.63 -21.49 14.07
CA ALA F 183 5.72 -21.07 12.65
C ALA F 183 4.36 -21.08 11.98
N MET F 184 3.86 -19.89 11.66
CA MET F 184 2.47 -19.71 11.19
C MET F 184 2.35 -19.24 9.74
N ASP F 185 3.43 -19.37 8.98
CA ASP F 185 3.43 -19.00 7.58
C ASP F 185 2.85 -20.10 6.72
N GLY F 186 2.89 -21.33 7.24
CA GLY F 186 2.42 -22.49 6.47
C GLY F 186 0.91 -22.57 6.34
N PRO F 187 0.42 -23.05 5.18
CA PRO F 187 -1.01 -23.36 4.98
C PRO F 187 -1.57 -24.57 5.77
N TRP F 188 -0.71 -25.39 6.36
CA TRP F 188 -1.16 -26.55 7.14
C TRP F 188 -1.53 -26.17 8.57
N GLN F 189 -1.15 -24.97 8.98
CA GLN F 189 -1.30 -24.54 10.36
C GLN F 189 -2.62 -23.80 10.59
N VAL F 190 -3.27 -24.07 11.73
CA VAL F 190 -4.48 -23.35 12.09
C VAL F 190 -4.07 -22.00 12.65
N GLY F 191 -4.76 -20.95 12.21
CA GLY F 191 -4.42 -19.59 12.61
C GLY F 191 -3.22 -19.04 11.85
N HIS F 192 -3.06 -19.50 10.61
CA HIS F 192 -2.01 -19.00 9.73
C HIS F 192 -2.09 -17.49 9.60
N LYS F 193 -0.96 -16.81 9.80
CA LYS F 193 -0.90 -15.35 9.72
C LYS F 193 -0.06 -14.91 8.51
N THR F 194 -0.23 -13.66 8.09
CA THR F 194 0.70 -13.07 7.13
C THR F 194 1.86 -12.52 7.95
N MET F 195 2.98 -12.25 7.31
CA MET F 195 4.15 -11.74 8.02
C MET F 195 3.86 -10.47 8.84
N ASP F 196 2.99 -9.61 8.32
CA ASP F 196 2.60 -8.41 9.06
C ASP F 196 1.65 -8.71 10.21
N GLU F 197 0.73 -9.64 10.00
CA GLU F 197 -0.23 -10.00 11.04
C GLU F 197 0.49 -10.59 12.23
N TYR F 198 1.45 -11.48 11.98
CA TYR F 198 2.26 -12.04 13.05
C TYR F 198 3.27 -11.03 13.59
N GLY F 199 3.87 -10.26 12.70
CA GLY F 199 4.80 -9.22 13.11
C GLY F 199 4.19 -8.39 14.23
N ARG F 200 2.99 -7.90 13.98
CA ARG F 200 2.25 -7.11 14.96
C ARG F 200 1.88 -7.92 16.20
N ILE F 201 1.27 -9.09 16.01
CA ILE F 201 0.82 -9.88 17.18
C ILE F 201 1.97 -10.22 18.10
N ALA F 202 3.07 -10.72 17.53
CA ALA F 202 4.25 -11.06 18.31
C ALA F 202 4.82 -9.84 19.04
N GLU F 203 4.85 -8.69 18.38
CA GLU F 203 5.30 -7.45 19.00
C GLU F 203 4.50 -7.08 20.25
N GLU F 204 3.18 -6.99 20.10
CA GLU F 204 2.30 -6.65 21.23
C GLU F 204 2.32 -7.70 22.33
N THR F 205 2.31 -8.97 21.95
CA THR F 205 2.34 -10.06 22.92
C THR F 205 3.60 -9.96 23.78
N ALA F 206 4.74 -9.78 23.12
CA ALA F 206 6.02 -9.61 23.81
C ALA F 206 6.01 -8.39 24.73
N ARG F 207 5.45 -7.27 24.24
CA ARG F 207 5.33 -6.03 25.02
C ARG F 207 4.58 -6.27 26.33
N ALA F 208 3.48 -7.02 26.24
CA ALA F 208 2.62 -7.28 27.39
C ALA F 208 3.27 -8.25 28.35
N MET F 209 3.85 -9.31 27.80
CA MET F 209 4.44 -10.37 28.62
C MET F 209 5.58 -9.83 29.47
N LYS F 210 6.45 -9.03 28.84
CA LYS F 210 7.59 -8.44 29.53
C LYS F 210 7.17 -7.44 30.62
N MET F 211 5.94 -6.94 30.55
CA MET F 211 5.40 -6.12 31.63
C MET F 211 5.02 -6.99 32.84
N ILE F 212 4.69 -8.24 32.60
CA ILE F 212 4.36 -9.16 33.70
C ILE F 212 5.61 -9.74 34.35
N ASP F 213 6.56 -10.17 33.52
CA ASP F 213 7.84 -10.68 34.00
C ASP F 213 8.96 -10.21 33.07
N PRO F 214 9.70 -9.15 33.47
CA PRO F 214 10.77 -8.62 32.62
C PRO F 214 11.99 -9.55 32.49
N SER F 215 12.12 -10.53 33.38
CA SER F 215 13.27 -11.43 33.38
C SER F 215 13.22 -12.49 32.27
N ILE F 216 12.07 -12.64 31.62
CA ILE F 216 11.90 -13.69 30.61
C ILE F 216 12.54 -13.32 29.28
N GLU F 217 12.77 -14.32 28.44
CA GLU F 217 13.28 -14.11 27.10
C GLU F 217 12.27 -14.64 26.11
N LEU F 218 12.13 -13.95 24.98
CA LEU F 218 11.08 -14.26 24.03
C LEU F 218 11.64 -14.62 22.65
N VAL F 219 11.01 -15.61 22.02
CA VAL F 219 11.41 -16.08 20.71
C VAL F 219 10.31 -15.81 19.66
N ALA F 220 10.64 -15.00 18.66
CA ALA F 220 9.74 -14.78 17.53
C ALA F 220 9.88 -15.91 16.53
N CYS F 221 8.76 -16.31 15.92
CA CYS F 221 8.73 -17.38 14.94
C CYS F 221 9.40 -16.98 13.64
N GLY F 222 10.34 -17.80 13.18
CA GLY F 222 10.89 -17.62 11.84
C GLY F 222 10.01 -18.33 10.81
N SER F 223 10.53 -18.48 9.60
CA SER F 223 9.83 -19.20 8.54
C SER F 223 9.77 -20.68 8.85
N SER F 224 8.73 -21.34 8.35
CA SER F 224 8.53 -22.76 8.55
C SER F 224 9.72 -23.56 8.06
N SER F 225 10.28 -23.11 6.93
CA SER F 225 11.44 -23.72 6.32
C SER F 225 12.06 -22.67 5.42
N LYS F 226 13.33 -22.84 5.07
CA LYS F 226 14.00 -21.86 4.23
C LYS F 226 13.43 -21.85 2.79
N ASP F 227 12.59 -22.83 2.49
CA ASP F 227 12.02 -22.97 1.15
C ASP F 227 10.78 -22.12 0.92
N MET F 228 10.07 -21.81 2.00
CA MET F 228 8.94 -20.89 1.95
C MET F 228 9.34 -19.69 1.12
N PRO F 229 8.59 -19.40 0.04
CA PRO F 229 8.92 -18.23 -0.81
C PRO F 229 9.05 -16.93 -0.03
N THR F 230 8.45 -16.87 1.16
CA THR F 230 8.40 -15.68 1.99
C THR F 230 9.55 -15.61 3.00
N PHE F 231 10.44 -16.60 2.95
CA PHE F 231 11.73 -16.50 3.62
C PHE F 231 12.64 -15.74 2.64
N PRO F 232 13.48 -14.82 3.15
CA PRO F 232 13.65 -14.41 4.54
C PRO F 232 12.95 -13.12 4.92
N GLN F 233 12.06 -12.62 4.06
CA GLN F 233 11.36 -11.37 4.38
C GLN F 233 10.43 -11.52 5.57
N TRP F 234 9.99 -12.76 5.84
CA TRP F 234 9.23 -13.04 7.04
C TRP F 234 10.03 -12.55 8.25
N GLU F 235 11.25 -13.07 8.41
CA GLU F 235 12.12 -12.73 9.52
C GLU F 235 12.43 -11.23 9.54
N ALA F 236 12.61 -10.65 8.37
CA ALA F 236 12.85 -9.22 8.22
C ALA F 236 11.67 -8.39 8.73
N THR F 237 10.47 -8.69 8.25
CA THR F 237 9.26 -8.02 8.72
C THR F 237 8.96 -8.25 10.21
N VAL F 238 9.00 -9.50 10.65
CA VAL F 238 8.67 -9.82 12.04
C VAL F 238 9.61 -9.09 13.00
N LEU F 239 10.91 -9.17 12.74
CA LEU F 239 11.88 -8.48 13.57
C LEU F 239 11.71 -6.97 13.55
N ASP F 240 11.49 -6.41 12.36
CA ASP F 240 11.21 -4.97 12.22
C ASP F 240 10.11 -4.48 13.20
N TYR F 241 9.07 -5.30 13.38
CA TYR F 241 8.00 -4.97 14.31
C TYR F 241 8.44 -5.14 15.76
N ALA F 242 8.97 -6.32 16.08
CA ALA F 242 9.13 -6.77 17.47
C ALA F 242 10.55 -6.64 18.08
N TYR F 243 11.49 -6.10 17.30
CA TYR F 243 12.91 -6.07 17.68
C TYR F 243 13.18 -5.79 19.17
N ASP F 244 12.56 -4.74 19.69
CA ASP F 244 12.85 -4.29 21.06
C ASP F 244 12.22 -5.14 22.15
N TYR F 245 11.46 -6.17 21.79
CA TYR F 245 10.77 -6.93 22.81
C TYR F 245 11.03 -8.44 22.74
N VAL F 246 11.67 -8.86 21.66
CA VAL F 246 11.99 -10.27 21.44
C VAL F 246 13.51 -10.46 21.52
N ASP F 247 13.94 -11.63 21.96
CA ASP F 247 15.36 -11.91 22.11
C ASP F 247 15.89 -12.87 21.03
N TYR F 248 14.98 -13.58 20.37
CA TYR F 248 15.38 -14.65 19.44
C TYR F 248 14.50 -14.69 18.20
N ILE F 249 15.10 -15.15 17.11
CA ILE F 249 14.37 -15.59 15.94
C ILE F 249 14.61 -17.09 15.78
N SER F 250 13.61 -17.83 15.32
CA SER F 250 13.74 -19.29 15.22
C SER F 250 14.07 -19.79 13.81
N LEU F 251 14.68 -20.96 13.74
CA LEU F 251 14.91 -21.62 12.47
C LEU F 251 14.41 -23.03 12.58
N HIS F 252 13.81 -23.53 11.51
CA HIS F 252 13.40 -24.93 11.38
C HIS F 252 14.10 -25.50 10.16
N GLN F 253 14.65 -26.71 10.27
CA GLN F 253 15.26 -27.40 9.12
C GLN F 253 15.34 -28.89 9.34
N TYR F 254 14.71 -29.65 8.44
CA TYR F 254 14.77 -31.10 8.44
C TYR F 254 15.39 -31.58 7.14
N TYR F 255 16.04 -32.73 7.19
CA TYR F 255 16.61 -33.33 5.98
C TYR F 255 16.07 -34.72 5.71
N GLY F 256 16.32 -35.21 4.50
CA GLY F 256 15.80 -36.49 4.06
C GLY F 256 16.65 -37.12 2.98
N ASN F 257 16.58 -38.44 2.89
CA ASN F 257 17.29 -39.20 1.89
C ASN F 257 16.35 -40.14 1.16
N LYS F 258 15.32 -39.58 0.53
CA LYS F 258 14.43 -40.38 -0.31
C LYS F 258 15.07 -40.63 -1.66
N GLU F 259 16.05 -39.79 -2.02
CA GLU F 259 16.75 -39.91 -3.29
C GLU F 259 17.76 -41.06 -3.26
N ASN F 260 18.10 -41.50 -2.06
CA ASN F 260 19.01 -42.63 -1.81
C ASN F 260 20.47 -42.35 -2.15
N ASP F 261 20.76 -41.08 -2.37
CA ASP F 261 22.11 -40.61 -2.63
C ASP F 261 22.75 -40.24 -1.30
N THR F 262 23.51 -41.18 -0.75
CA THR F 262 24.09 -41.01 0.58
C THR F 262 25.19 -39.94 0.65
N ALA F 263 25.99 -39.81 -0.42
CA ALA F 263 27.03 -38.78 -0.49
C ALA F 263 26.46 -37.36 -0.55
N ASP F 264 25.36 -37.18 -1.28
CA ASP F 264 24.65 -35.90 -1.36
C ASP F 264 23.95 -35.58 -0.05
N PHE F 265 23.38 -36.62 0.54
CA PHE F 265 22.64 -36.54 1.80
C PHE F 265 23.51 -35.95 2.92
N LEU F 266 24.73 -36.47 3.05
CA LEU F 266 25.66 -36.01 4.10
C LEU F 266 26.25 -34.62 3.83
N ALA F 267 26.07 -34.13 2.61
CA ALA F 267 26.56 -32.80 2.23
C ALA F 267 25.59 -31.69 2.63
N LYS F 268 24.37 -32.07 3.03
CA LYS F 268 23.28 -31.12 3.27
C LYS F 268 23.48 -30.24 4.50
N SER F 269 24.58 -30.44 5.23
CA SER F 269 24.93 -29.54 6.33
C SER F 269 25.59 -28.26 5.81
N ASP F 270 25.98 -28.27 4.54
CA ASP F 270 26.40 -27.06 3.82
C ASP F 270 25.19 -26.14 3.65
N ASP F 271 24.06 -26.75 3.29
CA ASP F 271 22.80 -26.02 3.15
C ASP F 271 22.38 -25.42 4.49
N LEU F 272 22.54 -26.20 5.56
CA LEU F 272 22.27 -25.75 6.92
C LEU F 272 23.09 -24.52 7.27
N ASP F 273 24.38 -24.59 6.93
CA ASP F 273 25.33 -23.52 7.20
C ASP F 273 24.89 -22.23 6.50
N ASP F 274 24.52 -22.36 5.22
CA ASP F 274 24.02 -21.24 4.42
C ASP F 274 22.71 -20.69 4.96
N PHE F 275 21.84 -21.60 5.42
CA PHE F 275 20.57 -21.22 5.99
C PHE F 275 20.81 -20.32 7.21
N ILE F 276 21.70 -20.76 8.09
CA ILE F 276 22.07 -20.02 9.30
C ILE F 276 22.61 -18.63 8.98
N ARG F 277 23.55 -18.55 8.05
CA ARG F 277 24.16 -17.27 7.69
C ARG F 277 23.17 -16.25 7.14
N SER F 278 22.21 -16.73 6.36
CA SER F 278 21.15 -15.90 5.78
C SER F 278 20.32 -15.23 6.84
N VAL F 279 19.99 -16.00 7.89
CA VAL F 279 19.20 -15.47 9.00
C VAL F 279 20.03 -14.45 9.79
N ILE F 280 21.29 -14.77 10.06
CA ILE F 280 22.19 -13.82 10.73
C ILE F 280 22.27 -12.50 9.97
N ALA F 281 22.42 -12.60 8.64
CA ALA F 281 22.41 -11.44 7.75
C ALA F 281 21.11 -10.64 7.85
N THR F 282 19.99 -11.34 7.85
CA THR F 282 18.68 -10.72 8.01
C THR F 282 18.56 -10.00 9.36
N CYS F 283 19.07 -10.63 10.43
CA CYS F 283 19.10 -10.01 11.74
C CYS F 283 19.97 -8.74 11.73
N ASP F 284 21.15 -8.87 11.12
CA ASP F 284 22.11 -7.79 11.11
C ASP F 284 21.63 -6.59 10.30
N TYR F 285 20.89 -6.87 9.23
CA TYR F 285 20.27 -5.83 8.39
C TYR F 285 19.31 -4.99 9.21
N ILE F 286 18.37 -5.67 9.87
CA ILE F 286 17.35 -5.01 10.70
C ILE F 286 17.98 -4.26 11.87
N LYS F 287 19.06 -4.80 12.44
CA LYS F 287 19.83 -4.11 13.48
C LYS F 287 20.29 -2.72 13.00
N ALA F 288 20.85 -2.68 11.80
CA ALA F 288 21.34 -1.44 11.22
C ALA F 288 20.18 -0.50 10.96
N LYS F 289 19.05 -1.08 10.55
CA LYS F 289 17.83 -0.33 10.29
C LYS F 289 17.32 0.35 11.56
N LYS F 290 17.47 -0.35 12.68
CA LYS F 290 16.99 0.13 13.99
C LYS F 290 18.03 0.93 14.74
N ARG F 291 19.28 0.87 14.27
CA ARG F 291 20.43 1.42 14.99
C ARG F 291 20.42 0.96 16.45
N SER F 292 20.27 -0.35 16.63
CA SER F 292 20.20 -0.95 17.96
C SER F 292 21.55 -1.50 18.37
N LYS F 293 21.88 -1.34 19.65
CA LYS F 293 23.08 -1.96 20.22
C LYS F 293 22.92 -3.48 20.33
N LYS F 294 21.67 -3.95 20.32
CA LYS F 294 21.34 -5.35 20.60
C LYS F 294 21.39 -6.27 19.36
N ASP F 295 21.98 -7.45 19.52
CA ASP F 295 21.90 -8.48 18.49
C ASP F 295 20.74 -9.42 18.80
N ILE F 296 19.94 -9.73 17.78
CA ILE F 296 18.97 -10.81 17.89
C ILE F 296 19.76 -12.12 17.81
N TYR F 297 19.45 -13.04 18.71
CA TYR F 297 20.10 -14.36 18.73
C TYR F 297 19.21 -15.41 18.08
N LEU F 298 19.83 -16.48 17.62
CA LEU F 298 19.12 -17.56 16.92
C LEU F 298 18.75 -18.73 17.83
N SER F 299 17.48 -19.08 17.83
CA SER F 299 17.00 -20.29 18.48
C SER F 299 16.62 -21.26 17.37
N PHE F 300 17.42 -22.31 17.22
CA PHE F 300 17.15 -23.31 16.19
C PHE F 300 16.29 -24.41 16.82
N ASP F 301 15.01 -24.12 17.03
CA ASP F 301 14.17 -24.99 17.84
C ASP F 301 13.48 -26.14 17.11
N GLU F 302 13.89 -26.38 15.87
CA GLU F 302 13.49 -27.58 15.15
C GLU F 302 14.53 -27.98 14.13
N TRP F 303 15.21 -29.10 14.40
CA TRP F 303 16.19 -29.67 13.48
C TRP F 303 16.27 -31.15 13.73
N ASN F 304 16.61 -31.90 12.68
CA ASN F 304 16.71 -33.36 12.70
C ASN F 304 16.56 -33.90 11.29
N VAL F 305 16.85 -35.18 11.12
CA VAL F 305 16.52 -35.90 9.90
C VAL F 305 15.07 -36.36 10.04
N TRP F 306 14.29 -36.24 8.97
CA TRP F 306 12.89 -36.66 8.98
C TRP F 306 12.38 -36.98 7.59
N TYR F 307 12.17 -38.28 7.33
CA TYR F 307 11.61 -38.74 6.05
C TYR F 307 11.01 -40.15 6.08
N HIS F 308 11.56 -41.03 6.91
CA HIS F 308 11.22 -42.45 6.93
C HIS F 308 9.74 -42.76 7.09
N SER F 309 9.06 -42.04 7.98
CA SER F 309 7.67 -42.34 8.34
C SER F 309 6.63 -41.69 7.42
N ASN F 310 7.09 -40.93 6.42
CA ASN F 310 6.22 -40.18 5.51
C ASN F 310 5.10 -41.01 4.89
N ASN F 311 5.43 -42.21 4.44
CA ASN F 311 4.43 -43.10 3.85
C ASN F 311 3.43 -43.64 4.87
N GLU F 312 3.93 -44.17 5.99
CA GLU F 312 3.09 -44.70 7.08
C GLU F 312 2.12 -43.65 7.64
N ASP F 313 2.51 -42.39 7.61
CA ASP F 313 1.68 -41.27 8.07
C ASP F 313 0.61 -40.83 7.05
N ALA F 314 0.59 -41.46 5.88
CA ALA F 314 -0.42 -41.19 4.87
C ALA F 314 -1.46 -42.31 4.82
N ASN F 315 -1.23 -43.36 5.61
CA ASN F 315 -2.20 -44.45 5.79
C ASN F 315 -3.14 -44.15 6.96
N ILE F 316 -2.56 -43.72 8.08
CA ILE F 316 -3.31 -43.02 9.12
C ILE F 316 -3.49 -41.60 8.60
N MET F 317 -4.73 -41.11 8.60
CA MET F 317 -5.10 -39.87 7.88
C MET F 317 -4.97 -40.12 6.36
N GLN F 318 -6.07 -40.39 5.66
CA GLN F 318 -7.41 -40.45 6.26
C GLN F 318 -8.00 -41.88 6.24
N ASN F 319 -7.32 -42.76 6.97
CA ASN F 319 -7.96 -43.92 7.59
C ASN F 319 -8.35 -43.39 8.98
N GLU F 320 -9.02 -44.22 9.79
CA GLU F 320 -9.56 -43.78 11.10
C GLU F 320 -10.51 -42.56 10.95
N PRO F 321 -10.10 -41.32 11.35
CA PRO F 321 -9.02 -40.82 12.20
C PRO F 321 -9.50 -40.55 13.63
N TRP F 322 -8.94 -39.52 14.26
CA TRP F 322 -9.34 -39.11 15.62
C TRP F 322 -9.06 -40.18 16.67
N ARG F 323 -7.88 -40.78 16.59
CA ARG F 323 -7.46 -41.75 17.59
C ARG F 323 -6.68 -41.02 18.68
N ILE F 324 -6.56 -41.64 19.85
CA ILE F 324 -5.68 -41.12 20.89
C ILE F 324 -4.28 -41.71 20.67
N ALA F 325 -3.26 -40.86 20.73
CA ALA F 325 -1.87 -41.29 20.55
C ALA F 325 -1.66 -42.32 19.43
N PRO F 326 -1.88 -41.92 18.15
CA PRO F 326 -1.55 -42.79 17.03
C PRO F 326 -0.06 -42.75 16.65
N PRO F 327 0.46 -43.83 16.04
CA PRO F 327 1.89 -43.96 15.66
C PRO F 327 2.40 -42.95 14.61
N LEU F 328 2.45 -41.66 14.95
CA LEU F 328 2.82 -40.63 13.98
C LEU F 328 4.28 -40.20 14.09
N LEU F 329 4.90 -40.00 12.92
CA LEU F 329 6.27 -39.49 12.81
C LEU F 329 7.33 -40.38 13.45
N GLU F 330 7.18 -41.69 13.30
CA GLU F 330 8.06 -42.64 13.95
C GLU F 330 9.13 -43.13 13.00
N ASP F 331 10.05 -42.23 12.67
CA ASP F 331 11.21 -42.57 11.85
C ASP F 331 12.10 -43.57 12.58
N ILE F 332 12.48 -44.63 11.87
CA ILE F 332 13.47 -45.57 12.36
C ILE F 332 14.79 -45.20 11.71
N TYR F 333 15.71 -44.67 12.50
CA TYR F 333 16.92 -44.05 11.97
C TYR F 333 18.03 -45.02 11.61
N THR F 334 18.62 -44.79 10.43
CA THR F 334 19.73 -45.59 9.93
C THR F 334 21.06 -44.97 10.38
N PHE F 335 22.16 -45.61 10.00
CA PHE F 335 23.49 -45.12 10.37
C PHE F 335 23.82 -43.78 9.70
N GLU F 336 23.58 -43.70 8.40
CA GLU F 336 23.79 -42.44 7.66
C GLU F 336 23.03 -41.24 8.25
N ASP F 337 21.86 -41.49 8.83
CA ASP F 337 21.11 -40.45 9.54
C ASP F 337 21.94 -39.89 10.70
N ALA F 338 22.59 -40.80 11.43
CA ALA F 338 23.39 -40.43 12.60
C ALA F 338 24.55 -39.53 12.21
N LEU F 339 25.17 -39.82 11.08
CA LEU F 339 26.28 -39.03 10.59
C LEU F 339 25.85 -37.59 10.28
N LEU F 340 24.69 -37.44 9.67
CA LEU F 340 24.17 -36.11 9.35
C LEU F 340 23.81 -35.37 10.63
N VAL F 341 23.12 -36.02 11.54
CA VAL F 341 22.80 -35.45 12.84
C VAL F 341 24.07 -34.93 13.51
N GLY F 342 25.15 -35.69 13.38
CA GLY F 342 26.46 -35.27 13.87
C GLY F 342 26.98 -34.05 13.11
N LEU F 343 26.86 -34.10 11.79
CA LEU F 343 27.28 -32.99 10.93
C LEU F 343 26.48 -31.73 11.20
N MET F 344 25.18 -31.90 11.47
CA MET F 344 24.31 -30.78 11.82
C MET F 344 24.75 -30.15 13.15
N LEU F 345 25.08 -30.99 14.12
CA LEU F 345 25.59 -30.54 15.42
C LEU F 345 26.93 -29.81 15.29
N ILE F 346 27.80 -30.33 14.43
CA ILE F 346 29.06 -29.65 14.08
C ILE F 346 28.79 -28.25 13.50
N THR F 347 27.77 -28.15 12.65
CA THR F 347 27.38 -26.87 12.04
C THR F 347 26.69 -25.95 13.07
N LEU F 348 25.91 -26.54 13.98
CA LEU F 348 25.34 -25.78 15.08
C LEU F 348 26.45 -25.20 15.93
N MET F 349 27.40 -26.05 16.33
CA MET F 349 28.53 -25.65 17.17
C MET F 349 29.40 -24.56 16.53
N LYS F 350 29.62 -24.67 15.22
CA LYS F 350 30.38 -23.69 14.45
C LYS F 350 29.79 -22.28 14.53
N HIS F 351 28.49 -22.21 14.77
CA HIS F 351 27.79 -20.92 14.81
C HIS F 351 27.29 -20.58 16.21
N ALA F 352 28.00 -21.04 17.23
CA ALA F 352 27.57 -20.87 18.62
C ALA F 352 27.60 -19.42 19.13
N ASP F 353 28.13 -18.49 18.34
CA ASP F 353 28.15 -17.09 18.71
C ASP F 353 26.78 -16.43 18.55
N ARG F 354 25.96 -16.95 17.63
CA ARG F 354 24.60 -16.43 17.40
C ARG F 354 23.49 -17.43 17.76
N ILE F 355 23.70 -18.70 17.42
CA ILE F 355 22.77 -19.75 17.81
C ILE F 355 22.98 -20.04 19.28
N LYS F 356 22.05 -19.61 20.13
CA LYS F 356 22.20 -19.72 21.58
C LYS F 356 21.18 -20.66 22.22
N ILE F 357 20.22 -21.13 21.43
CA ILE F 357 19.29 -22.17 21.83
C ILE F 357 19.11 -23.01 20.59
N ALA F 358 18.94 -24.32 20.75
CA ALA F 358 18.62 -25.19 19.64
C ALA F 358 17.87 -26.44 20.13
N CYS F 359 17.04 -27.02 19.27
CA CYS F 359 16.18 -28.13 19.67
C CYS F 359 16.11 -29.29 18.68
N LEU F 360 16.58 -30.46 19.12
CA LEU F 360 16.39 -31.68 18.36
C LEU F 360 14.90 -32.03 18.36
N ALA F 361 14.32 -32.08 17.17
CA ALA F 361 12.91 -32.36 17.03
C ALA F 361 12.69 -33.74 16.45
N GLN F 362 12.09 -34.65 17.22
CA GLN F 362 11.65 -34.40 18.60
C GLN F 362 12.32 -35.36 19.59
N LEU F 363 11.95 -35.28 20.87
CA LEU F 363 12.64 -36.02 21.93
C LEU F 363 12.17 -37.47 22.11
N ILE F 364 10.86 -37.71 22.02
CA ILE F 364 10.30 -39.04 22.32
C ILE F 364 9.41 -39.55 21.19
N ASN F 365 9.72 -40.74 20.68
CA ASN F 365 8.97 -41.42 19.59
C ASN F 365 8.86 -40.64 18.28
N VAL F 366 8.33 -39.43 18.38
CA VAL F 366 8.18 -38.53 17.25
C VAL F 366 9.56 -38.09 16.77
N ILE F 367 9.92 -38.50 15.56
CA ILE F 367 11.25 -38.26 15.00
C ILE F 367 12.31 -38.08 16.10
N ALA F 368 12.58 -39.18 16.81
CA ALA F 368 13.24 -39.15 18.12
C ALA F 368 14.42 -40.09 18.32
N PRO F 369 15.41 -39.68 19.14
CA PRO F 369 16.51 -40.55 19.56
C PRO F 369 16.05 -41.64 20.53
N ILE F 370 15.01 -41.34 21.31
CA ILE F 370 14.44 -42.31 22.24
C ILE F 370 13.10 -42.82 21.74
N VAL F 371 12.95 -44.15 21.70
CA VAL F 371 11.72 -44.82 21.29
C VAL F 371 11.28 -45.82 22.37
N THR F 372 10.00 -45.78 22.73
CA THR F 372 9.37 -46.85 23.52
C THR F 372 8.40 -47.62 22.62
N GLU F 373 8.33 -48.94 22.80
CA GLU F 373 7.97 -49.84 21.70
C GLU F 373 6.54 -49.61 21.25
N ARG F 374 5.58 -50.08 22.05
CA ARG F 374 4.18 -49.76 21.83
C ARG F 374 3.41 -49.71 23.15
N ASN F 375 2.65 -50.76 23.43
CA ASN F 375 1.74 -50.77 24.58
C ASN F 375 2.06 -51.89 25.57
N GLY F 376 3.30 -51.92 26.06
CA GLY F 376 4.35 -50.98 25.63
C GLY F 376 5.18 -50.54 26.81
N GLY F 377 6.43 -51.01 26.89
CA GLY F 377 7.05 -51.82 25.85
C GLY F 377 8.29 -52.57 26.34
N ALA F 378 9.49 -52.04 26.11
CA ALA F 378 9.74 -50.79 25.39
C ALA F 378 11.13 -50.24 25.69
N ALA F 379 11.44 -49.11 25.07
CA ALA F 379 12.55 -48.22 25.47
C ALA F 379 13.94 -48.61 24.96
N TRP F 380 14.37 -47.90 23.92
CA TRP F 380 15.66 -48.14 23.31
C TRP F 380 16.19 -46.90 22.59
N ARG F 381 17.45 -46.96 22.18
CA ARG F 381 18.14 -45.82 21.59
C ARG F 381 18.25 -45.93 20.08
N GLN F 382 17.89 -44.85 19.40
CA GLN F 382 18.08 -44.76 17.95
C GLN F 382 19.51 -44.34 17.66
N THR F 383 19.98 -44.66 16.46
CA THR F 383 21.33 -44.33 16.01
C THR F 383 21.72 -42.88 16.33
N ILE F 384 20.79 -41.96 16.09
CA ILE F 384 21.03 -40.52 16.22
C ILE F 384 21.21 -40.03 17.68
N PHE F 385 20.92 -40.92 18.63
CA PHE F 385 21.11 -40.69 20.06
C PHE F 385 22.58 -40.39 20.38
N TYR F 386 23.47 -41.17 19.80
CA TYR F 386 24.89 -41.11 20.18
C TYR F 386 25.67 -39.88 19.73
N PRO F 387 25.54 -39.46 18.45
CA PRO F 387 26.20 -38.20 18.08
C PRO F 387 25.68 -37.01 18.89
N PHE F 388 24.41 -37.04 19.28
CA PHE F 388 23.84 -35.99 20.13
C PHE F 388 24.40 -36.06 21.54
N MET F 389 24.29 -37.25 22.16
CA MET F 389 24.83 -37.48 23.50
C MET F 389 26.26 -36.97 23.60
N HIS F 390 27.08 -37.30 22.61
CA HIS F 390 28.48 -36.89 22.55
C HIS F 390 28.64 -35.38 22.54
N ALA F 391 27.90 -34.74 21.65
CA ALA F 391 27.95 -33.29 21.51
C ALA F 391 27.57 -32.60 22.80
N SER F 392 26.53 -33.11 23.46
CA SER F 392 26.01 -32.52 24.68
C SER F 392 26.96 -32.72 25.86
N LYS F 393 27.61 -33.88 25.91
CA LYS F 393 28.49 -34.21 27.02
C LYS F 393 29.84 -33.49 26.94
N TYR F 394 30.59 -33.74 25.88
CA TYR F 394 31.96 -33.23 25.76
C TYR F 394 32.05 -31.88 25.03
N GLY F 395 30.91 -31.32 24.62
CA GLY F 395 30.89 -30.04 23.92
C GLY F 395 30.41 -28.84 24.72
N ARG F 396 30.99 -28.64 25.91
CA ARG F 396 30.70 -27.47 26.72
C ARG F 396 31.97 -26.65 26.94
N GLY F 397 31.91 -25.36 26.62
CA GLY F 397 33.06 -24.47 26.76
C GLY F 397 33.17 -23.46 25.63
N ILE F 398 34.38 -23.33 25.07
CA ILE F 398 34.65 -22.36 24.01
C ILE F 398 34.92 -23.05 22.67
N VAL F 399 34.21 -22.62 21.62
CA VAL F 399 34.46 -23.10 20.26
C VAL F 399 35.63 -22.35 19.66
N LEU F 400 36.64 -23.09 19.22
CA LEU F 400 37.77 -22.50 18.49
C LEU F 400 37.52 -22.57 16.99
N GLN F 401 37.93 -21.50 16.30
CA GLN F 401 37.75 -21.37 14.86
C GLN F 401 38.44 -22.51 14.13
N PRO F 402 37.71 -23.22 13.27
CA PRO F 402 38.32 -24.30 12.51
C PRO F 402 38.90 -23.79 11.19
N VAL F 403 40.22 -23.65 11.15
CA VAL F 403 40.92 -23.30 9.91
C VAL F 403 41.45 -24.58 9.29
N ILE F 404 40.62 -25.18 8.46
CA ILE F 404 40.83 -26.56 8.02
C ILE F 404 41.02 -26.71 6.51
N ASN F 405 42.08 -27.44 6.13
CA ASN F 405 42.39 -27.71 4.74
C ASN F 405 42.04 -29.16 4.41
N SER F 406 40.78 -29.38 4.05
CA SER F 406 40.28 -30.72 3.74
C SER F 406 40.16 -30.93 2.23
N PRO F 407 40.35 -32.18 1.77
CA PRO F 407 40.02 -32.52 0.38
C PRO F 407 38.56 -32.25 0.05
N LEU F 408 38.29 -31.99 -1.23
CA LEU F 408 36.95 -31.70 -1.70
C LEU F 408 36.45 -32.76 -2.66
N HIS F 409 35.15 -33.05 -2.57
CA HIS F 409 34.49 -33.98 -3.47
C HIS F 409 33.16 -33.38 -3.95
N ASP F 410 32.84 -33.57 -5.22
CA ASP F 410 31.57 -33.10 -5.76
C ASP F 410 30.54 -34.21 -5.72
N THR F 411 29.35 -33.88 -5.22
CA THR F 411 28.22 -34.81 -5.23
C THR F 411 27.26 -34.41 -6.35
N SER F 412 26.18 -35.19 -6.50
CA SER F 412 25.21 -34.94 -7.55
C SER F 412 24.61 -33.53 -7.48
N LYS F 413 24.07 -33.14 -6.33
CA LYS F 413 23.38 -31.87 -6.19
C LYS F 413 24.17 -30.78 -5.45
N HIS F 414 25.40 -31.09 -5.06
CA HIS F 414 26.28 -30.11 -4.41
C HIS F 414 27.66 -30.12 -5.05
N GLU F 415 28.19 -28.92 -5.29
CA GLU F 415 29.57 -28.79 -5.75
C GLU F 415 30.49 -28.50 -4.56
N ASP F 416 31.73 -28.96 -4.66
CA ASP F 416 32.80 -28.61 -3.72
C ASP F 416 32.40 -28.77 -2.26
N VAL F 417 32.36 -30.02 -1.80
CA VAL F 417 32.03 -30.38 -0.43
C VAL F 417 33.29 -30.88 0.28
N THR F 418 33.60 -30.26 1.42
CA THR F 418 34.69 -30.74 2.28
C THR F 418 34.43 -32.19 2.66
N ASP F 419 35.45 -33.03 2.50
CA ASP F 419 35.36 -34.42 2.95
C ASP F 419 35.15 -34.41 4.45
N ILE F 420 36.18 -34.08 5.21
CA ILE F 420 36.08 -34.00 6.67
C ILE F 420 35.61 -32.64 7.16
N GLU F 421 34.65 -32.66 8.08
CA GLU F 421 34.11 -31.45 8.71
C GLU F 421 34.36 -31.56 10.22
N SER F 422 34.94 -30.52 10.81
CA SER F 422 35.43 -30.62 12.18
C SER F 422 35.33 -29.35 13.02
N VAL F 423 35.10 -29.53 14.33
CA VAL F 423 35.13 -28.43 15.29
C VAL F 423 35.81 -28.86 16.58
N ALA F 424 36.61 -27.95 17.13
CA ALA F 424 37.23 -28.17 18.42
C ALA F 424 36.63 -27.20 19.43
N ILE F 425 36.22 -27.74 20.59
CA ILE F 425 35.79 -26.88 21.71
C ILE F 425 36.59 -27.19 22.98
N TYR F 426 37.04 -26.12 23.65
CA TYR F 426 37.98 -26.24 24.77
C TYR F 426 37.34 -25.89 26.12
N ASN F 427 37.52 -26.78 27.09
CA ASN F 427 36.99 -26.59 28.43
C ASN F 427 38.11 -26.25 29.41
N GLU F 428 38.25 -24.96 29.71
CA GLU F 428 39.31 -24.43 30.60
C GLU F 428 39.25 -25.00 32.02
N GLU F 429 38.04 -25.36 32.46
CA GLU F 429 37.83 -25.93 33.79
C GLU F 429 38.51 -27.29 33.87
N LYS F 430 38.01 -28.24 33.09
CA LYS F 430 38.54 -29.60 33.08
C LYS F 430 39.87 -29.74 32.31
N GLU F 431 40.27 -28.65 31.65
CA GLU F 431 41.51 -28.58 30.83
C GLU F 431 41.59 -29.60 29.70
N GLU F 432 40.46 -29.77 29.00
CA GLU F 432 40.34 -30.70 27.90
C GLU F 432 40.00 -29.99 26.60
N VAL F 433 40.43 -30.56 25.48
CA VAL F 433 39.99 -30.11 24.16
C VAL F 433 39.36 -31.29 23.42
N THR F 434 38.08 -31.14 23.08
CA THR F 434 37.36 -32.16 22.34
C THR F 434 37.30 -31.78 20.87
N ILE F 435 37.66 -32.71 20.00
CA ILE F 435 37.54 -32.49 18.56
C ILE F 435 36.48 -33.41 17.94
N PHE F 436 35.36 -32.82 17.54
CA PHE F 436 34.31 -33.54 16.82
C PHE F 436 34.63 -33.45 15.34
N ALA F 437 34.47 -34.56 14.62
CA ALA F 437 34.85 -34.64 13.21
C ALA F 437 34.16 -35.79 12.47
N VAL F 438 33.84 -35.55 11.19
CA VAL F 438 33.06 -36.48 10.38
C VAL F 438 33.58 -36.68 8.95
N ASN F 439 33.81 -37.94 8.57
CA ASN F 439 33.88 -38.37 7.16
C ASN F 439 32.44 -38.69 6.74
N ARG F 440 31.98 -38.47 5.49
CA ARG F 440 32.70 -38.19 4.22
C ARG F 440 34.22 -38.02 4.28
N ASN F 441 34.99 -38.59 3.35
CA ASN F 441 34.52 -39.17 2.09
C ASN F 441 33.98 -40.58 2.24
N ILE F 442 32.76 -40.78 1.75
CA ILE F 442 32.07 -42.06 1.85
C ILE F 442 32.84 -43.28 1.27
N HIS F 443 33.94 -43.04 0.58
CA HIS F 443 34.67 -44.13 -0.09
C HIS F 443 36.11 -44.33 0.35
N GLU F 444 36.74 -43.28 0.88
CA GLU F 444 38.13 -43.38 1.32
C GLU F 444 38.36 -42.91 2.75
N ASP F 445 39.18 -43.65 3.48
CA ASP F 445 39.62 -43.28 4.83
C ASP F 445 40.73 -42.25 4.71
N ILE F 446 40.63 -41.19 5.52
CA ILE F 446 41.64 -40.14 5.51
C ILE F 446 42.11 -39.77 6.91
N VAL F 447 43.41 -39.55 7.05
CA VAL F 447 44.03 -39.12 8.30
C VAL F 447 43.85 -37.60 8.48
N LEU F 448 43.65 -37.19 9.73
CA LEU F 448 43.52 -35.78 10.08
C LEU F 448 44.66 -35.31 10.97
N VAL F 449 45.49 -34.43 10.43
CA VAL F 449 46.63 -33.85 11.16
C VAL F 449 46.15 -32.64 11.97
N SER F 450 46.09 -32.81 13.29
CA SER F 450 45.58 -31.78 14.18
C SER F 450 46.72 -31.06 14.89
N ASP F 451 47.00 -29.83 14.46
CA ASP F 451 48.01 -29.00 15.10
C ASP F 451 47.47 -28.48 16.42
N VAL F 452 47.74 -29.20 17.50
CA VAL F 452 47.47 -28.70 18.85
C VAL F 452 48.58 -27.71 19.16
N ARG F 453 48.25 -26.41 19.11
CA ARG F 453 49.24 -25.35 19.12
C ARG F 453 49.73 -24.99 20.53
N GLY F 454 48.87 -24.36 21.33
CA GLY F 454 49.24 -23.96 22.69
C GLY F 454 48.47 -24.69 23.76
N MET F 455 48.89 -25.92 24.06
CA MET F 455 48.32 -26.68 25.17
C MET F 455 49.44 -27.36 25.92
N LYS F 456 50.12 -26.55 26.73
CA LYS F 456 51.26 -27.00 27.53
C LYS F 456 51.13 -28.43 28.05
N ASP F 457 52.10 -29.26 27.64
CA ASP F 457 52.21 -30.67 28.04
C ASP F 457 51.03 -31.58 27.64
N TYR F 458 50.59 -31.44 26.39
CA TYR F 458 49.95 -32.52 25.61
C TYR F 458 48.85 -33.40 26.23
N ARG F 459 49.11 -34.72 26.22
CA ARG F 459 48.22 -35.81 26.69
C ARG F 459 46.98 -36.08 25.81
N LEU F 460 46.89 -37.31 25.31
CA LEU F 460 45.72 -37.78 24.54
C LEU F 460 44.87 -38.72 25.39
N LEU F 461 43.64 -38.30 25.65
CA LEU F 461 42.72 -39.05 26.50
C LEU F 461 42.10 -40.27 25.82
N GLU F 462 41.19 -40.03 24.87
CA GLU F 462 40.52 -41.11 24.12
C GLU F 462 39.99 -40.66 22.76
N HIS F 463 39.75 -41.63 21.89
CA HIS F 463 39.19 -41.39 20.57
C HIS F 463 37.92 -42.24 20.44
N ILE F 464 36.77 -41.63 20.70
CA ILE F 464 35.49 -42.33 20.58
C ILE F 464 35.03 -42.32 19.13
N VAL F 465 34.68 -43.50 18.64
CA VAL F 465 34.37 -43.69 17.23
C VAL F 465 32.92 -44.18 17.06
N LEU F 466 32.32 -43.84 15.92
CA LEU F 466 30.97 -44.29 15.60
C LEU F 466 30.91 -44.72 14.13
N GLU F 467 31.16 -46.01 13.89
CA GLU F 467 31.27 -46.54 12.54
C GLU F 467 30.39 -47.76 12.33
N HIS F 468 30.05 -48.02 11.06
CA HIS F 468 29.36 -49.22 10.64
C HIS F 468 29.53 -49.44 9.14
N GLN F 469 29.55 -50.70 8.73
CA GLN F 469 29.81 -51.08 7.35
C GLN F 469 28.58 -51.01 6.44
N ASP F 470 27.40 -50.98 7.06
CA ASP F 470 26.12 -50.82 6.35
C ASP F 470 25.55 -49.45 6.70
N LEU F 471 25.43 -48.58 5.71
CA LEU F 471 24.88 -47.23 5.93
C LEU F 471 23.40 -47.28 6.31
N LYS F 472 22.69 -48.30 5.81
CA LYS F 472 21.24 -48.42 5.99
C LYS F 472 20.82 -49.15 7.28
N ILE F 473 21.79 -49.58 8.08
CA ILE F 473 21.51 -50.36 9.30
C ILE F 473 20.86 -49.51 10.38
N ARG F 474 20.00 -50.14 11.17
CA ARG F 474 19.24 -49.43 12.21
C ARG F 474 19.37 -50.11 13.57
N ASN F 475 18.83 -49.45 14.60
CA ASN F 475 18.65 -50.05 15.92
C ASN F 475 17.21 -50.52 16.05
N SER F 476 16.98 -51.35 17.07
CA SER F 476 15.64 -51.79 17.42
C SER F 476 15.59 -52.09 18.91
N VAL F 477 14.43 -52.57 19.37
CA VAL F 477 14.22 -52.89 20.79
C VAL F 477 15.14 -54.02 21.25
N ASN F 478 15.65 -54.79 20.29
CA ASN F 478 16.55 -55.91 20.54
C ASN F 478 18.04 -55.49 20.64
N GLY F 479 18.30 -54.22 20.36
CA GLY F 479 19.66 -53.74 20.05
C GLY F 479 19.59 -53.23 18.62
N GLU F 480 20.30 -52.17 18.24
CA GLU F 480 21.44 -51.52 18.93
C GLU F 480 22.76 -51.99 18.33
N GLU F 481 22.87 -51.76 17.02
CA GLU F 481 24.02 -52.16 16.24
C GLU F 481 24.94 -50.98 16.00
N VAL F 482 24.40 -49.77 16.22
CA VAL F 482 25.19 -48.53 16.13
C VAL F 482 25.38 -47.95 17.52
N TYR F 483 26.63 -47.99 18.00
CA TYR F 483 26.96 -47.58 19.36
C TYR F 483 28.44 -47.17 19.44
N PRO F 484 28.78 -46.28 20.40
CA PRO F 484 30.16 -45.80 20.50
C PRO F 484 31.11 -46.87 21.01
N LYS F 485 32.23 -47.02 20.30
CA LYS F 485 33.30 -47.93 20.70
C LYS F 485 34.55 -47.12 20.95
N ASN F 486 35.24 -47.42 22.05
CA ASN F 486 36.53 -46.80 22.35
C ASN F 486 37.56 -47.41 21.43
N SER F 487 38.01 -46.63 20.45
CA SER F 487 38.77 -47.19 19.37
C SER F 487 39.97 -46.35 18.94
N ASP F 488 40.72 -46.90 17.99
CA ASP F 488 41.73 -46.16 17.21
C ASP F 488 43.15 -46.25 17.75
N LYS F 489 44.19 -45.96 16.96
CA LYS F 489 44.18 -45.30 15.62
C LYS F 489 44.12 -43.78 15.75
N SER F 490 44.47 -43.30 16.95
CA SER F 490 44.73 -41.88 17.20
C SER F 490 46.02 -41.77 18.03
N SER F 491 46.89 -40.83 17.63
CA SER F 491 48.22 -40.69 18.24
C SER F 491 48.54 -39.22 18.53
N PHE F 492 49.40 -38.99 19.54
CA PHE F 492 49.72 -37.63 19.99
C PHE F 492 51.16 -37.47 20.48
N ASP F 493 51.95 -36.70 19.73
CA ASP F 493 53.35 -36.45 20.05
C ASP F 493 53.82 -35.11 19.48
N ASP F 494 54.58 -34.35 20.28
CA ASP F 494 55.12 -33.06 19.88
C ASP F 494 54.03 -31.99 19.70
N GLY F 495 52.87 -32.23 20.31
CA GLY F 495 51.72 -31.34 20.14
C GLY F 495 50.94 -31.59 18.87
N ILE F 496 51.46 -32.49 18.03
CA ILE F 496 50.81 -32.86 16.77
C ILE F 496 50.02 -34.17 16.91
N LEU F 497 48.75 -34.11 16.50
CA LEU F 497 47.83 -35.25 16.62
C LEU F 497 47.50 -35.86 15.25
N THR F 498 47.66 -37.18 15.14
CA THR F 498 47.37 -37.92 13.91
C THR F 498 46.17 -38.85 14.10
N SER F 499 45.16 -38.70 13.25
CA SER F 499 43.90 -39.42 13.42
C SER F 499 43.41 -40.07 12.13
N MET F 500 43.57 -41.38 12.03
CA MET F 500 42.98 -42.15 10.94
C MET F 500 41.46 -42.15 11.13
N LEU F 501 40.74 -41.49 10.23
CA LEU F 501 39.28 -41.41 10.31
C LEU F 501 38.60 -42.21 9.20
N ARG F 502 37.90 -43.27 9.60
CA ARG F 502 37.28 -44.25 8.67
C ARG F 502 36.27 -43.60 7.72
N ARG F 503 36.12 -44.18 6.52
CA ARG F 503 35.40 -43.56 5.40
C ARG F 503 34.02 -42.97 5.68
N ALA F 504 33.27 -43.53 6.63
CA ALA F 504 32.00 -42.91 7.02
C ALA F 504 31.83 -42.95 8.52
N SER F 505 32.50 -42.02 9.21
CA SER F 505 32.59 -42.11 10.66
C SER F 505 32.42 -40.79 11.38
N TRP F 506 31.66 -40.83 12.47
CA TRP F 506 31.61 -39.75 13.43
C TRP F 506 32.70 -40.05 14.46
N ASN F 507 33.37 -39.00 14.90
CA ASN F 507 34.52 -39.14 15.77
C ASN F 507 34.51 -38.09 16.87
N VAL F 508 34.90 -38.51 18.06
CA VAL F 508 35.08 -37.61 19.18
C VAL F 508 36.48 -37.84 19.74
N ILE F 509 37.37 -36.87 19.50
CA ILE F 509 38.78 -37.00 19.88
C ILE F 509 39.09 -36.07 21.05
N ARG F 510 39.70 -36.63 22.09
CA ARG F 510 39.89 -35.92 23.35
C ARG F 510 41.34 -35.79 23.78
N ILE F 511 41.66 -34.64 24.36
CA ILE F 511 43.02 -34.26 24.74
C ILE F 511 43.01 -33.69 26.16
N GLY F 512 43.94 -34.14 27.00
CA GLY F 512 44.04 -33.66 28.39
C GLY F 512 45.44 -33.20 28.78
C1 XYS G . 3.42 9.55 29.71
C2 XYS G . 2.14 9.03 30.40
C3 XYS G . 0.95 9.25 29.45
C4 XYS G . 0.77 10.76 29.23
C5 XYS G . 2.10 11.38 28.74
O2 XYS G . 2.25 7.66 30.81
O3 XYS G . -0.21 8.51 29.87
O4 XYS G . -0.30 11.02 28.30
O5 XYS G . 3.11 10.39 28.56
O5 AHR G . -3.38 10.33 33.85
C5 AHR G . -2.07 9.77 34.06
C4 AHR G . -1.64 8.75 33.00
O4 AHR G . -0.79 9.36 32.01
C3 AHR G . -2.77 8.07 32.24
O3 AHR G . -2.95 6.70 32.68
C2 AHR G . -2.35 8.07 30.79
O2 AHR G . -3.44 8.34 29.91
C1 AHR G . -1.23 9.09 30.67
C1 XYS H . -31.09 -3.58 3.89
C2 XYS H . -31.13 -4.95 4.58
C3 XYS H . -30.01 -5.85 4.03
C4 XYS H . -30.29 -6.09 2.53
C5 XYS H . -30.52 -4.75 1.81
O2 XYS H . -31.06 -4.83 6.01
O3 XYS H . -29.80 -6.99 4.89
O4 XYS H . -29.21 -6.77 1.89
O5 XYS H . -30.28 -3.62 2.69
O5 AHR H . -34.14 -10.31 5.18
C5 AHR H . -32.77 -10.57 4.88
C4 AHR H . -31.95 -9.55 5.64
O4 AHR H . -31.65 -8.43 4.78
C3 AHR H . -30.65 -10.19 6.08
O3 AHR H . -30.59 -10.26 7.51
C2 AHR H . -29.57 -9.31 5.50
O2 AHR H . -28.61 -10.11 4.80
C1 AHR H . -30.26 -8.31 4.56
C1 XYS I . 9.54 -14.59 -25.99
C2 XYS I . 9.45 -13.71 -27.24
C3 XYS I . 8.26 -12.75 -27.09
C4 XYS I . 6.99 -13.60 -26.97
C5 XYS I . 7.09 -14.53 -25.74
O2 XYS I . 10.66 -12.98 -27.44
O3 XYS I . 8.35 -11.73 -28.10
O4 XYS I . 5.83 -12.77 -26.82
O5 XYS I . 8.30 -15.32 -25.79
O5 AHR I . 6.51 -11.78 -32.81
C5 AHR I . 7.92 -11.85 -32.55
C4 AHR I . 8.16 -11.40 -31.12
O4 AHR I . 7.42 -12.18 -30.19
C3 AHR I . 7.73 -9.96 -30.85
O3 AHR I . 8.82 -9.07 -31.06
C2 AHR I . 7.31 -9.97 -29.38
O2 AHR I . 6.05 -9.30 -29.22
C1 AHR I . 7.25 -11.44 -28.98
C1 XYS J . -14.77 22.54 -16.90
C2 XYS J . -13.49 23.37 -17.12
C3 XYS J . -12.58 23.23 -15.88
C4 XYS J . -13.38 23.71 -14.65
C5 XYS J . -14.59 22.78 -14.45
O2 XYS J . -12.79 22.97 -18.31
O3 XYS J . -11.24 23.75 -16.08
O4 XYS J . -12.59 23.75 -13.46
O5 XYS J . -14.80 21.91 -15.60
O5 AHR J . -10.84 29.10 -16.83
C5 AHR J . -11.36 28.18 -17.81
C4 AHR J . -10.90 26.73 -17.59
O4 AHR J . -11.66 26.08 -16.56
C3 AHR J . -9.44 26.57 -17.21
O3 AHR J . -8.60 26.45 -18.38
C2 AHR J . -9.44 25.28 -16.40
O2 AHR J . -8.46 25.30 -15.35
C1 AHR J . -10.86 25.13 -15.85
C1 XYS K . 26.61 17.48 1.22
C2 XYS K . 27.23 16.86 -0.04
C3 XYS K . 26.97 15.35 -0.05
C4 XYS K . 27.60 14.67 1.19
C5 XYS K . 27.48 15.57 2.41
O2 XYS K . 26.72 17.45 -1.24
O3 XYS K . 27.22 14.73 -1.33
O4 XYS K . 26.91 13.47 1.56
O5 XYS K . 26.37 16.48 2.21
O5 AHR K . 32.06 14.68 -2.89
C5 AHR K . 31.57 16.02 -2.90
C4 AHR K . 30.04 15.99 -2.93
O4 AHR K . 29.51 15.49 -1.70
C3 AHR K . 29.54 15.07 -4.03
O3 AHR K . 29.21 15.82 -5.20
C2 AHR K . 28.32 14.41 -3.44
O2 AHR K . 28.22 13.07 -3.90
C1 AHR K . 28.52 14.48 -1.92
C1 XYS L . 5.60 -30.44 7.51
C2 XYS L . 5.47 -30.21 9.02
C3 XYS L . 6.10 -28.87 9.39
C4 XYS L . 7.59 -28.85 9.01
C5 XYS L . 7.76 -29.34 7.57
O2 XYS L . 4.10 -30.29 9.44
O3 XYS L . 5.75 -28.45 10.73
O4 XYS L . 8.18 -27.54 9.14
O5 XYS L . 6.49 -29.46 6.92
O5 AHR L . 8.09 -31.34 14.47
C5 AHR L . 6.91 -31.84 13.82
C4 AHR L . 6.11 -30.70 13.17
O4 AHR L . 6.74 -30.24 11.98
C3 AHR L . 5.92 -29.49 14.07
O3 AHR L . 4.67 -29.56 14.76
C2 AHR L . 5.93 -28.31 13.12
O2 AHR L . 6.58 -27.16 13.67
C1 AHR L . 6.60 -28.81 11.84
C1 EDO M . -4.39 11.65 5.78
O1 EDO M . -5.69 11.35 5.25
C2 EDO M . -3.34 11.70 4.66
O2 EDO M . -2.19 12.45 5.09
C1 EDO N . -13.46 -11.72 33.17
O1 EDO N . -12.36 -12.37 33.83
C2 EDO N . -14.48 -12.75 32.68
O2 EDO N . -14.54 -12.74 31.24
C1 EDO O . -22.03 -15.53 25.43
O1 EDO O . -21.87 -14.53 26.45
C2 EDO O . -21.80 -16.93 25.99
O2 EDO O . -20.43 -17.34 25.85
C1 EDO P . -7.24 -6.73 -8.92
O1 EDO P . -7.31 -7.83 -8.00
C2 EDO P . -8.40 -5.76 -8.68
O2 EDO P . -8.65 -4.96 -9.84
C1 EDO Q . 15.84 11.33 -32.40
O1 EDO Q . 16.54 10.36 -33.20
C2 EDO Q . 14.81 12.05 -33.25
O2 EDO Q . 13.95 12.83 -32.40
C1 EDO R . 8.78 22.10 -29.44
O1 EDO R . 8.11 21.37 -30.47
C2 EDO R . 9.89 21.27 -28.80
O2 EDO R . 11.16 21.85 -29.13
C1 EDO S . 13.03 -5.34 2.48
O1 EDO S . 12.64 -5.70 1.15
C2 EDO S . 11.83 -4.98 3.35
O2 EDO S . 12.22 -4.92 4.75
C1 EDO T . 21.26 19.89 -24.46
O1 EDO T . 20.86 21.15 -23.91
C2 EDO T . 20.19 19.41 -25.45
O2 EDO T . 20.70 18.25 -26.09
C1 EDO U . -10.37 -23.45 27.41
O1 EDO U . -11.48 -24.20 26.88
C2 EDO U . -10.77 -22.62 28.61
O2 EDO U . -11.96 -21.88 28.31
#